data_8J9F
#
_entry.id   8J9F
#
_cell.length_a   65.300
_cell.length_b   113.250
_cell.length_c   158.660
_cell.angle_alpha   71.468
_cell.angle_beta   82.684
_cell.angle_gamma   79.830
#
_symmetry.space_group_name_H-M   'P 1'
#
loop_
_entity.id
_entity.type
_entity.pdbx_description
1 polymer Beta-glucosidase
2 non-polymer GLYCEROL
3 water water
#
_entity_poly.entity_id   1
_entity_poly.type   'polypeptide(L)'
_entity_poly.pdbx_seq_one_letter_code
;MNHKVHHHHHHIEGRHMELGTLEGSEFMSERRDLKALISQMTLEEKASLCTGRDTWHTQPIERLGIPSVMMTDGPHGLRK
QKAASDHLGLFDSVPSTCFPSAVGVASSWNRDLIERMGQALGKECQAENVAVLLGPGANIKRSPLCGRNFEYFSEDPYLS
SEMAAHHIMGVQSQGVGTSLKHFAANNQEYRRMTSDSVVNERTLREIYLTSFEGAVKKARPWTVMCSYNKVNGEYAAENE
RLLTGILKQEWGHEGFVVSDWGAVNDRVKSLAAGLELEMPHEGAGTKQIIEAVESGQLAEEKLDLAVERLLTVIFRSVDQ
HKEGAVYDPEAHHKLAREIAAESMVLLKNEDRILPLKREGTIAVIGELAKVPRYQGSGSSQIKPTRLDDIVFELAASAGE
HARVTYTQGYDLKSDDINAVLTEEALQAAKEASVAVLFAGLPKRYESEGFDRKHMRMPDNQIALIEAVAAVQPNLVVVLC
NGAPIEMPWLPQAKAVLEAYLGGQALGGAIADLLFGDANPSGKLAETFPVQLSDNPSFLNFPGEGDRVEYREGLFVGYRY
YDKKQLRPLFPFGHGLSYTTFAYSNLSVDKKEILDTETLKVCVNVKNTGERAGKEIVQLYVRDVESSVIRPLKELKGFDK
VFLAPGEEKTLTFELGKRSFAYYDPSIKDWMVETGAFEILIGRSSQDIVLAETVMVRSTVSRKIVYHRNSTVADLMLTEK
GAAFAQKLRGMIPFGETVGEEYAEMLEAFKESVPLRGLISFSAGRFTEEDLSKLLEYLNG
;
_entity_poly.pdbx_strand_id   A,B,C,D
#
# COMPACT_ATOMS: atom_id res chain seq x y z
N ARG A 32 26.96 2.98 61.10
CA ARG A 32 27.72 2.09 60.25
C ARG A 32 27.75 2.69 58.84
N ASP A 33 28.94 2.75 58.24
CA ASP A 33 29.18 3.34 56.91
C ASP A 33 29.24 2.20 55.90
N LEU A 34 28.06 1.88 55.33
CA LEU A 34 27.89 0.63 54.60
C LEU A 34 28.68 0.62 53.30
N LYS A 35 28.75 1.75 52.60
CA LYS A 35 29.48 1.74 51.33
C LYS A 35 30.96 1.48 51.57
N ALA A 36 31.46 1.86 52.76
CA ALA A 36 32.81 1.51 53.19
C ALA A 36 32.94 0.01 53.39
N LEU A 37 31.97 -0.61 54.07
CA LEU A 37 32.01 -2.04 54.31
C LEU A 37 32.00 -2.82 52.99
N ILE A 38 31.15 -2.43 52.04
CA ILE A 38 31.05 -3.15 50.77
C ILE A 38 32.33 -3.04 49.96
N SER A 39 33.02 -1.90 50.05
CA SER A 39 34.26 -1.72 49.30
C SER A 39 35.39 -2.60 49.85
N GLN A 40 35.29 -3.08 51.09
CA GLN A 40 36.32 -3.96 51.63
C GLN A 40 36.06 -5.42 51.33
N MET A 41 34.97 -5.74 50.65
CA MET A 41 34.58 -7.11 50.36
C MET A 41 35.21 -7.59 49.05
N THR A 42 35.62 -8.86 49.05
CA THR A 42 36.01 -9.55 47.84
C THR A 42 34.76 -9.83 46.99
N LEU A 43 34.97 -10.10 45.68
CA LEU A 43 33.84 -10.42 44.79
C LEU A 43 33.01 -11.61 45.26
N GLU A 44 33.66 -12.64 45.81
CA GLU A 44 32.92 -13.83 46.28
C GLU A 44 32.07 -13.51 47.50
N GLU A 45 32.63 -12.77 48.45
CA GLU A 45 31.90 -12.46 49.68
C GLU A 45 30.60 -11.71 49.37
N LYS A 46 30.65 -10.75 48.45
CA LYS A 46 29.45 -10.08 48.01
C LYS A 46 28.44 -11.09 47.46
N ALA A 47 28.83 -11.84 46.42
CA ALA A 47 27.93 -12.79 45.80
C ALA A 47 27.38 -13.85 46.77
N SER A 48 28.13 -14.21 47.82
CA SER A 48 27.65 -15.23 48.74
C SER A 48 26.53 -14.73 49.65
N LEU A 49 26.49 -13.44 49.94
CA LEU A 49 25.36 -12.91 50.70
C LEU A 49 24.07 -13.06 49.94
N CYS A 50 24.15 -13.24 48.62
CA CYS A 50 22.98 -13.21 47.78
C CYS A 50 22.17 -14.49 47.86
N THR A 51 22.63 -15.51 48.56
CA THR A 51 21.80 -16.66 48.87
C THR A 51 21.98 -17.00 50.34
N GLY A 52 21.08 -17.82 50.86
CA GLY A 52 21.16 -18.27 52.23
C GLY A 52 22.40 -19.11 52.53
N ARG A 53 22.55 -19.37 53.82
CA ARG A 53 23.53 -20.30 54.35
C ARG A 53 22.94 -21.69 54.43
N ASP A 54 21.70 -21.81 54.89
CA ASP A 54 20.97 -23.06 54.88
C ASP A 54 19.50 -22.84 54.51
N THR A 55 18.57 -23.47 55.23
CA THR A 55 17.14 -23.40 54.96
C THR A 55 16.46 -22.20 55.61
N TRP A 56 17.01 -21.71 56.71
CA TRP A 56 16.37 -20.61 57.44
C TRP A 56 17.31 -19.48 57.92
N HIS A 57 18.62 -19.52 57.62
CA HIS A 57 19.57 -18.49 58.03
C HIS A 57 20.30 -17.86 56.84
N THR A 58 20.83 -16.65 57.04
CA THR A 58 21.57 -15.91 56.02
C THR A 58 23.08 -16.15 56.15
N GLN A 59 23.83 -15.75 55.12
CA GLN A 59 25.26 -16.00 55.09
C GLN A 59 26.00 -14.98 55.95
N PRO A 60 26.78 -15.40 56.95
CA PRO A 60 27.66 -14.46 57.66
C PRO A 60 29.00 -14.32 56.94
N ILE A 61 29.64 -13.18 57.18
CA ILE A 61 31.03 -12.96 56.74
C ILE A 61 31.85 -12.55 57.96
N GLU A 62 32.58 -13.51 58.56
CA GLU A 62 33.27 -13.27 59.83
C GLU A 62 34.42 -12.28 59.70
N ARG A 63 35.09 -12.24 58.55
CA ARG A 63 36.23 -11.34 58.37
C ARG A 63 35.86 -9.87 58.54
N LEU A 64 34.61 -9.51 58.22
CA LEU A 64 34.14 -8.12 58.29
C LEU A 64 32.95 -7.96 59.23
N GLY A 65 32.73 -8.90 60.15
CA GLY A 65 31.74 -8.72 61.20
C GLY A 65 30.30 -8.58 60.76
N ILE A 66 29.91 -9.20 59.64
CA ILE A 66 28.52 -9.25 59.21
C ILE A 66 27.87 -10.47 59.85
N PRO A 67 26.88 -10.31 60.71
CA PRO A 67 26.32 -11.46 61.43
C PRO A 67 25.40 -12.28 60.55
N SER A 68 24.93 -13.39 61.12
CA SER A 68 23.88 -14.22 60.55
C SER A 68 22.58 -13.96 61.33
N VAL A 69 21.45 -13.97 60.62
CA VAL A 69 20.12 -13.79 61.19
C VAL A 69 19.18 -14.87 60.66
N MET A 70 18.04 -15.07 61.33
CA MET A 70 17.20 -16.24 61.11
C MET A 70 15.81 -15.86 60.63
N MET A 71 15.38 -16.44 59.50
CA MET A 71 14.00 -16.36 59.02
C MET A 71 13.19 -17.53 59.55
N THR A 72 11.88 -17.31 59.71
CA THR A 72 11.05 -18.40 60.21
C THR A 72 9.61 -18.13 59.81
N ASP A 73 8.91 -19.20 59.41
CA ASP A 73 7.55 -19.08 58.92
C ASP A 73 6.60 -18.68 60.04
N GLY A 74 5.38 -18.36 59.62
CA GLY A 74 4.26 -18.22 60.49
C GLY A 74 3.46 -16.95 60.26
N PRO A 75 2.50 -16.98 59.33
CA PRO A 75 1.56 -15.85 59.20
C PRO A 75 0.70 -15.61 60.44
N HIS A 76 0.51 -16.63 61.30
CA HIS A 76 -0.31 -16.46 62.49
C HIS A 76 0.22 -17.32 63.64
N GLY A 77 1.53 -17.43 63.74
CA GLY A 77 2.17 -18.13 64.82
C GLY A 77 3.54 -18.58 64.40
N LEU A 78 4.41 -18.78 65.39
CA LEU A 78 5.80 -19.09 65.10
C LEU A 78 5.98 -20.57 64.74
N ARG A 79 6.74 -20.82 63.68
CA ARG A 79 7.08 -22.20 63.37
C ARG A 79 8.57 -22.40 63.40
N LYS A 80 9.19 -22.17 64.54
CA LYS A 80 10.63 -22.22 64.62
C LYS A 80 11.06 -23.69 64.67
N GLN A 81 11.85 -24.11 63.69
CA GLN A 81 12.26 -25.51 63.62
C GLN A 81 13.67 -25.59 64.20
N LYS A 82 13.74 -26.30 65.33
CA LYS A 82 14.98 -26.61 66.01
C LYS A 82 16.02 -27.22 65.07
N ALA A 83 15.71 -28.41 64.51
CA ALA A 83 16.73 -29.06 63.71
C ALA A 83 16.12 -29.82 62.54
N ALA A 84 15.57 -29.08 61.57
CA ALA A 84 14.83 -29.70 60.46
C ALA A 84 14.85 -28.78 59.25
N SER A 85 15.40 -29.25 58.13
CA SER A 85 15.39 -28.50 56.86
C SER A 85 14.11 -28.83 56.08
N ASP A 86 13.00 -28.32 56.59
CA ASP A 86 11.65 -28.66 56.16
C ASP A 86 10.84 -27.40 55.83
N HIS A 87 10.59 -27.13 54.53
CA HIS A 87 9.77 -25.97 54.15
C HIS A 87 8.29 -26.31 54.04
N LEU A 88 7.85 -27.48 54.51
CA LEU A 88 6.47 -27.89 54.34
C LEU A 88 5.71 -28.12 55.66
N GLY A 89 6.35 -27.93 56.81
CA GLY A 89 5.67 -28.19 58.08
C GLY A 89 5.40 -29.66 58.33
N LEU A 90 6.32 -30.53 57.91
CA LEU A 90 6.24 -31.99 58.04
C LEU A 90 6.88 -32.49 59.33
N PHE A 91 7.87 -31.76 59.83
CA PHE A 91 8.61 -32.13 61.02
C PHE A 91 8.20 -31.22 62.16
N ASP A 92 8.12 -31.76 63.39
CA ASP A 92 7.79 -30.97 64.57
C ASP A 92 8.74 -29.78 64.75
N SER A 93 8.26 -28.76 65.47
CA SER A 93 8.99 -27.50 65.66
C SER A 93 8.86 -27.11 67.14
N VAL A 94 9.46 -25.99 67.53
CA VAL A 94 9.38 -25.49 68.90
C VAL A 94 7.95 -25.03 69.19
N PRO A 95 7.33 -25.42 70.30
CA PRO A 95 5.92 -25.09 70.50
C PRO A 95 5.72 -23.60 70.80
N SER A 96 4.68 -23.02 70.18
CA SER A 96 4.44 -21.57 70.12
C SER A 96 2.92 -21.28 70.08
N THR A 97 2.53 -20.01 70.26
CA THR A 97 1.10 -19.69 70.31
C THR A 97 0.48 -19.75 68.92
N CYS A 98 -0.63 -20.47 68.80
CA CYS A 98 -1.34 -20.60 67.53
C CYS A 98 -2.54 -19.68 67.56
N PHE A 99 -2.37 -18.49 67.00
CA PHE A 99 -3.45 -17.53 66.89
C PHE A 99 -4.40 -17.99 65.78
N PRO A 100 -5.62 -17.41 65.70
CA PRO A 100 -6.52 -17.75 64.60
C PRO A 100 -5.89 -17.42 63.25
N SER A 101 -6.37 -18.13 62.24
CA SER A 101 -5.88 -18.04 60.86
C SER A 101 -6.55 -16.87 60.15
N ALA A 102 -5.87 -16.38 59.12
CA ALA A 102 -6.25 -15.13 58.46
C ALA A 102 -7.75 -15.04 58.18
N VAL A 103 -8.38 -16.13 57.74
CA VAL A 103 -9.74 -16.03 57.22
C VAL A 103 -10.68 -15.46 58.29
N GLY A 104 -10.58 -15.95 59.52
CA GLY A 104 -11.47 -15.45 60.55
C GLY A 104 -11.04 -14.15 61.19
N VAL A 105 -9.73 -13.88 61.27
CA VAL A 105 -9.27 -12.59 61.78
C VAL A 105 -9.63 -11.49 60.84
N ALA A 106 -9.62 -11.75 59.53
CA ALA A 106 -10.06 -10.75 58.58
C ALA A 106 -11.54 -10.42 58.74
N SER A 107 -12.35 -11.40 59.13
CA SER A 107 -13.76 -11.21 59.43
C SER A 107 -14.00 -10.33 60.65
N SER A 108 -12.94 -10.00 61.39
CA SER A 108 -13.10 -9.09 62.52
C SER A 108 -13.34 -7.69 62.02
N TRP A 109 -12.83 -7.37 60.83
CA TRP A 109 -12.91 -6.02 60.29
C TRP A 109 -12.39 -5.05 61.33
N ASN A 110 -11.31 -5.47 62.02
CA ASN A 110 -10.75 -4.76 63.16
C ASN A 110 -9.26 -4.48 62.92
N ARG A 111 -8.98 -3.32 62.29
CA ARG A 111 -7.61 -2.93 61.94
C ARG A 111 -6.70 -2.91 63.17
N ASP A 112 -7.26 -2.58 64.35
CA ASP A 112 -6.44 -2.46 65.54
C ASP A 112 -6.25 -3.79 66.24
N LEU A 113 -7.24 -4.67 66.16
CA LEU A 113 -7.09 -5.97 66.77
C LEU A 113 -5.97 -6.75 66.11
N ILE A 114 -5.87 -6.73 64.78
CA ILE A 114 -4.80 -7.55 64.21
C ILE A 114 -3.45 -6.92 64.49
N GLU A 115 -3.41 -5.61 64.70
CA GLU A 115 -2.14 -4.95 64.96
C GLU A 115 -1.57 -5.30 66.33
N ARG A 116 -2.45 -5.55 67.31
CA ARG A 116 -2.02 -6.06 68.60
C ARG A 116 -1.46 -7.47 68.48
N MET A 117 -2.11 -8.30 67.66
CA MET A 117 -1.62 -9.65 67.40
C MET A 117 -0.21 -9.61 66.87
N GLY A 118 0.05 -8.71 65.90
CA GLY A 118 1.40 -8.61 65.34
C GLY A 118 2.43 -8.29 66.40
N GLN A 119 2.00 -7.63 67.49
CA GLN A 119 2.87 -7.29 68.61
C GLN A 119 3.21 -8.53 69.43
N ALA A 120 2.20 -9.36 69.71
CA ALA A 120 2.45 -10.62 70.37
C ALA A 120 3.41 -11.48 69.55
N LEU A 121 3.16 -11.58 68.24
CA LEU A 121 4.07 -12.34 67.38
C LEU A 121 5.49 -11.77 67.41
N GLY A 122 5.62 -10.44 67.46
CA GLY A 122 6.93 -9.82 67.51
C GLY A 122 7.63 -10.07 68.82
N LYS A 123 6.88 -10.14 69.92
CA LYS A 123 7.44 -10.51 71.21
C LYS A 123 7.92 -11.97 71.23
N GLU A 124 7.20 -12.85 70.52
CA GLU A 124 7.63 -14.23 70.44
C GLU A 124 8.82 -14.38 69.50
N CYS A 125 8.93 -13.57 68.45
CA CYS A 125 10.14 -13.65 67.63
C CYS A 125 11.34 -13.14 68.41
N GLN A 126 11.14 -12.10 69.23
CA GLN A 126 12.23 -11.56 70.03
C GLN A 126 12.75 -12.58 71.03
N ALA A 127 11.84 -13.41 71.57
CA ALA A 127 12.23 -14.41 72.55
C ALA A 127 12.90 -15.62 71.88
N GLU A 128 12.52 -15.95 70.65
CA GLU A 128 13.14 -17.05 69.95
C GLU A 128 14.26 -16.60 69.01
N ASN A 129 14.71 -15.36 69.12
CA ASN A 129 15.80 -14.88 68.28
C ASN A 129 15.49 -15.08 66.80
N VAL A 130 14.25 -14.74 66.41
CA VAL A 130 13.82 -14.83 65.02
C VAL A 130 13.92 -13.44 64.41
N ALA A 131 14.76 -13.31 63.38
CA ALA A 131 15.00 -11.98 62.79
C ALA A 131 13.79 -11.49 62.00
N VAL A 132 13.28 -12.30 61.07
CA VAL A 132 12.20 -11.92 60.17
C VAL A 132 11.14 -13.02 60.19
N LEU A 133 9.89 -12.64 60.38
CA LEU A 133 8.77 -13.57 60.48
C LEU A 133 8.09 -13.61 59.12
N LEU A 134 8.04 -14.79 58.50
CA LEU A 134 7.63 -14.92 57.10
C LEU A 134 6.11 -14.86 56.99
N GLY A 135 5.63 -13.67 56.64
CA GLY A 135 4.23 -13.33 56.65
C GLY A 135 4.09 -11.83 56.83
N PRO A 136 2.87 -11.33 56.74
CA PRO A 136 1.62 -12.04 56.44
C PRO A 136 1.53 -12.39 54.96
N GLY A 137 0.57 -13.22 54.54
CA GLY A 137 0.26 -13.41 53.14
C GLY A 137 -0.99 -12.63 52.82
N ALA A 138 -1.03 -12.04 51.62
CA ALA A 138 -2.14 -11.14 51.29
C ALA A 138 -2.68 -11.34 49.87
N ASN A 139 -2.52 -12.54 49.31
CA ASN A 139 -3.03 -12.86 47.98
C ASN A 139 -4.56 -12.81 47.96
N ILE A 140 -5.12 -12.57 46.79
CA ILE A 140 -6.56 -12.37 46.67
C ILE A 140 -7.25 -13.72 46.48
N LYS A 141 -8.42 -13.89 47.10
CA LYS A 141 -9.18 -15.14 47.00
C LYS A 141 -10.02 -15.15 45.73
N ARG A 142 -9.40 -15.60 44.62
CA ARG A 142 -10.07 -15.70 43.32
C ARG A 142 -11.07 -16.84 43.27
N SER A 143 -10.72 -18.03 43.79
CA SER A 143 -11.59 -19.20 43.81
C SER A 143 -11.85 -19.69 45.22
N PRO A 144 -13.08 -20.16 45.52
CA PRO A 144 -13.35 -20.77 46.84
C PRO A 144 -12.51 -22.01 47.12
N LEU A 145 -12.02 -22.68 46.08
CA LEU A 145 -11.31 -23.94 46.18
C LEU A 145 -9.82 -23.80 46.41
N CYS A 146 -9.23 -22.59 46.34
CA CYS A 146 -7.78 -22.49 46.52
C CYS A 146 -7.37 -23.04 47.88
N GLY A 147 -6.34 -23.91 47.86
CA GLY A 147 -5.94 -24.60 49.07
C GLY A 147 -5.60 -23.68 50.22
N ARG A 148 -4.88 -22.60 49.95
CA ARG A 148 -4.32 -21.75 51.01
C ARG A 148 -5.22 -20.56 51.39
N ASN A 149 -6.52 -20.62 51.04
CA ASN A 149 -7.44 -19.53 51.40
C ASN A 149 -7.55 -19.36 52.90
N PHE A 150 -7.26 -20.41 53.67
CA PHE A 150 -7.41 -20.29 55.12
C PHE A 150 -6.37 -19.32 55.69
N GLU A 151 -5.23 -19.16 55.01
CA GLU A 151 -4.18 -18.25 55.45
C GLU A 151 -4.06 -16.99 54.57
N TYR A 152 -5.08 -16.65 53.77
CA TYR A 152 -5.20 -15.36 53.11
C TYR A 152 -6.39 -14.61 53.70
N PHE A 153 -6.45 -13.28 53.50
CA PHE A 153 -7.38 -12.41 54.21
C PHE A 153 -8.75 -12.25 53.53
N SER A 154 -8.79 -11.94 52.25
CA SER A 154 -10.08 -11.65 51.65
C SER A 154 -10.03 -11.78 50.14
N GLU A 155 -11.23 -11.72 49.56
CA GLU A 155 -11.42 -11.56 48.13
C GLU A 155 -11.37 -10.10 47.69
N ASP A 156 -11.33 -9.15 48.63
CA ASP A 156 -11.46 -7.74 48.30
C ASP A 156 -10.12 -7.02 48.49
N PRO A 157 -9.66 -6.24 47.53
CA PRO A 157 -8.30 -5.66 47.67
C PRO A 157 -8.16 -4.63 48.81
N TYR A 158 -9.23 -3.91 49.19
CA TYR A 158 -9.14 -2.88 50.23
C TYR A 158 -8.98 -3.52 51.60
N LEU A 159 -9.97 -4.31 52.02
CA LEU A 159 -9.93 -5.00 53.31
C LEU A 159 -8.63 -5.77 53.45
N SER A 160 -8.17 -6.41 52.38
CA SER A 160 -6.94 -7.18 52.47
C SER A 160 -5.77 -6.29 52.81
N SER A 161 -5.62 -5.18 52.09
CA SER A 161 -4.46 -4.35 52.34
C SER A 161 -4.44 -3.80 53.77
N GLU A 162 -5.62 -3.45 54.32
CA GLU A 162 -5.71 -2.94 55.69
C GLU A 162 -5.20 -3.98 56.68
N MET A 163 -5.84 -5.15 56.73
CA MET A 163 -5.43 -6.18 57.66
C MET A 163 -3.95 -6.52 57.48
N ALA A 164 -3.50 -6.66 56.22
CA ALA A 164 -2.08 -6.90 55.94
C ALA A 164 -1.19 -5.78 56.49
N ALA A 165 -1.58 -4.51 56.31
CA ALA A 165 -0.73 -3.41 56.76
C ALA A 165 -0.64 -3.34 58.29
N HIS A 166 -1.79 -3.47 58.96
CA HIS A 166 -1.80 -3.46 60.42
C HIS A 166 -1.16 -4.72 61.00
N HIS A 167 -1.19 -5.85 60.31
CA HIS A 167 -0.36 -6.97 60.71
C HIS A 167 1.11 -6.56 60.78
N ILE A 168 1.63 -6.04 59.67
CA ILE A 168 3.04 -5.68 59.61
C ILE A 168 3.41 -4.67 60.69
N MET A 169 2.56 -3.65 60.91
CA MET A 169 2.90 -2.59 61.86
C MET A 169 3.12 -3.17 63.26
N GLY A 170 2.19 -4.02 63.71
CA GLY A 170 2.33 -4.61 65.04
C GLY A 170 3.59 -5.45 65.17
N VAL A 171 3.84 -6.36 64.22
CA VAL A 171 5.10 -7.11 64.25
C VAL A 171 6.29 -6.14 64.36
N GLN A 172 6.39 -5.18 63.43
CA GLN A 172 7.62 -4.38 63.33
C GLN A 172 7.78 -3.35 64.46
N SER A 173 6.71 -3.02 65.18
CA SER A 173 6.88 -2.15 66.34
C SER A 173 7.87 -2.74 67.34
N GLN A 174 7.98 -4.08 67.42
CA GLN A 174 8.91 -4.75 68.34
C GLN A 174 10.30 -4.91 67.74
N GLY A 175 10.56 -4.31 66.58
CA GLY A 175 11.85 -4.51 65.95
C GLY A 175 12.05 -5.88 65.34
N VAL A 176 11.03 -6.42 64.66
CA VAL A 176 11.11 -7.72 64.00
C VAL A 176 10.60 -7.56 62.56
N GLY A 177 11.31 -8.13 61.61
CA GLY A 177 10.92 -7.96 60.23
C GLY A 177 9.81 -8.90 59.76
N THR A 178 9.27 -8.58 58.58
CA THR A 178 8.16 -9.31 57.95
C THR A 178 8.47 -9.53 56.48
N SER A 179 7.72 -10.48 55.91
CA SER A 179 7.84 -10.90 54.52
C SER A 179 6.43 -10.99 53.96
N LEU A 180 5.87 -9.86 53.52
CA LEU A 180 4.61 -9.80 52.78
C LEU A 180 4.66 -10.79 51.62
N LYS A 181 3.71 -11.73 51.57
CA LYS A 181 3.94 -13.03 50.96
C LYS A 181 3.15 -13.30 49.68
N HIS A 182 3.87 -13.87 48.71
CA HIS A 182 3.49 -14.42 47.40
C HIS A 182 3.18 -13.31 46.41
N PHE A 183 4.18 -12.46 46.16
CA PHE A 183 4.01 -11.25 45.34
C PHE A 183 3.96 -11.70 43.89
N ALA A 184 2.72 -11.67 43.37
CA ALA A 184 2.23 -12.09 42.06
C ALA A 184 0.81 -12.60 42.26
N ALA A 185 0.36 -13.45 41.36
CA ALA A 185 -1.00 -13.95 41.41
C ALA A 185 -0.97 -15.44 41.73
N ASN A 186 -0.53 -15.74 42.96
CA ASN A 186 -0.47 -17.13 43.43
C ASN A 186 -1.85 -17.54 43.95
N ASN A 187 -2.82 -17.62 43.04
CA ASN A 187 -4.21 -17.77 43.43
C ASN A 187 -4.71 -19.21 43.34
N GLN A 188 -3.87 -20.15 42.94
CA GLN A 188 -4.18 -21.56 42.99
C GLN A 188 -2.88 -22.30 43.27
N GLU A 189 -3.01 -23.48 43.87
CA GLU A 189 -1.87 -24.32 44.22
C GLU A 189 -1.50 -25.31 43.11
N TYR A 190 -2.46 -25.69 42.27
CA TYR A 190 -2.22 -26.67 41.21
C TYR A 190 -1.08 -26.20 40.32
N ARG A 191 0.02 -26.95 40.31
CA ARG A 191 1.15 -26.67 39.42
C ARG A 191 1.73 -25.27 39.68
N ARG A 192 1.76 -24.87 40.94
CA ARG A 192 2.11 -23.49 41.29
C ARG A 192 3.50 -23.10 40.79
N MET A 193 4.46 -24.03 40.72
CA MET A 193 5.82 -23.72 40.29
C MET A 193 6.00 -23.69 38.77
N THR A 194 4.95 -23.96 38.01
CA THR A 194 5.01 -23.93 36.56
C THR A 194 3.83 -23.21 35.94
N SER A 195 2.82 -22.84 36.73
CA SER A 195 1.60 -22.25 36.22
C SER A 195 1.82 -20.81 35.77
N ASP A 196 1.12 -20.41 34.71
CA ASP A 196 1.22 -19.05 34.17
C ASP A 196 -0.07 -18.30 34.43
N SER A 197 0.00 -17.29 35.31
CA SER A 197 -1.12 -16.40 35.60
C SER A 197 -1.20 -15.36 34.50
N VAL A 198 -2.27 -15.43 33.72
CA VAL A 198 -2.49 -14.57 32.56
C VAL A 198 -3.48 -13.49 32.98
N VAL A 199 -3.01 -12.28 33.29
CA VAL A 199 -3.85 -11.22 33.85
C VAL A 199 -3.69 -9.93 33.03
N ASN A 200 -4.81 -9.35 32.59
CA ASN A 200 -4.73 -8.10 31.87
C ASN A 200 -4.34 -6.96 32.79
N GLU A 201 -3.82 -5.88 32.20
CA GLU A 201 -3.17 -4.82 32.98
C GLU A 201 -4.13 -4.11 33.92
N ARG A 202 -5.37 -3.83 33.48
CA ARG A 202 -6.30 -3.21 34.40
C ARG A 202 -6.59 -4.11 35.60
N THR A 203 -6.97 -5.37 35.35
CA THR A 203 -7.30 -6.29 36.44
C THR A 203 -6.14 -6.47 37.42
N LEU A 204 -4.93 -6.59 36.88
CA LEU A 204 -3.75 -6.86 37.69
C LEU A 204 -3.48 -5.71 38.66
N ARG A 205 -3.66 -4.47 38.19
CA ARG A 205 -3.44 -3.28 39.03
C ARG A 205 -4.57 -3.10 40.03
N GLU A 206 -5.81 -3.13 39.56
CA GLU A 206 -6.94 -2.81 40.42
C GLU A 206 -7.22 -3.86 41.49
N ILE A 207 -7.03 -5.15 41.17
CA ILE A 207 -7.46 -6.23 42.06
C ILE A 207 -6.25 -6.78 42.81
N TYR A 208 -5.35 -7.46 42.09
CA TYR A 208 -4.35 -8.33 42.70
C TYR A 208 -3.20 -7.51 43.28
N LEU A 209 -2.59 -6.64 42.47
CA LEU A 209 -1.45 -5.86 42.97
C LEU A 209 -1.87 -4.83 44.02
N THR A 210 -3.15 -4.46 44.07
CA THR A 210 -3.64 -3.44 44.99
C THR A 210 -3.82 -3.99 46.40
N SER A 211 -4.03 -5.29 46.54
CA SER A 211 -3.98 -5.91 47.87
C SER A 211 -2.57 -5.83 48.47
N PHE A 212 -1.54 -5.86 47.64
CA PHE A 212 -0.17 -5.66 48.11
C PHE A 212 0.22 -4.18 48.22
N GLU A 213 -0.28 -3.32 47.32
CA GLU A 213 0.19 -1.93 47.22
C GLU A 213 0.06 -1.17 48.54
N GLY A 214 -1.15 -1.12 49.10
CA GLY A 214 -1.37 -0.37 50.32
C GLY A 214 -0.44 -0.77 51.44
N ALA A 215 -0.20 -2.08 51.58
CA ALA A 215 0.61 -2.59 52.68
C ALA A 215 2.07 -2.24 52.48
N VAL A 216 2.58 -2.32 51.25
CA VAL A 216 3.97 -1.95 51.04
C VAL A 216 4.18 -0.49 51.39
N LYS A 217 3.20 0.35 51.05
CA LYS A 217 3.33 1.79 51.17
C LYS A 217 3.14 2.29 52.62
N LYS A 218 2.14 1.78 53.35
CA LYS A 218 1.92 2.26 54.71
C LYS A 218 2.76 1.55 55.76
N ALA A 219 2.91 0.24 55.66
CA ALA A 219 3.58 -0.53 56.70
C ALA A 219 5.08 -0.63 56.51
N ARG A 220 5.55 -0.56 55.26
CA ARG A 220 6.95 -0.63 54.87
C ARG A 220 7.59 -1.93 55.32
N PRO A 221 7.05 -3.10 54.97
CA PRO A 221 7.65 -4.34 55.45
C PRO A 221 9.08 -4.51 54.93
N TRP A 222 9.95 -4.98 55.83
CA TRP A 222 11.38 -5.06 55.52
C TRP A 222 11.68 -5.91 54.30
N THR A 223 10.91 -6.98 54.05
CA THR A 223 11.08 -7.82 52.87
C THR A 223 9.70 -8.12 52.29
N VAL A 224 9.71 -8.47 51.00
CA VAL A 224 8.58 -9.04 50.28
C VAL A 224 9.06 -10.32 49.59
N MET A 225 8.28 -11.39 49.73
CA MET A 225 8.58 -12.69 49.11
C MET A 225 7.83 -12.82 47.80
N CYS A 226 8.51 -13.26 46.75
CA CYS A 226 7.87 -13.51 45.46
C CYS A 226 7.24 -14.93 45.42
N SER A 227 6.39 -15.17 44.42
CA SER A 227 5.63 -16.41 44.32
C SER A 227 6.28 -17.42 43.35
N TYR A 228 5.73 -18.63 43.35
CA TYR A 228 6.25 -19.70 42.50
C TYR A 228 5.82 -19.56 41.04
N ASN A 229 4.79 -18.79 40.76
CA ASN A 229 4.21 -18.81 39.42
C ASN A 229 4.85 -17.78 38.50
N LYS A 230 4.46 -17.86 37.25
CA LYS A 230 4.73 -16.80 36.29
C LYS A 230 3.53 -15.85 36.27
N VAL A 231 3.80 -14.58 35.94
CA VAL A 231 2.76 -13.61 35.67
C VAL A 231 2.92 -13.13 34.23
N ASN A 232 1.91 -13.38 33.39
CA ASN A 232 1.95 -13.03 31.97
C ASN A 232 3.24 -13.51 31.32
N GLY A 233 3.57 -14.77 31.58
CA GLY A 233 4.69 -15.43 30.95
C GLY A 233 6.07 -15.14 31.51
N GLU A 234 6.18 -14.65 32.74
CA GLU A 234 7.50 -14.50 33.33
C GLU A 234 7.47 -14.84 34.80
N TYR A 235 8.35 -15.74 35.22
CA TYR A 235 8.40 -16.16 36.62
C TYR A 235 8.55 -14.96 37.54
N ALA A 236 7.73 -14.93 38.60
CA ALA A 236 7.73 -13.77 39.51
C ALA A 236 9.14 -13.44 39.92
N ALA A 237 9.90 -14.45 40.29
CA ALA A 237 11.25 -14.30 40.79
C ALA A 237 12.24 -13.72 39.78
N GLU A 238 11.80 -13.43 38.56
CA GLU A 238 12.66 -12.70 37.63
C GLU A 238 11.84 -11.78 36.73
N ASN A 239 10.66 -11.36 37.21
CA ASN A 239 9.79 -10.46 36.47
C ASN A 239 10.24 -9.06 36.81
N GLU A 240 11.18 -8.57 36.01
CA GLU A 240 11.85 -7.32 36.34
C GLU A 240 10.85 -6.18 36.47
N ARG A 241 9.85 -6.15 35.58
CA ARG A 241 8.82 -5.12 35.59
C ARG A 241 8.01 -5.14 36.88
N LEU A 242 7.90 -6.32 37.50
CA LEU A 242 7.12 -6.53 38.72
C LEU A 242 7.94 -6.19 39.97
N LEU A 243 9.19 -6.67 40.03
CA LEU A 243 10.00 -6.47 41.22
C LEU A 243 10.66 -5.08 41.23
N THR A 244 11.15 -4.61 40.09
CA THR A 244 11.73 -3.27 40.04
C THR A 244 10.72 -2.22 39.61
N GLY A 245 10.08 -2.43 38.45
CA GLY A 245 9.21 -1.41 37.90
C GLY A 245 8.09 -1.02 38.84
N ILE A 246 7.36 -2.01 39.36
CA ILE A 246 6.27 -1.72 40.26
C ILE A 246 6.70 -1.70 41.72
N LEU A 247 7.40 -2.74 42.22
CA LEU A 247 7.65 -2.79 43.66
C LEU A 247 8.73 -1.79 44.09
N LYS A 248 9.87 -1.77 43.38
CA LYS A 248 10.97 -0.88 43.79
C LYS A 248 10.76 0.56 43.31
N GLN A 249 10.58 0.77 42.01
CA GLN A 249 10.59 2.14 41.47
C GLN A 249 9.29 2.89 41.77
N GLU A 250 8.15 2.38 41.29
CA GLU A 250 6.89 3.07 41.51
C GLU A 250 6.56 3.16 43.00
N TRP A 251 6.44 2.02 43.68
CA TRP A 251 5.97 2.03 45.07
C TRP A 251 7.06 2.39 46.08
N GLY A 252 8.33 2.43 45.69
CA GLY A 252 9.36 2.84 46.62
C GLY A 252 9.66 1.91 47.78
N HIS A 253 9.60 0.60 47.56
CA HIS A 253 9.99 -0.36 48.59
C HIS A 253 11.49 -0.20 48.85
N GLU A 254 11.87 0.08 50.10
CA GLU A 254 13.27 0.29 50.46
C GLU A 254 14.03 -0.99 50.82
N GLY A 255 13.34 -2.03 51.30
CA GLY A 255 13.98 -3.29 51.67
C GLY A 255 14.41 -4.13 50.48
N PHE A 256 14.38 -5.46 50.66
CA PHE A 256 14.79 -6.36 49.61
C PHE A 256 13.76 -7.47 49.39
N VAL A 257 13.92 -8.17 48.26
CA VAL A 257 13.06 -9.27 47.82
C VAL A 257 13.72 -10.62 48.12
N VAL A 258 12.97 -11.54 48.73
CA VAL A 258 13.41 -12.92 48.91
C VAL A 258 12.46 -13.88 48.16
N SER A 259 13.04 -14.93 47.58
CA SER A 259 12.25 -15.88 46.80
C SER A 259 11.48 -16.82 47.71
N ASP A 260 10.36 -17.33 47.22
CA ASP A 260 9.77 -18.45 47.94
C ASP A 260 10.79 -19.60 47.88
N TRP A 261 10.62 -20.61 48.73
CA TRP A 261 11.67 -21.62 48.88
C TRP A 261 11.73 -22.52 47.65
N GLY A 262 12.81 -22.35 46.88
CA GLY A 262 13.03 -23.08 45.64
C GLY A 262 12.49 -22.44 44.37
N ALA A 263 11.96 -21.21 44.45
CA ALA A 263 11.24 -20.56 43.35
C ALA A 263 12.15 -20.08 42.23
N VAL A 264 13.44 -19.83 42.50
CA VAL A 264 14.28 -19.19 41.49
C VAL A 264 14.44 -20.13 40.30
N ASN A 265 14.45 -19.56 39.10
CA ASN A 265 14.70 -20.30 37.86
C ASN A 265 16.11 -20.09 37.29
N ASP A 266 16.66 -18.87 37.32
CA ASP A 266 18.07 -18.61 37.06
C ASP A 266 18.52 -17.50 38.00
N ARG A 267 19.61 -17.74 38.77
CA ARG A 267 20.00 -16.78 39.79
C ARG A 267 20.39 -15.44 39.17
N VAL A 268 21.19 -15.46 38.11
CA VAL A 268 21.63 -14.19 37.52
C VAL A 268 20.46 -13.45 36.91
N LYS A 269 19.55 -14.15 36.21
CA LYS A 269 18.33 -13.49 35.77
C LYS A 269 17.55 -12.91 36.94
N SER A 270 17.55 -13.59 38.07
CA SER A 270 16.80 -13.10 39.22
C SER A 270 17.47 -11.88 39.87
N LEU A 271 18.81 -11.88 39.96
CA LEU A 271 19.52 -10.73 40.50
C LEU A 271 19.32 -9.50 39.62
N ALA A 272 19.54 -9.63 38.32
CA ALA A 272 19.33 -8.49 37.44
C ALA A 272 17.91 -7.94 37.52
N ALA A 273 16.94 -8.78 37.88
CA ALA A 273 15.56 -8.33 37.85
C ALA A 273 15.09 -7.70 39.17
N GLY A 274 15.86 -7.82 40.25
CA GLY A 274 15.48 -7.24 41.54
C GLY A 274 15.21 -8.18 42.70
N LEU A 275 15.69 -9.43 42.63
CA LEU A 275 15.59 -10.40 43.73
C LEU A 275 16.94 -10.51 44.43
N GLU A 276 16.98 -10.13 45.71
CA GLU A 276 18.25 -10.02 46.41
C GLU A 276 18.69 -11.30 47.08
N LEU A 277 17.75 -12.06 47.66
CA LEU A 277 18.07 -13.26 48.46
C LEU A 277 17.34 -14.49 47.92
N GLU A 278 18.11 -15.50 47.47
CA GLU A 278 17.55 -16.79 47.08
C GLU A 278 17.46 -17.67 48.32
N MET A 279 16.27 -18.21 48.59
CA MET A 279 16.12 -19.22 49.64
C MET A 279 15.50 -20.50 49.07
N PRO A 280 15.90 -21.66 49.57
CA PRO A 280 16.93 -21.89 50.59
C PRO A 280 18.30 -21.76 49.93
N HIS A 281 19.38 -22.10 50.64
CA HIS A 281 20.74 -21.92 50.12
C HIS A 281 20.97 -22.74 48.85
N GLU A 282 21.48 -22.08 47.83
CA GLU A 282 21.85 -22.71 46.56
C GLU A 282 23.21 -22.12 46.14
N GLY A 283 24.26 -22.91 46.34
CA GLY A 283 25.62 -22.45 46.13
C GLY A 283 26.02 -22.24 44.68
N ALA A 284 25.35 -22.92 43.74
CA ALA A 284 25.70 -22.74 42.34
C ALA A 284 25.45 -21.33 41.88
N GLY A 285 24.31 -20.75 42.30
CA GLY A 285 24.01 -19.36 41.97
C GLY A 285 25.10 -18.37 42.39
N THR A 286 25.81 -18.68 43.48
CA THR A 286 26.91 -17.82 43.88
C THR A 286 28.06 -17.93 42.88
N LYS A 287 28.39 -19.15 42.43
CA LYS A 287 29.38 -19.25 41.36
C LYS A 287 28.87 -18.59 40.09
N GLN A 288 27.56 -18.55 39.89
CA GLN A 288 27.00 -17.93 38.69
C GLN A 288 27.12 -16.42 38.75
N ILE A 289 26.76 -15.83 39.89
CA ILE A 289 26.87 -14.38 40.04
C ILE A 289 28.32 -13.94 39.82
N ILE A 290 29.27 -14.70 40.38
CA ILE A 290 30.69 -14.39 40.24
C ILE A 290 31.12 -14.39 38.77
N GLU A 291 30.77 -15.45 38.03
CA GLU A 291 31.23 -15.53 36.65
C GLU A 291 30.58 -14.49 35.75
N ALA A 292 29.41 -13.97 36.13
CA ALA A 292 28.73 -12.97 35.31
C ALA A 292 29.41 -11.61 35.39
N VAL A 293 29.86 -11.22 36.59
CA VAL A 293 30.61 -9.96 36.68
C VAL A 293 31.90 -10.09 35.88
N GLU A 294 32.58 -11.24 36.04
CA GLU A 294 33.86 -11.45 35.36
C GLU A 294 33.72 -11.49 33.84
N SER A 295 32.60 -11.99 33.34
CA SER A 295 32.35 -11.96 31.90
C SER A 295 31.76 -10.64 31.42
N GLY A 296 31.61 -9.65 32.30
CA GLY A 296 31.07 -8.35 31.91
C GLY A 296 29.61 -8.42 31.49
N GLN A 297 28.85 -9.41 31.97
CA GLN A 297 27.42 -9.50 31.67
C GLN A 297 26.52 -9.12 32.81
N LEU A 298 27.04 -8.96 34.02
CA LEU A 298 26.31 -8.37 35.12
C LEU A 298 27.24 -7.30 35.66
N ALA A 299 26.78 -6.05 35.61
CA ALA A 299 27.58 -4.94 36.12
C ALA A 299 27.72 -5.09 37.62
N GLU A 300 28.95 -4.93 38.11
CA GLU A 300 29.21 -5.13 39.53
C GLU A 300 28.49 -4.11 40.41
N GLU A 301 28.07 -2.95 39.86
CA GLU A 301 27.33 -1.98 40.66
C GLU A 301 25.89 -2.40 40.90
N LYS A 302 25.32 -3.21 39.99
CA LYS A 302 24.05 -3.87 40.30
C LYS A 302 24.22 -4.78 41.50
N LEU A 303 25.35 -5.50 41.59
CA LEU A 303 25.58 -6.37 42.74
C LEU A 303 25.84 -5.55 44.01
N ASP A 304 26.63 -4.47 43.90
CA ASP A 304 26.90 -3.61 45.05
C ASP A 304 25.62 -3.03 45.65
N LEU A 305 24.75 -2.45 44.81
CA LEU A 305 23.46 -1.96 45.28
C LEU A 305 22.71 -3.05 46.04
N ALA A 306 22.84 -4.29 45.57
CA ALA A 306 22.12 -5.42 46.17
C ALA A 306 22.66 -5.75 47.56
N VAL A 307 24.00 -5.78 47.71
CA VAL A 307 24.57 -6.07 49.03
C VAL A 307 24.11 -5.02 50.01
N GLU A 308 23.93 -3.78 49.53
CA GLU A 308 23.55 -2.67 50.38
C GLU A 308 22.14 -2.84 50.94
N ARG A 309 21.18 -3.28 50.10
CA ARG A 309 19.81 -3.49 50.57
C ARG A 309 19.73 -4.57 51.64
N LEU A 310 20.30 -5.75 51.35
CA LEU A 310 20.36 -6.85 52.31
C LEU A 310 21.00 -6.41 53.62
N LEU A 311 22.23 -5.88 53.54
CA LEU A 311 22.96 -5.49 54.76
C LEU A 311 22.19 -4.47 55.57
N THR A 312 21.40 -3.61 54.92
CA THR A 312 20.63 -2.63 55.68
C THR A 312 19.56 -3.31 56.54
N VAL A 313 18.88 -4.32 56.01
CA VAL A 313 17.88 -4.99 56.84
C VAL A 313 18.55 -5.87 57.87
N ILE A 314 19.68 -6.49 57.53
CA ILE A 314 20.29 -7.42 58.46
C ILE A 314 20.82 -6.67 59.67
N PHE A 315 21.55 -5.58 59.42
CA PHE A 315 22.02 -4.76 60.54
C PHE A 315 20.85 -4.15 61.30
N ARG A 316 19.72 -3.88 60.64
CA ARG A 316 18.59 -3.39 61.41
C ARG A 316 18.16 -4.39 62.47
N SER A 317 17.94 -5.65 62.08
CA SER A 317 17.41 -6.58 63.07
C SER A 317 18.40 -6.86 64.17
N VAL A 318 19.70 -6.85 63.84
CA VAL A 318 20.72 -6.94 64.88
C VAL A 318 20.61 -5.77 65.84
N ASP A 319 20.68 -4.54 65.31
CA ASP A 319 20.66 -3.36 66.15
C ASP A 319 19.39 -3.29 66.97
N GLN A 320 18.31 -3.88 66.49
CA GLN A 320 17.04 -3.84 67.20
C GLN A 320 16.75 -5.08 68.04
N HIS A 321 17.62 -6.09 68.01
CA HIS A 321 17.37 -7.24 68.85
C HIS A 321 17.45 -6.83 70.33
N LYS A 322 16.49 -7.32 71.12
CA LYS A 322 16.39 -7.05 72.55
C LYS A 322 16.78 -8.32 73.30
N GLU A 323 18.04 -8.38 73.74
CA GLU A 323 18.54 -9.59 74.36
C GLU A 323 17.89 -9.81 75.72
N GLY A 324 17.70 -11.08 76.06
CA GLY A 324 16.99 -11.47 77.25
C GLY A 324 15.49 -11.55 77.08
N ALA A 325 14.99 -11.43 75.86
CA ALA A 325 13.56 -11.45 75.61
C ALA A 325 12.89 -12.67 76.20
N VAL A 326 11.72 -12.41 76.79
CA VAL A 326 10.82 -13.40 77.33
C VAL A 326 9.41 -13.09 76.82
N TYR A 327 8.44 -13.88 77.26
CA TYR A 327 7.05 -13.58 77.01
C TYR A 327 6.22 -14.54 77.84
N ASP A 328 4.98 -14.14 78.15
CA ASP A 328 4.12 -14.90 79.04
C ASP A 328 3.23 -15.84 78.23
N PRO A 329 3.58 -17.13 78.09
CA PRO A 329 2.69 -18.03 77.34
C PRO A 329 1.28 -18.04 77.93
N GLU A 330 1.15 -17.72 79.22
CA GLU A 330 -0.15 -17.63 79.87
C GLU A 330 -0.99 -16.53 79.24
N ALA A 331 -0.35 -15.40 78.96
CA ALA A 331 -1.07 -14.22 78.52
C ALA A 331 -1.37 -14.28 77.03
N HIS A 332 -0.44 -14.80 76.24
CA HIS A 332 -0.75 -14.91 74.83
C HIS A 332 -1.94 -15.83 74.62
N HIS A 333 -2.12 -16.82 75.50
CA HIS A 333 -3.35 -17.60 75.39
C HIS A 333 -4.59 -16.78 75.69
N LYS A 334 -4.48 -15.77 76.60
CA LYS A 334 -5.52 -14.73 76.73
C LYS A 334 -5.70 -13.98 75.41
N LEU A 335 -4.61 -13.41 74.90
CA LEU A 335 -4.70 -12.63 73.68
C LEU A 335 -5.35 -13.44 72.57
N ALA A 336 -5.03 -14.74 72.52
CA ALA A 336 -5.57 -15.64 71.51
C ALA A 336 -7.04 -15.96 71.75
N ARG A 337 -7.48 -15.97 73.00
CA ARG A 337 -8.89 -16.15 73.22
C ARG A 337 -9.67 -14.91 72.81
N GLU A 338 -9.07 -13.73 72.95
CA GLU A 338 -9.79 -12.52 72.59
C GLU A 338 -9.92 -12.39 71.09
N ILE A 339 -8.82 -12.50 70.35
CA ILE A 339 -8.89 -12.39 68.90
C ILE A 339 -9.98 -13.29 68.37
N ALA A 340 -10.04 -14.51 68.90
CA ALA A 340 -10.93 -15.54 68.37
C ALA A 340 -12.40 -15.11 68.49
N ALA A 341 -12.82 -14.68 69.67
CA ALA A 341 -14.24 -14.40 69.82
C ALA A 341 -14.71 -13.24 68.92
N GLU A 342 -13.79 -12.40 68.41
CA GLU A 342 -14.14 -11.37 67.43
C GLU A 342 -14.02 -11.89 65.99
N SER A 343 -13.55 -13.12 65.82
CA SER A 343 -13.18 -13.67 64.51
C SER A 343 -14.08 -14.81 64.10
N MET A 344 -15.35 -14.75 64.51
CA MET A 344 -16.32 -15.78 64.22
C MET A 344 -17.60 -15.09 63.82
N VAL A 345 -18.22 -15.57 62.73
CA VAL A 345 -19.34 -14.89 62.11
C VAL A 345 -20.60 -15.64 62.48
N LEU A 346 -21.49 -15.02 63.21
CA LEU A 346 -22.80 -15.64 63.42
C LEU A 346 -23.59 -15.56 62.11
N LEU A 347 -23.85 -16.70 61.48
CA LEU A 347 -24.48 -16.62 60.17
C LEU A 347 -26.01 -16.60 60.26
N LYS A 348 -26.60 -17.16 61.29
CA LYS A 348 -28.05 -17.30 61.30
C LYS A 348 -28.48 -17.54 62.73
N ASN A 349 -29.68 -17.07 63.08
CA ASN A 349 -30.13 -17.23 64.46
C ASN A 349 -31.64 -16.99 64.53
N GLU A 350 -32.42 -18.05 64.44
CA GLU A 350 -33.87 -17.94 64.47
C GLU A 350 -34.43 -18.13 65.88
N ASP A 351 -35.53 -17.44 66.16
CA ASP A 351 -36.33 -17.64 67.37
C ASP A 351 -35.56 -17.33 68.64
N ARG A 352 -34.41 -16.66 68.54
CA ARG A 352 -33.57 -16.30 69.69
C ARG A 352 -33.04 -17.55 70.39
N ILE A 353 -32.73 -18.59 69.59
CA ILE A 353 -32.16 -19.80 70.16
C ILE A 353 -30.81 -19.51 70.81
N LEU A 354 -30.02 -18.58 70.27
CA LEU A 354 -28.77 -18.10 70.83
C LEU A 354 -28.99 -16.71 71.43
N PRO A 355 -28.33 -16.34 72.54
CA PRO A 355 -27.35 -17.09 73.31
C PRO A 355 -28.09 -18.10 74.22
N LEU A 356 -27.45 -19.22 74.59
CA LEU A 356 -28.16 -20.28 75.30
C LEU A 356 -28.48 -19.92 76.75
N LYS A 357 -29.54 -20.53 77.28
CA LYS A 357 -29.88 -20.34 78.69
C LYS A 357 -29.06 -21.30 79.54
N ARG A 358 -28.59 -20.80 80.69
CA ARG A 358 -27.90 -21.61 81.68
C ARG A 358 -28.94 -22.33 82.54
N GLU A 359 -29.59 -23.29 81.91
CA GLU A 359 -30.58 -24.14 82.55
C GLU A 359 -30.85 -25.31 81.62
N GLY A 360 -31.56 -26.30 82.16
CA GLY A 360 -31.84 -27.44 81.35
C GLY A 360 -30.57 -28.19 80.97
N THR A 361 -30.71 -28.96 79.90
CA THR A 361 -29.64 -29.82 79.46
C THR A 361 -29.26 -29.44 78.03
N ILE A 362 -27.97 -29.38 77.75
CA ILE A 362 -27.41 -29.04 76.45
C ILE A 362 -26.72 -30.26 75.88
N ALA A 363 -27.17 -30.73 74.72
CA ALA A 363 -26.58 -31.91 74.06
C ALA A 363 -25.55 -31.47 73.01
N VAL A 364 -24.25 -31.69 73.29
CA VAL A 364 -23.17 -31.34 72.36
C VAL A 364 -22.81 -32.58 71.54
N ILE A 365 -22.77 -32.42 70.22
CA ILE A 365 -22.81 -33.57 69.30
C ILE A 365 -21.72 -33.43 68.24
N GLY A 366 -20.92 -34.49 68.04
CA GLY A 366 -20.00 -34.39 66.90
C GLY A 366 -18.52 -34.47 67.21
N GLU A 367 -17.81 -35.30 66.46
CA GLU A 367 -16.43 -35.57 66.82
C GLU A 367 -15.55 -34.32 66.73
N LEU A 368 -15.91 -33.33 65.89
CA LEU A 368 -15.08 -32.12 65.83
C LEU A 368 -15.15 -31.31 67.12
N ALA A 369 -16.09 -31.63 68.01
CA ALA A 369 -16.13 -31.05 69.35
C ALA A 369 -15.15 -31.71 70.30
N LYS A 370 -14.62 -32.89 69.97
CA LYS A 370 -13.57 -33.53 70.75
C LYS A 370 -12.23 -33.54 70.05
N VAL A 371 -12.22 -33.50 68.74
CA VAL A 371 -10.98 -33.45 67.96
C VAL A 371 -11.02 -32.12 67.21
N PRO A 372 -10.59 -31.03 67.84
CA PRO A 372 -10.83 -29.69 67.29
C PRO A 372 -10.06 -29.43 66.01
N ARG A 373 -10.71 -28.67 65.10
CA ARG A 373 -10.16 -28.10 63.88
C ARG A 373 -9.96 -26.61 64.11
N TYR A 374 -8.70 -26.17 64.17
CA TYR A 374 -8.40 -24.79 64.56
C TYR A 374 -7.29 -24.11 63.76
N GLN A 375 -6.63 -24.81 62.83
CA GLN A 375 -5.63 -24.22 61.93
C GLN A 375 -5.57 -25.01 60.63
N GLY A 376 -4.55 -24.71 59.81
CA GLY A 376 -4.35 -25.36 58.56
C GLY A 376 -3.18 -26.32 58.57
N SER A 377 -2.73 -26.68 57.37
CA SER A 377 -1.59 -27.57 57.21
C SER A 377 -0.65 -26.96 56.18
N GLY A 378 0.62 -27.35 56.27
CA GLY A 378 1.68 -26.73 55.50
C GLY A 378 2.57 -25.87 56.38
N SER A 379 3.33 -24.99 55.73
CA SER A 379 4.32 -24.15 56.41
C SER A 379 3.70 -23.11 57.38
N SER A 380 2.39 -23.12 57.61
CA SER A 380 1.74 -22.28 58.60
C SER A 380 1.19 -23.07 59.79
N GLN A 381 1.59 -24.32 59.95
CA GLN A 381 1.09 -25.17 61.03
C GLN A 381 1.92 -24.95 62.28
N ILE A 382 1.25 -24.66 63.37
CA ILE A 382 1.92 -24.34 64.62
C ILE A 382 1.79 -25.55 65.52
N LYS A 383 2.80 -25.78 66.36
CA LYS A 383 2.67 -26.72 67.46
C LYS A 383 2.24 -25.91 68.67
N PRO A 384 1.02 -26.07 69.18
CA PRO A 384 0.51 -25.15 70.21
C PRO A 384 1.24 -25.28 71.53
N THR A 385 0.99 -24.29 72.41
CA THR A 385 1.54 -24.29 73.76
C THR A 385 0.53 -24.73 74.81
N ARG A 386 -0.75 -24.49 74.57
CA ARG A 386 -1.83 -25.11 75.31
C ARG A 386 -2.89 -25.42 74.26
N LEU A 387 -3.97 -26.09 74.66
CA LEU A 387 -5.06 -26.33 73.72
C LEU A 387 -6.33 -26.61 74.50
N ASP A 388 -7.42 -25.96 74.12
CA ASP A 388 -8.63 -26.00 74.92
C ASP A 388 -9.40 -27.28 74.68
N ASP A 389 -10.24 -27.65 75.67
CA ASP A 389 -11.25 -28.70 75.53
C ASP A 389 -12.63 -28.07 75.34
N ILE A 390 -13.18 -28.15 74.11
CA ILE A 390 -14.42 -27.45 73.79
C ILE A 390 -15.55 -27.88 74.72
N VAL A 391 -15.69 -29.18 74.99
CA VAL A 391 -16.74 -29.63 75.90
C VAL A 391 -16.47 -29.13 77.31
N PHE A 392 -15.21 -29.19 77.75
CA PHE A 392 -14.84 -28.67 79.07
C PHE A 392 -15.19 -27.21 79.21
N GLU A 393 -14.92 -26.40 78.19
CA GLU A 393 -15.23 -24.99 78.25
C GLU A 393 -16.73 -24.75 78.23
N LEU A 394 -17.47 -25.53 77.45
CA LEU A 394 -18.93 -25.36 77.45
C LEU A 394 -19.52 -25.74 78.82
N ALA A 395 -19.09 -26.87 79.37
CA ALA A 395 -19.45 -27.27 80.73
C ALA A 395 -19.15 -26.15 81.71
N ALA A 396 -17.96 -25.56 81.59
CA ALA A 396 -17.58 -24.45 82.45
C ALA A 396 -18.60 -23.32 82.37
N SER A 397 -18.82 -22.76 81.17
CA SER A 397 -19.71 -21.62 81.05
C SER A 397 -21.13 -21.94 81.47
N ALA A 398 -21.58 -23.18 81.32
CA ALA A 398 -22.97 -23.50 81.60
C ALA A 398 -23.31 -23.29 83.09
N GLY A 399 -22.37 -23.55 83.98
CA GLY A 399 -22.62 -23.43 85.40
C GLY A 399 -23.29 -24.67 85.95
N GLU A 400 -23.47 -24.70 87.27
CA GLU A 400 -24.10 -25.88 87.83
C GLU A 400 -25.61 -25.84 87.70
N HIS A 401 -26.17 -24.89 86.97
CA HIS A 401 -27.60 -24.93 86.69
C HIS A 401 -27.91 -25.57 85.36
N ALA A 402 -26.90 -26.13 84.69
CA ALA A 402 -27.08 -26.73 83.38
C ALA A 402 -26.20 -27.96 83.27
N ARG A 403 -26.73 -28.97 82.58
CA ARG A 403 -26.02 -30.20 82.31
C ARG A 403 -25.52 -30.17 80.86
N VAL A 404 -24.23 -30.39 80.66
CA VAL A 404 -23.65 -30.56 79.33
C VAL A 404 -23.36 -32.04 79.16
N THR A 405 -23.95 -32.67 78.14
CA THR A 405 -23.66 -34.06 77.77
C THR A 405 -22.84 -34.08 76.49
N TYR A 406 -22.17 -35.22 76.23
CA TYR A 406 -21.42 -35.37 74.98
C TYR A 406 -21.69 -36.73 74.36
N THR A 407 -22.06 -36.72 73.06
CA THR A 407 -22.13 -37.89 72.18
C THR A 407 -21.37 -37.63 70.88
N GLN A 408 -20.67 -38.65 70.38
CA GLN A 408 -19.74 -38.44 69.28
C GLN A 408 -20.46 -38.20 67.96
N GLY A 409 -21.31 -39.13 67.55
CA GLY A 409 -22.20 -38.88 66.38
C GLY A 409 -21.74 -39.27 64.99
N TYR A 410 -20.53 -38.88 64.61
CA TYR A 410 -19.99 -39.19 63.30
C TYR A 410 -18.52 -39.54 63.47
N ASP A 411 -17.87 -39.82 62.34
CA ASP A 411 -16.52 -40.40 62.28
C ASP A 411 -15.65 -39.59 61.34
N LEU A 412 -14.77 -38.76 61.88
CA LEU A 412 -13.97 -37.87 61.02
C LEU A 412 -13.08 -38.65 60.05
N LYS A 413 -12.76 -39.89 60.35
CA LYS A 413 -11.88 -40.65 59.48
C LYS A 413 -12.66 -41.52 58.50
N SER A 414 -13.94 -41.24 58.30
CA SER A 414 -14.78 -42.03 57.42
C SER A 414 -15.73 -41.11 56.68
N ASP A 415 -16.34 -41.66 55.62
CA ASP A 415 -17.45 -41.03 54.90
C ASP A 415 -18.75 -41.81 55.09
N ASP A 416 -18.79 -42.74 56.03
CA ASP A 416 -19.92 -43.63 56.23
C ASP A 416 -20.61 -43.37 57.57
N ILE A 417 -21.94 -43.42 57.54
CA ILE A 417 -22.75 -43.27 58.75
C ILE A 417 -22.43 -44.41 59.73
N ASN A 418 -22.64 -44.15 61.02
CA ASN A 418 -22.41 -45.10 62.09
C ASN A 418 -23.73 -45.31 62.81
N ALA A 419 -24.28 -46.53 62.73
CA ALA A 419 -25.61 -46.77 63.28
C ALA A 419 -25.64 -46.73 64.80
N VAL A 420 -24.50 -46.95 65.47
CA VAL A 420 -24.47 -46.89 66.93
C VAL A 420 -24.37 -45.45 67.39
N LEU A 421 -23.49 -44.67 66.76
CA LEU A 421 -23.38 -43.27 67.14
C LEU A 421 -24.68 -42.52 66.88
N THR A 422 -25.33 -42.81 65.75
CA THR A 422 -26.54 -42.08 65.35
C THR A 422 -27.68 -42.33 66.31
N GLU A 423 -27.75 -43.53 66.88
CA GLU A 423 -28.77 -43.82 67.87
C GLU A 423 -28.44 -43.16 69.22
N GLU A 424 -27.16 -43.02 69.53
CA GLU A 424 -26.76 -42.39 70.78
C GLU A 424 -26.96 -40.88 70.71
N ALA A 425 -26.58 -40.26 69.58
CA ALA A 425 -26.82 -38.84 69.37
C ALA A 425 -28.30 -38.52 69.40
N LEU A 426 -29.11 -39.23 68.61
CA LEU A 426 -30.56 -39.00 68.61
C LEU A 426 -31.13 -39.14 70.01
N GLN A 427 -30.67 -40.14 70.76
CA GLN A 427 -31.23 -40.36 72.08
C GLN A 427 -30.85 -39.23 73.03
N ALA A 428 -29.60 -38.75 72.96
CA ALA A 428 -29.18 -37.64 73.78
C ALA A 428 -29.99 -36.39 73.47
N ALA A 429 -30.11 -36.07 72.17
CA ALA A 429 -30.82 -34.87 71.75
C ALA A 429 -32.29 -34.93 72.12
N LYS A 430 -32.89 -36.12 72.06
CA LYS A 430 -34.26 -36.29 72.53
C LYS A 430 -34.42 -35.92 74.00
N GLU A 431 -33.39 -36.10 74.81
CA GLU A 431 -33.53 -35.77 76.22
C GLU A 431 -33.22 -34.32 76.55
N ALA A 432 -32.55 -33.60 75.66
CA ALA A 432 -32.11 -32.24 75.95
C ALA A 432 -33.15 -31.21 75.49
N SER A 433 -33.00 -29.97 75.98
CA SER A 433 -33.83 -28.89 75.46
C SER A 433 -33.25 -28.29 74.20
N VAL A 434 -31.93 -28.30 74.09
CA VAL A 434 -31.24 -27.74 72.94
C VAL A 434 -30.05 -28.64 72.64
N ALA A 435 -29.62 -28.63 71.38
CA ALA A 435 -28.52 -29.47 70.96
C ALA A 435 -27.56 -28.65 70.12
N VAL A 436 -26.27 -28.69 70.46
CA VAL A 436 -25.25 -27.97 69.73
C VAL A 436 -24.40 -29.00 69.03
N LEU A 437 -24.46 -29.02 67.70
CA LEU A 437 -23.79 -30.00 66.85
C LEU A 437 -22.62 -29.33 66.16
N PHE A 438 -21.42 -29.85 66.39
CA PHE A 438 -20.20 -29.36 65.77
C PHE A 438 -19.95 -30.12 64.47
N ALA A 439 -19.89 -29.38 63.35
CA ALA A 439 -19.55 -29.94 62.05
C ALA A 439 -18.49 -29.07 61.38
N GLY A 440 -18.07 -29.45 60.18
CA GLY A 440 -17.05 -28.69 59.48
C GLY A 440 -16.33 -29.59 58.48
N LEU A 441 -15.03 -29.33 58.33
CA LEU A 441 -14.22 -30.00 57.32
C LEU A 441 -13.00 -30.62 57.98
N PRO A 442 -12.77 -31.92 57.83
CA PRO A 442 -11.63 -32.56 58.49
C PRO A 442 -10.33 -31.92 58.05
N LYS A 443 -9.30 -32.15 58.86
CA LYS A 443 -7.98 -31.59 58.56
C LYS A 443 -7.51 -31.91 57.14
N ARG A 444 -7.86 -33.08 56.60
CA ARG A 444 -7.19 -33.46 55.36
C ARG A 444 -7.74 -32.76 54.14
N TYR A 445 -8.76 -31.91 54.28
CA TYR A 445 -9.35 -31.25 53.10
C TYR A 445 -8.57 -30.01 52.67
N GLU A 446 -8.00 -29.26 53.61
CA GLU A 446 -7.39 -27.96 53.32
C GLU A 446 -5.91 -27.97 53.62
N SER A 447 -5.07 -27.61 52.64
CA SER A 447 -3.62 -27.65 52.82
C SER A 447 -2.89 -26.82 51.77
N GLU A 448 -1.63 -26.49 52.05
CA GLU A 448 -0.72 -26.00 51.02
C GLU A 448 -0.39 -27.15 50.08
N GLY A 449 -0.29 -26.85 48.78
CA GLY A 449 0.12 -27.83 47.80
C GLY A 449 -1.00 -28.52 47.03
N PHE A 450 -2.25 -28.32 47.43
CA PHE A 450 -3.34 -28.81 46.61
C PHE A 450 -4.62 -28.09 47.01
N ASP A 451 -5.51 -27.95 46.04
CA ASP A 451 -6.78 -27.27 46.19
C ASP A 451 -7.90 -28.28 46.42
N ARG A 452 -8.96 -27.84 47.09
CA ARG A 452 -10.12 -28.69 47.29
C ARG A 452 -10.69 -29.15 45.95
N LYS A 453 -11.35 -30.31 45.96
CA LYS A 453 -11.97 -30.83 44.74
C LYS A 453 -13.42 -30.46 44.65
N HIS A 454 -14.07 -30.19 45.77
CA HIS A 454 -15.45 -29.74 45.82
C HIS A 454 -15.68 -28.92 47.09
N MET A 455 -16.87 -28.36 47.20
CA MET A 455 -17.20 -27.38 48.22
C MET A 455 -18.18 -27.94 49.24
N ARG A 456 -18.25 -29.27 49.36
CA ARG A 456 -19.24 -29.92 50.21
C ARG A 456 -18.61 -30.31 51.56
N MET A 457 -19.45 -30.38 52.59
CA MET A 457 -19.12 -31.02 53.86
C MET A 457 -19.17 -32.54 53.72
N PRO A 458 -18.47 -33.27 54.60
CA PRO A 458 -18.52 -34.75 54.50
C PRO A 458 -19.95 -35.25 54.59
N ASP A 459 -20.20 -36.41 53.98
CA ASP A 459 -21.57 -36.88 53.83
C ASP A 459 -22.18 -37.30 55.16
N ASN A 460 -21.46 -38.11 55.95
CA ASN A 460 -22.05 -38.61 57.19
C ASN A 460 -22.26 -37.51 58.21
N GLN A 461 -21.69 -36.32 58.01
CA GLN A 461 -22.04 -35.20 58.85
C GLN A 461 -23.37 -34.58 58.41
N ILE A 462 -23.54 -34.37 57.10
CA ILE A 462 -24.80 -33.79 56.61
C ILE A 462 -25.98 -34.64 57.07
N ALA A 463 -25.81 -35.97 57.07
CA ALA A 463 -26.88 -36.88 57.47
C ALA A 463 -27.19 -36.75 58.95
N LEU A 464 -26.17 -36.54 59.79
CA LEU A 464 -26.47 -36.49 61.21
C LEU A 464 -27.24 -35.21 61.56
N ILE A 465 -26.92 -34.11 60.88
CA ILE A 465 -27.68 -32.88 61.08
C ILE A 465 -29.15 -33.10 60.80
N GLU A 466 -29.47 -33.78 59.70
CA GLU A 466 -30.87 -33.95 59.31
C GLU A 466 -31.66 -34.82 60.29
N ALA A 467 -31.06 -35.93 60.73
CA ALA A 467 -31.77 -36.84 61.62
C ALA A 467 -31.88 -36.25 63.01
N VAL A 468 -30.79 -35.69 63.54
CA VAL A 468 -30.85 -35.06 64.85
C VAL A 468 -31.92 -33.99 64.85
N ALA A 469 -32.03 -33.29 63.71
CA ALA A 469 -33.06 -32.27 63.54
C ALA A 469 -34.46 -32.87 63.60
N ALA A 470 -34.63 -34.08 63.05
CA ALA A 470 -35.95 -34.67 62.97
C ALA A 470 -36.52 -35.04 64.34
N VAL A 471 -35.68 -35.13 65.38
CA VAL A 471 -36.15 -35.44 66.72
C VAL A 471 -35.87 -34.31 67.70
N GLN A 472 -35.13 -33.28 67.29
CA GLN A 472 -34.89 -32.09 68.12
C GLN A 472 -34.76 -30.86 67.23
N PRO A 473 -35.86 -30.15 66.98
CA PRO A 473 -35.77 -28.96 66.10
C PRO A 473 -34.89 -27.85 66.66
N ASN A 474 -34.63 -27.82 67.98
CA ASN A 474 -33.83 -26.76 68.59
C ASN A 474 -32.37 -27.09 68.43
N LEU A 475 -31.86 -26.88 67.21
CA LEU A 475 -30.55 -27.35 66.79
C LEU A 475 -29.67 -26.17 66.39
N VAL A 476 -28.52 -26.07 67.03
CA VAL A 476 -27.51 -25.06 66.76
C VAL A 476 -26.34 -25.79 66.11
N VAL A 477 -25.78 -25.20 65.06
CA VAL A 477 -24.67 -25.82 64.33
C VAL A 477 -23.49 -24.88 64.35
N VAL A 478 -22.32 -25.41 64.70
CA VAL A 478 -21.05 -24.69 64.64
C VAL A 478 -20.21 -25.32 63.54
N LEU A 479 -19.66 -24.50 62.65
CA LEU A 479 -18.84 -24.98 61.55
C LEU A 479 -17.39 -24.61 61.79
N CYS A 480 -16.50 -25.59 61.68
CA CYS A 480 -15.06 -25.36 61.79
C CYS A 480 -14.47 -25.69 60.43
N ASN A 481 -14.00 -24.65 59.73
CA ASN A 481 -13.63 -24.77 58.33
C ASN A 481 -12.82 -23.55 57.95
N GLY A 482 -11.93 -23.68 56.95
CA GLY A 482 -11.11 -22.57 56.52
C GLY A 482 -11.58 -21.78 55.32
N ALA A 483 -12.76 -22.11 54.75
CA ALA A 483 -13.17 -21.60 53.45
C ALA A 483 -14.64 -21.96 53.24
N PRO A 484 -15.30 -21.47 52.19
CA PRO A 484 -16.76 -21.64 52.09
C PRO A 484 -17.15 -23.07 51.77
N ILE A 485 -18.37 -23.42 52.19
CA ILE A 485 -18.95 -24.73 51.97
C ILE A 485 -20.40 -24.55 51.53
N GLU A 486 -20.97 -25.61 50.95
CA GLU A 486 -22.40 -25.65 50.67
C GLU A 486 -23.18 -26.18 51.87
N MET A 487 -24.42 -25.70 52.02
CA MET A 487 -25.25 -25.97 53.21
C MET A 487 -26.67 -26.40 52.84
N PRO A 488 -26.85 -27.48 52.08
CA PRO A 488 -28.21 -27.90 51.71
C PRO A 488 -29.12 -28.21 52.90
N TRP A 489 -28.54 -28.47 54.07
CA TRP A 489 -29.22 -28.76 55.33
C TRP A 489 -29.67 -27.50 56.06
N LEU A 490 -29.33 -26.30 55.55
CA LEU A 490 -29.49 -25.05 56.28
C LEU A 490 -30.90 -24.83 56.82
N PRO A 491 -31.97 -25.29 56.17
CA PRO A 491 -33.30 -25.14 56.78
C PRO A 491 -33.51 -25.85 58.13
N GLN A 492 -32.79 -26.90 58.46
CA GLN A 492 -33.07 -27.58 59.71
C GLN A 492 -32.14 -27.19 60.84
N ALA A 493 -31.24 -26.24 60.63
CA ALA A 493 -30.46 -25.62 61.70
C ALA A 493 -31.12 -24.31 62.09
N LYS A 494 -31.42 -24.14 63.38
CA LYS A 494 -31.93 -22.83 63.78
C LYS A 494 -30.82 -21.80 63.88
N ALA A 495 -29.58 -22.22 64.16
CA ALA A 495 -28.52 -21.24 64.24
C ALA A 495 -27.25 -21.83 63.65
N VAL A 496 -26.42 -20.97 63.06
CA VAL A 496 -25.16 -21.36 62.45
C VAL A 496 -24.08 -20.33 62.82
N LEU A 497 -23.08 -20.76 63.60
CA LEU A 497 -21.94 -19.94 63.96
C LEU A 497 -20.78 -20.40 63.11
N GLU A 498 -20.28 -19.53 62.23
CA GLU A 498 -19.08 -19.82 61.44
C GLU A 498 -17.87 -19.51 62.29
N ALA A 499 -17.17 -20.55 62.74
CA ALA A 499 -16.06 -20.36 63.66
C ALA A 499 -14.71 -20.46 62.98
N TYR A 500 -14.66 -20.80 61.69
CA TYR A 500 -13.41 -20.80 60.95
C TYR A 500 -12.33 -21.58 61.69
N LEU A 501 -11.06 -21.15 61.63
CA LEU A 501 -9.98 -21.85 62.33
C LEU A 501 -9.52 -20.97 63.51
N GLY A 502 -10.21 -21.10 64.65
CA GLY A 502 -10.14 -20.16 65.76
C GLY A 502 -8.93 -20.24 66.65
N GLY A 503 -8.02 -21.16 66.39
CA GLY A 503 -6.78 -21.18 67.12
C GLY A 503 -6.87 -21.89 68.47
N GLN A 504 -5.73 -21.89 69.17
CA GLN A 504 -5.58 -22.79 70.30
C GLN A 504 -6.53 -22.50 71.43
N ALA A 505 -7.31 -21.40 71.34
CA ALA A 505 -8.23 -21.04 72.43
C ALA A 505 -9.70 -20.97 71.99
N LEU A 506 -10.05 -21.61 70.86
CA LEU A 506 -11.41 -21.62 70.29
C LEU A 506 -12.46 -22.19 71.24
N GLY A 507 -12.06 -22.83 72.35
CA GLY A 507 -13.00 -23.39 73.29
C GLY A 507 -13.71 -22.35 74.09
N GLY A 508 -12.95 -21.56 74.84
CA GLY A 508 -13.56 -20.48 75.59
C GLY A 508 -14.25 -19.51 74.66
N ALA A 509 -13.63 -19.28 73.48
CA ALA A 509 -14.20 -18.37 72.49
C ALA A 509 -15.62 -18.79 72.10
N ILE A 510 -15.83 -20.07 71.77
CA ILE A 510 -17.16 -20.49 71.35
C ILE A 510 -18.10 -20.56 72.54
N ALA A 511 -17.59 -20.90 73.71
CA ALA A 511 -18.45 -20.93 74.90
C ALA A 511 -19.01 -19.56 75.21
N ASP A 512 -18.19 -18.52 75.12
CA ASP A 512 -18.65 -17.17 75.45
C ASP A 512 -19.68 -16.69 74.45
N LEU A 513 -19.40 -16.89 73.16
CA LEU A 513 -20.33 -16.49 72.14
C LEU A 513 -21.68 -17.16 72.31
N LEU A 514 -21.67 -18.46 72.67
CA LEU A 514 -22.89 -19.24 72.66
C LEU A 514 -23.77 -18.87 73.85
N PHE A 515 -23.14 -18.41 74.95
CA PHE A 515 -23.86 -18.02 76.15
C PHE A 515 -24.04 -16.51 76.26
N GLY A 516 -23.40 -15.73 75.37
CA GLY A 516 -23.63 -14.30 75.32
C GLY A 516 -22.70 -13.46 76.16
N ASP A 517 -21.77 -14.09 76.89
CA ASP A 517 -20.75 -13.38 77.64
C ASP A 517 -19.89 -12.53 76.74
N ALA A 518 -19.83 -12.89 75.48
CA ALA A 518 -19.35 -12.01 74.43
C ALA A 518 -20.47 -11.87 73.39
N ASN A 519 -20.54 -10.73 72.76
CA ASN A 519 -21.53 -10.59 71.69
C ASN A 519 -20.89 -10.93 70.35
N PRO A 520 -21.49 -11.79 69.52
CA PRO A 520 -20.95 -11.98 68.18
C PRO A 520 -20.86 -10.64 67.45
N SER A 521 -19.76 -10.43 66.69
CA SER A 521 -19.57 -9.16 65.99
C SER A 521 -18.76 -9.30 64.70
N GLY A 522 -18.80 -10.44 64.04
CA GLY A 522 -18.05 -10.68 62.81
C GLY A 522 -18.87 -10.67 61.52
N LYS A 523 -18.23 -10.37 60.40
CA LYS A 523 -18.94 -10.29 59.13
C LYS A 523 -18.10 -10.93 58.03
N LEU A 524 -18.73 -11.77 57.20
CA LEU A 524 -18.00 -12.51 56.18
C LEU A 524 -17.10 -11.60 55.35
N ALA A 525 -15.85 -12.01 55.14
CA ALA A 525 -14.91 -11.26 54.30
C ALA A 525 -14.69 -11.92 52.93
N GLU A 526 -15.48 -12.96 52.63
CA GLU A 526 -15.57 -13.64 51.35
C GLU A 526 -17.03 -13.99 51.14
N THR A 527 -17.43 -14.21 49.89
CA THR A 527 -18.81 -14.57 49.60
C THR A 527 -18.99 -16.07 49.73
N PHE A 528 -20.17 -16.48 50.24
CA PHE A 528 -20.48 -17.90 50.38
C PHE A 528 -21.46 -18.31 49.28
N PRO A 529 -21.00 -18.84 48.15
CA PRO A 529 -21.91 -19.17 47.07
C PRO A 529 -22.84 -20.32 47.48
N VAL A 530 -23.96 -20.43 46.75
CA VAL A 530 -24.90 -21.55 46.93
C VAL A 530 -24.28 -22.85 46.46
N GLN A 531 -23.73 -22.85 45.24
CA GLN A 531 -23.07 -23.99 44.64
C GLN A 531 -21.74 -23.55 44.03
N LEU A 532 -20.84 -24.53 43.89
CA LEU A 532 -19.51 -24.23 43.36
C LEU A 532 -19.60 -23.57 41.99
N SER A 533 -20.50 -24.04 41.14
CA SER A 533 -20.50 -23.52 39.77
C SER A 533 -20.98 -22.07 39.66
N ASP A 534 -21.50 -21.46 40.74
CA ASP A 534 -21.94 -20.06 40.66
C ASP A 534 -20.77 -19.09 40.54
N ASN A 535 -19.57 -19.43 41.07
CA ASN A 535 -18.51 -18.44 41.28
C ASN A 535 -17.77 -18.08 39.98
N PRO A 536 -17.18 -16.87 39.92
CA PRO A 536 -16.57 -16.39 38.67
C PRO A 536 -15.38 -17.18 38.16
N SER A 537 -14.65 -17.92 38.98
CA SER A 537 -13.50 -18.57 38.36
C SER A 537 -13.87 -19.89 37.70
N PHE A 538 -15.14 -20.30 37.78
CA PHE A 538 -15.51 -21.67 37.44
C PHE A 538 -15.20 -22.00 35.97
N LEU A 539 -15.39 -21.05 35.05
CA LEU A 539 -15.09 -21.42 33.66
C LEU A 539 -13.58 -21.49 33.40
N ASN A 540 -12.75 -20.92 34.28
CA ASN A 540 -11.32 -20.89 34.06
C ASN A 540 -10.54 -21.19 35.34
N PHE A 541 -10.76 -22.38 35.90
CA PHE A 541 -10.03 -22.78 37.10
C PHE A 541 -9.98 -24.31 37.13
N PRO A 542 -8.78 -24.93 37.18
CA PRO A 542 -7.44 -24.34 37.19
C PRO A 542 -6.78 -24.15 35.82
N GLY A 543 -7.54 -24.17 34.73
CA GLY A 543 -6.98 -23.85 33.43
C GLY A 543 -6.67 -25.05 32.55
N GLU A 544 -5.75 -24.81 31.64
CA GLU A 544 -5.26 -25.80 30.69
C GLU A 544 -3.77 -25.93 30.95
N GLY A 545 -3.41 -26.94 31.76
CA GLY A 545 -2.03 -27.27 32.08
C GLY A 545 -1.34 -26.20 32.90
N ASP A 546 -0.30 -25.60 32.30
CA ASP A 546 0.50 -24.51 32.85
C ASP A 546 -0.03 -23.15 32.40
N ARG A 547 -1.33 -23.00 32.27
CA ARG A 547 -1.89 -21.74 31.78
C ARG A 547 -3.29 -21.54 32.33
N VAL A 548 -3.50 -20.40 33.00
CA VAL A 548 -4.77 -20.02 33.58
C VAL A 548 -4.99 -18.56 33.24
N GLU A 549 -6.15 -18.27 32.66
CA GLU A 549 -6.49 -16.94 32.15
C GLU A 549 -7.56 -16.35 33.06
N TYR A 550 -7.22 -15.22 33.70
CA TYR A 550 -8.13 -14.55 34.63
C TYR A 550 -9.18 -13.79 33.81
N ARG A 551 -10.10 -14.54 33.21
CA ARG A 551 -10.97 -13.93 32.22
C ARG A 551 -12.12 -13.13 32.83
N GLU A 552 -12.53 -13.44 34.06
CA GLU A 552 -13.58 -12.67 34.71
C GLU A 552 -13.17 -11.22 34.92
N GLY A 553 -11.89 -10.88 34.77
CA GLY A 553 -11.50 -9.48 34.82
C GLY A 553 -11.71 -8.91 36.20
N LEU A 554 -12.35 -7.75 36.27
CA LEU A 554 -12.63 -7.08 37.53
C LEU A 554 -13.76 -7.72 38.33
N PHE A 555 -14.37 -8.79 37.87
CA PHE A 555 -15.57 -9.28 38.54
C PHE A 555 -15.22 -10.45 39.45
N VAL A 556 -14.53 -10.13 40.55
CA VAL A 556 -14.08 -11.13 41.51
C VAL A 556 -14.88 -10.99 42.80
N GLY A 557 -15.24 -12.11 43.40
CA GLY A 557 -16.04 -12.04 44.60
C GLY A 557 -17.35 -11.30 44.39
N TYR A 558 -17.73 -10.52 45.41
CA TYR A 558 -19.00 -9.79 45.42
C TYR A 558 -19.15 -8.83 44.23
N ARG A 559 -18.03 -8.36 43.68
CA ARG A 559 -18.13 -7.56 42.47
C ARG A 559 -18.84 -8.32 41.36
N TYR A 560 -18.73 -9.65 41.36
CA TYR A 560 -19.37 -10.48 40.33
C TYR A 560 -20.83 -10.75 40.67
N TYR A 561 -21.09 -11.24 41.89
CA TYR A 561 -22.47 -11.58 42.24
C TYR A 561 -23.38 -10.36 42.20
N ASP A 562 -22.84 -9.18 42.46
CA ASP A 562 -23.64 -7.96 42.35
C ASP A 562 -24.01 -7.67 40.91
N LYS A 563 -23.03 -7.69 40.01
CA LYS A 563 -23.28 -7.33 38.60
C LYS A 563 -24.28 -8.30 37.95
N LYS A 564 -24.09 -9.60 38.16
CA LYS A 564 -24.92 -10.65 37.55
C LYS A 564 -26.29 -10.81 38.22
N GLN A 565 -26.49 -10.25 39.43
CA GLN A 565 -27.66 -10.57 40.27
C GLN A 565 -27.82 -12.08 40.51
N LEU A 566 -26.72 -12.72 40.90
CA LEU A 566 -26.70 -14.13 41.28
C LEU A 566 -26.66 -14.20 42.81
N ARG A 567 -27.78 -14.60 43.41
CA ARG A 567 -27.91 -14.50 44.85
C ARG A 567 -26.98 -15.47 45.54
N PRO A 568 -26.15 -15.02 46.49
CA PRO A 568 -25.30 -15.94 47.24
C PRO A 568 -26.04 -16.62 48.38
N LEU A 569 -25.38 -17.66 48.93
CA LEU A 569 -25.89 -18.29 50.15
C LEU A 569 -25.79 -17.32 51.33
N PHE A 570 -24.69 -16.55 51.41
CA PHE A 570 -24.49 -15.45 52.34
C PHE A 570 -23.57 -14.48 51.60
N PRO A 571 -23.85 -13.16 51.63
CA PRO A 571 -23.03 -12.17 50.91
C PRO A 571 -21.81 -11.70 51.70
N PHE A 572 -20.87 -11.12 50.97
CA PHE A 572 -19.70 -10.49 51.56
C PHE A 572 -20.11 -9.38 52.54
N GLY A 573 -19.56 -9.44 53.74
CA GLY A 573 -19.86 -8.48 54.77
C GLY A 573 -21.10 -8.80 55.57
N HIS A 574 -21.53 -10.06 55.61
CA HIS A 574 -22.73 -10.46 56.34
C HIS A 574 -22.37 -11.01 57.71
N GLY A 575 -23.07 -10.53 58.73
CA GLY A 575 -22.89 -11.03 60.08
C GLY A 575 -24.03 -10.60 60.98
N LEU A 576 -24.30 -11.40 62.02
CA LEU A 576 -25.36 -11.13 62.95
C LEU A 576 -24.81 -10.83 64.32
N SER A 577 -25.67 -10.27 65.17
CA SER A 577 -25.34 -9.91 66.55
C SER A 577 -26.54 -10.18 67.45
N TYR A 578 -26.28 -10.26 68.76
CA TYR A 578 -27.33 -10.39 69.76
C TYR A 578 -27.99 -9.05 70.16
N THR A 579 -27.57 -7.91 69.57
CA THR A 579 -28.25 -6.62 69.73
C THR A 579 -28.56 -6.07 68.33
N THR A 580 -29.16 -4.86 68.29
CA THR A 580 -29.57 -4.18 67.05
C THR A 580 -28.94 -2.79 66.93
N PHE A 581 -28.83 -2.30 65.70
CA PHE A 581 -28.18 -1.01 65.45
C PHE A 581 -28.96 -0.19 64.42
N ALA A 582 -29.19 1.08 64.72
CA ALA A 582 -29.75 2.03 63.77
C ALA A 582 -28.66 2.95 63.22
N TYR A 583 -28.72 3.25 61.92
CA TYR A 583 -27.78 4.15 61.27
C TYR A 583 -28.44 5.50 60.98
N SER A 584 -27.66 6.59 61.02
CA SER A 584 -28.31 7.90 60.98
C SER A 584 -27.33 8.99 60.59
N ASN A 585 -27.78 9.93 59.77
CA ASN A 585 -27.09 11.21 59.53
C ASN A 585 -25.83 11.09 58.67
N LEU A 586 -25.95 10.45 57.50
CA LEU A 586 -24.87 10.55 56.53
C LEU A 586 -24.62 12.01 56.15
N SER A 587 -23.35 12.40 56.04
CA SER A 587 -23.01 13.77 55.67
C SER A 587 -21.58 13.86 55.16
N VAL A 588 -21.34 14.79 54.25
CA VAL A 588 -20.03 15.02 53.63
C VAL A 588 -19.67 16.49 53.79
N ASP A 589 -18.41 16.77 54.09
CA ASP A 589 -18.00 18.14 54.38
C ASP A 589 -18.06 19.02 53.13
N LYS A 590 -17.71 18.48 51.98
CA LYS A 590 -17.76 19.20 50.71
C LYS A 590 -18.65 18.43 49.75
N LYS A 591 -19.44 19.13 48.94
CA LYS A 591 -20.29 18.47 47.95
C LYS A 591 -19.63 18.33 46.58
N GLU A 592 -18.40 18.78 46.43
CA GLU A 592 -17.72 18.65 45.15
C GLU A 592 -16.22 18.94 45.27
N ILE A 593 -15.39 18.00 44.82
CA ILE A 593 -13.95 18.07 44.95
C ILE A 593 -13.32 17.81 43.59
N LEU A 594 -12.10 18.32 43.42
CA LEU A 594 -11.29 17.94 42.27
C LEU A 594 -10.56 16.64 42.57
N ASP A 595 -10.12 15.95 41.51
CA ASP A 595 -9.49 14.66 41.76
C ASP A 595 -8.22 14.81 42.60
N THR A 596 -7.66 16.03 42.72
CA THR A 596 -6.49 16.21 43.58
C THR A 596 -6.86 16.39 45.05
N GLU A 597 -8.14 16.48 45.40
CA GLU A 597 -8.57 16.84 46.74
C GLU A 597 -9.03 15.62 47.53
N THR A 598 -9.39 15.88 48.78
CA THR A 598 -9.74 14.87 49.77
C THR A 598 -11.13 15.14 50.34
N LEU A 599 -11.78 14.10 50.87
CA LEU A 599 -13.17 14.28 51.31
C LEU A 599 -13.44 13.52 52.61
N LYS A 600 -14.27 14.11 53.45
CA LYS A 600 -14.60 13.57 54.77
C LYS A 600 -16.04 13.10 54.78
N VAL A 601 -16.27 11.84 55.15
CA VAL A 601 -17.62 11.26 55.27
C VAL A 601 -17.93 11.04 56.74
N CYS A 602 -19.17 11.33 57.15
CA CYS A 602 -19.59 11.14 58.54
C CYS A 602 -20.94 10.43 58.60
N VAL A 603 -21.04 9.46 59.52
CA VAL A 603 -22.25 8.66 59.77
C VAL A 603 -22.35 8.36 61.26
N ASN A 604 -23.59 8.22 61.73
CA ASN A 604 -23.88 7.95 63.15
C ASN A 604 -24.51 6.57 63.35
N VAL A 605 -23.93 5.81 64.29
CA VAL A 605 -24.36 4.45 64.63
C VAL A 605 -24.80 4.42 66.10
N LYS A 606 -25.98 3.86 66.34
CA LYS A 606 -26.56 3.81 67.67
C LYS A 606 -27.07 2.38 67.93
N ASN A 607 -26.87 1.90 69.16
CA ASN A 607 -27.29 0.55 69.56
C ASN A 607 -28.72 0.60 70.08
N THR A 608 -29.70 0.22 69.25
CA THR A 608 -31.09 0.24 69.69
C THR A 608 -31.55 -1.06 70.37
N GLY A 609 -30.62 -1.86 70.89
CA GLY A 609 -30.94 -3.12 71.54
C GLY A 609 -30.58 -3.13 73.01
N GLU A 610 -30.76 -4.27 73.65
CA GLU A 610 -30.60 -4.33 75.10
C GLU A 610 -29.40 -5.16 75.58
N ARG A 611 -28.45 -5.42 74.70
CA ARG A 611 -27.16 -5.99 75.07
C ARG A 611 -26.09 -5.15 74.41
N ALA A 612 -24.98 -4.95 75.09
CA ALA A 612 -23.90 -4.22 74.46
C ALA A 612 -23.23 -5.06 73.36
N GLY A 613 -22.61 -4.38 72.39
CA GLY A 613 -21.89 -5.10 71.33
C GLY A 613 -21.08 -4.16 70.46
N LYS A 614 -20.30 -4.75 69.55
CA LYS A 614 -19.47 -4.00 68.61
C LYS A 614 -20.04 -4.13 67.20
N GLU A 615 -20.14 -3.02 66.45
CA GLU A 615 -20.73 -3.04 65.12
C GLU A 615 -19.75 -2.60 64.03
N ILE A 616 -19.83 -3.28 62.88
CA ILE A 616 -18.95 -3.10 61.73
C ILE A 616 -19.67 -2.32 60.63
N VAL A 617 -19.06 -1.21 60.17
CA VAL A 617 -19.65 -0.33 59.17
C VAL A 617 -18.80 -0.40 57.89
N GLN A 618 -19.44 -0.69 56.76
CA GLN A 618 -18.78 -0.82 55.45
C GLN A 618 -19.21 0.35 54.56
N LEU A 619 -18.25 0.99 53.90
CA LEU A 619 -18.52 2.14 53.04
C LEU A 619 -18.12 1.77 51.62
N TYR A 620 -19.07 1.90 50.69
CA TYR A 620 -18.86 1.61 49.27
C TYR A 620 -19.03 2.88 48.42
N VAL A 621 -18.38 2.88 47.27
CA VAL A 621 -18.49 3.95 46.30
C VAL A 621 -19.11 3.36 45.03
N ARG A 622 -19.95 4.15 44.36
CA ARG A 622 -20.62 3.75 43.12
C ARG A 622 -20.36 4.82 42.07
N ASP A 623 -19.51 4.52 41.09
CA ASP A 623 -19.36 5.39 39.93
C ASP A 623 -20.65 5.33 39.14
N VAL A 624 -21.31 6.48 38.92
CA VAL A 624 -22.65 6.43 38.32
C VAL A 624 -22.60 6.28 36.81
N GLU A 625 -21.63 6.89 36.15
CA GLU A 625 -21.47 6.80 34.70
C GLU A 625 -19.98 6.79 34.43
N SER A 626 -19.53 5.87 33.59
CA SER A 626 -18.12 5.72 33.28
C SER A 626 -18.03 5.22 31.86
N SER A 627 -16.98 5.64 31.13
CA SER A 627 -16.75 5.15 29.77
C SER A 627 -16.05 3.80 29.74
N VAL A 628 -15.78 3.20 30.89
CA VAL A 628 -15.12 1.92 30.94
C VAL A 628 -15.92 1.00 31.85
N ILE A 629 -15.64 -0.29 31.74
CA ILE A 629 -16.36 -1.29 32.52
C ILE A 629 -15.81 -1.28 33.95
N ARG A 630 -16.71 -1.24 34.92
CA ARG A 630 -16.44 -1.15 36.34
C ARG A 630 -17.50 -1.95 37.08
N PRO A 631 -17.18 -2.48 38.26
CA PRO A 631 -18.23 -3.05 39.13
C PRO A 631 -19.21 -1.98 39.59
N LEU A 632 -20.34 -2.43 40.11
CA LEU A 632 -21.36 -1.50 40.57
C LEU A 632 -20.89 -0.79 41.86
N LYS A 633 -20.35 -1.54 42.81
CA LYS A 633 -19.81 -0.98 44.05
C LYS A 633 -18.39 -1.49 44.29
N GLU A 634 -17.60 -0.67 44.98
CA GLU A 634 -16.29 -1.12 45.46
C GLU A 634 -16.14 -0.61 46.89
N LEU A 635 -15.84 -1.54 47.81
CA LEU A 635 -15.61 -1.20 49.21
C LEU A 635 -14.40 -0.29 49.33
N LYS A 636 -14.58 0.84 50.00
CA LYS A 636 -13.56 1.89 50.01
C LYS A 636 -13.28 2.47 51.39
N GLY A 637 -13.74 1.81 52.48
CA GLY A 637 -13.43 2.18 53.86
C GLY A 637 -14.25 1.40 54.88
N PHE A 638 -13.82 1.32 56.16
CA PHE A 638 -14.58 0.58 57.18
C PHE A 638 -14.03 0.87 58.58
N ASP A 639 -14.90 0.65 59.58
CA ASP A 639 -14.53 0.76 61.00
C ASP A 639 -15.49 -0.10 61.82
N LYS A 640 -15.06 -0.42 63.04
CA LYS A 640 -15.79 -1.19 64.05
C LYS A 640 -15.96 -0.35 65.31
N VAL A 641 -17.08 -0.54 66.03
CA VAL A 641 -17.40 0.43 67.07
C VAL A 641 -18.19 -0.27 68.17
N PHE A 642 -17.78 -0.04 69.41
CA PHE A 642 -18.36 -0.69 70.58
C PHE A 642 -19.40 0.23 71.19
N LEU A 643 -20.58 -0.32 71.45
CA LEU A 643 -21.67 0.50 71.96
C LEU A 643 -22.44 -0.24 73.06
N ALA A 644 -22.64 0.46 74.17
CA ALA A 644 -23.55 0.04 75.21
C ALA A 644 -24.96 0.32 74.75
N PRO A 645 -25.96 -0.35 75.33
CA PRO A 645 -27.34 -0.01 75.00
C PRO A 645 -27.61 1.48 75.13
N GLY A 646 -28.36 2.02 74.16
CA GLY A 646 -28.68 3.43 74.05
C GLY A 646 -27.54 4.32 73.60
N GLU A 647 -26.32 3.82 73.50
CA GLU A 647 -25.18 4.64 73.14
C GLU A 647 -25.15 4.87 71.63
N GLU A 648 -24.76 6.06 71.22
CA GLU A 648 -24.61 6.39 69.82
C GLU A 648 -23.26 7.07 69.63
N LYS A 649 -22.62 6.87 68.49
CA LYS A 649 -21.37 7.59 68.23
C LYS A 649 -21.36 8.06 66.78
N THR A 650 -20.19 8.45 66.31
CA THR A 650 -20.03 8.93 64.95
C THR A 650 -18.72 8.44 64.40
N LEU A 651 -18.80 7.83 63.25
CA LEU A 651 -17.62 7.26 62.65
C LEU A 651 -17.27 8.13 61.46
N THR A 652 -15.99 8.16 61.14
CA THR A 652 -15.48 9.12 60.19
C THR A 652 -14.68 8.39 59.15
N PHE A 653 -14.98 8.65 57.89
CA PHE A 653 -14.21 8.08 56.82
C PHE A 653 -13.60 9.22 56.03
N GLU A 654 -12.53 8.90 55.30
CA GLU A 654 -11.85 9.84 54.40
C GLU A 654 -11.78 9.23 53.02
N LEU A 655 -12.33 9.90 52.01
CA LEU A 655 -12.19 9.46 50.63
C LEU A 655 -11.19 10.35 49.89
N GLY A 656 -10.65 9.81 48.81
CA GLY A 656 -9.63 10.51 48.04
C GLY A 656 -9.61 9.99 46.62
N LYS A 657 -8.55 10.35 45.89
CA LYS A 657 -8.49 10.02 44.47
C LYS A 657 -8.71 8.53 44.24
N ARG A 658 -8.03 7.70 45.02
CA ARG A 658 -8.15 6.26 44.88
C ARG A 658 -9.51 5.75 45.32
N SER A 659 -10.33 6.54 46.03
CA SER A 659 -11.71 6.09 46.25
C SER A 659 -12.53 6.14 44.95
N PHE A 660 -12.09 6.90 43.93
CA PHE A 660 -12.93 7.04 42.75
C PHE A 660 -12.31 6.55 41.45
N ALA A 661 -11.00 6.28 41.41
CA ALA A 661 -10.28 6.12 40.15
C ALA A 661 -10.20 4.67 39.67
N TYR A 662 -10.26 4.48 38.35
CA TYR A 662 -9.94 3.22 37.70
C TYR A 662 -8.55 3.34 37.08
N TYR A 663 -7.98 2.21 36.69
CA TYR A 663 -6.65 2.20 36.11
C TYR A 663 -6.72 2.29 34.60
N ASP A 664 -5.85 3.10 34.01
CA ASP A 664 -5.91 3.42 32.58
C ASP A 664 -4.58 3.08 31.91
N PRO A 665 -4.47 1.93 31.23
CA PRO A 665 -3.18 1.51 30.68
C PRO A 665 -2.62 2.46 29.63
N SER A 666 -3.45 3.28 28.98
CA SER A 666 -2.93 4.14 27.94
C SER A 666 -1.99 5.21 28.51
N ILE A 667 -2.42 5.89 29.57
CA ILE A 667 -1.56 6.89 30.21
C ILE A 667 -0.69 6.28 31.32
N LYS A 668 -0.82 4.98 31.58
CA LYS A 668 -0.06 4.27 32.63
C LYS A 668 -0.19 4.97 33.99
N ASP A 669 -1.42 5.28 34.37
CA ASP A 669 -1.70 5.95 35.63
C ASP A 669 -3.17 5.78 35.93
N TRP A 670 -3.58 6.26 37.10
CA TRP A 670 -4.95 6.17 37.61
C TRP A 670 -5.78 7.34 37.12
N MET A 671 -7.07 7.12 36.94
CA MET A 671 -7.84 8.12 36.25
C MET A 671 -9.19 8.32 36.92
N VAL A 672 -9.57 9.58 37.14
CA VAL A 672 -10.91 9.95 37.58
C VAL A 672 -11.66 10.54 36.39
N GLU A 673 -12.90 10.11 36.22
CA GLU A 673 -13.78 10.63 35.18
C GLU A 673 -14.80 11.58 35.81
N THR A 674 -14.80 12.83 35.35
CA THR A 674 -15.68 13.86 35.90
C THR A 674 -17.13 13.40 35.98
N GLY A 675 -17.65 13.23 37.18
CA GLY A 675 -19.04 12.91 37.31
C GLY A 675 -19.49 12.75 38.74
N ALA A 676 -20.66 12.15 38.88
CA ALA A 676 -21.25 11.86 40.17
C ALA A 676 -20.90 10.44 40.60
N PHE A 677 -20.50 10.30 41.88
CA PHE A 677 -20.27 9.01 42.53
C PHE A 677 -21.17 8.92 43.75
N GLU A 678 -21.64 7.72 44.05
CA GLU A 678 -22.56 7.53 45.18
C GLU A 678 -21.86 6.84 46.36
N ILE A 679 -22.01 7.41 47.57
CA ILE A 679 -21.46 6.91 48.83
C ILE A 679 -22.50 6.06 49.56
N LEU A 680 -22.14 4.81 49.91
CA LEU A 680 -23.11 3.83 50.39
C LEU A 680 -22.66 3.20 51.70
N ILE A 681 -23.48 3.36 52.75
CA ILE A 681 -23.20 2.84 54.09
C ILE A 681 -24.12 1.66 54.34
N GLY A 682 -23.55 0.47 54.54
CA GLY A 682 -24.36 -0.71 54.74
C GLY A 682 -23.85 -1.60 55.86
N ARG A 683 -24.76 -2.45 56.36
CA ARG A 683 -24.39 -3.56 57.21
C ARG A 683 -23.82 -4.72 56.44
N SER A 684 -23.96 -4.72 55.11
CA SER A 684 -23.41 -5.77 54.26
C SER A 684 -23.20 -5.19 52.86
N SER A 685 -22.71 -6.04 51.94
CA SER A 685 -22.66 -5.66 50.54
C SER A 685 -24.02 -5.73 49.90
N GLN A 686 -24.97 -6.39 50.57
CA GLN A 686 -26.33 -6.42 50.10
C GLN A 686 -27.22 -5.36 50.71
N ASP A 687 -26.90 -4.92 51.93
CA ASP A 687 -27.80 -4.09 52.74
C ASP A 687 -27.25 -2.67 52.84
N ILE A 688 -27.64 -1.78 51.91
CA ILE A 688 -27.35 -0.36 52.03
C ILE A 688 -28.44 0.32 52.86
N VAL A 689 -28.05 1.19 53.79
CA VAL A 689 -29.01 1.97 54.57
C VAL A 689 -28.97 3.46 54.24
N LEU A 690 -27.88 3.99 53.69
CA LEU A 690 -27.78 5.43 53.51
C LEU A 690 -26.89 5.74 52.33
N ALA A 691 -27.28 6.77 51.56
CA ALA A 691 -26.53 7.19 50.39
C ALA A 691 -26.51 8.72 50.25
N GLU A 692 -25.58 9.19 49.44
CA GLU A 692 -25.39 10.60 49.15
C GLU A 692 -24.50 10.66 47.91
N THR A 693 -24.74 11.64 47.06
CA THR A 693 -23.96 11.79 45.85
C THR A 693 -22.97 12.94 45.98
N VAL A 694 -21.77 12.76 45.43
CA VAL A 694 -20.81 13.84 45.39
C VAL A 694 -20.33 13.97 43.96
N MET A 695 -19.68 15.08 43.67
CA MET A 695 -19.21 15.36 42.32
C MET A 695 -17.70 15.45 42.38
N VAL A 696 -17.03 14.55 41.69
CA VAL A 696 -15.58 14.62 41.59
C VAL A 696 -15.25 15.11 40.18
N ARG A 697 -14.27 16.00 40.07
CA ARG A 697 -13.93 16.63 38.80
C ARG A 697 -12.46 16.40 38.49
N SER A 698 -12.19 15.79 37.33
CA SER A 698 -10.83 15.48 36.92
C SER A 698 -10.02 16.73 36.62
N THR A 699 -8.72 16.67 36.87
CA THR A 699 -7.81 17.76 36.57
C THR A 699 -6.98 17.52 35.32
N VAL A 700 -7.29 16.48 34.54
CA VAL A 700 -6.52 16.11 33.36
C VAL A 700 -7.37 16.41 32.14
N SER A 701 -6.83 17.21 31.23
CA SER A 701 -7.51 17.61 30.01
C SER A 701 -6.81 16.88 28.88
N ARG A 702 -7.52 15.99 28.23
CA ARG A 702 -6.96 15.22 27.13
C ARG A 702 -7.38 15.84 25.81
N LYS A 703 -6.40 16.02 24.91
CA LYS A 703 -6.69 16.53 23.58
C LYS A 703 -7.34 15.44 22.74
N ILE A 704 -8.46 15.78 22.11
CA ILE A 704 -9.14 14.87 21.20
C ILE A 704 -8.44 14.89 19.85
N VAL A 705 -8.08 13.71 19.32
CA VAL A 705 -7.36 13.63 18.04
C VAL A 705 -8.19 12.86 17.03
N TYR A 706 -8.60 13.55 15.97
CA TYR A 706 -9.46 12.98 14.95
C TYR A 706 -8.66 12.09 14.00
N HIS A 707 -9.35 11.14 13.38
CA HIS A 707 -8.74 10.21 12.43
C HIS A 707 -9.80 9.73 11.44
N ARG A 708 -9.36 8.88 10.50
CA ARG A 708 -10.19 8.46 9.37
C ARG A 708 -11.39 7.62 9.77
N ASN A 709 -11.44 7.07 10.99
CA ASN A 709 -12.60 6.30 11.42
C ASN A 709 -13.27 6.90 12.65
N SER A 710 -13.06 8.19 12.92
CA SER A 710 -13.89 8.89 13.91
C SER A 710 -15.33 9.00 13.41
N THR A 711 -16.29 8.92 14.34
CA THR A 711 -17.69 8.96 13.97
C THR A 711 -18.16 10.40 13.77
N VAL A 712 -19.27 10.55 13.04
CA VAL A 712 -19.90 11.87 12.87
C VAL A 712 -20.27 12.46 14.23
N ALA A 713 -20.55 11.59 15.20
CA ALA A 713 -20.80 12.03 16.56
C ALA A 713 -19.52 12.50 17.26
N ASP A 714 -18.35 11.97 16.89
CA ASP A 714 -17.11 12.44 17.51
C ASP A 714 -16.84 13.92 17.18
N LEU A 715 -17.49 14.45 16.16
CA LEU A 715 -17.26 15.84 15.76
C LEU A 715 -17.72 16.81 16.84
N MET A 716 -18.73 16.42 17.63
CA MET A 716 -19.31 17.35 18.59
C MET A 716 -18.50 17.43 19.89
N LEU A 717 -17.21 17.17 19.83
CA LEU A 717 -16.37 17.37 20.98
C LEU A 717 -15.57 18.66 20.89
N THR A 718 -15.49 19.26 19.71
CA THR A 718 -14.79 20.51 19.48
C THR A 718 -15.70 21.43 18.67
N GLU A 719 -15.46 22.73 18.76
CA GLU A 719 -16.34 23.68 18.07
C GLU A 719 -16.00 23.78 16.60
N LYS A 720 -14.76 23.45 16.22
CA LYS A 720 -14.45 23.23 14.82
C LYS A 720 -15.21 22.01 14.29
N GLY A 721 -15.25 20.93 15.07
CA GLY A 721 -15.81 19.68 14.60
C GLY A 721 -17.31 19.74 14.38
N ALA A 722 -18.04 20.35 15.31
CA ALA A 722 -19.48 20.46 15.14
C ALA A 722 -19.86 21.46 14.05
N ALA A 723 -18.92 22.32 13.64
CA ALA A 723 -19.15 23.21 12.49
C ALA A 723 -19.38 22.41 11.22
N PHE A 724 -18.46 21.50 10.92
CA PHE A 724 -18.59 20.61 9.78
C PHE A 724 -19.72 19.60 9.98
N ALA A 725 -20.04 19.29 11.23
CA ALA A 725 -21.08 18.29 11.49
C ALA A 725 -22.43 18.72 10.95
N GLN A 726 -22.73 20.02 11.02
CA GLN A 726 -24.02 20.49 10.52
C GLN A 726 -23.99 20.55 9.00
N LYS A 727 -22.94 21.13 8.43
CA LYS A 727 -22.79 21.16 6.98
C LYS A 727 -22.96 19.77 6.39
N LEU A 728 -22.52 18.75 7.14
CA LEU A 728 -22.63 17.34 6.80
C LEU A 728 -24.06 16.82 6.99
N ARG A 729 -24.18 15.51 7.30
CA ARG A 729 -25.42 14.77 7.56
C ARG A 729 -26.60 15.26 6.69
N GLY A 730 -26.31 16.16 5.74
CA GLY A 730 -27.22 16.60 4.72
C GLY A 730 -26.66 16.11 3.40
N MET A 731 -25.31 16.17 3.30
CA MET A 731 -24.64 15.60 2.14
C MET A 731 -25.00 14.12 1.93
N ILE A 732 -25.43 13.42 2.99
CA ILE A 732 -26.03 12.07 2.91
C ILE A 732 -27.44 12.14 2.33
N PRO A 733 -27.72 11.46 1.21
CA PRO A 733 -29.03 11.65 0.55
C PRO A 733 -30.20 11.00 1.30
N PHE A 734 -30.25 9.68 1.41
CA PHE A 734 -31.33 9.01 2.19
C PHE A 734 -31.51 9.56 3.61
N GLY A 739 -40.45 9.34 8.17
CA GLY A 739 -41.49 9.14 9.18
C GLY A 739 -41.08 8.29 10.37
N GLU A 740 -41.53 8.65 11.59
CA GLU A 740 -41.13 8.03 12.86
C GLU A 740 -40.68 6.58 12.80
N GLU A 741 -41.44 5.74 12.08
CA GLU A 741 -41.24 4.30 12.03
C GLU A 741 -39.78 3.92 11.86
N TYR A 742 -39.04 4.61 11.00
CA TYR A 742 -37.62 4.34 10.83
C TYR A 742 -36.76 5.49 11.35
N ALA A 743 -37.34 6.40 12.14
CA ALA A 743 -36.61 7.52 12.71
C ALA A 743 -35.46 7.04 13.59
N GLU A 744 -35.69 5.95 14.32
CA GLU A 744 -34.72 5.40 15.27
C GLU A 744 -33.37 5.15 14.61
N MET A 745 -33.38 4.41 13.49
CA MET A 745 -32.16 3.95 12.85
C MET A 745 -31.52 5.00 11.94
N LEU A 746 -32.28 5.98 11.42
CA LEU A 746 -31.61 7.00 10.62
C LEU A 746 -30.73 7.88 11.49
N GLU A 747 -31.15 8.18 12.74
CA GLU A 747 -30.24 8.84 13.66
C GLU A 747 -29.09 7.92 14.04
N ALA A 748 -29.40 6.64 14.30
CA ALA A 748 -28.35 5.68 14.67
C ALA A 748 -27.33 5.53 13.56
N PHE A 749 -27.79 5.49 12.31
CA PHE A 749 -26.86 5.44 11.20
C PHE A 749 -25.96 6.67 11.21
N LYS A 750 -26.57 7.85 11.10
CA LYS A 750 -25.84 9.09 10.83
C LYS A 750 -24.83 9.44 11.94
N GLU A 751 -25.12 9.10 13.19
CA GLU A 751 -24.20 9.46 14.28
C GLU A 751 -22.98 8.54 14.33
N SER A 752 -23.09 7.27 13.90
CA SER A 752 -22.03 6.29 14.09
C SER A 752 -21.22 5.97 12.81
N VAL A 753 -21.60 6.51 11.65
CA VAL A 753 -20.78 6.33 10.44
C VAL A 753 -19.41 6.94 10.64
N PRO A 754 -18.33 6.24 10.29
CA PRO A 754 -17.01 6.88 10.30
C PRO A 754 -16.86 7.92 9.19
N LEU A 755 -15.92 8.84 9.41
CA LEU A 755 -15.66 9.89 8.42
C LEU A 755 -15.32 9.31 7.05
N ARG A 756 -14.49 8.26 7.00
CA ARG A 756 -14.19 7.59 5.74
C ARG A 756 -15.43 6.95 5.14
N GLY A 757 -16.40 6.58 5.98
CA GLY A 757 -17.64 6.00 5.52
C GLY A 757 -18.53 6.94 4.73
N LEU A 758 -18.38 8.26 4.92
CA LEU A 758 -19.16 9.22 4.13
C LEU A 758 -18.79 9.13 2.64
N ILE A 759 -17.55 8.72 2.35
CA ILE A 759 -17.12 8.52 0.96
C ILE A 759 -18.07 7.60 0.21
N SER A 760 -18.64 6.60 0.89
CA SER A 760 -19.51 5.67 0.21
C SER A 760 -20.94 6.19 0.02
N PHE A 761 -21.33 7.28 0.69
CA PHE A 761 -22.74 7.71 0.67
C PHE A 761 -22.88 9.22 0.49
N SER A 762 -22.02 9.83 -0.33
CA SER A 762 -22.09 11.28 -0.52
C SER A 762 -22.29 11.68 -1.99
N ALA A 763 -22.60 10.74 -2.86
CA ALA A 763 -22.78 11.00 -4.29
C ALA A 763 -21.51 11.61 -4.87
N GLY A 764 -20.38 11.01 -4.54
CA GLY A 764 -19.11 11.49 -5.03
C GLY A 764 -18.65 12.81 -4.47
N ARG A 765 -19.43 13.43 -3.59
CA ARG A 765 -19.13 14.78 -3.15
C ARG A 765 -18.12 14.85 -2.02
N PHE A 766 -17.75 13.71 -1.44
CA PHE A 766 -16.81 13.68 -0.33
C PHE A 766 -15.81 12.60 -0.63
N THR A 767 -14.56 13.01 -0.82
CA THR A 767 -13.50 12.15 -1.31
C THR A 767 -12.39 12.02 -0.28
N GLU A 768 -11.46 11.11 -0.60
CA GLU A 768 -10.34 10.87 0.29
C GLU A 768 -9.49 12.12 0.45
N GLU A 769 -9.46 12.98 -0.56
CA GLU A 769 -8.73 14.24 -0.45
C GLU A 769 -9.44 15.22 0.49
N ASP A 770 -10.77 15.26 0.46
CA ASP A 770 -11.52 16.12 1.36
C ASP A 770 -11.32 15.69 2.80
N LEU A 771 -11.52 14.40 3.09
CA LEU A 771 -11.32 13.90 4.44
C LEU A 771 -9.90 14.22 4.91
N SER A 772 -8.94 14.18 3.97
CA SER A 772 -7.56 14.55 4.29
C SER A 772 -7.47 16.00 4.74
N LYS A 773 -8.10 16.91 3.98
CA LYS A 773 -8.16 18.30 4.38
C LYS A 773 -8.93 18.47 5.68
N LEU A 774 -10.01 17.70 5.86
CA LEU A 774 -10.77 17.83 7.10
C LEU A 774 -9.92 17.44 8.31
N LEU A 775 -9.07 16.42 8.15
CA LEU A 775 -8.27 15.94 9.28
C LEU A 775 -7.20 16.95 9.67
N GLU A 776 -6.71 17.73 8.71
CA GLU A 776 -5.83 18.85 9.03
C GLU A 776 -6.53 19.86 9.92
N TYR A 777 -7.69 20.34 9.48
CA TYR A 777 -8.42 21.34 10.24
C TYR A 777 -8.71 20.82 11.64
N LEU A 778 -9.21 19.59 11.74
CA LEU A 778 -9.58 19.04 13.04
C LEU A 778 -8.40 18.90 14.00
N ASN A 779 -7.17 18.72 13.49
CA ASN A 779 -6.03 18.45 14.36
C ASN A 779 -5.14 19.67 14.58
N GLY A 780 -5.54 20.85 14.10
CA GLY A 780 -4.70 22.01 14.33
C GLY A 780 -5.37 23.12 15.12
N ARG B 32 -17.22 -20.42 -22.76
CA ARG B 32 -16.55 -19.13 -22.70
C ARG B 32 -15.12 -19.33 -22.26
N ASP B 33 -14.16 -18.74 -22.98
CA ASP B 33 -12.72 -18.88 -22.67
C ASP B 33 -12.29 -17.62 -21.93
N LEU B 34 -12.42 -17.66 -20.59
CA LEU B 34 -12.34 -16.43 -19.83
C LEU B 34 -10.92 -15.85 -19.80
N LYS B 35 -9.89 -16.70 -19.73
CA LYS B 35 -8.53 -16.16 -19.69
C LYS B 35 -8.19 -15.44 -20.99
N ALA B 36 -8.82 -15.88 -22.10
CA ALA B 36 -8.71 -15.15 -23.36
C ALA B 36 -9.37 -13.78 -23.26
N LEU B 37 -10.60 -13.73 -22.73
CA LEU B 37 -11.32 -12.46 -22.68
C LEU B 37 -10.61 -11.45 -21.80
N ILE B 38 -10.09 -11.89 -20.64
CA ILE B 38 -9.39 -10.98 -19.71
C ILE B 38 -8.11 -10.44 -20.34
N SER B 39 -7.46 -11.24 -21.18
CA SER B 39 -6.24 -10.76 -21.81
C SER B 39 -6.50 -9.59 -22.75
N GLN B 40 -7.74 -9.42 -23.23
CA GLN B 40 -8.14 -8.32 -24.10
C GLN B 40 -8.60 -7.09 -23.33
N MET B 41 -8.58 -7.12 -22.00
CA MET B 41 -9.11 -6.02 -21.20
C MET B 41 -8.02 -4.98 -20.94
N THR B 42 -8.42 -3.72 -20.97
CA THR B 42 -7.52 -2.66 -20.53
C THR B 42 -7.39 -2.68 -19.01
N LEU B 43 -6.30 -2.09 -18.51
CA LEU B 43 -6.13 -2.00 -17.05
C LEU B 43 -7.31 -1.28 -16.43
N GLU B 44 -7.85 -0.27 -17.14
CA GLU B 44 -9.01 0.46 -16.66
C GLU B 44 -10.28 -0.39 -16.72
N GLU B 45 -10.48 -1.15 -17.80
CA GLU B 45 -11.67 -1.99 -17.88
C GLU B 45 -11.70 -3.06 -16.78
N LYS B 46 -10.56 -3.72 -16.52
CA LYS B 46 -10.49 -4.70 -15.42
C LYS B 46 -10.87 -4.09 -14.08
N ALA B 47 -10.11 -3.08 -13.62
CA ALA B 47 -10.34 -2.46 -12.31
C ALA B 47 -11.76 -1.89 -12.16
N SER B 48 -12.41 -1.49 -13.26
CA SER B 48 -13.78 -0.99 -13.17
C SER B 48 -14.76 -2.09 -12.81
N LEU B 49 -14.42 -3.35 -13.09
CA LEU B 49 -15.22 -4.49 -12.63
C LEU B 49 -15.13 -4.68 -11.12
N CYS B 50 -14.09 -4.14 -10.46
CA CYS B 50 -13.92 -4.48 -9.06
C CYS B 50 -14.86 -3.74 -8.14
N THR B 51 -15.70 -2.85 -8.65
CA THR B 51 -16.74 -2.23 -7.85
C THR B 51 -18.04 -2.28 -8.63
N GLY B 52 -19.14 -1.97 -7.95
CA GLY B 52 -20.43 -1.91 -8.59
C GLY B 52 -20.52 -0.83 -9.65
N ARG B 53 -21.65 -0.83 -10.36
CA ARG B 53 -22.04 0.26 -11.24
C ARG B 53 -22.90 1.28 -10.51
N ASP B 54 -23.83 0.82 -9.67
CA ASP B 54 -24.61 1.69 -8.79
C ASP B 54 -24.84 1.05 -7.42
N THR B 55 -26.06 1.14 -6.88
CA THR B 55 -26.34 0.59 -5.55
C THR B 55 -26.64 -0.90 -5.62
N TRP B 56 -27.17 -1.35 -6.74
CA TRP B 56 -27.56 -2.73 -6.79
C TRP B 56 -27.08 -3.50 -8.02
N HIS B 57 -26.32 -2.90 -8.94
CA HIS B 57 -25.93 -3.60 -10.15
C HIS B 57 -24.42 -3.66 -10.34
N THR B 58 -23.97 -4.60 -11.18
CA THR B 58 -22.56 -4.71 -11.50
C THR B 58 -22.22 -3.92 -12.75
N GLN B 59 -20.92 -3.71 -12.95
CA GLN B 59 -20.41 -2.93 -14.08
C GLN B 59 -20.43 -3.75 -15.37
N PRO B 60 -21.13 -3.31 -16.43
CA PRO B 60 -20.95 -3.95 -17.73
C PRO B 60 -19.78 -3.33 -18.46
N ILE B 61 -19.19 -4.10 -19.37
CA ILE B 61 -18.24 -3.58 -20.34
C ILE B 61 -18.82 -3.96 -21.71
N GLU B 62 -19.58 -3.04 -22.30
CA GLU B 62 -20.33 -3.36 -23.51
C GLU B 62 -19.41 -3.70 -24.67
N ARG B 63 -18.18 -3.15 -24.66
CA ARG B 63 -17.20 -3.38 -25.71
C ARG B 63 -16.86 -4.86 -25.91
N LEU B 64 -16.95 -5.67 -24.83
CA LEU B 64 -16.62 -7.10 -24.86
C LEU B 64 -17.79 -7.99 -24.44
N GLY B 65 -19.03 -7.50 -24.53
CA GLY B 65 -20.20 -8.35 -24.28
C GLY B 65 -20.30 -8.93 -22.89
N ILE B 66 -19.75 -8.24 -21.90
CA ILE B 66 -19.94 -8.57 -20.48
C ILE B 66 -21.19 -7.82 -20.01
N PRO B 67 -22.21 -8.52 -19.51
CA PRO B 67 -23.47 -7.88 -19.14
C PRO B 67 -23.39 -7.27 -17.73
N SER B 68 -24.52 -6.65 -17.35
CA SER B 68 -24.80 -6.20 -15.98
C SER B 68 -25.77 -7.17 -15.32
N VAL B 69 -25.62 -7.44 -14.00
CA VAL B 69 -26.59 -8.21 -13.22
C VAL B 69 -26.89 -7.49 -11.91
N MET B 70 -28.00 -7.88 -11.25
CA MET B 70 -28.61 -7.15 -10.13
C MET B 70 -28.68 -8.01 -8.88
N MET B 71 -28.18 -7.48 -7.74
CA MET B 71 -28.30 -8.02 -6.39
C MET B 71 -29.49 -7.41 -5.64
N THR B 72 -30.06 -8.17 -4.71
CA THR B 72 -31.19 -7.64 -3.94
C THR B 72 -31.30 -8.32 -2.58
N ASP B 73 -31.57 -7.52 -1.56
CA ASP B 73 -31.62 -7.97 -0.17
C ASP B 73 -32.79 -8.94 0.04
N GLY B 74 -32.72 -9.63 1.19
CA GLY B 74 -33.79 -10.45 1.66
C GLY B 74 -33.37 -11.84 2.07
N PRO B 75 -32.95 -12.00 3.33
CA PRO B 75 -32.82 -13.36 3.87
C PRO B 75 -34.15 -14.15 3.90
N HIS B 76 -35.31 -13.45 3.92
CA HIS B 76 -36.59 -14.16 3.98
C HIS B 76 -37.65 -13.43 3.17
N GLY B 77 -37.27 -12.85 2.05
CA GLY B 77 -38.23 -12.22 1.18
C GLY B 77 -37.54 -11.23 0.29
N LEU B 78 -38.11 -10.93 -0.87
CA LEU B 78 -37.46 -10.04 -1.82
C LEU B 78 -37.70 -8.58 -1.47
N ARG B 79 -36.63 -7.78 -1.44
CA ARG B 79 -36.81 -6.34 -1.22
C ARG B 79 -36.35 -5.59 -2.44
N LYS B 80 -36.97 -5.86 -3.59
CA LYS B 80 -36.50 -5.27 -4.83
C LYS B 80 -36.98 -3.85 -4.89
N GLN B 81 -36.05 -2.91 -4.97
CA GLN B 81 -36.42 -1.51 -4.88
C GLN B 81 -36.47 -0.94 -6.28
N LYS B 82 -37.67 -0.50 -6.64
CA LYS B 82 -37.99 0.13 -7.91
C LYS B 82 -37.01 1.23 -8.27
N ALA B 83 -36.98 2.32 -7.49
CA ALA B 83 -36.17 3.48 -7.83
C ALA B 83 -35.62 4.07 -6.53
N ALA B 84 -34.73 3.35 -5.87
CA ALA B 84 -34.32 3.76 -4.54
C ALA B 84 -32.90 3.28 -4.22
N SER B 85 -32.01 4.25 -3.98
CA SER B 85 -30.66 3.96 -3.50
C SER B 85 -30.70 3.97 -1.97
N ASP B 86 -31.36 2.94 -1.43
CA ASP B 86 -31.66 2.80 -0.01
C ASP B 86 -31.20 1.41 0.47
N HIS B 87 -30.06 1.37 1.16
CA HIS B 87 -29.49 0.15 1.72
C HIS B 87 -29.96 -0.14 3.14
N LEU B 88 -30.99 0.57 3.61
CA LEU B 88 -31.52 0.42 4.96
C LEU B 88 -33.00 0.07 4.97
N GLY B 89 -33.62 -0.07 3.81
CA GLY B 89 -35.04 -0.40 3.76
C GLY B 89 -35.97 0.70 4.22
N LEU B 90 -35.65 1.96 3.88
CA LEU B 90 -36.43 3.13 4.27
C LEU B 90 -37.49 3.48 3.24
N PHE B 91 -37.24 3.15 1.99
CA PHE B 91 -38.14 3.46 0.90
C PHE B 91 -38.89 2.20 0.51
N ASP B 92 -40.18 2.37 0.16
CA ASP B 92 -41.01 1.25 -0.29
C ASP B 92 -40.35 0.55 -1.48
N SER B 93 -40.73 -0.71 -1.69
CA SER B 93 -40.10 -1.56 -2.69
C SER B 93 -41.19 -2.29 -3.44
N VAL B 94 -40.79 -3.12 -4.39
CA VAL B 94 -41.74 -3.95 -5.14
C VAL B 94 -42.29 -5.01 -4.20
N PRO B 95 -43.61 -5.22 -4.16
CA PRO B 95 -44.17 -6.17 -3.20
C PRO B 95 -43.94 -7.63 -3.60
N SER B 96 -43.60 -8.48 -2.60
CA SER B 96 -43.23 -9.89 -2.73
C SER B 96 -43.66 -10.69 -1.48
N THR B 97 -43.49 -12.02 -1.54
CA THR B 97 -43.92 -12.83 -0.40
C THR B 97 -42.97 -12.61 0.77
N CYS B 98 -43.53 -12.33 1.95
CA CYS B 98 -42.76 -12.15 3.17
C CYS B 98 -42.86 -13.42 3.98
N PHE B 99 -41.83 -14.25 3.90
CA PHE B 99 -41.81 -15.48 4.68
C PHE B 99 -41.46 -15.20 6.15
N PRO B 100 -41.71 -16.15 7.06
CA PRO B 100 -41.30 -15.95 8.44
C PRO B 100 -39.81 -15.68 8.53
N SER B 101 -39.40 -15.01 9.60
CA SER B 101 -38.02 -14.61 9.77
C SER B 101 -37.20 -15.77 10.32
N ALA B 102 -35.89 -15.70 10.09
CA ALA B 102 -34.99 -16.79 10.43
C ALA B 102 -35.25 -17.35 11.84
N VAL B 103 -35.59 -16.49 12.80
CA VAL B 103 -35.60 -16.93 14.21
C VAL B 103 -36.58 -18.09 14.39
N GLY B 104 -37.80 -17.97 13.87
CA GLY B 104 -38.77 -19.04 14.02
C GLY B 104 -38.59 -20.20 13.05
N VAL B 105 -38.08 -19.91 11.83
CA VAL B 105 -37.80 -20.99 10.90
C VAL B 105 -36.67 -21.87 11.44
N ALA B 106 -35.72 -21.29 12.15
CA ALA B 106 -34.75 -22.14 12.84
C ALA B 106 -35.42 -23.00 13.91
N SER B 107 -36.47 -22.51 14.54
CA SER B 107 -37.19 -23.33 15.51
C SER B 107 -37.88 -24.55 14.91
N SER B 108 -37.94 -24.64 13.59
CA SER B 108 -38.55 -25.78 12.94
C SER B 108 -37.61 -26.97 12.94
N TRP B 109 -36.29 -26.70 13.04
CA TRP B 109 -35.29 -27.76 12.97
C TRP B 109 -35.55 -28.66 11.75
N ASN B 110 -35.96 -28.04 10.65
CA ASN B 110 -36.46 -28.78 9.49
C ASN B 110 -35.64 -28.40 8.24
N ARG B 111 -34.53 -29.14 8.00
CA ARG B 111 -33.65 -28.83 6.89
C ARG B 111 -34.37 -28.84 5.55
N ASP B 112 -35.42 -29.67 5.39
CA ASP B 112 -36.11 -29.72 4.09
C ASP B 112 -37.20 -28.64 3.98
N LEU B 113 -37.77 -28.22 5.11
CA LEU B 113 -38.74 -27.12 5.08
C LEU B 113 -38.08 -25.84 4.60
N ILE B 114 -36.87 -25.55 5.09
CA ILE B 114 -36.24 -24.31 4.66
C ILE B 114 -35.75 -24.47 3.22
N GLU B 115 -35.53 -25.69 2.77
CA GLU B 115 -35.02 -25.85 1.40
C GLU B 115 -36.10 -25.57 0.36
N ARG B 116 -37.35 -25.90 0.70
CA ARG B 116 -38.51 -25.52 -0.10
C ARG B 116 -38.74 -24.01 -0.06
N MET B 117 -38.53 -23.37 1.11
CA MET B 117 -38.64 -21.92 1.20
C MET B 117 -37.66 -21.26 0.24
N GLY B 118 -36.40 -21.69 0.26
CA GLY B 118 -35.41 -21.09 -0.61
C GLY B 118 -35.73 -21.24 -2.09
N GLN B 119 -36.45 -22.33 -2.45
CA GLN B 119 -36.88 -22.55 -3.82
C GLN B 119 -37.93 -21.55 -4.22
N ALA B 120 -38.89 -21.30 -3.32
CA ALA B 120 -39.86 -20.26 -3.59
C ALA B 120 -39.17 -18.92 -3.82
N LEU B 121 -38.25 -18.55 -2.91
CA LEU B 121 -37.51 -17.31 -3.07
C LEU B 121 -36.76 -17.29 -4.41
N GLY B 122 -36.25 -18.46 -4.85
CA GLY B 122 -35.54 -18.51 -6.11
C GLY B 122 -36.48 -18.29 -7.29
N LYS B 123 -37.71 -18.80 -7.20
CA LYS B 123 -38.75 -18.58 -8.22
C LYS B 123 -39.19 -17.12 -8.29
N GLU B 124 -39.14 -16.40 -7.16
CA GLU B 124 -39.43 -14.97 -7.10
C GLU B 124 -38.27 -14.16 -7.64
N CYS B 125 -37.04 -14.63 -7.49
CA CYS B 125 -35.93 -13.92 -8.11
C CYS B 125 -35.94 -14.07 -9.63
N GLN B 126 -36.34 -15.23 -10.17
CA GLN B 126 -36.33 -15.41 -11.62
C GLN B 126 -37.35 -14.51 -12.32
N ALA B 127 -38.51 -14.32 -11.70
CA ALA B 127 -39.57 -13.53 -12.31
C ALA B 127 -39.29 -12.03 -12.20
N GLU B 128 -38.52 -11.60 -11.20
CA GLU B 128 -38.14 -10.21 -11.07
C GLU B 128 -36.78 -9.91 -11.69
N ASN B 129 -36.21 -10.84 -12.45
CA ASN B 129 -34.90 -10.63 -13.05
C ASN B 129 -33.87 -10.24 -11.97
N VAL B 130 -33.87 -10.99 -10.86
CA VAL B 130 -32.91 -10.80 -9.77
C VAL B 130 -31.79 -11.83 -9.91
N ALA B 131 -30.56 -11.36 -10.08
CA ALA B 131 -29.45 -12.26 -10.32
C ALA B 131 -29.04 -13.00 -9.06
N VAL B 132 -28.74 -12.26 -7.98
CA VAL B 132 -28.19 -12.81 -6.75
C VAL B 132 -28.99 -12.25 -5.59
N LEU B 133 -29.40 -13.13 -4.67
CA LEU B 133 -30.19 -12.76 -3.50
C LEU B 133 -29.27 -12.66 -2.29
N LEU B 134 -29.20 -11.50 -1.66
CA LEU B 134 -28.25 -11.25 -0.56
C LEU B 134 -28.78 -11.90 0.71
N GLY B 135 -28.22 -13.07 1.05
CA GLY B 135 -28.70 -13.91 2.12
C GLY B 135 -28.31 -15.38 1.89
N PRO B 136 -28.58 -16.26 2.87
CA PRO B 136 -29.12 -15.98 4.21
C PRO B 136 -28.05 -15.34 5.09
N GLY B 137 -28.42 -14.86 6.27
CA GLY B 137 -27.45 -14.45 7.27
C GLY B 137 -27.35 -15.55 8.30
N ALA B 138 -26.13 -15.78 8.80
CA ALA B 138 -25.91 -16.88 9.73
C ALA B 138 -25.01 -16.52 10.93
N ASN B 139 -24.93 -15.25 11.30
CA ASN B 139 -24.11 -14.84 12.44
C ASN B 139 -24.59 -15.51 13.72
N ILE B 140 -23.66 -15.69 14.68
CA ILE B 140 -23.98 -16.42 15.91
C ILE B 140 -24.61 -15.45 16.92
N LYS B 141 -25.64 -15.93 17.65
CA LYS B 141 -26.38 -15.12 18.62
C LYS B 141 -25.65 -15.11 19.96
N ARG B 142 -24.67 -14.21 20.10
CA ARG B 142 -23.88 -14.10 21.32
C ARG B 142 -24.66 -13.49 22.48
N SER B 143 -25.41 -12.40 22.23
CA SER B 143 -26.19 -11.76 23.28
C SER B 143 -27.66 -11.72 22.90
N PRO B 144 -28.57 -11.91 23.85
CA PRO B 144 -30.00 -11.81 23.53
C PRO B 144 -30.43 -10.45 23.00
N LEU B 145 -29.70 -9.38 23.31
CA LEU B 145 -30.13 -8.03 23.00
C LEU B 145 -29.78 -7.60 21.59
N CYS B 146 -28.98 -8.38 20.86
CA CYS B 146 -28.55 -7.94 19.54
C CYS B 146 -29.76 -7.62 18.66
N GLY B 147 -29.68 -6.46 18.00
CA GLY B 147 -30.80 -6.01 17.20
C GLY B 147 -31.19 -7.00 16.12
N ARG B 148 -30.21 -7.55 15.41
CA ARG B 148 -30.52 -8.30 14.22
C ARG B 148 -30.69 -9.80 14.49
N ASN B 149 -30.94 -10.20 15.75
CA ASN B 149 -31.14 -11.63 16.05
C ASN B 149 -32.33 -12.23 15.30
N PHE B 150 -33.32 -11.40 14.94
CA PHE B 150 -34.53 -11.95 14.33
C PHE B 150 -34.22 -12.52 12.95
N GLU B 151 -33.20 -12.00 12.28
CA GLU B 151 -32.85 -12.48 10.94
C GLU B 151 -31.60 -13.34 10.96
N TYR B 152 -31.22 -13.85 12.14
CA TYR B 152 -30.19 -14.88 12.31
C TYR B 152 -30.83 -16.19 12.80
N PHE B 153 -30.11 -17.31 12.64
CA PHE B 153 -30.68 -18.64 12.85
C PHE B 153 -30.56 -19.12 14.29
N SER B 154 -29.38 -19.06 14.90
CA SER B 154 -29.28 -19.69 16.22
C SER B 154 -28.03 -19.22 16.97
N GLU B 155 -27.97 -19.60 18.25
CA GLU B 155 -26.74 -19.46 19.04
C GLU B 155 -25.78 -20.64 18.84
N ASP B 156 -26.19 -21.69 18.15
CA ASP B 156 -25.41 -22.90 18.05
C ASP B 156 -24.82 -23.07 16.66
N PRO B 157 -23.51 -23.32 16.53
CA PRO B 157 -22.90 -23.28 15.18
C PRO B 157 -23.39 -24.41 14.25
N TYR B 158 -23.80 -25.56 14.80
CA TYR B 158 -24.26 -26.69 13.99
C TYR B 158 -25.64 -26.40 13.40
N LEU B 159 -26.66 -26.22 14.27
CA LEU B 159 -28.02 -25.93 13.81
C LEU B 159 -28.00 -24.78 12.83
N SER B 160 -27.21 -23.75 13.13
CA SER B 160 -27.13 -22.61 12.25
C SER B 160 -26.60 -23.04 10.89
N SER B 161 -25.49 -23.78 10.90
CA SER B 161 -24.86 -24.11 9.64
C SER B 161 -25.77 -24.95 8.77
N GLU B 162 -26.57 -25.83 9.39
CA GLU B 162 -27.51 -26.66 8.65
C GLU B 162 -28.56 -25.82 7.92
N MET B 163 -29.35 -25.06 8.69
CA MET B 163 -30.39 -24.24 8.08
C MET B 163 -29.82 -23.31 7.01
N ALA B 164 -28.70 -22.65 7.30
CA ALA B 164 -28.08 -21.79 6.30
C ALA B 164 -27.74 -22.55 5.02
N ALA B 165 -27.18 -23.78 5.15
CA ALA B 165 -26.77 -24.54 3.96
C ALA B 165 -27.97 -24.95 3.12
N HIS B 166 -29.01 -25.49 3.75
CA HIS B 166 -30.20 -25.87 2.98
C HIS B 166 -30.96 -24.67 2.44
N HIS B 167 -30.91 -23.52 3.10
CA HIS B 167 -31.37 -22.28 2.49
C HIS B 167 -30.69 -22.09 1.13
N ILE B 168 -29.36 -22.09 1.14
CA ILE B 168 -28.57 -21.88 -0.07
C ILE B 168 -28.93 -22.92 -1.14
N MET B 169 -29.10 -24.18 -0.74
CA MET B 169 -29.37 -25.20 -1.75
C MET B 169 -30.68 -24.88 -2.49
N GLY B 170 -31.75 -24.58 -1.74
CA GLY B 170 -33.05 -24.34 -2.35
C GLY B 170 -33.06 -23.12 -3.29
N VAL B 171 -32.58 -21.97 -2.79
CA VAL B 171 -32.42 -20.82 -3.67
C VAL B 171 -31.63 -21.22 -4.91
N GLN B 172 -30.45 -21.83 -4.71
CA GLN B 172 -29.58 -22.04 -5.87
C GLN B 172 -30.08 -23.16 -6.78
N SER B 173 -30.99 -24.01 -6.32
CA SER B 173 -31.54 -25.00 -7.24
C SER B 173 -32.21 -24.34 -8.45
N GLN B 174 -32.76 -23.12 -8.28
CA GLN B 174 -33.44 -22.45 -9.37
C GLN B 174 -32.49 -21.63 -10.23
N GLY B 175 -31.19 -21.80 -10.05
CA GLY B 175 -30.22 -20.99 -10.80
C GLY B 175 -30.12 -19.54 -10.37
N VAL B 176 -30.17 -19.27 -9.07
CA VAL B 176 -30.06 -17.92 -8.50
C VAL B 176 -28.99 -17.94 -7.42
N GLY B 177 -28.14 -16.92 -7.39
CA GLY B 177 -27.07 -16.87 -6.42
C GLY B 177 -27.44 -16.33 -5.03
N THR B 178 -26.52 -16.52 -4.09
CA THR B 178 -26.69 -16.14 -2.69
C THR B 178 -25.45 -15.45 -2.14
N SER B 179 -25.65 -14.73 -1.06
CA SER B 179 -24.57 -14.00 -0.43
C SER B 179 -24.72 -14.32 1.05
N LEU B 180 -24.16 -15.47 1.46
CA LEU B 180 -24.01 -15.86 2.85
C LEU B 180 -23.37 -14.73 3.63
N LYS B 181 -24.08 -14.18 4.61
CA LYS B 181 -23.85 -12.78 4.96
C LYS B 181 -23.36 -12.56 6.39
N HIS B 182 -22.43 -11.59 6.47
CA HIS B 182 -21.76 -10.92 7.60
C HIS B 182 -20.67 -11.82 8.14
N PHE B 183 -19.73 -12.13 7.26
CA PHE B 183 -18.66 -13.08 7.52
C PHE B 183 -17.63 -12.38 8.40
N ALA B 184 -17.62 -12.78 9.67
CA ALA B 184 -16.85 -12.28 10.81
C ALA B 184 -17.72 -12.41 12.04
N ALA B 185 -17.47 -11.59 13.04
CA ALA B 185 -18.23 -11.65 14.27
C ALA B 185 -19.06 -10.38 14.38
N ASN B 186 -20.05 -10.25 13.51
CA ASN B 186 -21.00 -9.13 13.54
C ASN B 186 -22.13 -9.48 14.51
N ASN B 187 -21.76 -9.55 15.79
CA ASN B 187 -22.65 -10.05 16.83
C ASN B 187 -23.32 -8.95 17.65
N GLN B 188 -23.05 -7.68 17.36
CA GLN B 188 -23.79 -6.59 17.95
C GLN B 188 -23.86 -5.45 16.95
N GLU B 189 -24.89 -4.61 17.06
CA GLU B 189 -25.03 -3.50 16.14
C GLU B 189 -24.31 -2.23 16.61
N TYR B 190 -24.21 -2.00 17.91
CA TYR B 190 -23.61 -0.77 18.42
C TYR B 190 -22.21 -0.56 17.83
N ARG B 191 -22.03 0.53 17.10
CA ARG B 191 -20.72 0.95 16.55
C ARG B 191 -20.13 -0.11 15.61
N ARG B 192 -21.00 -0.77 14.84
CA ARG B 192 -20.54 -1.89 14.03
C ARG B 192 -19.48 -1.48 13.01
N MET B 193 -19.53 -0.27 12.49
CA MET B 193 -18.56 0.02 11.44
C MET B 193 -17.18 0.38 11.96
N THR B 194 -17.02 0.44 13.27
CA THR B 194 -15.75 0.77 13.88
C THR B 194 -15.41 -0.15 15.05
N SER B 195 -16.31 -1.05 15.44
CA SER B 195 -16.09 -1.94 16.58
C SER B 195 -15.07 -3.03 16.26
N ASP B 196 -14.35 -3.45 17.29
CA ASP B 196 -13.33 -4.49 17.18
C ASP B 196 -13.76 -5.75 17.94
N SER B 197 -14.04 -6.83 17.23
CA SER B 197 -14.31 -8.12 17.87
C SER B 197 -13.00 -8.79 18.27
N VAL B 198 -12.79 -8.92 19.58
CA VAL B 198 -11.59 -9.50 20.16
C VAL B 198 -11.95 -10.95 20.52
N VAL B 199 -11.60 -11.89 19.63
CA VAL B 199 -12.00 -13.30 19.73
C VAL B 199 -10.76 -14.17 19.63
N ASN B 200 -10.53 -15.02 20.63
CA ASN B 200 -9.42 -15.96 20.62
C ASN B 200 -9.67 -17.06 19.60
N GLU B 201 -8.59 -17.71 19.16
CA GLU B 201 -8.66 -18.61 18.01
C GLU B 201 -9.60 -19.79 18.25
N ARG B 202 -9.53 -20.43 19.43
CA ARG B 202 -10.42 -21.56 19.68
C ARG B 202 -11.87 -21.13 19.58
N THR B 203 -12.25 -20.10 20.31
CA THR B 203 -13.62 -19.61 20.26
C THR B 203 -14.03 -19.22 18.83
N LEU B 204 -13.15 -18.53 18.11
CA LEU B 204 -13.45 -18.07 16.76
C LEU B 204 -13.67 -19.24 15.82
N ARG B 205 -12.85 -20.30 15.93
CA ARG B 205 -12.96 -21.49 15.07
C ARG B 205 -14.14 -22.35 15.46
N GLU B 206 -14.26 -22.69 16.75
CA GLU B 206 -15.29 -23.65 17.16
C GLU B 206 -16.69 -23.06 17.06
N ILE B 207 -16.83 -21.76 17.33
CA ILE B 207 -18.14 -21.11 17.45
C ILE B 207 -18.50 -20.31 16.22
N TYR B 208 -17.79 -19.21 15.97
CA TYR B 208 -18.30 -18.21 15.03
C TYR B 208 -18.12 -18.67 13.59
N LEU B 209 -16.89 -19.04 13.21
CA LEU B 209 -16.60 -19.47 11.86
C LEU B 209 -17.26 -20.81 11.47
N THR B 210 -17.62 -21.65 12.46
CA THR B 210 -18.18 -22.96 12.15
C THR B 210 -19.65 -22.87 11.72
N SER B 211 -20.34 -21.81 12.15
CA SER B 211 -21.65 -21.49 11.57
C SER B 211 -21.54 -21.22 10.10
N PHE B 212 -20.41 -20.69 9.64
CA PHE B 212 -20.20 -20.45 8.22
C PHE B 212 -19.64 -21.66 7.46
N GLU B 213 -18.74 -22.44 8.10
CA GLU B 213 -17.97 -23.48 7.41
C GLU B 213 -18.87 -24.52 6.70
N GLY B 214 -19.79 -25.13 7.45
CA GLY B 214 -20.68 -26.13 6.86
C GLY B 214 -21.46 -25.62 5.66
N ALA B 215 -21.91 -24.36 5.72
CA ALA B 215 -22.70 -23.82 4.62
C ALA B 215 -21.85 -23.54 3.41
N VAL B 216 -20.64 -22.99 3.60
CA VAL B 216 -19.79 -22.70 2.45
C VAL B 216 -19.45 -23.97 1.70
N LYS B 217 -19.21 -25.06 2.44
CA LYS B 217 -18.67 -26.31 1.92
C LYS B 217 -19.73 -27.18 1.23
N LYS B 218 -20.91 -27.34 1.85
CA LYS B 218 -21.98 -28.20 1.33
C LYS B 218 -22.83 -27.49 0.30
N ALA B 219 -23.15 -26.24 0.56
CA ALA B 219 -24.06 -25.49 -0.29
C ALA B 219 -23.34 -24.72 -1.39
N ARG B 220 -22.09 -24.30 -1.18
CA ARG B 220 -21.31 -23.56 -2.18
C ARG B 220 -22.02 -22.29 -2.64
N PRO B 221 -22.34 -21.39 -1.73
CA PRO B 221 -22.95 -20.13 -2.15
C PRO B 221 -22.02 -19.40 -3.12
N TRP B 222 -22.62 -18.81 -4.17
CA TRP B 222 -21.86 -18.12 -5.22
C TRP B 222 -21.03 -16.97 -4.67
N THR B 223 -21.51 -16.28 -3.65
CA THR B 223 -20.80 -15.17 -3.02
C THR B 223 -20.89 -15.30 -1.52
N VAL B 224 -19.94 -14.65 -0.83
CA VAL B 224 -19.98 -14.42 0.61
C VAL B 224 -19.81 -12.93 0.86
N MET B 225 -20.64 -12.36 1.72
CA MET B 225 -20.56 -10.96 2.07
C MET B 225 -19.82 -10.84 3.39
N CYS B 226 -18.83 -9.94 3.45
CA CYS B 226 -18.09 -9.66 4.69
C CYS B 226 -18.82 -8.62 5.55
N SER B 227 -18.42 -8.50 6.82
CA SER B 227 -19.12 -7.64 7.78
C SER B 227 -18.43 -6.29 8.02
N TYR B 228 -19.13 -5.40 8.72
CA TYR B 228 -18.65 -4.05 8.97
C TYR B 228 -17.58 -3.97 10.05
N ASN B 229 -17.44 -5.00 10.88
CA ASN B 229 -16.59 -4.89 12.07
C ASN B 229 -15.15 -5.31 11.76
N LYS B 230 -14.28 -5.11 12.74
CA LYS B 230 -12.97 -5.74 12.70
C LYS B 230 -13.05 -7.07 13.44
N VAL B 231 -12.19 -8.00 13.06
CA VAL B 231 -11.92 -9.19 13.86
C VAL B 231 -10.45 -9.15 14.22
N ASN B 232 -10.15 -9.06 15.52
CA ASN B 232 -8.78 -8.96 16.04
C ASN B 232 -7.99 -7.84 15.38
N GLY B 233 -8.58 -6.64 15.37
CA GLY B 233 -7.86 -5.45 14.98
C GLY B 233 -7.67 -5.26 13.49
N GLU B 234 -8.45 -5.97 12.67
CA GLU B 234 -8.38 -5.80 11.22
C GLU B 234 -9.79 -5.87 10.65
N TYR B 235 -10.17 -4.84 9.90
CA TYR B 235 -11.47 -4.79 9.24
C TYR B 235 -11.72 -6.04 8.38
N ALA B 236 -12.93 -6.58 8.49
CA ALA B 236 -13.28 -7.81 7.76
C ALA B 236 -12.93 -7.69 6.28
N ALA B 237 -13.30 -6.58 5.66
CA ALA B 237 -13.04 -6.37 4.24
C ALA B 237 -11.56 -6.31 3.92
N GLU B 238 -10.68 -6.42 4.88
CA GLU B 238 -9.29 -6.50 4.45
C GLU B 238 -8.49 -7.49 5.29
N ASN B 239 -9.16 -8.47 5.91
CA ASN B 239 -8.46 -9.45 6.72
C ASN B 239 -8.09 -10.65 5.84
N GLU B 240 -6.87 -10.58 5.27
CA GLU B 240 -6.44 -11.57 4.30
C GLU B 240 -6.48 -12.98 4.89
N ARG B 241 -6.11 -13.12 6.17
CA ARG B 241 -6.19 -14.43 6.80
C ARG B 241 -7.62 -14.95 6.83
N LEU B 242 -8.60 -14.05 6.92
CA LEU B 242 -9.99 -14.46 6.99
C LEU B 242 -10.59 -14.71 5.60
N LEU B 243 -10.36 -13.79 4.64
CA LEU B 243 -10.96 -13.90 3.30
C LEU B 243 -10.18 -14.85 2.39
N THR B 244 -8.84 -14.85 2.46
CA THR B 244 -8.07 -15.77 1.65
C THR B 244 -7.69 -17.04 2.41
N GLY B 245 -7.05 -16.89 3.57
CA GLY B 245 -6.52 -18.04 4.29
C GLY B 245 -7.58 -19.06 4.69
N ILE B 246 -8.68 -18.59 5.29
CA ILE B 246 -9.73 -19.49 5.73
C ILE B 246 -10.80 -19.66 4.65
N LEU B 247 -11.32 -18.59 4.06
CA LEU B 247 -12.42 -18.82 3.13
C LEU B 247 -11.94 -19.42 1.82
N LYS B 248 -10.92 -18.83 1.21
CA LYS B 248 -10.50 -19.33 -0.11
C LYS B 248 -9.64 -20.58 0.01
N GLN B 249 -8.56 -20.53 0.80
CA GLN B 249 -7.59 -21.63 0.82
C GLN B 249 -8.08 -22.82 1.64
N GLU B 250 -8.34 -22.63 2.93
CA GLU B 250 -8.76 -23.74 3.78
C GLU B 250 -10.10 -24.33 3.32
N TRP B 251 -11.14 -23.52 3.24
CA TRP B 251 -12.43 -24.08 2.90
C TRP B 251 -12.64 -24.24 1.39
N GLY B 252 -11.78 -23.66 0.56
CA GLY B 252 -11.95 -23.86 -0.86
C GLY B 252 -13.18 -23.21 -1.47
N HIS B 253 -13.56 -22.02 -0.99
CA HIS B 253 -14.66 -21.28 -1.60
C HIS B 253 -14.28 -20.87 -3.02
N GLU B 254 -15.08 -21.26 -4.01
CA GLU B 254 -14.81 -20.98 -5.43
C GLU B 254 -15.34 -19.63 -5.92
N GLY B 255 -16.41 -19.08 -5.33
CA GLY B 255 -16.99 -17.82 -5.76
C GLY B 255 -16.20 -16.59 -5.36
N PHE B 256 -16.85 -15.44 -5.17
CA PHE B 256 -16.11 -14.23 -4.81
C PHE B 256 -16.71 -13.59 -3.58
N VAL B 257 -15.93 -12.66 -3.03
CA VAL B 257 -16.29 -11.96 -1.81
C VAL B 257 -16.79 -10.57 -2.20
N VAL B 258 -17.93 -10.18 -1.63
CA VAL B 258 -18.48 -8.84 -1.78
C VAL B 258 -18.60 -8.17 -0.41
N SER B 259 -18.35 -6.87 -0.36
CA SER B 259 -18.40 -6.14 0.91
C SER B 259 -19.83 -5.79 1.30
N ASP B 260 -20.05 -5.67 2.60
CA ASP B 260 -21.29 -5.03 3.02
C ASP B 260 -21.28 -3.58 2.49
N TRP B 261 -22.45 -2.94 2.53
CA TRP B 261 -22.58 -1.68 1.82
C TRP B 261 -21.82 -0.56 2.55
N GLY B 262 -20.73 -0.10 1.93
CA GLY B 262 -19.89 0.94 2.47
C GLY B 262 -18.81 0.47 3.41
N ALA B 263 -18.67 -0.85 3.59
CA ALA B 263 -17.78 -1.43 4.59
C ALA B 263 -16.32 -1.26 4.25
N VAL B 264 -15.96 -1.03 2.99
CA VAL B 264 -14.56 -1.05 2.63
C VAL B 264 -13.88 0.14 3.32
N ASN B 265 -12.66 -0.09 3.79
CA ASN B 265 -11.80 0.93 4.40
C ASN B 265 -10.71 1.40 3.46
N ASP B 266 -10.08 0.50 2.72
CA ASP B 266 -9.15 0.86 1.65
C ASP B 266 -9.33 -0.15 0.51
N ARG B 267 -9.63 0.34 -0.71
CA ARG B 267 -9.94 -0.59 -1.79
C ARG B 267 -8.74 -1.45 -2.15
N VAL B 268 -7.56 -0.83 -2.28
CA VAL B 268 -6.41 -1.61 -2.72
C VAL B 268 -6.03 -2.66 -1.67
N LYS B 269 -6.03 -2.29 -0.39
CA LYS B 269 -5.74 -3.30 0.64
C LYS B 269 -6.77 -4.43 0.62
N SER B 270 -8.03 -4.13 0.30
CA SER B 270 -9.08 -5.14 0.29
C SER B 270 -8.91 -6.11 -0.89
N LEU B 271 -8.49 -5.62 -2.06
CA LEU B 271 -8.21 -6.48 -3.18
C LEU B 271 -7.08 -7.44 -2.85
N ALA B 272 -5.98 -6.91 -2.32
CA ALA B 272 -4.86 -7.74 -1.89
C ALA B 272 -5.31 -8.80 -0.89
N ALA B 273 -6.38 -8.54 -0.13
CA ALA B 273 -6.81 -9.51 0.88
C ALA B 273 -7.83 -10.52 0.37
N GLY B 274 -8.44 -10.30 -0.81
CA GLY B 274 -9.41 -11.27 -1.29
C GLY B 274 -10.85 -10.79 -1.40
N LEU B 275 -11.06 -9.49 -1.48
CA LEU B 275 -12.39 -8.93 -1.67
C LEU B 275 -12.51 -8.45 -3.12
N GLU B 276 -13.43 -9.08 -3.86
CA GLU B 276 -13.49 -8.85 -5.29
C GLU B 276 -14.41 -7.69 -5.66
N LEU B 277 -15.53 -7.52 -4.95
CA LEU B 277 -16.57 -6.54 -5.32
C LEU B 277 -16.84 -5.57 -4.18
N GLU B 278 -16.59 -4.28 -4.42
CA GLU B 278 -16.96 -3.24 -3.44
C GLU B 278 -18.38 -2.77 -3.68
N MET B 279 -19.22 -2.88 -2.67
CA MET B 279 -20.53 -2.27 -2.83
C MET B 279 -20.75 -1.21 -1.77
N PRO B 280 -21.44 -0.13 -2.10
CA PRO B 280 -21.97 0.20 -3.42
C PRO B 280 -20.84 0.81 -4.28
N HIS B 281 -21.13 1.32 -5.49
CA HIS B 281 -20.10 1.84 -6.41
C HIS B 281 -19.33 3.00 -5.79
N GLU B 282 -18.01 2.88 -5.81
CA GLU B 282 -17.10 3.93 -5.37
C GLU B 282 -16.00 4.03 -6.42
N GLY B 283 -16.06 5.08 -7.25
CA GLY B 283 -15.18 5.24 -8.40
C GLY B 283 -13.74 5.58 -8.05
N ALA B 284 -13.49 6.17 -6.88
CA ALA B 284 -12.12 6.45 -6.49
C ALA B 284 -11.34 5.15 -6.34
N GLY B 285 -11.97 4.12 -5.72
CA GLY B 285 -11.32 2.83 -5.57
C GLY B 285 -10.80 2.23 -6.87
N THR B 286 -11.46 2.53 -7.98
CA THR B 286 -10.99 2.05 -9.27
C THR B 286 -9.69 2.75 -9.68
N LYS B 287 -9.66 4.09 -9.60
CA LYS B 287 -8.43 4.82 -9.95
C LYS B 287 -7.27 4.45 -9.05
N GLN B 288 -7.58 4.01 -7.82
CA GLN B 288 -6.53 3.56 -6.91
C GLN B 288 -5.97 2.20 -7.32
N ILE B 289 -6.84 1.27 -7.72
CA ILE B 289 -6.36 -0.02 -8.19
C ILE B 289 -5.43 0.16 -9.38
N ILE B 290 -5.81 1.04 -10.31
CA ILE B 290 -4.99 1.29 -11.49
C ILE B 290 -3.62 1.81 -11.09
N GLU B 291 -3.57 2.76 -10.16
CA GLU B 291 -2.29 3.34 -9.76
C GLU B 291 -1.43 2.37 -8.94
N ALA B 292 -2.04 1.36 -8.31
CA ALA B 292 -1.26 0.38 -7.58
C ALA B 292 -0.52 -0.55 -8.53
N VAL B 293 -1.15 -0.87 -9.66
CA VAL B 293 -0.50 -1.68 -10.68
C VAL B 293 0.70 -0.96 -11.27
N GLU B 294 0.49 0.31 -11.67
CA GLU B 294 1.52 1.09 -12.38
C GLU B 294 2.72 1.44 -11.50
N SER B 295 2.50 1.67 -10.21
CA SER B 295 3.59 1.98 -9.30
C SER B 295 4.31 0.74 -8.78
N GLY B 296 3.94 -0.46 -9.24
CA GLY B 296 4.57 -1.67 -8.76
C GLY B 296 4.24 -2.04 -7.34
N GLN B 297 3.07 -1.65 -6.84
CA GLN B 297 2.65 -2.02 -5.50
C GLN B 297 1.63 -3.15 -5.48
N LEU B 298 0.90 -3.35 -6.58
CA LEU B 298 -0.07 -4.43 -6.73
C LEU B 298 0.21 -5.08 -8.08
N ALA B 299 0.47 -6.39 -8.04
CA ALA B 299 0.72 -7.15 -9.26
C ALA B 299 -0.55 -7.22 -10.10
N GLU B 300 -0.43 -6.98 -11.41
CA GLU B 300 -1.60 -7.03 -12.28
C GLU B 300 -2.21 -8.42 -12.36
N GLU B 301 -1.44 -9.47 -12.02
CA GLU B 301 -1.97 -10.83 -11.99
C GLU B 301 -2.83 -11.10 -10.77
N LYS B 302 -2.63 -10.35 -9.68
CA LYS B 302 -3.62 -10.38 -8.60
C LYS B 302 -4.98 -9.90 -9.13
N LEU B 303 -4.97 -8.84 -9.94
CA LEU B 303 -6.19 -8.28 -10.50
C LEU B 303 -6.81 -9.22 -11.54
N ASP B 304 -5.97 -9.82 -12.39
CA ASP B 304 -6.48 -10.79 -13.36
C ASP B 304 -7.24 -11.92 -12.66
N LEU B 305 -6.64 -12.47 -11.60
CA LEU B 305 -7.31 -13.50 -10.79
C LEU B 305 -8.64 -13.02 -10.25
N ALA B 306 -8.71 -11.74 -9.86
CA ALA B 306 -9.97 -11.23 -9.32
C ALA B 306 -11.04 -11.15 -10.41
N VAL B 307 -10.67 -10.65 -11.60
CA VAL B 307 -11.64 -10.56 -12.71
C VAL B 307 -12.14 -11.93 -13.10
N GLU B 308 -11.30 -12.96 -12.98
CA GLU B 308 -11.72 -14.32 -13.35
C GLU B 308 -12.77 -14.86 -12.37
N ARG B 309 -12.60 -14.58 -11.08
CA ARG B 309 -13.61 -15.01 -10.11
C ARG B 309 -14.95 -14.33 -10.37
N LEU B 310 -14.95 -12.99 -10.46
CA LEU B 310 -16.15 -12.21 -10.73
C LEU B 310 -16.87 -12.64 -12.00
N LEU B 311 -16.17 -12.63 -13.14
CA LEU B 311 -16.83 -12.96 -14.41
C LEU B 311 -17.40 -14.38 -14.40
N THR B 312 -16.78 -15.30 -13.63
CA THR B 312 -17.28 -16.66 -13.59
C THR B 312 -18.68 -16.71 -12.97
N VAL B 313 -18.91 -15.93 -11.92
CA VAL B 313 -20.23 -15.98 -11.31
C VAL B 313 -21.24 -15.23 -12.16
N ILE B 314 -20.82 -14.16 -12.83
CA ILE B 314 -21.77 -13.31 -13.52
C ILE B 314 -22.30 -14.02 -14.76
N PHE B 315 -21.41 -14.57 -15.57
CA PHE B 315 -21.87 -15.33 -16.73
C PHE B 315 -22.73 -16.50 -16.29
N ARG B 316 -22.45 -17.06 -15.12
CA ARG B 316 -23.27 -18.14 -14.62
C ARG B 316 -24.72 -17.69 -14.44
N SER B 317 -24.94 -16.57 -13.78
CA SER B 317 -26.32 -16.19 -13.50
C SER B 317 -27.05 -15.80 -14.77
N VAL B 318 -26.31 -15.23 -15.73
CA VAL B 318 -26.87 -14.93 -17.05
C VAL B 318 -27.29 -16.21 -17.77
N ASP B 319 -26.33 -17.14 -17.94
CA ASP B 319 -26.56 -18.42 -18.64
C ASP B 319 -27.64 -19.27 -17.98
N GLN B 320 -27.85 -19.10 -16.68
CA GLN B 320 -28.86 -19.85 -15.94
C GLN B 320 -30.16 -19.08 -15.79
N HIS B 321 -30.21 -17.83 -16.28
CA HIS B 321 -31.44 -17.05 -16.21
C HIS B 321 -32.52 -17.68 -17.09
N LYS B 322 -33.75 -17.71 -16.58
CA LYS B 322 -34.88 -18.31 -17.29
C LYS B 322 -35.83 -17.20 -17.77
N GLU B 323 -35.78 -16.89 -19.06
CA GLU B 323 -36.58 -15.75 -19.54
C GLU B 323 -38.06 -16.09 -19.46
N GLY B 324 -38.87 -15.07 -19.21
CA GLY B 324 -40.29 -15.24 -19.12
C GLY B 324 -40.80 -15.79 -17.81
N ALA B 325 -39.93 -15.99 -16.82
CA ALA B 325 -40.35 -16.54 -15.53
C ALA B 325 -41.50 -15.77 -14.91
N VAL B 326 -42.42 -16.52 -14.29
CA VAL B 326 -43.50 -15.97 -13.47
C VAL B 326 -43.58 -16.77 -12.18
N TYR B 327 -44.60 -16.48 -11.36
CA TYR B 327 -44.84 -17.25 -10.15
C TYR B 327 -46.22 -16.95 -9.60
N ASP B 328 -46.77 -17.90 -8.82
CA ASP B 328 -48.13 -17.81 -8.30
C ASP B 328 -48.15 -17.12 -6.95
N PRO B 329 -48.47 -15.81 -6.85
CA PRO B 329 -48.52 -15.21 -5.50
C PRO B 329 -49.48 -15.93 -4.58
N GLU B 330 -50.51 -16.60 -5.11
CA GLU B 330 -51.47 -17.30 -4.26
C GLU B 330 -50.84 -18.46 -3.49
N ALA B 331 -50.00 -19.24 -4.16
CA ALA B 331 -49.46 -20.43 -3.54
C ALA B 331 -48.32 -20.09 -2.60
N HIS B 332 -47.52 -19.07 -2.93
CA HIS B 332 -46.47 -18.73 -2.00
C HIS B 332 -47.05 -18.27 -0.66
N HIS B 333 -48.25 -17.67 -0.67
CA HIS B 333 -48.92 -17.39 0.59
C HIS B 333 -49.33 -18.66 1.31
N LYS B 334 -49.75 -19.72 0.57
CA LYS B 334 -49.89 -21.06 1.14
C LYS B 334 -48.57 -21.54 1.72
N LEU B 335 -47.52 -21.52 0.89
CA LEU B 335 -46.21 -21.99 1.34
C LEU B 335 -45.78 -21.28 2.61
N ALA B 336 -46.03 -19.98 2.67
CA ALA B 336 -45.68 -19.18 3.83
C ALA B 336 -46.58 -19.51 4.99
N ARG B 337 -47.80 -19.94 4.72
CA ARG B 337 -48.60 -20.38 5.85
C ARG B 337 -48.07 -21.68 6.41
N GLU B 338 -47.50 -22.53 5.56
CA GLU B 338 -47.01 -23.81 6.08
C GLU B 338 -45.75 -23.61 6.88
N ILE B 339 -44.79 -22.88 6.33
CA ILE B 339 -43.55 -22.62 7.07
C ILE B 339 -43.89 -22.12 8.45
N ALA B 340 -44.86 -21.20 8.53
CA ALA B 340 -45.17 -20.54 9.78
C ALA B 340 -45.60 -21.55 10.83
N ALA B 341 -46.53 -22.42 10.47
CA ALA B 341 -47.08 -23.27 11.50
C ALA B 341 -46.04 -24.23 12.07
N GLU B 342 -44.93 -24.47 11.37
CA GLU B 342 -43.84 -25.28 11.91
C GLU B 342 -42.79 -24.44 12.62
N SER B 343 -42.98 -23.11 12.65
CA SER B 343 -41.97 -22.18 13.12
C SER B 343 -42.44 -21.48 14.39
N MET B 344 -43.27 -22.14 15.18
CA MET B 344 -43.76 -21.48 16.38
C MET B 344 -43.72 -22.49 17.50
N VAL B 345 -43.20 -22.06 18.65
CA VAL B 345 -42.89 -22.96 19.76
C VAL B 345 -43.98 -22.83 20.77
N LEU B 346 -44.72 -23.92 21.02
CA LEU B 346 -45.65 -23.89 22.14
C LEU B 346 -44.83 -23.94 23.41
N LEU B 347 -44.84 -22.86 24.18
CA LEU B 347 -43.94 -22.84 25.32
C LEU B 347 -44.53 -23.48 26.56
N LYS B 348 -45.83 -23.47 26.73
CA LYS B 348 -46.37 -23.92 28.00
C LYS B 348 -47.83 -24.23 27.81
N ASN B 349 -48.34 -25.21 28.56
CA ASN B 349 -49.75 -25.56 28.39
C ASN B 349 -50.28 -26.42 29.53
N GLU B 350 -50.90 -25.79 30.52
CA GLU B 350 -51.45 -26.44 31.71
C GLU B 350 -52.91 -26.80 31.47
N ASP B 351 -53.34 -27.92 32.05
CA ASP B 351 -54.75 -28.32 32.20
C ASP B 351 -55.50 -28.48 30.88
N ARG B 352 -54.77 -28.60 29.77
CA ARG B 352 -55.36 -28.80 28.44
C ARG B 352 -56.17 -27.58 27.99
N ILE B 353 -55.70 -26.38 28.33
CA ILE B 353 -56.40 -25.22 27.80
C ILE B 353 -56.24 -25.18 26.29
N LEU B 354 -55.09 -25.64 25.78
CA LEU B 354 -54.91 -25.77 24.34
C LEU B 354 -54.91 -27.25 23.93
N PRO B 355 -55.43 -27.61 22.77
CA PRO B 355 -56.01 -26.78 21.72
C PRO B 355 -57.46 -26.40 22.06
N LEU B 356 -57.97 -25.26 21.57
CA LEU B 356 -59.28 -24.76 21.99
C LEU B 356 -60.42 -25.58 21.41
N LYS B 357 -61.55 -25.55 22.10
CA LYS B 357 -62.75 -26.22 21.63
C LYS B 357 -63.53 -25.33 20.65
N ARG B 358 -64.13 -25.94 19.64
CA ARG B 358 -65.04 -25.19 18.76
C ARG B 358 -66.41 -25.10 19.41
N GLU B 359 -66.48 -24.25 20.43
CA GLU B 359 -67.73 -23.90 21.10
C GLU B 359 -67.49 -22.72 22.02
N GLY B 360 -68.59 -22.22 22.59
CA GLY B 360 -68.63 -21.13 23.55
C GLY B 360 -68.15 -19.84 22.94
N THR B 361 -67.71 -18.95 23.81
CA THR B 361 -67.24 -17.65 23.40
C THR B 361 -65.76 -17.54 23.75
N ILE B 362 -64.96 -17.08 22.78
CA ILE B 362 -63.51 -16.90 22.93
C ILE B 362 -63.21 -15.41 22.86
N ALA B 363 -62.60 -14.88 23.91
CA ALA B 363 -62.28 -13.45 24.00
C ALA B 363 -60.85 -13.21 23.51
N VAL B 364 -60.70 -12.56 22.36
CA VAL B 364 -59.38 -12.20 21.83
C VAL B 364 -59.07 -10.77 22.24
N ILE B 365 -57.88 -10.56 22.82
CA ILE B 365 -57.54 -9.35 23.58
C ILE B 365 -56.17 -8.84 23.16
N GLY B 366 -56.04 -7.55 22.86
CA GLY B 366 -54.66 -7.05 22.61
C GLY B 366 -54.43 -6.52 21.21
N GLU B 367 -53.84 -5.34 21.11
CA GLU B 367 -53.77 -4.66 19.82
C GLU B 367 -52.92 -5.41 18.81
N LEU B 368 -51.98 -6.25 19.27
CA LEU B 368 -51.17 -6.97 18.29
C LEU B 368 -51.98 -8.00 17.49
N ALA B 369 -53.23 -8.27 17.88
CA ALA B 369 -54.14 -9.05 17.05
C ALA B 369 -54.74 -8.22 15.91
N LYS B 370 -54.70 -6.88 16.00
CA LYS B 370 -55.21 -6.06 14.93
C LYS B 370 -54.12 -5.36 14.14
N VAL B 371 -52.97 -5.14 14.77
CA VAL B 371 -51.79 -4.60 14.10
C VAL B 371 -50.71 -5.66 14.20
N PRO B 372 -50.64 -6.59 13.27
CA PRO B 372 -49.76 -7.74 13.47
C PRO B 372 -48.29 -7.35 13.40
N ARG B 373 -47.50 -7.98 14.27
CA ARG B 373 -46.05 -7.94 14.26
C ARG B 373 -45.59 -9.26 13.65
N TYR B 374 -45.00 -9.20 12.43
CA TYR B 374 -44.68 -10.41 11.69
C TYR B 374 -43.31 -10.43 11.01
N GLN B 375 -42.52 -9.35 11.08
CA GLN B 375 -41.16 -9.31 10.55
C GLN B 375 -40.35 -8.26 11.32
N GLY B 376 -39.16 -7.95 10.82
CA GLY B 376 -38.32 -6.96 11.44
C GLY B 376 -38.28 -5.68 10.63
N SER B 377 -37.29 -4.85 10.94
CA SER B 377 -37.05 -3.61 10.19
C SER B 377 -35.59 -3.54 9.81
N GLY B 378 -35.30 -2.74 8.80
CA GLY B 378 -33.99 -2.69 8.18
C GLY B 378 -34.04 -3.31 6.80
N SER B 379 -32.86 -3.60 6.27
CA SER B 379 -32.73 -4.10 4.89
C SER B 379 -33.36 -5.48 4.68
N SER B 380 -34.07 -6.01 5.67
CA SER B 380 -34.80 -7.25 5.47
C SER B 380 -36.31 -7.04 5.47
N GLN B 381 -36.78 -5.80 5.34
CA GLN B 381 -38.21 -5.52 5.50
C GLN B 381 -38.88 -5.70 4.15
N ILE B 382 -39.92 -6.52 4.14
CA ILE B 382 -40.58 -6.93 2.90
C ILE B 382 -41.85 -6.11 2.80
N LYS B 383 -42.24 -5.77 1.57
CA LYS B 383 -43.57 -5.24 1.34
C LYS B 383 -44.45 -6.39 0.90
N PRO B 384 -45.42 -6.83 1.71
CA PRO B 384 -46.13 -8.09 1.45
C PRO B 384 -47.03 -8.03 0.20
N THR B 385 -47.48 -9.22 -0.20
CA THR B 385 -48.41 -9.35 -1.32
C THR B 385 -49.86 -9.56 -0.90
N ARG B 386 -50.10 -10.12 0.28
CA ARG B 386 -51.38 -10.10 0.97
C ARG B 386 -51.02 -10.00 2.46
N LEU B 387 -52.01 -9.90 3.33
CA LEU B 387 -51.70 -9.91 4.76
C LEU B 387 -52.95 -10.33 5.50
N ASP B 388 -52.78 -11.20 6.48
CA ASP B 388 -53.91 -11.81 7.16
C ASP B 388 -54.46 -10.90 8.26
N ASP B 389 -55.76 -11.10 8.56
CA ASP B 389 -56.44 -10.55 9.72
C ASP B 389 -56.54 -11.65 10.78
N ILE B 390 -55.76 -11.53 11.86
CA ILE B 390 -55.70 -12.57 12.89
C ILE B 390 -57.10 -12.87 13.42
N VAL B 391 -57.90 -11.83 13.66
CA VAL B 391 -59.26 -12.05 14.19
C VAL B 391 -60.12 -12.74 13.15
N PHE B 392 -59.99 -12.33 11.88
CA PHE B 392 -60.75 -12.98 10.83
C PHE B 392 -60.45 -14.48 10.76
N GLU B 393 -59.17 -14.85 10.83
CA GLU B 393 -58.82 -16.28 10.74
C GLU B 393 -59.27 -17.07 11.95
N LEU B 394 -59.14 -16.53 13.16
CA LEU B 394 -59.65 -17.22 14.36
C LEU B 394 -61.16 -17.35 14.31
N ALA B 395 -61.86 -16.25 13.97
CA ALA B 395 -63.29 -16.30 13.68
C ALA B 395 -63.60 -17.40 12.69
N ALA B 396 -62.83 -17.45 11.60
CA ALA B 396 -62.99 -18.48 10.58
C ALA B 396 -62.85 -19.88 11.16
N SER B 397 -61.70 -20.17 11.78
CA SER B 397 -61.44 -21.52 12.29
C SER B 397 -62.40 -21.89 13.41
N ALA B 398 -62.92 -20.90 14.14
CA ALA B 398 -63.82 -21.23 15.24
C ALA B 398 -65.11 -21.87 14.72
N GLY B 399 -65.62 -21.39 13.58
CA GLY B 399 -66.86 -21.94 13.05
C GLY B 399 -68.10 -21.31 13.68
N GLU B 400 -69.26 -21.77 13.20
CA GLU B 400 -70.59 -21.28 13.55
C GLU B 400 -71.07 -21.75 14.92
N HIS B 401 -70.36 -22.61 15.61
CA HIS B 401 -70.76 -22.98 16.96
C HIS B 401 -69.96 -22.22 18.01
N ALA B 402 -69.22 -21.20 17.61
CA ALA B 402 -68.40 -20.43 18.52
C ALA B 402 -68.50 -18.96 18.15
N ARG B 403 -68.54 -18.13 19.17
CA ARG B 403 -68.55 -16.68 19.03
C ARG B 403 -67.13 -16.24 19.35
N VAL B 404 -66.49 -15.52 18.43
CA VAL B 404 -65.20 -14.89 18.70
C VAL B 404 -65.40 -13.39 18.81
N THR B 405 -65.02 -12.81 19.96
CA THR B 405 -65.06 -11.36 20.20
C THR B 405 -63.67 -10.73 20.20
N TYR B 406 -63.63 -9.41 20.01
CA TYR B 406 -62.38 -8.66 20.04
C TYR B 406 -62.53 -7.39 20.86
N THR B 407 -61.62 -7.19 21.84
CA THR B 407 -61.43 -5.94 22.58
C THR B 407 -59.94 -5.58 22.56
N GLN B 408 -59.64 -4.29 22.40
CA GLN B 408 -58.28 -3.87 22.12
C GLN B 408 -57.38 -4.06 23.34
N GLY B 409 -57.73 -3.44 24.45
CA GLY B 409 -57.03 -3.69 25.71
C GLY B 409 -55.87 -2.76 26.07
N TYR B 410 -54.93 -2.58 25.17
CA TYR B 410 -53.79 -1.72 25.48
C TYR B 410 -53.45 -0.95 24.21
N ASP B 411 -52.39 -0.14 24.30
CA ASP B 411 -52.06 0.85 23.28
C ASP B 411 -50.59 0.72 22.89
N LEU B 412 -50.35 0.17 21.69
CA LEU B 412 -48.99 -0.12 21.23
C LEU B 412 -48.09 1.10 21.18
N LYS B 413 -48.65 2.31 21.09
CA LYS B 413 -47.79 3.47 20.96
C LYS B 413 -47.51 4.15 22.29
N SER B 414 -47.77 3.47 23.39
CA SER B 414 -47.56 4.04 24.72
C SER B 414 -47.03 2.97 25.66
N ASP B 415 -46.53 3.45 26.80
CA ASP B 415 -46.15 2.63 27.94
C ASP B 415 -47.09 2.84 29.13
N ASP B 416 -48.24 3.45 28.90
CA ASP B 416 -49.15 3.84 29.97
C ASP B 416 -50.43 3.00 29.92
N ILE B 417 -50.93 2.63 31.10
CA ILE B 417 -52.19 1.92 31.19
C ILE B 417 -53.33 2.81 30.68
N ASN B 418 -54.40 2.20 30.17
CA ASN B 418 -55.59 2.87 29.68
C ASN B 418 -56.79 2.35 30.47
N ALA B 419 -57.41 3.19 31.30
CA ALA B 419 -58.47 2.66 32.14
C ALA B 419 -59.69 2.28 31.32
N VAL B 420 -59.84 2.85 30.13
CA VAL B 420 -61.02 2.59 29.32
C VAL B 420 -60.91 1.24 28.63
N LEU B 421 -59.80 0.99 27.96
CA LEU B 421 -59.57 -0.33 27.39
C LEU B 421 -59.46 -1.42 28.44
N THR B 422 -58.86 -1.10 29.61
CA THR B 422 -58.64 -2.08 30.66
C THR B 422 -59.93 -2.58 31.28
N GLU B 423 -60.96 -1.71 31.34
CA GLU B 423 -62.27 -2.18 31.79
C GLU B 423 -63.03 -2.94 30.71
N GLU B 424 -62.82 -2.61 29.45
CA GLU B 424 -63.55 -3.30 28.38
C GLU B 424 -63.03 -4.72 28.23
N ALA B 425 -61.71 -4.88 28.23
CA ALA B 425 -61.12 -6.21 28.18
C ALA B 425 -61.61 -7.06 29.33
N LEU B 426 -61.56 -6.53 30.55
CA LEU B 426 -62.06 -7.31 31.70
C LEU B 426 -63.50 -7.75 31.48
N GLN B 427 -64.33 -6.88 30.93
CA GLN B 427 -65.73 -7.25 30.72
C GLN B 427 -65.86 -8.35 29.68
N ALA B 428 -65.06 -8.25 28.59
CA ALA B 428 -65.06 -9.30 27.57
C ALA B 428 -64.63 -10.62 28.15
N ALA B 429 -63.52 -10.64 28.89
CA ALA B 429 -63.01 -11.90 29.43
C ALA B 429 -63.96 -12.51 30.45
N LYS B 430 -64.57 -11.67 31.30
CA LYS B 430 -65.53 -12.17 32.27
C LYS B 430 -66.69 -12.90 31.61
N GLU B 431 -67.05 -12.52 30.39
CA GLU B 431 -68.15 -13.19 29.72
C GLU B 431 -67.73 -14.43 28.95
N ALA B 432 -66.45 -14.58 28.67
CA ALA B 432 -66.02 -15.68 27.84
C ALA B 432 -65.70 -16.89 28.70
N SER B 433 -65.53 -18.02 28.03
CA SER B 433 -65.02 -19.22 28.70
C SER B 433 -63.51 -19.20 28.77
N VAL B 434 -62.86 -18.61 27.76
CA VAL B 434 -61.43 -18.60 27.58
C VAL B 434 -61.06 -17.26 26.97
N ALA B 435 -59.81 -16.85 27.17
CA ALA B 435 -59.33 -15.58 26.62
C ALA B 435 -57.95 -15.78 26.03
N VAL B 436 -57.75 -15.33 24.80
CA VAL B 436 -56.44 -15.38 24.14
C VAL B 436 -55.95 -13.93 24.05
N LEU B 437 -54.84 -13.64 24.74
CA LEU B 437 -54.30 -12.29 24.81
C LEU B 437 -53.05 -12.21 23.96
N PHE B 438 -53.07 -11.32 22.98
CA PHE B 438 -51.91 -11.09 22.11
C PHE B 438 -51.05 -9.98 22.72
N ALA B 439 -49.80 -10.32 23.10
CA ALA B 439 -48.80 -9.38 23.57
C ALA B 439 -47.50 -9.64 22.81
N GLY B 440 -46.44 -8.89 23.14
CA GLY B 440 -45.20 -9.09 22.43
C GLY B 440 -44.33 -7.86 22.48
N LEU B 441 -43.64 -7.56 21.38
CA LEU B 441 -42.72 -6.44 21.31
C LEU B 441 -43.10 -5.55 20.14
N PRO B 442 -43.38 -4.26 20.36
CA PRO B 442 -43.77 -3.38 19.24
C PRO B 442 -42.66 -3.25 18.23
N LYS B 443 -43.08 -2.87 17.00
CA LYS B 443 -42.15 -2.74 15.89
C LYS B 443 -40.91 -1.91 16.22
N ARG B 444 -41.03 -0.89 17.07
CA ARG B 444 -39.90 0.01 17.19
C ARG B 444 -38.78 -0.56 18.03
N TYR B 445 -38.96 -1.75 18.58
CA TYR B 445 -37.97 -2.32 19.50
C TYR B 445 -36.83 -3.05 18.77
N GLU B 446 -37.11 -3.72 17.65
CA GLU B 446 -36.14 -4.56 16.97
C GLU B 446 -35.87 -4.00 15.59
N SER B 447 -34.61 -3.73 15.27
CA SER B 447 -34.26 -3.14 13.99
C SER B 447 -32.78 -3.38 13.70
N GLU B 448 -32.40 -3.27 12.44
CA GLU B 448 -30.99 -3.15 12.08
C GLU B 448 -30.53 -1.76 12.52
N GLY B 449 -29.29 -1.67 12.97
CA GLY B 449 -28.69 -0.42 13.32
C GLY B 449 -28.68 -0.10 14.80
N PHE B 450 -29.34 -0.91 15.63
CA PHE B 450 -29.21 -0.73 17.07
C PHE B 450 -29.72 -1.94 17.82
N ASP B 451 -29.18 -2.13 19.00
CA ASP B 451 -29.60 -3.21 19.89
C ASP B 451 -30.60 -2.70 20.93
N ARG B 452 -31.42 -3.63 21.42
CA ARG B 452 -32.34 -3.39 22.53
C ARG B 452 -31.57 -2.92 23.77
N LYS B 453 -32.22 -2.15 24.63
CA LYS B 453 -31.58 -1.73 25.87
C LYS B 453 -31.96 -2.62 27.04
N HIS B 454 -33.08 -3.32 26.95
CA HIS B 454 -33.50 -4.27 27.97
C HIS B 454 -34.30 -5.39 27.31
N MET B 455 -34.71 -6.36 28.13
CA MET B 455 -35.30 -7.61 27.68
C MET B 455 -36.76 -7.73 28.13
N ARG B 456 -37.42 -6.61 28.40
CA ARG B 456 -38.75 -6.65 28.97
C ARG B 456 -39.80 -6.38 27.89
N MET B 457 -41.01 -6.89 28.13
CA MET B 457 -42.18 -6.49 27.37
C MET B 457 -42.61 -5.09 27.82
N PRO B 458 -43.40 -4.37 27.00
CA PRO B 458 -43.89 -3.06 27.44
C PRO B 458 -44.71 -3.17 28.72
N ASP B 459 -44.71 -2.12 29.52
CA ASP B 459 -45.30 -2.20 30.84
C ASP B 459 -46.82 -2.32 30.81
N ASN B 460 -47.50 -1.48 30.01
CA ASN B 460 -48.97 -1.46 30.00
C ASN B 460 -49.54 -2.76 29.46
N GLN B 461 -48.69 -3.60 28.85
CA GLN B 461 -49.07 -4.96 28.49
C GLN B 461 -48.95 -5.92 29.68
N ILE B 462 -47.82 -5.92 30.40
CA ILE B 462 -47.69 -6.86 31.52
C ILE B 462 -48.84 -6.68 32.51
N ALA B 463 -49.23 -5.42 32.76
CA ALA B 463 -50.30 -5.12 33.71
C ALA B 463 -51.63 -5.66 33.22
N LEU B 464 -51.89 -5.58 31.91
CA LEU B 464 -53.17 -6.07 31.42
C LEU B 464 -53.23 -7.59 31.53
N ILE B 465 -52.11 -8.26 31.31
CA ILE B 465 -52.06 -9.71 31.51
C ILE B 465 -52.44 -10.04 32.95
N GLU B 466 -51.90 -9.28 33.92
CA GLU B 466 -52.13 -9.58 35.32
C GLU B 466 -53.58 -9.35 35.74
N ALA B 467 -54.21 -8.29 35.24
CA ALA B 467 -55.58 -7.98 35.63
C ALA B 467 -56.58 -8.93 34.98
N VAL B 468 -56.45 -9.16 33.67
CA VAL B 468 -57.32 -10.09 32.96
C VAL B 468 -57.25 -11.46 33.63
N ALA B 469 -56.05 -11.84 34.07
CA ALA B 469 -55.85 -13.12 34.77
C ALA B 469 -56.66 -13.18 36.06
N ALA B 470 -56.76 -12.05 36.76
CA ALA B 470 -57.46 -12.01 38.04
C ALA B 470 -58.96 -12.18 37.91
N VAL B 471 -59.53 -11.99 36.72
CA VAL B 471 -60.96 -12.16 36.52
C VAL B 471 -61.27 -13.30 35.58
N GLN B 472 -60.25 -13.88 34.94
CA GLN B 472 -60.42 -14.98 33.99
C GLN B 472 -59.16 -15.82 34.06
N PRO B 473 -59.14 -16.86 34.89
CA PRO B 473 -57.93 -17.69 34.95
C PRO B 473 -57.61 -18.44 33.66
N ASN B 474 -58.59 -18.71 32.80
CA ASN B 474 -58.36 -19.53 31.62
C ASN B 474 -57.79 -18.66 30.52
N LEU B 475 -56.48 -18.40 30.62
CA LEU B 475 -55.82 -17.38 29.81
C LEU B 475 -54.73 -18.01 28.96
N VAL B 476 -54.79 -17.74 27.66
CA VAL B 476 -53.77 -18.15 26.71
C VAL B 476 -53.12 -16.86 26.21
N VAL B 477 -51.79 -16.87 26.11
CA VAL B 477 -50.99 -15.73 25.69
C VAL B 477 -50.18 -16.13 24.45
N VAL B 478 -50.26 -15.32 23.39
CA VAL B 478 -49.46 -15.49 22.18
C VAL B 478 -48.48 -14.32 22.08
N LEU B 479 -47.19 -14.63 21.89
CA LEU B 479 -46.12 -13.63 21.85
C LEU B 479 -45.55 -13.40 20.45
N CYS B 480 -45.45 -12.14 20.07
CA CYS B 480 -44.91 -11.74 18.77
C CYS B 480 -43.68 -10.89 19.05
N ASN B 481 -42.50 -11.40 18.67
CA ASN B 481 -41.20 -10.83 19.02
C ASN B 481 -40.14 -11.54 18.21
N GLY B 482 -39.01 -10.87 17.97
CA GLY B 482 -37.91 -11.47 17.25
C GLY B 482 -36.78 -12.07 18.07
N ALA B 483 -36.89 -12.09 19.42
CA ALA B 483 -35.77 -12.39 20.32
C ALA B 483 -36.29 -12.55 21.74
N PRO B 484 -35.49 -13.06 22.70
CA PRO B 484 -36.07 -13.47 24.00
C PRO B 484 -36.46 -12.30 24.87
N ILE B 485 -37.43 -12.58 25.76
CA ILE B 485 -37.97 -11.60 26.68
C ILE B 485 -38.15 -12.25 28.05
N GLU B 486 -38.23 -11.42 29.09
CA GLU B 486 -38.51 -11.87 30.45
C GLU B 486 -40.01 -12.01 30.65
N MET B 487 -40.43 -12.94 31.52
CA MET B 487 -41.86 -13.27 31.69
C MET B 487 -42.27 -13.33 33.16
N PRO B 488 -42.20 -12.21 33.88
CA PRO B 488 -42.61 -12.24 35.29
C PRO B 488 -44.07 -12.65 35.49
N TRP B 489 -44.89 -12.57 34.44
CA TRP B 489 -46.31 -12.90 34.48
C TRP B 489 -46.60 -14.39 34.25
N LEU B 490 -45.59 -15.18 33.89
CA LEU B 490 -45.79 -16.53 33.38
C LEU B 490 -46.66 -17.40 34.29
N PRO B 491 -46.64 -17.23 35.61
CA PRO B 491 -47.58 -18.01 36.44
C PRO B 491 -49.06 -17.79 36.13
N GLN B 492 -49.48 -16.68 35.57
CA GLN B 492 -50.91 -16.53 35.40
C GLN B 492 -51.41 -16.83 33.99
N ALA B 493 -50.52 -17.21 33.08
CA ALA B 493 -50.93 -17.72 31.79
C ALA B 493 -50.94 -19.24 31.87
N LYS B 494 -52.06 -19.84 31.46
CA LYS B 494 -52.06 -21.29 31.41
C LYS B 494 -51.30 -21.79 30.20
N ALA B 495 -51.23 -21.00 29.12
CA ALA B 495 -50.51 -21.44 27.93
C ALA B 495 -49.80 -20.26 27.31
N VAL B 496 -48.67 -20.54 26.64
CA VAL B 496 -47.87 -19.52 25.97
C VAL B 496 -47.42 -20.08 24.63
N LEU B 497 -47.86 -19.46 23.52
CA LEU B 497 -47.43 -19.84 22.18
C LEU B 497 -46.42 -18.79 21.72
N GLU B 498 -45.15 -19.15 21.61
CA GLU B 498 -44.15 -18.22 21.09
C GLU B 498 -44.22 -18.26 19.57
N ALA B 499 -44.72 -17.17 18.98
CA ALA B 499 -45.01 -17.09 17.54
C ALA B 499 -43.92 -16.38 16.75
N TYR B 500 -42.94 -15.78 17.42
CA TYR B 500 -41.85 -15.11 16.74
C TYR B 500 -42.38 -14.13 15.68
N LEU B 501 -41.72 -14.01 14.54
CA LEU B 501 -42.17 -13.14 13.48
C LEU B 501 -42.68 -14.03 12.34
N GLY B 502 -43.97 -14.37 12.38
CA GLY B 502 -44.54 -15.44 11.58
C GLY B 502 -44.83 -15.12 10.14
N GLY B 503 -44.58 -13.89 9.70
CA GLY B 503 -44.68 -13.56 8.28
C GLY B 503 -46.09 -13.28 7.83
N GLN B 504 -46.23 -13.03 6.52
CA GLN B 504 -47.48 -12.48 6.04
C GLN B 504 -48.66 -13.43 6.19
N ALA B 505 -48.44 -14.68 6.60
CA ALA B 505 -49.54 -15.63 6.73
C ALA B 505 -49.70 -16.13 8.16
N LEU B 506 -49.19 -15.36 9.14
CA LEU B 506 -49.28 -15.72 10.54
C LEU B 506 -50.70 -15.91 11.05
N GLY B 507 -51.71 -15.41 10.33
CA GLY B 507 -53.09 -15.46 10.79
C GLY B 507 -53.62 -16.87 10.75
N GLY B 508 -53.57 -17.47 9.56
CA GLY B 508 -54.02 -18.84 9.45
C GLY B 508 -53.22 -19.82 10.29
N ALA B 509 -51.89 -19.64 10.32
CA ALA B 509 -51.02 -20.53 11.09
C ALA B 509 -51.41 -20.58 12.56
N ILE B 510 -51.61 -19.41 13.17
CA ILE B 510 -51.89 -19.39 14.60
C ILE B 510 -53.29 -19.92 14.86
N ALA B 511 -54.22 -19.67 13.93
CA ALA B 511 -55.57 -20.24 14.04
C ALA B 511 -55.53 -21.75 14.02
N ASP B 512 -54.70 -22.32 13.14
CA ASP B 512 -54.55 -23.76 13.04
C ASP B 512 -53.95 -24.35 14.32
N LEU B 513 -52.88 -23.73 14.83
CA LEU B 513 -52.25 -24.24 16.04
C LEU B 513 -53.20 -24.20 17.21
N LEU B 514 -54.00 -23.14 17.32
CA LEU B 514 -54.77 -22.91 18.53
C LEU B 514 -55.94 -23.88 18.65
N PHE B 515 -56.48 -24.31 17.50
CA PHE B 515 -57.62 -25.23 17.44
C PHE B 515 -57.20 -26.68 17.19
N GLY B 516 -55.92 -26.92 16.98
CA GLY B 516 -55.38 -28.27 16.89
C GLY B 516 -55.35 -28.84 15.50
N ASP B 517 -55.87 -28.11 14.49
CA ASP B 517 -55.81 -28.51 13.08
C ASP B 517 -54.38 -28.64 12.60
N ALA B 518 -53.46 -27.95 13.25
CA ALA B 518 -52.06 -28.31 13.16
C ALA B 518 -51.58 -28.62 14.57
N ASN B 519 -50.68 -29.61 14.71
CA ASN B 519 -50.11 -29.84 16.03
C ASN B 519 -48.83 -29.04 16.14
N PRO B 520 -48.66 -28.24 17.20
CA PRO B 520 -47.37 -27.55 17.39
C PRO B 520 -46.19 -28.51 17.41
N SER B 521 -45.09 -28.08 16.77
CA SER B 521 -43.91 -28.93 16.67
C SER B 521 -42.62 -28.11 16.60
N GLY B 522 -42.58 -26.96 17.25
CA GLY B 522 -41.41 -26.10 17.26
C GLY B 522 -40.66 -26.22 18.58
N LYS B 523 -39.36 -25.97 18.51
CA LYS B 523 -38.46 -26.07 19.65
C LYS B 523 -37.47 -24.90 19.64
N LEU B 524 -37.26 -24.28 20.81
CA LEU B 524 -36.39 -23.11 20.87
C LEU B 524 -35.03 -23.40 20.25
N ALA B 525 -34.52 -22.43 19.46
CA ALA B 525 -33.17 -22.50 18.90
C ALA B 525 -32.22 -21.49 19.56
N GLU B 526 -32.67 -20.85 20.63
CA GLU B 526 -31.85 -20.03 21.51
C GLU B 526 -32.36 -20.24 22.94
N THR B 527 -31.52 -19.95 23.93
CA THR B 527 -31.94 -20.06 25.34
C THR B 527 -32.75 -18.83 25.74
N PHE B 528 -33.75 -19.03 26.60
CA PHE B 528 -34.53 -17.90 27.11
C PHE B 528 -34.13 -17.63 28.57
N PRO B 529 -33.23 -16.69 28.84
CA PRO B 529 -32.80 -16.46 30.22
C PRO B 529 -33.94 -15.93 31.07
N VAL B 530 -33.80 -16.14 32.39
CA VAL B 530 -34.76 -15.58 33.34
C VAL B 530 -34.66 -14.06 33.39
N GLN B 531 -33.45 -13.53 33.54
CA GLN B 531 -33.21 -12.09 33.54
C GLN B 531 -32.03 -11.81 32.62
N LEU B 532 -31.96 -10.57 32.12
CA LEU B 532 -30.90 -10.21 31.19
C LEU B 532 -29.52 -10.54 31.74
N SER B 533 -29.28 -10.25 33.03
CA SER B 533 -27.94 -10.40 33.57
C SER B 533 -27.49 -11.87 33.65
N ASP B 534 -28.35 -12.85 33.38
CA ASP B 534 -27.88 -14.23 33.45
C ASP B 534 -26.98 -14.60 32.28
N ASN B 535 -27.13 -13.94 31.11
CA ASN B 535 -26.54 -14.43 29.85
C ASN B 535 -25.02 -14.25 29.85
N PRO B 536 -24.30 -15.12 29.13
CA PRO B 536 -22.82 -15.10 29.22
C PRO B 536 -22.17 -13.82 28.74
N SER B 537 -22.80 -13.02 27.89
CA SER B 537 -22.15 -11.82 27.37
C SER B 537 -22.28 -10.62 28.29
N PHE B 538 -22.94 -10.76 29.43
CA PHE B 538 -23.39 -9.57 30.15
C PHE B 538 -22.22 -8.70 30.60
N LEU B 539 -21.13 -9.32 31.07
CA LEU B 539 -19.98 -8.57 31.55
C LEU B 539 -19.15 -7.91 30.46
N ASN B 540 -19.33 -8.27 29.18
CA ASN B 540 -18.53 -7.69 28.10
C ASN B 540 -19.40 -7.37 26.88
N PHE B 541 -20.42 -6.53 27.07
CA PHE B 541 -21.31 -6.19 25.96
C PHE B 541 -22.03 -4.86 26.21
N PRO B 542 -21.89 -3.85 25.33
CA PRO B 542 -21.15 -3.83 24.06
C PRO B 542 -19.69 -3.41 24.16
N GLY B 543 -19.08 -3.43 25.34
CA GLY B 543 -17.67 -3.18 25.46
C GLY B 543 -17.33 -1.76 25.89
N GLU B 544 -16.09 -1.39 25.58
CA GLU B 544 -15.54 -0.08 25.91
C GLU B 544 -15.14 0.56 24.59
N GLY B 545 -16.06 1.36 24.06
CA GLY B 545 -15.93 2.07 22.80
C GLY B 545 -15.96 1.16 21.59
N ASP B 546 -14.86 1.19 20.83
CA ASP B 546 -14.69 0.41 19.61
C ASP B 546 -13.98 -0.90 19.89
N ARG B 547 -14.27 -1.54 21.03
CA ARG B 547 -13.57 -2.74 21.45
C ARG B 547 -14.45 -3.60 22.37
N VAL B 548 -14.63 -4.87 21.97
CA VAL B 548 -15.44 -5.84 22.70
C VAL B 548 -14.67 -7.17 22.72
N GLU B 549 -14.51 -7.74 23.91
CA GLU B 549 -13.66 -8.90 24.13
C GLU B 549 -14.54 -10.11 24.44
N TYR B 550 -14.49 -11.13 23.56
CA TYR B 550 -15.35 -12.31 23.70
C TYR B 550 -14.78 -13.22 24.78
N ARG B 551 -14.93 -12.78 26.03
CA ARG B 551 -14.17 -13.37 27.13
C ARG B 551 -14.79 -14.66 27.65
N GLU B 552 -16.10 -14.84 27.48
CA GLU B 552 -16.76 -16.08 27.91
C GLU B 552 -16.27 -17.29 27.14
N GLY B 553 -15.61 -17.07 26.00
CA GLY B 553 -14.98 -18.17 25.27
C GLY B 553 -16.01 -19.09 24.66
N LEU B 554 -15.78 -20.38 24.82
CA LEU B 554 -16.70 -21.34 24.21
C LEU B 554 -18.03 -21.41 24.94
N PHE B 555 -18.23 -20.65 26.00
CA PHE B 555 -19.44 -20.84 26.79
C PHE B 555 -20.48 -19.80 26.38
N VAL B 556 -21.04 -20.03 25.18
CA VAL B 556 -22.06 -19.20 24.54
C VAL B 556 -23.40 -19.92 24.59
N GLY B 557 -24.47 -19.19 24.87
CA GLY B 557 -25.75 -19.87 24.92
C GLY B 557 -25.80 -21.01 25.93
N TYR B 558 -26.52 -22.08 25.55
CA TYR B 558 -26.70 -23.24 26.43
C TYR B 558 -25.37 -23.87 26.87
N ARG B 559 -24.29 -23.68 26.09
CA ARG B 559 -22.97 -24.10 26.55
C ARG B 559 -22.60 -23.45 27.88
N TYR B 560 -23.12 -22.24 28.14
CA TYR B 560 -22.86 -21.52 29.38
C TYR B 560 -23.78 -21.97 30.53
N TYR B 561 -25.08 -22.00 30.28
CA TYR B 561 -26.04 -22.35 31.34
C TYR B 561 -25.87 -23.77 31.82
N ASP B 562 -25.39 -24.68 30.96
CA ASP B 562 -25.11 -26.05 31.39
C ASP B 562 -23.94 -26.07 32.38
N LYS B 563 -22.81 -25.46 32.01
CA LYS B 563 -21.63 -25.49 32.85
C LYS B 563 -21.88 -24.80 34.19
N LYS B 564 -22.57 -23.64 34.17
CA LYS B 564 -22.83 -22.89 35.39
C LYS B 564 -23.93 -23.48 36.26
N GLN B 565 -24.73 -24.42 35.74
CA GLN B 565 -25.98 -24.85 36.39
C GLN B 565 -26.87 -23.65 36.75
N LEU B 566 -26.99 -22.72 35.80
CA LEU B 566 -27.84 -21.55 35.94
C LEU B 566 -29.13 -21.78 35.14
N ARG B 567 -30.23 -21.98 35.85
CA ARG B 567 -31.46 -22.46 35.22
C ARG B 567 -32.04 -21.39 34.29
N PRO B 568 -32.36 -21.73 33.04
CA PRO B 568 -32.98 -20.77 32.14
C PRO B 568 -34.48 -20.66 32.37
N LEU B 569 -35.08 -19.63 31.77
CA LEU B 569 -36.54 -19.58 31.79
C LEU B 569 -37.12 -20.71 30.96
N PHE B 570 -36.54 -20.98 29.79
CA PHE B 570 -36.83 -22.06 28.92
C PHE B 570 -35.49 -22.36 28.27
N PRO B 571 -35.12 -23.64 28.16
CA PRO B 571 -33.81 -24.03 27.60
C PRO B 571 -33.78 -24.15 26.08
N PHE B 572 -32.55 -24.15 25.57
CA PHE B 572 -32.32 -24.43 24.15
C PHE B 572 -32.86 -25.82 23.82
N GLY B 573 -33.66 -25.89 22.77
CA GLY B 573 -34.29 -27.12 22.36
C GLY B 573 -35.59 -27.41 23.06
N HIS B 574 -36.23 -26.41 23.67
CA HIS B 574 -37.47 -26.65 24.39
C HIS B 574 -38.71 -26.35 23.54
N GLY B 575 -39.65 -27.33 23.50
CA GLY B 575 -40.93 -27.18 22.82
C GLY B 575 -41.99 -28.23 23.16
N LEU B 576 -43.27 -27.87 23.07
CA LEU B 576 -44.36 -28.78 23.44
C LEU B 576 -45.19 -29.20 22.22
N SER B 577 -45.99 -30.25 22.43
CA SER B 577 -46.87 -30.87 21.42
C SER B 577 -48.21 -31.23 22.04
N TYR B 578 -49.22 -31.37 21.19
CA TYR B 578 -50.51 -31.86 21.68
C TYR B 578 -50.57 -33.38 21.79
N THR B 579 -49.49 -34.10 21.48
CA THR B 579 -49.37 -35.54 21.69
C THR B 579 -48.10 -35.86 22.51
N THR B 580 -47.84 -37.15 22.72
CA THR B 580 -46.65 -37.59 23.45
C THR B 580 -45.80 -38.51 22.59
N PHE B 581 -44.51 -38.57 22.91
CA PHE B 581 -43.54 -39.36 22.15
C PHE B 581 -42.66 -40.14 23.11
N ALA B 582 -42.56 -41.45 22.88
CA ALA B 582 -41.68 -42.34 23.62
C ALA B 582 -40.44 -42.61 22.77
N TYR B 583 -39.27 -42.61 23.42
CA TYR B 583 -37.97 -42.89 22.80
C TYR B 583 -37.42 -44.26 23.22
N SER B 584 -36.70 -44.93 22.34
CA SER B 584 -36.30 -46.31 22.62
C SER B 584 -35.16 -46.72 21.69
N ASN B 585 -34.29 -47.59 22.22
CA ASN B 585 -33.34 -48.37 21.41
C ASN B 585 -32.19 -47.56 20.81
N LEU B 586 -31.50 -46.79 21.65
CA LEU B 586 -30.25 -46.21 21.20
C LEU B 586 -29.28 -47.34 20.81
N SER B 587 -28.56 -47.16 19.71
CA SER B 587 -27.61 -48.19 19.30
C SER B 587 -26.61 -47.63 18.30
N VAL B 588 -25.40 -48.19 18.33
CA VAL B 588 -24.28 -47.78 17.48
C VAL B 588 -23.73 -49.00 16.75
N ASP B 589 -23.31 -48.81 15.50
CA ASP B 589 -22.80 -49.93 14.73
C ASP B 589 -21.46 -50.41 15.27
N LYS B 590 -20.58 -49.50 15.63
CA LYS B 590 -19.29 -49.83 16.23
C LYS B 590 -19.21 -49.19 17.60
N LYS B 591 -18.69 -49.93 18.57
CA LYS B 591 -18.51 -49.43 19.93
C LYS B 591 -17.14 -48.79 20.11
N GLU B 592 -16.34 -48.71 19.06
CA GLU B 592 -15.01 -48.13 19.12
C GLU B 592 -14.51 -47.83 17.70
N ILE B 593 -14.05 -46.60 17.46
CA ILE B 593 -13.61 -46.18 16.14
C ILE B 593 -12.31 -45.38 16.27
N LEU B 594 -11.56 -45.32 15.18
CA LEU B 594 -10.45 -44.38 15.06
C LEU B 594 -10.96 -43.04 14.57
N ASP B 595 -10.14 -41.99 14.79
CA ASP B 595 -10.60 -40.63 14.45
C ASP B 595 -10.87 -40.46 12.97
N THR B 596 -10.33 -41.33 12.11
CA THR B 596 -10.66 -41.26 10.68
C THR B 596 -11.96 -41.96 10.30
N GLU B 597 -12.63 -42.62 11.23
CA GLU B 597 -13.77 -43.43 10.88
C GLU B 597 -15.06 -42.66 11.10
N THR B 598 -16.17 -43.29 10.70
CA THR B 598 -17.51 -42.73 10.77
C THR B 598 -18.34 -43.66 11.63
N LEU B 599 -19.41 -43.16 12.20
CA LEU B 599 -20.15 -43.95 13.18
C LEU B 599 -21.63 -43.76 12.95
N LYS B 600 -22.39 -44.82 13.13
CA LYS B 600 -23.81 -44.78 12.82
C LYS B 600 -24.58 -44.86 14.13
N VAL B 601 -25.43 -43.87 14.37
CA VAL B 601 -26.27 -43.80 15.58
C VAL B 601 -27.71 -44.04 15.14
N CYS B 602 -28.43 -44.88 15.89
CA CYS B 602 -29.82 -45.22 15.56
C CYS B 602 -30.66 -45.16 16.84
N VAL B 603 -31.83 -44.49 16.75
CA VAL B 603 -32.80 -44.43 17.84
C VAL B 603 -34.20 -44.46 17.22
N ASN B 604 -35.14 -45.07 17.94
CA ASN B 604 -36.52 -45.25 17.48
C ASN B 604 -37.45 -44.36 18.30
N VAL B 605 -38.31 -43.62 17.62
CA VAL B 605 -39.24 -42.66 18.21
C VAL B 605 -40.65 -43.13 17.90
N LYS B 606 -41.50 -43.16 18.92
CA LYS B 606 -42.87 -43.62 18.76
C LYS B 606 -43.84 -42.64 19.43
N ASN B 607 -44.96 -42.36 18.74
CA ASN B 607 -45.99 -41.43 19.22
C ASN B 607 -46.97 -42.18 20.12
N THR B 608 -46.78 -42.07 21.44
CA THR B 608 -47.67 -42.74 22.40
C THR B 608 -48.91 -41.93 22.72
N GLY B 609 -49.29 -40.97 21.88
CA GLY B 609 -50.45 -40.14 22.13
C GLY B 609 -51.53 -40.33 21.07
N GLU B 610 -52.62 -39.58 21.24
CA GLU B 610 -53.81 -39.79 20.40
C GLU B 610 -54.05 -38.68 19.39
N ARG B 611 -53.02 -37.95 19.02
CA ARG B 611 -53.07 -37.01 17.91
C ARG B 611 -51.84 -37.21 17.04
N ALA B 612 -51.98 -37.00 15.74
CA ALA B 612 -50.79 -37.05 14.91
C ALA B 612 -49.92 -35.82 15.19
N GLY B 613 -48.60 -35.97 14.97
CA GLY B 613 -47.69 -34.85 15.12
C GLY B 613 -46.28 -35.14 14.65
N LYS B 614 -45.45 -34.10 14.66
CA LYS B 614 -44.04 -34.20 14.32
C LYS B 614 -43.15 -34.01 15.57
N GLU B 615 -42.06 -34.81 15.67
CA GLU B 615 -41.11 -34.72 16.78
C GLU B 615 -39.69 -34.39 16.32
N ILE B 616 -39.02 -33.56 17.12
CA ILE B 616 -37.66 -33.08 16.86
C ILE B 616 -36.68 -33.82 17.76
N VAL B 617 -35.68 -34.47 17.16
CA VAL B 617 -34.73 -35.29 17.91
C VAL B 617 -33.36 -34.60 17.83
N GLN B 618 -32.79 -34.33 19.00
CA GLN B 618 -31.51 -33.63 19.13
C GLN B 618 -30.49 -34.63 19.68
N LEU B 619 -29.31 -34.68 19.04
CA LEU B 619 -28.25 -35.60 19.45
C LEU B 619 -27.03 -34.80 19.90
N TYR B 620 -26.60 -35.03 21.15
CA TYR B 620 -25.46 -34.34 21.76
C TYR B 620 -24.31 -35.30 22.05
N VAL B 621 -23.09 -34.77 22.00
CA VAL B 621 -21.89 -35.52 22.32
C VAL B 621 -21.24 -34.87 23.53
N ARG B 622 -20.75 -35.72 24.45
CA ARG B 622 -20.14 -35.32 25.71
C ARG B 622 -18.77 -35.95 25.80
N ASP B 623 -17.73 -35.15 25.62
CA ASP B 623 -16.37 -35.60 25.86
C ASP B 623 -16.19 -35.82 27.37
N VAL B 624 -15.83 -37.04 27.79
CA VAL B 624 -15.81 -37.34 29.21
C VAL B 624 -14.55 -36.83 29.90
N GLU B 625 -13.42 -36.83 29.21
CA GLU B 625 -12.16 -36.40 29.79
C GLU B 625 -11.38 -35.68 28.70
N SER B 626 -10.86 -34.50 29.03
CA SER B 626 -10.09 -33.70 28.10
C SER B 626 -9.04 -32.94 28.88
N SER B 627 -7.87 -32.74 28.24
CA SER B 627 -6.84 -31.85 28.79
C SER B 627 -7.08 -30.38 28.43
N VAL B 628 -8.19 -30.05 27.77
CA VAL B 628 -8.51 -28.68 27.42
C VAL B 628 -9.94 -28.42 27.88
N ILE B 629 -10.29 -27.13 27.94
CA ILE B 629 -11.58 -26.70 28.43
C ILE B 629 -12.64 -26.91 27.36
N ARG B 630 -13.75 -27.55 27.73
CA ARG B 630 -14.81 -27.89 26.80
C ARG B 630 -16.14 -27.75 27.51
N PRO B 631 -17.20 -27.41 26.77
CA PRO B 631 -18.55 -27.50 27.33
C PRO B 631 -18.88 -28.96 27.64
N LEU B 632 -19.95 -29.16 28.42
CA LEU B 632 -20.34 -30.50 28.84
C LEU B 632 -20.95 -31.30 27.68
N LYS B 633 -21.87 -30.69 26.95
CA LYS B 633 -22.45 -31.22 25.72
C LYS B 633 -22.37 -30.19 24.61
N GLU B 634 -22.34 -30.69 23.37
CA GLU B 634 -22.47 -29.90 22.17
C GLU B 634 -23.38 -30.65 21.20
N LEU B 635 -24.37 -29.95 20.64
CA LEU B 635 -25.30 -30.56 19.68
C LEU B 635 -24.57 -31.00 18.42
N LYS B 636 -24.76 -32.26 18.02
CA LYS B 636 -23.98 -32.76 16.90
C LYS B 636 -24.84 -33.45 15.84
N GLY B 637 -26.17 -33.29 15.88
CA GLY B 637 -27.05 -33.76 14.82
C GLY B 637 -28.52 -33.65 15.17
N PHE B 638 -29.43 -33.67 14.18
CA PHE B 638 -30.85 -33.56 14.52
C PHE B 638 -31.72 -33.92 13.33
N ASP B 639 -32.97 -34.29 13.63
CA ASP B 639 -33.97 -34.57 12.61
C ASP B 639 -35.35 -34.42 13.24
N LYS B 640 -36.36 -34.25 12.37
CA LYS B 640 -37.78 -34.14 12.67
C LYS B 640 -38.52 -35.26 11.93
N VAL B 641 -39.63 -35.73 12.49
CA VAL B 641 -40.25 -36.97 12.02
C VAL B 641 -41.74 -36.93 12.28
N PHE B 642 -42.52 -37.32 11.28
CA PHE B 642 -43.98 -37.25 11.36
C PHE B 642 -44.57 -38.60 11.75
N LEU B 643 -45.43 -38.61 12.77
CA LEU B 643 -45.94 -39.88 13.28
C LEU B 643 -47.43 -39.80 13.58
N ALA B 644 -48.16 -40.81 13.09
CA ALA B 644 -49.55 -41.03 13.41
C ALA B 644 -49.65 -41.68 14.77
N PRO B 645 -50.79 -41.55 15.45
CA PRO B 645 -50.95 -42.26 16.72
C PRO B 645 -50.60 -43.74 16.61
N GLY B 646 -49.85 -44.23 17.60
CA GLY B 646 -49.34 -45.59 17.59
C GLY B 646 -48.18 -45.86 16.67
N GLU B 647 -47.79 -44.93 15.79
CA GLU B 647 -46.71 -45.16 14.85
C GLU B 647 -45.33 -44.97 15.47
N GLU B 648 -44.40 -45.80 15.06
CA GLU B 648 -43.00 -45.69 15.46
C GLU B 648 -42.13 -45.73 14.23
N LYS B 649 -41.01 -45.00 14.26
CA LYS B 649 -40.05 -45.11 13.17
C LYS B 649 -38.65 -45.16 13.77
N THR B 650 -37.63 -45.02 12.94
CA THR B 650 -36.26 -45.08 13.43
C THR B 650 -35.41 -44.11 12.65
N LEU B 651 -34.66 -43.30 13.37
CA LEU B 651 -33.88 -42.25 12.75
C LEU B 651 -32.39 -42.59 12.82
N THR B 652 -31.63 -42.04 11.87
CA THR B 652 -30.24 -42.39 11.67
C THR B 652 -29.39 -41.13 11.68
N PHE B 653 -28.36 -41.16 12.49
CA PHE B 653 -27.39 -40.10 12.59
C PHE B 653 -26.03 -40.68 12.22
N GLU B 654 -25.13 -39.81 11.78
CA GLU B 654 -23.76 -40.16 11.42
C GLU B 654 -22.80 -39.25 12.17
N LEU B 655 -21.93 -39.81 12.99
CA LEU B 655 -20.91 -39.01 13.65
C LEU B 655 -19.55 -39.27 12.99
N GLY B 656 -18.64 -38.32 13.18
CA GLY B 656 -17.37 -38.35 12.51
C GLY B 656 -16.36 -37.57 13.29
N LYS B 657 -15.24 -37.24 12.63
CA LYS B 657 -14.14 -36.59 13.34
C LYS B 657 -14.60 -35.32 14.05
N ARG B 658 -15.35 -34.45 13.36
CA ARG B 658 -15.81 -33.19 13.92
C ARG B 658 -16.85 -33.35 15.01
N SER B 659 -17.43 -34.53 15.17
CA SER B 659 -18.29 -34.81 16.32
C SER B 659 -17.49 -34.89 17.63
N PHE B 660 -16.18 -35.11 17.57
CA PHE B 660 -15.41 -35.28 18.78
C PHE B 660 -14.27 -34.29 18.94
N ALA B 661 -13.93 -33.52 17.92
CA ALA B 661 -12.68 -32.74 17.95
C ALA B 661 -12.84 -31.30 18.45
N TYR B 662 -11.83 -30.84 19.17
CA TYR B 662 -11.65 -29.44 19.52
C TYR B 662 -10.57 -28.85 18.62
N TYR B 663 -10.48 -27.52 18.62
CA TYR B 663 -9.51 -26.86 17.78
C TYR B 663 -8.23 -26.61 18.58
N ASP B 664 -7.09 -26.88 17.95
CA ASP B 664 -5.78 -26.85 18.58
C ASP B 664 -4.90 -25.86 17.84
N PRO B 665 -4.82 -24.60 18.29
CA PRO B 665 -4.07 -23.57 17.55
C PRO B 665 -2.59 -23.86 17.40
N SER B 666 -2.00 -24.71 18.24
CA SER B 666 -0.57 -24.97 18.11
C SER B 666 -0.28 -25.70 16.81
N ILE B 667 -1.04 -26.76 16.52
CA ILE B 667 -0.88 -27.50 15.27
C ILE B 667 -1.77 -26.95 14.14
N LYS B 668 -2.58 -25.92 14.43
CA LYS B 668 -3.45 -25.29 13.42
C LYS B 668 -4.29 -26.32 12.66
N ASP B 669 -4.97 -27.17 13.42
CA ASP B 669 -5.85 -28.20 12.85
C ASP B 669 -6.76 -28.66 13.97
N TRP B 670 -7.67 -29.56 13.64
CA TRP B 670 -8.63 -30.12 14.58
C TRP B 670 -8.00 -31.35 15.22
N MET B 671 -8.36 -31.60 16.48
CA MET B 671 -7.64 -32.59 17.28
C MET B 671 -8.63 -33.44 18.06
N VAL B 672 -8.44 -34.76 18.02
CA VAL B 672 -9.17 -35.70 18.85
C VAL B 672 -8.25 -36.21 19.94
N GLU B 673 -8.79 -36.33 21.16
CA GLU B 673 -8.08 -36.95 22.29
C GLU B 673 -8.64 -38.33 22.57
N THR B 674 -7.78 -39.34 22.49
CA THR B 674 -8.16 -40.73 22.70
C THR B 674 -8.92 -40.90 24.00
N GLY B 675 -10.20 -41.25 23.93
CA GLY B 675 -10.93 -41.53 25.15
C GLY B 675 -12.37 -41.91 24.89
N ALA B 676 -13.18 -41.82 25.95
CA ALA B 676 -14.62 -42.10 25.88
C ALA B 676 -15.43 -40.83 25.66
N PHE B 677 -16.42 -40.92 24.74
CA PHE B 677 -17.41 -39.89 24.47
C PHE B 677 -18.82 -40.44 24.63
N GLU B 678 -19.73 -39.62 25.14
CA GLU B 678 -21.09 -40.07 25.40
C GLU B 678 -22.09 -39.51 24.38
N ILE B 679 -22.93 -40.38 23.79
CA ILE B 679 -23.97 -40.01 22.83
C ILE B 679 -25.31 -39.87 23.57
N LEU B 680 -25.98 -38.74 23.39
CA LEU B 680 -27.13 -38.35 24.22
C LEU B 680 -28.33 -37.98 23.37
N ILE B 681 -29.45 -38.69 23.56
CA ILE B 681 -30.69 -38.43 22.82
C ILE B 681 -31.68 -37.77 23.78
N GLY B 682 -32.08 -36.53 23.48
CA GLY B 682 -32.96 -35.78 24.35
C GLY B 682 -34.09 -35.10 23.59
N ARG B 683 -35.14 -34.73 24.36
CA ARG B 683 -36.23 -33.88 23.91
C ARG B 683 -35.90 -32.40 23.96
N SER B 684 -34.82 -32.03 24.67
CA SER B 684 -34.34 -30.65 24.79
C SER B 684 -32.85 -30.72 25.17
N SER B 685 -32.23 -29.56 25.46
CA SER B 685 -30.89 -29.64 26.02
C SER B 685 -30.92 -29.98 27.49
N GLN B 686 -32.08 -29.84 28.14
CA GLN B 686 -32.20 -30.23 29.54
C GLN B 686 -32.59 -31.68 29.73
N ASP B 687 -33.33 -32.28 28.78
CA ASP B 687 -34.00 -33.57 28.98
C ASP B 687 -33.33 -34.67 28.15
N ILE B 688 -32.36 -35.35 28.73
CA ILE B 688 -31.80 -36.55 28.09
C ILE B 688 -32.69 -37.74 28.43
N VAL B 689 -33.02 -38.55 27.43
CA VAL B 689 -33.76 -39.78 27.68
C VAL B 689 -32.93 -41.04 27.43
N LEU B 690 -31.88 -40.96 26.61
CA LEU B 690 -31.11 -42.15 26.29
C LEU B 690 -29.67 -41.78 26.00
N ALA B 691 -28.76 -42.62 26.47
CA ALA B 691 -27.32 -42.41 26.31
C ALA B 691 -26.62 -43.73 26.04
N GLU B 692 -25.39 -43.61 25.55
CA GLU B 692 -24.54 -44.73 25.17
C GLU B 692 -23.12 -44.20 25.04
N THR B 693 -22.13 -44.99 25.43
CA THR B 693 -20.74 -44.56 25.37
C THR B 693 -19.98 -45.24 24.24
N VAL B 694 -19.09 -44.52 23.58
CA VAL B 694 -18.22 -45.08 22.55
C VAL B 694 -16.80 -44.66 22.82
N MET B 695 -15.89 -45.31 22.11
CA MET B 695 -14.46 -45.08 22.25
C MET B 695 -13.93 -44.55 20.93
N VAL B 696 -13.43 -43.34 20.93
CA VAL B 696 -12.78 -42.79 19.75
C VAL B 696 -11.29 -42.76 20.05
N ARG B 697 -10.47 -43.14 19.08
CA ARG B 697 -9.04 -43.32 19.28
C ARG B 697 -8.27 -42.48 18.26
N SER B 698 -7.47 -41.54 18.76
CA SER B 698 -6.73 -40.68 17.85
C SER B 698 -5.64 -41.46 17.13
N THR B 699 -5.33 -41.01 15.93
CA THR B 699 -4.26 -41.55 15.10
C THR B 699 -3.04 -40.65 15.08
N VAL B 700 -2.96 -39.68 15.98
CA VAL B 700 -1.88 -38.71 15.99
C VAL B 700 -1.03 -38.91 17.25
N SER B 701 0.27 -39.08 17.06
CA SER B 701 1.23 -39.20 18.15
C SER B 701 2.12 -37.96 18.12
N ARG B 702 2.07 -37.18 19.20
CA ARG B 702 2.93 -36.00 19.32
C ARG B 702 4.13 -36.40 20.19
N LYS B 703 5.34 -36.15 19.69
CA LYS B 703 6.52 -36.51 20.47
C LYS B 703 6.62 -35.57 21.65
N ILE B 704 6.83 -36.13 22.83
CA ILE B 704 6.99 -35.32 24.02
C ILE B 704 8.40 -34.77 24.03
N VAL B 705 8.56 -33.48 24.32
CA VAL B 705 9.87 -32.83 24.36
C VAL B 705 10.15 -32.32 25.76
N TYR B 706 11.17 -32.88 26.40
CA TYR B 706 11.47 -32.49 27.77
C TYR B 706 12.23 -31.16 27.82
N HIS B 707 12.09 -30.45 28.94
CA HIS B 707 12.80 -29.19 29.13
C HIS B 707 12.96 -28.94 30.62
N ARG B 708 13.58 -27.80 30.95
CA ARG B 708 14.03 -27.54 32.32
C ARG B 708 12.89 -27.36 33.31
N ASN B 709 11.64 -27.20 32.85
CA ASN B 709 10.53 -27.02 33.77
C ASN B 709 9.47 -28.09 33.57
N SER B 710 9.84 -29.21 32.98
CA SER B 710 8.99 -30.40 32.96
C SER B 710 8.88 -31.00 34.36
N THR B 711 7.72 -31.51 34.68
CA THR B 711 7.47 -32.03 36.01
C THR B 711 8.03 -33.45 36.19
N VAL B 712 8.22 -33.84 37.45
CA VAL B 712 8.62 -35.22 37.77
C VAL B 712 7.57 -36.20 37.26
N ALA B 713 6.30 -35.76 37.17
CA ALA B 713 5.26 -36.61 36.60
C ALA B 713 5.38 -36.76 35.08
N ASP B 714 5.87 -35.74 34.37
CA ASP B 714 6.04 -35.84 32.92
C ASP B 714 7.08 -36.88 32.53
N LEU B 715 7.97 -37.25 33.46
CA LEU B 715 9.00 -38.23 33.13
C LEU B 715 8.39 -39.58 32.78
N MET B 716 7.19 -39.86 33.30
CA MET B 716 6.48 -41.12 33.12
C MET B 716 5.69 -41.21 31.78
N LEU B 717 6.07 -40.47 30.74
CA LEU B 717 5.46 -40.64 29.42
C LEU B 717 6.33 -41.48 28.48
N THR B 718 7.59 -41.73 28.86
CA THR B 718 8.55 -42.49 28.09
C THR B 718 9.25 -43.47 29.04
N GLU B 719 9.82 -44.54 28.47
CA GLU B 719 10.46 -45.56 29.31
C GLU B 719 11.85 -45.15 29.76
N LYS B 720 12.51 -44.27 28.99
CA LYS B 720 13.72 -43.61 29.45
C LYS B 720 13.43 -42.71 30.64
N GLY B 721 12.34 -41.93 30.57
CA GLY B 721 12.06 -40.94 31.60
C GLY B 721 11.72 -41.55 32.94
N ALA B 722 10.88 -42.58 32.95
CA ALA B 722 10.54 -43.23 34.21
C ALA B 722 11.68 -44.05 34.77
N ALA B 723 12.69 -44.37 33.95
CA ALA B 723 13.90 -45.02 34.45
C ALA B 723 14.60 -44.10 35.44
N PHE B 724 14.93 -42.89 35.01
CA PHE B 724 15.53 -41.88 35.86
C PHE B 724 14.57 -41.39 36.94
N ALA B 725 13.27 -41.56 36.73
CA ALA B 725 12.28 -41.13 37.71
C ALA B 725 12.51 -41.78 39.06
N GLN B 726 13.10 -42.97 39.07
CA GLN B 726 13.34 -43.70 40.31
C GLN B 726 14.53 -43.11 41.08
N LYS B 727 14.37 -43.05 42.41
CA LYS B 727 15.35 -42.48 43.36
C LYS B 727 15.44 -40.97 43.20
N LEU B 728 15.08 -40.45 42.04
CA LEU B 728 15.08 -39.00 41.91
C LEU B 728 14.01 -38.42 42.83
N ARG B 729 12.85 -39.06 42.92
CA ARG B 729 11.88 -38.62 43.92
C ARG B 729 12.40 -38.89 45.34
N GLY B 730 13.18 -39.97 45.52
CA GLY B 730 13.83 -40.24 46.82
C GLY B 730 14.82 -39.14 47.21
N MET B 731 15.63 -38.66 46.23
CA MET B 731 16.64 -37.61 46.46
C MET B 731 16.09 -36.41 47.20
N ILE B 732 14.78 -36.21 47.18
CA ILE B 732 14.12 -35.17 47.97
C ILE B 732 14.32 -35.60 49.42
N PRO B 733 15.05 -34.83 50.23
CA PRO B 733 15.53 -35.34 51.52
C PRO B 733 14.47 -35.44 52.60
N PHE B 734 13.35 -34.71 52.46
CA PHE B 734 12.20 -34.88 53.34
C PHE B 734 11.25 -35.99 52.88
N GLY B 735 11.64 -36.80 51.90
CA GLY B 735 10.75 -37.82 51.41
C GLY B 735 10.39 -38.76 52.54
N GLU B 741 -0.66 -38.46 57.96
CA GLU B 741 -1.49 -37.28 57.72
C GLU B 741 -1.01 -36.38 56.59
N TYR B 742 0.25 -35.98 56.59
CA TYR B 742 0.79 -35.11 55.55
C TYR B 742 1.05 -35.85 54.24
N ALA B 743 0.48 -37.05 54.10
CA ALA B 743 0.71 -37.87 52.92
C ALA B 743 0.21 -37.22 51.64
N GLU B 744 -0.96 -36.59 51.67
CA GLU B 744 -1.52 -36.02 50.45
C GLU B 744 -0.59 -34.95 49.87
N MET B 745 -0.11 -34.02 50.71
CA MET B 745 0.63 -32.90 50.16
C MET B 745 2.08 -33.26 49.81
N LEU B 746 2.67 -34.26 50.48
CA LEU B 746 4.01 -34.71 50.11
C LEU B 746 3.99 -35.42 48.76
N GLU B 747 2.91 -36.13 48.44
CA GLU B 747 2.78 -36.66 47.09
C GLU B 747 2.59 -35.52 46.08
N ALA B 748 1.75 -34.54 46.41
CA ALA B 748 1.51 -33.42 45.51
C ALA B 748 2.81 -32.65 45.23
N PHE B 749 3.65 -32.49 46.24
CA PHE B 749 4.94 -31.83 46.03
C PHE B 749 5.77 -32.60 45.01
N LYS B 750 6.06 -33.88 45.33
CA LYS B 750 7.02 -34.65 44.53
C LYS B 750 6.58 -34.81 43.08
N GLU B 751 5.27 -34.85 42.82
CA GLU B 751 4.79 -35.01 41.46
C GLU B 751 4.95 -33.74 40.63
N SER B 752 4.83 -32.56 41.24
CA SER B 752 4.70 -31.32 40.50
C SER B 752 5.96 -30.46 40.44
N VAL B 753 7.04 -30.82 41.15
CA VAL B 753 8.27 -30.03 41.05
C VAL B 753 8.79 -30.06 39.63
N PRO B 754 9.22 -28.94 39.08
CA PRO B 754 9.94 -28.99 37.80
C PRO B 754 11.33 -29.60 37.97
N LEU B 755 11.86 -30.10 36.85
CA LEU B 755 13.18 -30.69 36.89
C LEU B 755 14.22 -29.71 37.47
N ARG B 756 14.18 -28.43 37.08
CA ARG B 756 15.12 -27.46 37.63
C ARG B 756 14.88 -27.21 39.13
N GLY B 757 13.68 -27.48 39.63
CA GLY B 757 13.40 -27.32 41.05
C GLY B 757 14.12 -28.31 41.93
N LEU B 758 14.51 -29.47 41.39
CA LEU B 758 15.26 -30.48 42.15
C LEU B 758 16.62 -29.94 42.60
N ILE B 759 17.20 -29.02 41.83
CA ILE B 759 18.45 -28.37 42.19
C ILE B 759 18.36 -27.76 43.59
N SER B 760 17.18 -27.26 43.94
CA SER B 760 17.02 -26.59 45.24
C SER B 760 16.82 -27.56 46.39
N PHE B 761 16.49 -28.83 46.12
CA PHE B 761 16.11 -29.77 47.17
C PHE B 761 16.75 -31.13 46.96
N SER B 762 18.01 -31.17 46.51
CA SER B 762 18.69 -32.45 46.36
C SER B 762 19.98 -32.51 47.16
N ALA B 763 20.22 -31.54 48.04
CA ALA B 763 21.44 -31.48 48.83
C ALA B 763 22.71 -31.44 47.96
N GLY B 764 22.70 -30.57 46.97
CA GLY B 764 23.84 -30.45 46.08
C GLY B 764 24.05 -31.62 45.16
N ARG B 765 23.19 -32.64 45.19
CA ARG B 765 23.36 -33.89 44.45
C ARG B 765 22.78 -33.83 43.02
N PHE B 766 22.11 -32.75 42.64
CA PHE B 766 21.59 -32.60 41.29
C PHE B 766 21.86 -31.17 40.85
N THR B 767 22.66 -31.01 39.81
CA THR B 767 23.14 -29.69 39.40
C THR B 767 22.67 -29.38 37.99
N GLU B 768 22.94 -28.14 37.55
CA GLU B 768 22.54 -27.74 36.21
C GLU B 768 23.20 -28.58 35.13
N GLU B 769 24.44 -29.05 35.37
CA GLU B 769 25.09 -29.88 34.36
C GLU B 769 24.44 -31.26 34.30
N ASP B 770 24.03 -31.79 35.45
CA ASP B 770 23.33 -33.06 35.45
C ASP B 770 22.05 -32.97 34.63
N LEU B 771 21.20 -31.98 34.93
CA LEU B 771 19.97 -31.78 34.17
C LEU B 771 20.26 -31.53 32.69
N SER B 772 21.37 -30.86 32.39
CA SER B 772 21.76 -30.62 31.01
C SER B 772 22.00 -31.94 30.28
N LYS B 773 22.76 -32.85 30.91
CA LYS B 773 22.97 -34.19 30.38
C LYS B 773 21.66 -34.96 30.31
N LEU B 774 20.79 -34.78 31.32
CA LEU B 774 19.49 -35.46 31.32
C LEU B 774 18.62 -35.03 30.14
N LEU B 775 18.67 -33.75 29.79
CA LEU B 775 17.81 -33.27 28.71
C LEU B 775 18.29 -33.73 27.34
N GLU B 776 19.61 -33.92 27.16
CA GLU B 776 20.09 -34.55 25.92
C GLU B 776 19.53 -35.95 25.77
N TYR B 777 19.71 -36.79 26.80
CA TYR B 777 19.25 -38.17 26.78
C TYR B 777 17.75 -38.26 26.50
N LEU B 778 16.95 -37.46 27.21
CA LEU B 778 15.49 -37.54 27.08
C LEU B 778 15.02 -37.17 25.68
N ASN B 779 15.75 -36.30 24.97
CA ASN B 779 15.30 -35.73 23.71
C ASN B 779 15.86 -36.48 22.52
N GLY B 780 16.50 -37.63 22.76
CA GLY B 780 17.03 -38.48 21.70
C GLY B 780 16.44 -39.88 21.77
N ARG C 32 -32.08 24.32 -56.13
CA ARG C 32 -32.40 22.99 -55.61
C ARG C 32 -32.52 23.00 -54.07
N ASP C 33 -33.61 22.40 -53.55
CA ASP C 33 -33.91 22.37 -52.10
C ASP C 33 -33.55 20.98 -51.57
N LEU C 34 -32.34 20.86 -51.04
CA LEU C 34 -31.78 19.55 -50.72
C LEU C 34 -32.50 18.88 -49.56
N LYS C 35 -32.91 19.65 -48.53
CA LYS C 35 -33.54 19.02 -47.37
C LYS C 35 -34.90 18.41 -47.70
N ALA C 36 -35.62 18.99 -48.66
CA ALA C 36 -36.82 18.34 -49.20
C ALA C 36 -36.44 17.09 -49.96
N LEU C 37 -35.40 17.18 -50.80
CA LEU C 37 -34.93 16.03 -51.56
C LEU C 37 -34.51 14.89 -50.63
N ILE C 38 -33.75 15.21 -49.58
CA ILE C 38 -33.29 14.17 -48.66
C ILE C 38 -34.48 13.57 -47.91
N SER C 39 -35.50 14.38 -47.63
CA SER C 39 -36.65 13.88 -46.90
C SER C 39 -37.43 12.84 -47.71
N GLN C 40 -37.25 12.79 -49.03
CA GLN C 40 -37.94 11.79 -49.85
C GLN C 40 -37.18 10.47 -49.96
N MET C 41 -35.98 10.40 -49.35
CA MET C 41 -35.08 9.25 -49.47
C MET C 41 -35.38 8.20 -48.42
N THR C 42 -35.29 6.94 -48.83
CA THR C 42 -35.37 5.83 -47.88
C THR C 42 -34.12 5.83 -47.00
N LEU C 43 -34.20 5.16 -45.85
CA LEU C 43 -33.00 5.02 -45.04
C LEU C 43 -31.91 4.37 -45.86
N GLU C 44 -32.29 3.39 -46.68
CA GLU C 44 -31.32 2.65 -47.48
C GLU C 44 -30.71 3.52 -48.58
N GLU C 45 -31.51 4.36 -49.24
CA GLU C 45 -30.96 5.22 -50.28
C GLU C 45 -29.95 6.22 -49.70
N LYS C 46 -30.26 6.85 -48.56
CA LYS C 46 -29.31 7.75 -47.93
C LYS C 46 -27.97 7.05 -47.68
N ALA C 47 -27.99 5.93 -46.94
CA ALA C 47 -26.75 5.22 -46.63
C ALA C 47 -25.97 4.84 -47.88
N SER C 48 -26.66 4.64 -49.01
CA SER C 48 -25.97 4.24 -50.24
C SER C 48 -25.13 5.38 -50.83
N LEU C 49 -25.50 6.64 -50.57
CA LEU C 49 -24.62 7.71 -51.00
C LEU C 49 -23.31 7.70 -50.23
N CYS C 50 -23.28 7.08 -49.05
CA CYS C 50 -22.10 7.23 -48.20
C CYS C 50 -20.94 6.38 -48.65
N THR C 51 -21.09 5.58 -49.69
CA THR C 51 -19.96 4.89 -50.29
C THR C 51 -20.03 5.06 -51.80
N GLY C 52 -18.95 4.70 -52.45
CA GLY C 52 -18.90 4.73 -53.90
C GLY C 52 -19.87 3.76 -54.53
N ARG C 53 -19.96 3.88 -55.86
CA ARG C 53 -20.62 2.90 -56.70
C ARG C 53 -19.63 1.85 -57.19
N ASP C 54 -18.44 2.28 -57.61
CA ASP C 54 -17.37 1.37 -57.97
C ASP C 54 -16.00 1.93 -57.54
N THR C 55 -15.02 1.89 -58.42
CA THR C 55 -13.68 2.37 -58.10
C THR C 55 -13.51 3.87 -58.34
N TRP C 56 -14.28 4.46 -59.26
CA TRP C 56 -14.08 5.87 -59.58
C TRP C 56 -15.36 6.70 -59.68
N HIS C 57 -16.53 6.15 -59.37
CA HIS C 57 -17.79 6.89 -59.48
C HIS C 57 -18.56 6.88 -58.16
N THR C 58 -19.51 7.83 -58.02
CA THR C 58 -20.43 7.91 -56.89
C THR C 58 -21.75 7.20 -57.22
N GLN C 59 -22.56 6.96 -56.18
CA GLN C 59 -23.83 6.26 -56.30
C GLN C 59 -24.93 7.16 -56.86
N PRO C 60 -25.57 6.80 -57.99
CA PRO C 60 -26.75 7.55 -58.43
C PRO C 60 -28.02 7.00 -57.78
N ILE C 61 -29.01 7.86 -57.66
CA ILE C 61 -30.32 7.45 -57.18
C ILE C 61 -31.30 7.85 -58.28
N GLU C 62 -31.63 6.89 -59.17
CA GLU C 62 -32.37 7.24 -60.37
C GLU C 62 -33.79 7.74 -60.06
N ARG C 63 -34.41 7.23 -58.99
CA ARG C 63 -35.80 7.61 -58.65
C ARG C 63 -35.95 9.11 -58.39
N LEU C 64 -34.89 9.79 -57.93
CA LEU C 64 -34.97 11.21 -57.59
C LEU C 64 -33.99 12.07 -58.39
N GLY C 65 -33.49 11.57 -59.52
CA GLY C 65 -32.65 12.38 -60.40
C GLY C 65 -31.33 12.83 -59.80
N ILE C 66 -30.79 12.05 -58.87
CA ILE C 66 -29.45 12.30 -58.30
C ILE C 66 -28.46 11.59 -59.19
N PRO C 67 -27.59 12.31 -59.92
CA PRO C 67 -26.73 11.70 -60.93
C PRO C 67 -25.48 11.06 -60.34
N SER C 68 -24.72 10.42 -61.23
CA SER C 68 -23.42 9.84 -60.92
C SER C 68 -22.31 10.74 -61.45
N VAL C 69 -21.21 10.86 -60.69
CA VAL C 69 -20.02 11.64 -61.09
C VAL C 69 -18.77 10.82 -60.85
N MET C 70 -17.66 11.26 -61.46
CA MET C 70 -16.43 10.48 -61.56
C MET C 70 -15.24 11.24 -60.98
N MET C 71 -14.50 10.59 -60.06
CA MET C 71 -13.22 11.02 -59.52
C MET C 71 -12.08 10.41 -60.32
N THR C 72 -10.96 11.11 -60.41
CA THR C 72 -9.85 10.59 -61.19
C THR C 72 -8.54 11.19 -60.71
N ASP C 73 -7.51 10.38 -60.68
CA ASP C 73 -6.23 10.77 -60.12
C ASP C 73 -5.54 11.83 -60.99
N GLY C 74 -4.50 12.43 -60.39
CA GLY C 74 -3.58 13.28 -61.10
C GLY C 74 -3.28 14.61 -60.46
N PRO C 75 -2.30 14.65 -59.54
CA PRO C 75 -1.81 15.95 -59.06
C PRO C 75 -1.16 16.79 -60.15
N HIS C 76 -0.67 16.19 -61.25
CA HIS C 76 -0.04 16.98 -62.32
C HIS C 76 -0.31 16.35 -63.69
N GLY C 77 -1.50 15.78 -63.85
CA GLY C 77 -1.93 15.22 -65.11
C GLY C 77 -3.02 14.21 -64.89
N LEU C 78 -3.90 14.00 -65.88
CA LEU C 78 -5.05 13.13 -65.70
C LEU C 78 -4.71 11.66 -65.88
N ARG C 79 -5.24 10.83 -64.98
CA ARG C 79 -5.06 9.40 -65.10
C ARG C 79 -6.42 8.76 -65.30
N LYS C 80 -7.07 9.08 -66.41
CA LYS C 80 -8.42 8.59 -66.62
C LYS C 80 -8.35 7.15 -67.14
N GLN C 81 -8.93 6.21 -66.41
CA GLN C 81 -8.80 4.82 -66.82
C GLN C 81 -10.09 4.35 -67.45
N LYS C 82 -9.98 3.95 -68.72
CA LYS C 82 -11.06 3.39 -69.52
C LYS C 82 -11.75 2.20 -68.85
N ALA C 83 -11.02 1.10 -68.59
CA ALA C 83 -11.71 -0.05 -68.01
C ALA C 83 -10.78 -0.80 -67.04
N ALA C 84 -10.47 -0.18 -65.91
CA ALA C 84 -9.47 -0.74 -64.98
C ALA C 84 -9.77 -0.26 -63.56
N SER C 85 -9.98 -1.22 -62.64
CA SER C 85 -10.18 -0.93 -61.21
C SER C 85 -8.83 -0.94 -60.47
N ASP C 86 -8.02 0.04 -60.79
CA ASP C 86 -6.62 0.07 -60.37
C ASP C 86 -6.32 1.37 -59.64
N HIS C 87 -6.18 1.31 -58.31
CA HIS C 87 -5.86 2.48 -57.51
C HIS C 87 -4.35 2.69 -57.32
N LEU C 88 -3.53 1.95 -58.08
CA LEU C 88 -2.09 1.98 -57.96
C LEU C 88 -1.38 2.41 -59.24
N GLY C 89 -2.13 2.69 -60.30
CA GLY C 89 -1.53 3.07 -61.57
C GLY C 89 -0.77 1.97 -62.27
N LEU C 90 -1.29 0.74 -62.24
CA LEU C 90 -0.68 -0.43 -62.85
C LEU C 90 -1.18 -0.67 -64.28
N PHE C 91 -2.41 -0.27 -64.59
CA PHE C 91 -3.00 -0.47 -65.91
C PHE C 91 -3.03 0.86 -66.66
N ASP C 92 -2.80 0.78 -67.98
CA ASP C 92 -2.77 1.95 -68.86
C ASP C 92 -4.09 2.74 -68.83
N SER C 93 -4.01 4.02 -69.26
CA SER C 93 -5.11 4.97 -69.13
C SER C 93 -5.26 5.82 -70.40
N VAL C 94 -6.27 6.70 -70.39
CA VAL C 94 -6.47 7.65 -71.51
C VAL C 94 -5.38 8.70 -71.46
N PRO C 95 -4.65 8.90 -72.54
CA PRO C 95 -3.47 9.79 -72.49
C PRO C 95 -3.83 11.28 -72.46
N SER C 96 -3.07 12.00 -71.61
CA SER C 96 -3.26 13.41 -71.27
C SER C 96 -1.90 14.06 -71.04
N THR C 97 -1.89 15.38 -70.88
CA THR C 97 -0.62 16.06 -70.68
C THR C 97 -0.05 15.71 -69.32
N CYS C 98 1.23 15.35 -69.30
CA CYS C 98 1.98 15.05 -68.10
C CYS C 98 2.79 16.30 -67.79
N PHE C 99 2.29 17.11 -66.86
CA PHE C 99 3.01 18.28 -66.44
C PHE C 99 4.14 17.91 -65.50
N PRO C 100 5.06 18.84 -65.27
CA PRO C 100 6.12 18.59 -64.29
C PRO C 100 5.49 18.29 -62.92
N SER C 101 6.22 17.51 -62.11
CA SER C 101 5.80 17.03 -60.79
C SER C 101 6.02 18.08 -59.71
N ALA C 102 5.24 17.92 -58.63
CA ALA C 102 5.17 18.94 -57.57
C ALA C 102 6.54 19.45 -57.16
N VAL C 103 7.52 18.56 -57.04
CA VAL C 103 8.80 18.93 -56.44
C VAL C 103 9.46 20.07 -57.21
N GLY C 104 9.48 19.99 -58.55
CA GLY C 104 10.12 21.05 -59.33
C GLY C 104 9.25 22.27 -59.55
N VAL C 105 7.92 22.09 -59.65
CA VAL C 105 7.04 23.23 -59.75
C VAL C 105 7.10 24.04 -58.47
N ALA C 106 7.25 23.39 -57.32
CA ALA C 106 7.48 24.15 -56.11
C ALA C 106 8.80 24.93 -56.18
N SER C 107 9.82 24.39 -56.84
CA SER C 107 11.07 25.14 -56.99
C SER C 107 10.93 26.42 -57.81
N SER C 108 9.80 26.63 -58.47
CA SER C 108 9.54 27.86 -59.19
C SER C 108 9.23 29.00 -58.24
N TRP C 109 8.73 28.68 -57.04
CA TRP C 109 8.31 29.70 -56.07
C TRP C 109 7.36 30.70 -56.73
N ASN C 110 6.51 30.20 -57.62
CA ASN C 110 5.67 31.02 -58.51
C ASN C 110 4.20 30.63 -58.32
N ARG C 111 3.57 31.30 -57.33
CA ARG C 111 2.17 31.07 -57.00
C ARG C 111 1.27 31.27 -58.21
N ASP C 112 1.68 32.10 -59.16
CA ASP C 112 0.89 32.38 -60.35
C ASP C 112 1.07 31.33 -61.44
N LEU C 113 2.27 30.73 -61.50
CA LEU C 113 2.55 29.69 -62.47
C LEU C 113 1.72 28.45 -62.19
N ILE C 114 1.61 28.04 -60.93
CA ILE C 114 0.88 26.83 -60.64
C ILE C 114 -0.63 27.05 -60.74
N GLU C 115 -1.12 28.30 -60.58
CA GLU C 115 -2.56 28.52 -60.73
C GLU C 115 -3.02 28.41 -62.19
N ARG C 116 -2.14 28.76 -63.14
CA ARG C 116 -2.43 28.54 -64.55
C ARG C 116 -2.44 27.05 -64.90
N MET C 117 -1.48 26.30 -64.35
CA MET C 117 -1.43 24.86 -64.57
C MET C 117 -2.74 24.22 -64.14
N GLY C 118 -3.25 24.60 -62.97
CA GLY C 118 -4.52 24.08 -62.50
C GLY C 118 -5.64 24.41 -63.45
N GLN C 119 -5.50 25.50 -64.20
CA GLN C 119 -6.50 25.84 -65.19
C GLN C 119 -6.43 24.89 -66.37
N ALA C 120 -5.21 24.58 -66.82
CA ALA C 120 -5.03 23.57 -67.85
C ALA C 120 -5.63 22.23 -67.42
N LEU C 121 -5.31 21.80 -66.20
CA LEU C 121 -5.85 20.55 -65.69
C LEU C 121 -7.37 20.58 -65.68
N GLY C 122 -7.97 21.75 -65.41
CA GLY C 122 -9.41 21.83 -65.31
C GLY C 122 -10.12 21.67 -66.63
N LYS C 123 -9.53 22.23 -67.70
CA LYS C 123 -10.05 22.12 -69.06
C LYS C 123 -9.93 20.69 -69.58
N GLU C 124 -8.90 19.97 -69.14
CA GLU C 124 -8.77 18.57 -69.53
C GLU C 124 -9.78 17.71 -68.79
N CYS C 125 -10.17 18.10 -67.58
CA CYS C 125 -11.22 17.36 -66.89
C CYS C 125 -12.58 17.59 -67.52
N GLN C 126 -12.86 18.81 -68.00
CA GLN C 126 -14.14 19.11 -68.61
C GLN C 126 -14.33 18.32 -69.90
N ALA C 127 -13.25 18.09 -70.65
CA ALA C 127 -13.35 17.33 -71.90
C ALA C 127 -13.44 15.82 -71.65
N GLU C 128 -12.84 15.34 -70.58
CA GLU C 128 -12.90 13.93 -70.22
C GLU C 128 -14.03 13.62 -69.26
N ASN C 129 -14.95 14.56 -69.04
CA ASN C 129 -16.07 14.37 -68.14
C ASN C 129 -15.60 13.90 -66.74
N VAL C 130 -14.56 14.57 -66.21
CA VAL C 130 -14.02 14.32 -64.89
C VAL C 130 -14.58 15.34 -63.90
N ALA C 131 -15.32 14.86 -62.90
CA ALA C 131 -15.98 15.76 -61.95
C ALA C 131 -14.98 16.39 -60.97
N VAL C 132 -14.17 15.56 -60.30
CA VAL C 132 -13.26 15.96 -59.23
C VAL C 132 -11.90 15.32 -59.50
N LEU C 133 -10.84 16.12 -59.41
CA LEU C 133 -9.47 15.68 -59.67
C LEU C 133 -8.79 15.42 -58.31
N LEU C 134 -8.30 14.18 -58.10
CA LEU C 134 -7.79 13.77 -56.80
C LEU C 134 -6.39 14.38 -56.61
N GLY C 135 -6.35 15.50 -55.91
CA GLY C 135 -5.15 16.29 -55.80
C GLY C 135 -5.57 17.72 -55.47
N PRO C 136 -4.57 18.59 -55.22
CA PRO C 136 -3.14 18.29 -55.14
C PRO C 136 -2.80 17.62 -53.82
N GLY C 137 -1.59 17.08 -53.70
CA GLY C 137 -1.11 16.59 -52.41
C GLY C 137 -0.18 17.62 -51.84
N ALA C 138 -0.24 17.78 -50.51
CA ALA C 138 0.52 18.82 -49.81
C ALA C 138 1.18 18.33 -48.52
N ASN C 139 1.43 17.03 -48.38
CA ASN C 139 2.07 16.50 -47.19
C ASN C 139 3.47 17.08 -47.02
N ILE C 140 3.94 17.09 -45.78
CA ILE C 140 5.23 17.68 -45.45
C ILE C 140 6.34 16.65 -45.65
N LYS C 141 7.48 17.11 -46.20
CA LYS C 141 8.66 16.29 -46.47
C LYS C 141 9.52 16.16 -45.20
N ARG C 142 9.21 15.17 -44.36
CA ARG C 142 9.94 14.98 -43.10
C ARG C 142 11.34 14.41 -43.32
N SER C 143 11.48 13.38 -44.18
CA SER C 143 12.72 12.72 -44.54
C SER C 143 13.00 12.84 -46.03
N PRO C 144 14.26 12.98 -46.46
CA PRO C 144 14.55 12.93 -47.90
C PRO C 144 14.16 11.60 -48.57
N LEU C 145 14.08 10.51 -47.80
CA LEU C 145 13.88 9.18 -48.36
C LEU C 145 12.43 8.83 -48.63
N CYS C 146 11.46 9.66 -48.22
CA CYS C 146 10.07 9.30 -48.45
C CYS C 146 9.85 9.00 -49.92
N GLY C 147 9.13 7.90 -50.19
CA GLY C 147 8.90 7.48 -51.55
C GLY C 147 8.22 8.53 -52.39
N ARG C 148 7.20 9.19 -51.83
CA ARG C 148 6.31 10.06 -52.58
C ARG C 148 6.68 11.54 -52.50
N ASN C 149 7.92 11.88 -52.13
CA ASN C 149 8.31 13.29 -52.12
C ASN C 149 8.19 13.95 -53.49
N PHE C 150 8.22 13.17 -54.59
CA PHE C 150 8.26 13.74 -55.93
C PHE C 150 6.96 14.46 -56.27
N GLU C 151 5.84 14.05 -55.69
CA GLU C 151 4.56 14.70 -55.92
C GLU C 151 4.10 15.53 -54.74
N TYR C 152 4.99 15.87 -53.80
CA TYR C 152 4.74 16.81 -52.72
C TYR C 152 5.58 18.07 -52.94
N PHE C 153 5.18 19.17 -52.28
CA PHE C 153 5.76 20.48 -52.60
C PHE C 153 7.00 20.82 -51.79
N SER C 154 6.95 20.75 -50.46
CA SER C 154 8.08 21.31 -49.74
C SER C 154 8.19 20.74 -48.33
N GLU C 155 9.34 21.00 -47.72
CA GLU C 155 9.53 20.74 -46.31
C GLU C 155 9.00 21.86 -45.43
N ASP C 156 8.58 22.99 -46.03
CA ASP C 156 8.20 24.19 -45.30
C ASP C 156 6.71 24.41 -45.36
N PRO C 157 6.03 24.59 -44.22
CA PRO C 157 4.57 24.61 -44.25
C PRO C 157 3.99 25.81 -45.02
N TYR C 158 4.71 26.93 -45.07
CA TYR C 158 4.23 28.13 -45.76
C TYR C 158 4.29 27.95 -47.28
N LEU C 159 5.50 27.74 -47.83
CA LEU C 159 5.65 27.53 -49.28
C LEU C 159 4.72 26.44 -49.76
N SER C 160 4.57 25.37 -48.99
CA SER C 160 3.66 24.29 -49.35
C SER C 160 2.23 24.81 -49.47
N SER C 161 1.76 25.50 -48.43
CA SER C 161 0.35 25.90 -48.38
C SER C 161 -0.03 26.81 -49.56
N GLU C 162 0.88 27.70 -49.96
CA GLU C 162 0.63 28.64 -51.05
C GLU C 162 0.48 27.92 -52.40
N MET C 163 1.50 27.17 -52.82
CA MET C 163 1.41 26.45 -54.09
C MET C 163 0.16 25.55 -54.13
N ALA C 164 -0.09 24.83 -53.03
CA ALA C 164 -1.29 24.00 -52.95
C ALA C 164 -2.56 24.83 -53.16
N ALA C 165 -2.64 26.02 -52.54
CA ALA C 165 -3.85 26.83 -52.63
C ALA C 165 -4.08 27.38 -54.03
N HIS C 166 -3.01 27.85 -54.69
CA HIS C 166 -3.14 28.32 -56.08
C HIS C 166 -3.32 27.16 -57.06
N HIS C 167 -2.80 25.98 -56.74
CA HIS C 167 -3.23 24.81 -57.48
C HIS C 167 -4.76 24.71 -57.43
N ILE C 168 -5.31 24.67 -56.21
CA ILE C 168 -6.75 24.47 -56.03
C ILE C 168 -7.54 25.58 -56.73
N MET C 169 -7.11 26.83 -56.59
CA MET C 169 -7.89 27.92 -57.17
C MET C 169 -8.01 27.78 -58.68
N GLY C 170 -6.88 27.54 -59.34
CA GLY C 170 -6.87 27.45 -60.80
C GLY C 170 -7.74 26.32 -61.30
N VAL C 171 -7.55 25.11 -60.77
CA VAL C 171 -8.43 24.00 -61.18
C VAL C 171 -9.88 24.44 -61.04
N GLN C 172 -10.27 24.89 -59.84
CA GLN C 172 -11.70 25.11 -59.58
C GLN C 172 -12.26 26.31 -60.34
N SER C 173 -11.38 27.18 -60.85
CA SER C 173 -11.83 28.25 -61.72
C SER C 173 -12.56 27.72 -62.96
N GLN C 174 -12.25 26.51 -63.41
CA GLN C 174 -12.89 25.88 -64.57
C GLN C 174 -14.14 25.07 -64.20
N GLY C 175 -14.62 25.18 -62.97
CA GLY C 175 -15.75 24.39 -62.50
C GLY C 175 -15.47 22.92 -62.27
N VAL C 176 -14.27 22.60 -61.78
CA VAL C 176 -13.87 21.22 -61.51
C VAL C 176 -13.34 21.15 -60.08
N GLY C 177 -13.79 20.14 -59.33
CA GLY C 177 -13.40 19.97 -57.94
C GLY C 177 -12.04 19.30 -57.76
N THR C 178 -11.56 19.38 -56.52
CA THR C 178 -10.24 18.92 -56.12
C THR C 178 -10.33 18.14 -54.81
N SER C 179 -9.29 17.36 -54.55
CA SER C 179 -9.25 16.54 -53.35
C SER C 179 -7.85 16.71 -52.76
N LEU C 180 -7.70 17.74 -51.88
CA LEU C 180 -6.48 17.97 -51.08
C LEU C 180 -6.05 16.74 -50.31
N LYS C 181 -4.83 16.27 -50.54
CA LYS C 181 -4.50 14.85 -50.39
C LYS C 181 -3.59 14.55 -49.21
N HIS C 182 -4.00 13.52 -48.45
CA HIS C 182 -3.36 12.80 -47.34
C HIS C 182 -3.37 13.62 -46.05
N PHE C 183 -4.58 13.92 -45.60
CA PHE C 183 -4.80 14.78 -44.46
C PHE C 183 -4.53 13.96 -43.21
N ALA C 184 -3.36 14.24 -42.61
CA ALA C 184 -2.71 13.63 -41.46
C ALA C 184 -1.21 13.68 -41.71
N ALA C 185 -0.47 12.72 -41.16
CA ALA C 185 0.97 12.73 -41.32
C ALA C 185 1.42 11.53 -42.14
N ASN C 186 1.06 11.52 -43.42
CA ASN C 186 1.51 10.48 -44.34
C ASN C 186 2.91 10.83 -44.87
N ASN C 187 3.87 10.78 -43.95
CA ASN C 187 5.22 11.25 -44.25
C ASN C 187 6.18 10.11 -44.59
N GLN C 188 5.71 8.88 -44.56
CA GLN C 188 6.51 7.76 -45.01
C GLN C 188 5.57 6.71 -45.56
N GLU C 189 6.08 5.89 -46.48
CA GLU C 189 5.29 4.84 -47.08
C GLU C 189 5.35 3.52 -46.32
N TYR C 190 6.45 3.23 -45.64
CA TYR C 190 6.57 1.94 -44.98
C TYR C 190 5.41 1.71 -44.02
N ARG C 191 4.64 0.67 -44.29
CA ARG C 191 3.54 0.22 -43.42
C ARG C 191 2.48 1.30 -43.26
N ARG C 192 2.24 2.06 -44.32
CA ARG C 192 1.37 3.23 -44.21
C ARG C 192 -0.03 2.88 -43.73
N MET C 193 -0.57 1.73 -44.11
CA MET C 193 -1.94 1.44 -43.71
C MET C 193 -2.04 0.97 -42.26
N THR C 194 -0.92 0.88 -41.54
CA THR C 194 -0.92 0.50 -40.14
C THR C 194 -0.01 1.37 -39.28
N SER C 195 0.76 2.28 -39.88
CA SER C 195 1.72 3.08 -39.13
C SER C 195 1.01 4.15 -38.29
N ASP C 196 1.61 4.45 -37.15
CA ASP C 196 1.09 5.45 -36.22
C ASP C 196 2.03 6.63 -36.21
N SER C 197 1.57 7.78 -36.72
CA SER C 197 2.33 9.02 -36.56
C SER C 197 2.10 9.56 -35.17
N VAL C 198 3.16 9.56 -34.37
CA VAL C 198 3.15 10.05 -32.99
C VAL C 198 3.72 11.47 -33.07
N VAL C 199 2.83 12.47 -33.03
CA VAL C 199 3.19 13.87 -33.21
C VAL C 199 2.63 14.71 -32.05
N ASN C 200 3.51 15.46 -31.39
CA ASN C 200 3.05 16.32 -30.30
C ASN C 200 2.25 17.49 -30.85
N GLU C 201 1.47 18.11 -29.96
CA GLU C 201 0.46 19.07 -30.42
C GLU C 201 1.09 20.28 -31.11
N ARG C 202 2.15 20.86 -30.52
CA ARG C 202 2.78 22.00 -31.18
C ARG C 202 3.30 21.62 -32.55
N THR C 203 4.12 20.58 -32.64
CA THR C 203 4.69 20.20 -33.93
C THR C 203 3.57 19.95 -34.96
N LEU C 204 2.51 19.26 -34.54
CA LEU C 204 1.42 18.92 -35.45
C LEU C 204 0.73 20.18 -35.97
N ARG C 205 0.53 21.18 -35.10
CA ARG C 205 -0.13 22.41 -35.51
C ARG C 205 0.80 23.27 -36.35
N GLU C 206 2.00 23.53 -35.85
CA GLU C 206 2.89 24.46 -36.51
C GLU C 206 3.44 23.92 -37.83
N ILE C 207 3.70 22.61 -37.91
CA ILE C 207 4.32 22.10 -39.12
C ILE C 207 3.32 21.38 -40.01
N TYR C 208 2.81 20.24 -39.55
CA TYR C 208 2.15 19.35 -40.50
C TYR C 208 0.78 19.89 -40.88
N LEU C 209 -0.07 20.21 -39.91
CA LEU C 209 -1.41 20.70 -40.24
C LEU C 209 -1.42 22.09 -40.88
N THR C 210 -0.34 22.88 -40.75
CA THR C 210 -0.34 24.23 -41.33
C THR C 210 -0.15 24.21 -42.84
N SER C 211 0.46 23.14 -43.38
CA SER C 211 0.44 22.95 -44.83
C SER C 211 -0.97 22.78 -45.36
N PHE C 212 -1.88 22.20 -44.57
CA PHE C 212 -3.26 22.09 -45.03
C PHE C 212 -4.10 23.34 -44.74
N GLU C 213 -3.87 23.98 -43.59
CA GLU C 213 -4.73 25.09 -43.14
C GLU C 213 -4.81 26.21 -44.19
N GLY C 214 -3.66 26.70 -44.65
CA GLY C 214 -3.67 27.79 -45.61
C GLY C 214 -4.49 27.50 -46.84
N ALA C 215 -4.40 26.28 -47.38
CA ALA C 215 -5.13 25.97 -48.59
C ALA C 215 -6.61 25.72 -48.32
N VAL C 216 -6.95 25.08 -47.20
CA VAL C 216 -8.37 24.84 -46.91
C VAL C 216 -9.11 26.16 -46.78
N LYS C 217 -8.46 27.16 -46.13
CA LYS C 217 -9.10 28.44 -45.82
C LYS C 217 -9.16 29.38 -47.03
N LYS C 218 -8.07 29.50 -47.82
CA LYS C 218 -8.11 30.43 -48.96
C LYS C 218 -8.69 29.80 -50.23
N ALA C 219 -8.35 28.56 -50.55
CA ALA C 219 -8.79 27.99 -51.81
C ALA C 219 -10.14 27.29 -51.73
N ARG C 220 -10.55 26.82 -50.56
CA ARG C 220 -11.86 26.16 -50.38
C ARG C 220 -12.02 24.95 -51.28
N PRO C 221 -11.12 23.96 -51.19
CA PRO C 221 -11.26 22.77 -52.05
C PRO C 221 -12.56 22.02 -51.72
N TRP C 222 -13.24 21.55 -52.79
CA TRP C 222 -14.54 20.91 -52.61
C TRP C 222 -14.44 19.67 -51.70
N THR C 223 -13.35 18.89 -51.81
CA THR C 223 -13.19 17.70 -50.96
C THR C 223 -11.78 17.65 -50.41
N VAL C 224 -11.65 16.99 -49.26
CA VAL C 224 -10.36 16.64 -48.66
C VAL C 224 -10.33 15.14 -48.43
N MET C 225 -9.21 14.51 -48.78
CA MET C 225 -8.98 13.09 -48.61
C MET C 225 -8.11 12.84 -47.38
N CYS C 226 -8.51 11.88 -46.54
CA CYS C 226 -7.71 11.46 -45.40
C CYS C 226 -6.63 10.45 -45.84
N SER C 227 -5.68 10.21 -44.96
CA SER C 227 -4.56 9.32 -45.25
C SER C 227 -4.79 7.93 -44.66
N TYR C 228 -3.87 7.01 -44.98
CA TYR C 228 -3.94 5.63 -44.50
C TYR C 228 -3.49 5.46 -43.04
N ASN C 229 -2.74 6.41 -42.49
CA ASN C 229 -2.09 6.19 -41.21
C ASN C 229 -2.97 6.61 -40.01
N LYS C 230 -2.47 6.29 -38.83
CA LYS C 230 -2.99 6.79 -37.57
C LYS C 230 -2.29 8.10 -37.19
N VAL C 231 -2.99 8.96 -36.45
CA VAL C 231 -2.36 10.12 -35.82
C VAL C 231 -2.55 10.01 -34.32
N ASN C 232 -1.44 9.91 -33.59
CA ASN C 232 -1.47 9.73 -32.14
C ASN C 232 -2.44 8.62 -31.78
N GLY C 233 -2.30 7.49 -32.49
CA GLY C 233 -3.06 6.30 -32.19
C GLY C 233 -4.50 6.25 -32.68
N GLU C 234 -4.90 7.06 -33.68
CA GLU C 234 -6.25 6.98 -34.24
C GLU C 234 -6.20 7.12 -35.75
N TYR C 235 -6.75 6.14 -36.45
CA TYR C 235 -6.77 6.20 -37.91
C TYR C 235 -7.41 7.51 -38.41
N ALA C 236 -6.77 8.14 -39.39
CA ALA C 236 -7.28 9.42 -39.90
C ALA C 236 -8.76 9.32 -40.29
N ALA C 237 -9.14 8.27 -41.00
CA ALA C 237 -10.52 8.13 -41.41
C ALA C 237 -11.47 7.94 -40.24
N GLU C 238 -11.02 7.89 -38.98
CA GLU C 238 -12.00 7.84 -37.90
C GLU C 238 -11.56 8.72 -36.73
N ASN C 239 -10.72 9.72 -36.99
CA ASN C 239 -10.20 10.65 -35.99
C ASN C 239 -11.08 11.90 -35.93
N GLU C 240 -12.07 11.87 -35.03
CA GLU C 240 -13.04 12.95 -34.93
C GLU C 240 -12.39 14.31 -34.65
N ARG C 241 -11.42 14.36 -33.74
CA ARG C 241 -10.78 15.62 -33.39
C ARG C 241 -10.12 16.29 -34.58
N LEU C 242 -9.69 15.49 -35.57
CA LEU C 242 -9.01 15.92 -36.78
C LEU C 242 -9.99 16.28 -37.93
N LEU C 243 -10.94 15.39 -38.22
CA LEU C 243 -11.85 15.57 -39.35
C LEU C 243 -13.00 16.49 -39.01
N THR C 244 -13.53 16.40 -37.79
CA THR C 244 -14.63 17.28 -37.39
C THR C 244 -14.12 18.51 -36.66
N GLY C 245 -13.36 18.30 -35.58
CA GLY C 245 -12.99 19.41 -34.71
C GLY C 245 -12.16 20.47 -35.40
N ILE C 246 -11.11 20.04 -36.09
CA ILE C 246 -10.19 20.96 -36.76
C ILE C 246 -10.60 21.25 -38.19
N LEU C 247 -10.92 20.25 -39.01
CA LEU C 247 -11.18 20.53 -40.42
C LEU C 247 -12.52 21.23 -40.62
N LYS C 248 -13.59 20.66 -40.05
CA LYS C 248 -14.93 21.21 -40.22
C LYS C 248 -15.17 22.38 -39.27
N GLN C 249 -14.96 22.18 -37.97
CA GLN C 249 -15.34 23.21 -36.99
C GLN C 249 -14.38 24.40 -36.97
N GLU C 250 -13.09 24.17 -36.68
CA GLU C 250 -12.16 25.30 -36.66
C GLU C 250 -12.01 25.93 -38.04
N TRP C 251 -11.56 25.17 -39.02
CA TRP C 251 -11.26 25.76 -40.31
C TRP C 251 -12.49 26.00 -41.19
N GLY C 252 -13.65 25.46 -40.81
CA GLY C 252 -14.86 25.75 -41.56
C GLY C 252 -14.93 25.19 -42.97
N HIS C 253 -14.36 24.00 -43.19
CA HIS C 253 -14.45 23.35 -44.49
C HIS C 253 -15.91 23.02 -44.78
N GLU C 254 -16.41 23.53 -45.91
CA GLU C 254 -17.80 23.40 -46.29
C GLU C 254 -18.11 22.15 -47.11
N GLY C 255 -17.15 21.60 -47.85
CA GLY C 255 -17.35 20.40 -48.64
C GLY C 255 -17.41 19.12 -47.82
N PHE C 256 -16.97 17.98 -48.39
CA PHE C 256 -16.98 16.73 -47.63
C PHE C 256 -15.62 16.04 -47.70
N VAL C 257 -15.48 15.04 -46.82
CA VAL C 257 -14.25 14.25 -46.65
C VAL C 257 -14.43 12.91 -47.36
N VAL C 258 -13.41 12.50 -48.15
CA VAL C 258 -13.35 11.20 -48.80
C VAL C 258 -12.13 10.43 -48.29
N SER C 259 -12.27 9.12 -48.17
CA SER C 259 -11.16 8.31 -47.71
C SER C 259 -10.16 8.05 -48.83
N ASP C 260 -8.90 7.85 -48.47
CA ASP C 260 -8.02 7.22 -49.45
C ASP C 260 -8.53 5.80 -49.71
N TRP C 261 -8.04 5.19 -50.78
CA TRP C 261 -8.66 3.96 -51.25
C TRP C 261 -8.36 2.81 -50.27
N GLY C 262 -9.41 2.35 -49.60
CA GLY C 262 -9.27 1.29 -48.63
C GLY C 262 -8.93 1.76 -47.23
N ALA C 263 -8.96 3.06 -46.99
CA ALA C 263 -8.45 3.56 -45.73
C ALA C 263 -9.39 3.26 -44.56
N VAL C 264 -10.69 3.09 -44.78
CA VAL C 264 -11.62 3.00 -43.65
C VAL C 264 -11.35 1.72 -42.86
N ASN C 265 -11.45 1.81 -41.53
CA ASN C 265 -11.32 0.73 -40.56
C ASN C 265 -12.66 0.25 -40.04
N ASP C 266 -13.60 1.15 -39.76
CA ASP C 266 -15.00 0.83 -39.51
C ASP C 266 -15.87 1.95 -40.09
N ARG C 267 -16.82 1.58 -40.95
CA ARG C 267 -17.59 2.61 -41.66
C ARG C 267 -18.36 3.49 -40.69
N VAL C 268 -19.02 2.88 -39.71
CA VAL C 268 -19.86 3.65 -38.80
C VAL C 268 -19.00 4.57 -37.93
N LYS C 269 -17.92 4.05 -37.36
CA LYS C 269 -17.02 4.91 -36.60
C LYS C 269 -16.50 6.05 -37.46
N SER C 270 -16.25 5.80 -38.76
CA SER C 270 -15.76 6.83 -39.67
C SER C 270 -16.86 7.83 -40.01
N LEU C 271 -18.08 7.36 -40.21
CA LEU C 271 -19.18 8.28 -40.47
C LEU C 271 -19.41 9.16 -39.25
N ALA C 272 -19.43 8.57 -38.06
CA ALA C 272 -19.57 9.38 -36.85
C ALA C 272 -18.48 10.43 -36.75
N ALA C 273 -17.30 10.18 -37.29
CA ALA C 273 -16.17 11.08 -37.09
C ALA C 273 -16.07 12.21 -38.11
N GLY C 274 -16.80 12.15 -39.21
CA GLY C 274 -16.72 13.22 -40.21
C GLY C 274 -16.19 12.84 -41.59
N LEU C 275 -16.19 11.55 -41.92
CA LEU C 275 -15.81 11.05 -43.25
C LEU C 275 -17.08 10.69 -44.02
N GLU C 276 -17.35 11.43 -45.10
CA GLU C 276 -18.63 11.28 -45.77
C GLU C 276 -18.61 10.20 -46.84
N LEU C 277 -17.51 10.06 -47.59
CA LEU C 277 -17.47 9.15 -48.74
C LEU C 277 -16.34 8.13 -48.58
N GLU C 278 -16.70 6.84 -48.52
CA GLU C 278 -15.73 5.76 -48.56
C GLU C 278 -15.46 5.38 -50.02
N MET C 279 -14.20 5.46 -50.44
CA MET C 279 -13.79 4.89 -51.70
C MET C 279 -12.76 3.79 -51.46
N PRO C 280 -12.78 2.72 -52.24
CA PRO C 280 -13.71 2.42 -53.33
C PRO C 280 -15.05 1.96 -52.75
N HIS C 281 -15.94 1.42 -53.57
CA HIS C 281 -17.24 0.95 -53.10
C HIS C 281 -17.08 -0.25 -52.18
N GLU C 282 -17.75 -0.20 -51.03
CA GLU C 282 -17.78 -1.31 -50.07
C GLU C 282 -19.22 -1.49 -49.62
N GLY C 283 -19.89 -2.53 -50.09
CA GLY C 283 -21.32 -2.65 -49.82
C GLY C 283 -21.66 -2.98 -48.37
N ALA C 284 -20.78 -3.66 -47.66
CA ALA C 284 -21.07 -4.01 -46.27
C ALA C 284 -21.21 -2.77 -45.40
N GLY C 285 -20.39 -1.75 -45.66
CA GLY C 285 -20.49 -0.50 -44.91
C GLY C 285 -21.87 0.12 -44.97
N THR C 286 -22.59 -0.08 -46.06
CA THR C 286 -23.93 0.48 -46.17
C THR C 286 -24.91 -0.23 -45.25
N LYS C 287 -24.88 -1.57 -45.25
CA LYS C 287 -25.78 -2.32 -44.38
C LYS C 287 -25.52 -1.97 -42.93
N GLN C 288 -24.27 -1.62 -42.60
CA GLN C 288 -23.89 -1.26 -41.24
C GLN C 288 -24.51 0.07 -40.83
N ILE C 289 -24.41 1.09 -41.70
CA ILE C 289 -25.03 2.38 -41.41
C ILE C 289 -26.53 2.19 -41.25
N ILE C 290 -27.13 1.34 -42.09
CA ILE C 290 -28.57 1.08 -41.98
C ILE C 290 -28.91 0.50 -40.61
N GLU C 291 -28.14 -0.51 -40.17
CA GLU C 291 -28.43 -1.14 -38.88
C GLU C 291 -28.04 -0.25 -37.71
N ALA C 292 -27.12 0.70 -37.90
CA ALA C 292 -26.71 1.60 -36.82
C ALA C 292 -27.80 2.60 -36.48
N VAL C 293 -28.52 3.08 -37.50
CA VAL C 293 -29.67 3.96 -37.30
C VAL C 293 -30.79 3.21 -36.59
N GLU C 294 -31.10 1.98 -37.04
CA GLU C 294 -32.20 1.21 -36.45
C GLU C 294 -31.91 0.78 -35.01
N SER C 295 -30.67 0.44 -34.70
CA SER C 295 -30.31 0.02 -33.35
C SER C 295 -30.13 1.19 -32.39
N GLY C 296 -30.39 2.42 -32.81
CA GLY C 296 -30.26 3.56 -31.94
C GLY C 296 -28.84 3.88 -31.51
N GLN C 297 -27.85 3.54 -32.33
CA GLN C 297 -26.47 3.92 -32.05
C GLN C 297 -25.99 5.09 -32.90
N LEU C 298 -26.70 5.39 -33.97
CA LEU C 298 -26.43 6.56 -34.78
C LEU C 298 -27.76 7.24 -35.02
N ALA C 299 -27.85 8.51 -34.63
CA ALA C 299 -29.07 9.27 -34.91
C ALA C 299 -29.17 9.46 -36.41
N GLU C 300 -30.38 9.24 -36.94
CA GLU C 300 -30.58 9.39 -38.38
C GLU C 300 -30.35 10.84 -38.82
N GLU C 301 -30.39 11.80 -37.90
CA GLU C 301 -30.15 13.19 -38.26
C GLU C 301 -28.68 13.45 -38.56
N LYS C 302 -27.78 12.68 -37.94
CA LYS C 302 -26.38 12.72 -38.36
C LYS C 302 -26.23 12.26 -39.81
N LEU C 303 -26.99 11.25 -40.22
CA LEU C 303 -26.87 10.76 -41.59
C LEU C 303 -27.43 11.81 -42.56
N ASP C 304 -28.54 12.45 -42.18
CA ASP C 304 -29.13 13.49 -43.02
C ASP C 304 -28.12 14.58 -43.34
N LEU C 305 -27.38 15.03 -42.33
CA LEU C 305 -26.33 16.01 -42.57
C LEU C 305 -25.30 15.49 -43.57
N ALA C 306 -24.95 14.20 -43.50
CA ALA C 306 -23.88 13.68 -44.35
C ALA C 306 -24.29 13.68 -45.83
N VAL C 307 -25.53 13.22 -46.11
CA VAL C 307 -26.04 13.24 -47.48
C VAL C 307 -26.07 14.67 -47.99
N GLU C 308 -26.32 15.63 -47.10
CA GLU C 308 -26.42 17.03 -47.48
C GLU C 308 -25.07 17.61 -47.87
N ARG C 309 -23.99 17.23 -47.18
CA ARG C 309 -22.67 17.69 -47.61
C ARG C 309 -22.31 17.11 -48.97
N LEU C 310 -22.39 15.78 -49.12
CA LEU C 310 -22.13 15.09 -50.39
C LEU C 310 -22.95 15.65 -51.55
N LEU C 311 -24.29 15.64 -51.42
CA LEU C 311 -25.13 16.07 -52.55
C LEU C 311 -24.84 17.52 -52.95
N THR C 312 -24.39 18.35 -52.01
CA THR C 312 -24.08 19.73 -52.34
C THR C 312 -22.90 19.82 -53.30
N VAL C 313 -21.86 19.01 -53.10
CA VAL C 313 -20.77 19.10 -54.06
C VAL C 313 -21.12 18.38 -55.37
N ILE C 314 -21.91 17.30 -55.31
CA ILE C 314 -22.18 16.53 -56.53
C ILE C 314 -23.03 17.35 -57.49
N PHE C 315 -24.07 18.00 -56.99
CA PHE C 315 -24.85 18.89 -57.86
C PHE C 315 -24.01 20.05 -58.38
N ARG C 316 -23.04 20.55 -57.59
CA ARG C 316 -22.20 21.61 -58.11
C ARG C 316 -21.49 21.16 -59.40
N SER C 317 -20.85 20.00 -59.36
CA SER C 317 -20.05 19.59 -60.52
C SER C 317 -20.92 19.32 -61.73
N VAL C 318 -22.14 18.84 -61.52
CA VAL C 318 -23.11 18.73 -62.60
C VAL C 318 -23.40 20.10 -63.19
N ASP C 319 -23.88 21.02 -62.33
CA ASP C 319 -24.33 22.33 -62.76
C ASP C 319 -23.20 23.11 -63.43
N GLN C 320 -21.96 22.85 -63.08
CA GLN C 320 -20.84 23.58 -63.66
C GLN C 320 -20.19 22.85 -64.82
N HIS C 321 -20.65 21.65 -65.15
CA HIS C 321 -20.08 20.93 -66.27
C HIS C 321 -20.39 21.66 -67.58
N LYS C 322 -19.42 21.75 -68.47
CA LYS C 322 -19.58 22.40 -69.76
C LYS C 322 -19.61 21.35 -70.85
N GLU C 323 -20.80 21.05 -71.38
CA GLU C 323 -20.88 19.97 -72.37
C GLU C 323 -20.15 20.39 -73.64
N GLY C 324 -19.56 19.42 -74.31
CA GLY C 324 -18.81 19.73 -75.50
C GLY C 324 -17.43 20.26 -75.25
N ALA C 325 -16.99 20.28 -73.99
CA ALA C 325 -15.66 20.76 -73.67
C ALA C 325 -14.62 20.05 -74.50
N VAL C 326 -13.64 20.81 -74.98
CA VAL C 326 -12.48 20.32 -75.71
C VAL C 326 -11.24 20.98 -75.15
N TYR C 327 -10.11 20.70 -75.77
CA TYR C 327 -8.89 21.39 -75.40
C TYR C 327 -7.82 21.08 -76.44
N ASP C 328 -6.82 21.96 -76.50
CA ASP C 328 -5.82 21.81 -77.55
C ASP C 328 -4.64 21.01 -77.03
N PRO C 329 -4.54 19.69 -77.30
CA PRO C 329 -3.36 18.96 -76.81
C PRO C 329 -2.06 19.58 -77.28
N GLU C 330 -2.12 20.29 -78.40
CA GLU C 330 -0.96 21.00 -78.93
C GLU C 330 -0.50 22.11 -77.99
N ALA C 331 -1.44 22.85 -77.43
CA ALA C 331 -1.09 24.01 -76.63
C ALA C 331 -0.71 23.62 -75.21
N HIS C 332 -1.35 22.60 -74.65
CA HIS C 332 -0.94 22.22 -73.32
C HIS C 332 0.52 21.75 -73.33
N HIS C 333 0.98 21.19 -74.45
CA HIS C 333 2.40 20.85 -74.56
C HIS C 333 3.28 22.08 -74.51
N LYS C 334 2.83 23.19 -75.12
CA LYS C 334 3.47 24.49 -74.92
C LYS C 334 3.47 24.86 -73.45
N LEU C 335 2.28 24.88 -72.84
CA LEU C 335 2.19 25.30 -71.44
C LEU C 335 3.14 24.50 -70.58
N ALA C 336 3.27 23.19 -70.87
CA ALA C 336 4.15 22.30 -70.13
C ALA C 336 5.61 22.61 -70.38
N ARG C 337 5.94 23.11 -71.57
CA ARG C 337 7.32 23.51 -71.78
C ARG C 337 7.66 24.75 -70.99
N GLU C 338 6.69 25.64 -70.78
CA GLU C 338 6.96 26.86 -70.05
C GLU C 338 7.18 26.59 -68.57
N ILE C 339 6.22 25.90 -67.95
CA ILE C 339 6.30 25.55 -66.54
C ILE C 339 7.63 24.86 -66.24
N ALA C 340 8.03 23.93 -67.11
CA ALA C 340 9.20 23.13 -66.85
C ALA C 340 10.43 23.99 -66.70
N ALA C 341 10.60 24.95 -67.61
CA ALA C 341 11.82 25.76 -67.62
C ALA C 341 11.91 26.66 -66.38
N GLU C 342 10.78 26.92 -65.70
CA GLU C 342 10.78 27.63 -64.43
C GLU C 342 10.88 26.71 -63.23
N SER C 343 10.95 25.38 -63.46
CA SER C 343 10.87 24.37 -62.41
C SER C 343 12.15 23.55 -62.26
N MET C 344 13.30 24.14 -62.56
CA MET C 344 14.59 23.47 -62.55
C MET C 344 15.57 24.41 -61.87
N VAL C 345 16.37 23.88 -60.97
CA VAL C 345 17.25 24.68 -60.14
C VAL C 345 18.66 24.55 -60.67
N LEU C 346 19.25 25.65 -61.13
CA LEU C 346 20.66 25.67 -61.45
C LEU C 346 21.47 25.66 -60.16
N LEU C 347 22.20 24.58 -59.89
CA LEU C 347 22.88 24.44 -58.61
C LEU C 347 24.30 24.99 -58.58
N LYS C 348 24.98 25.03 -59.70
CA LYS C 348 26.39 25.39 -59.69
C LYS C 348 26.74 25.74 -61.11
N ASN C 349 27.67 26.68 -61.27
CA ASN C 349 28.03 27.07 -62.62
C ASN C 349 29.36 27.83 -62.52
N GLU C 350 30.46 27.10 -62.65
CA GLU C 350 31.79 27.69 -62.58
C GLU C 350 32.35 28.07 -63.95
N ASP C 351 33.06 29.21 -64.01
CA ASP C 351 33.82 29.68 -65.16
C ASP C 351 32.96 30.06 -66.35
N ARG C 352 31.65 30.23 -66.15
CA ARG C 352 30.72 30.61 -67.22
C ARG C 352 30.65 29.53 -68.31
N ILE C 353 30.73 28.26 -67.88
CA ILE C 353 30.55 27.13 -68.80
C ILE C 353 29.15 27.13 -69.37
N LEU C 354 28.16 27.61 -68.59
CA LEU C 354 26.81 27.82 -69.03
C LEU C 354 26.56 29.33 -69.17
N PRO C 355 25.80 29.78 -70.16
CA PRO C 355 25.13 29.03 -71.20
C PRO C 355 26.11 28.70 -72.33
N LEU C 356 25.84 27.60 -73.03
CA LEU C 356 26.73 27.07 -74.06
C LEU C 356 26.74 27.98 -75.26
N LYS C 357 27.86 27.95 -76.00
CA LYS C 357 27.96 28.66 -77.26
C LYS C 357 27.41 27.82 -78.43
N ARG C 358 26.78 28.51 -79.38
CA ARG C 358 26.35 27.90 -80.64
C ARG C 358 27.54 27.89 -81.59
N GLU C 359 28.51 27.03 -81.27
CA GLU C 359 29.68 26.75 -82.11
C GLU C 359 30.41 25.55 -81.52
N GLY C 360 31.36 25.04 -82.29
CA GLY C 360 32.10 23.87 -81.86
C GLY C 360 31.21 22.64 -81.75
N THR C 361 31.70 21.66 -80.98
CA THR C 361 31.04 20.37 -80.84
C THR C 361 30.65 20.12 -79.40
N ILE C 362 29.42 19.69 -79.17
CA ILE C 362 28.88 19.46 -77.84
C ILE C 362 28.67 17.96 -77.67
N ALA C 363 29.33 17.36 -76.68
CA ALA C 363 29.21 15.92 -76.46
C ALA C 363 28.16 15.63 -75.38
N VAL C 364 27.03 15.05 -75.78
CA VAL C 364 25.97 14.66 -74.85
C VAL C 364 26.14 13.17 -74.56
N ILE C 365 26.12 12.82 -73.27
CA ILE C 365 26.58 11.54 -72.74
C ILE C 365 25.53 11.03 -71.76
N GLY C 366 25.18 9.74 -71.84
CA GLY C 366 24.31 9.19 -70.76
C GLY C 366 22.96 8.68 -71.20
N GLU C 367 22.61 7.47 -70.76
CA GLU C 367 21.43 6.87 -71.35
C GLU C 367 20.17 7.64 -71.01
N LEU C 368 20.16 8.36 -69.88
CA LEU C 368 18.95 9.11 -69.48
C LEU C 368 18.62 10.23 -70.45
N ALA C 369 19.55 10.58 -71.33
CA ALA C 369 19.27 11.48 -72.43
C ALA C 369 18.50 10.80 -73.56
N LYS C 370 18.44 9.46 -73.57
CA LYS C 370 17.65 8.79 -74.59
C LYS C 370 16.41 8.15 -74.05
N VAL C 371 16.41 7.76 -72.79
CA VAL C 371 15.21 7.18 -72.19
C VAL C 371 14.82 8.14 -71.07
N PRO C 372 14.10 9.21 -71.38
CA PRO C 372 14.03 10.34 -70.44
C PRO C 372 13.31 9.95 -69.16
N ARG C 373 13.81 10.46 -68.03
CA ARG C 373 13.10 10.31 -66.77
C ARG C 373 12.42 11.65 -66.42
N TYR C 374 11.08 11.65 -66.41
CA TYR C 374 10.34 12.91 -66.32
C TYR C 374 9.13 12.89 -65.38
N GLN C 375 8.77 11.75 -64.78
CA GLN C 375 7.69 11.70 -63.81
C GLN C 375 7.98 10.60 -62.79
N GLY C 376 6.99 10.31 -61.95
CA GLY C 376 7.12 9.30 -60.92
C GLY C 376 6.39 8.04 -61.31
N SER C 377 6.15 7.19 -60.33
CA SER C 377 5.41 5.96 -60.54
C SER C 377 4.38 5.82 -59.43
N GLY C 378 3.33 5.03 -59.68
CA GLY C 378 2.20 4.91 -58.79
C GLY C 378 0.96 5.60 -59.34
N SER C 379 0.01 5.86 -58.45
CA SER C 379 -1.29 6.42 -58.83
C SER C 379 -1.25 7.91 -59.42
N SER C 380 -0.08 8.50 -59.65
CA SER C 380 0.05 9.79 -60.33
C SER C 380 0.73 9.68 -61.69
N GLN C 381 0.83 8.49 -62.26
CA GLN C 381 1.61 8.26 -63.47
C GLN C 381 0.75 8.53 -64.69
N ILE C 382 1.25 9.37 -65.59
CA ILE C 382 0.50 9.86 -66.75
C ILE C 382 0.96 9.09 -67.98
N LYS C 383 0.03 8.80 -68.87
CA LYS C 383 0.39 8.36 -70.21
C LYS C 383 0.41 9.60 -71.08
N PRO C 384 1.56 10.04 -71.57
CA PRO C 384 1.66 11.36 -72.22
C PRO C 384 0.98 11.40 -73.59
N THR C 385 0.87 12.63 -74.13
CA THR C 385 0.30 12.90 -75.46
C THR C 385 1.35 13.16 -76.54
N ARG C 386 2.52 13.66 -76.15
CA ARG C 386 3.72 13.68 -76.95
C ARG C 386 4.86 13.47 -75.95
N LEU C 387 6.09 13.37 -76.44
CA LEU C 387 7.21 13.23 -75.52
C LEU C 387 8.46 13.64 -76.29
N ASP C 388 9.33 14.39 -75.64
CA ASP C 388 10.42 14.99 -76.39
C ASP C 388 11.56 14.01 -76.59
N ASP C 389 12.38 14.28 -77.63
CA ASP C 389 13.71 13.70 -77.81
C ASP C 389 14.72 14.74 -77.34
N ILE C 390 15.30 14.53 -76.15
CA ILE C 390 16.22 15.48 -75.55
C ILE C 390 17.39 15.77 -76.47
N VAL C 391 17.93 14.75 -77.13
CA VAL C 391 19.06 15.01 -78.01
C VAL C 391 18.61 15.86 -79.18
N PHE C 392 17.48 15.50 -79.79
CA PHE C 392 16.97 16.26 -80.93
C PHE C 392 16.70 17.72 -80.55
N GLU C 393 16.10 17.97 -79.39
CA GLU C 393 15.84 19.35 -78.98
C GLU C 393 17.15 20.08 -78.76
N LEU C 394 18.16 19.39 -78.21
CA LEU C 394 19.47 20.00 -78.05
C LEU C 394 20.13 20.25 -79.41
N ALA C 395 20.11 19.25 -80.30
CA ALA C 395 20.54 19.45 -81.68
C ALA C 395 19.87 20.66 -82.31
N ALA C 396 18.54 20.77 -82.12
CA ALA C 396 17.78 21.89 -82.66
C ALA C 396 18.33 23.22 -82.16
N SER C 397 18.38 23.39 -80.83
CA SER C 397 18.78 24.68 -80.31
C SER C 397 20.19 25.02 -80.72
N ALA C 398 21.06 24.02 -80.89
CA ALA C 398 22.44 24.32 -81.25
C ALA C 398 22.50 24.98 -82.64
N GLY C 399 21.64 24.55 -83.58
CA GLY C 399 21.66 25.11 -84.91
C GLY C 399 22.74 24.51 -85.79
N GLU C 400 22.80 25.03 -87.02
CA GLU C 400 23.77 24.53 -88.00
C GLU C 400 25.19 25.03 -87.78
N HIS C 401 25.47 25.78 -86.71
CA HIS C 401 26.84 26.17 -86.39
C HIS C 401 27.47 25.31 -85.29
N ALA C 402 26.80 24.25 -84.86
CA ALA C 402 27.30 23.40 -83.79
C ALA C 402 26.91 21.95 -84.05
N ARG C 403 27.78 21.03 -83.64
CA ARG C 403 27.50 19.60 -83.77
C ARG C 403 27.11 19.06 -82.40
N VAL C 404 25.99 18.34 -82.35
CA VAL C 404 25.60 17.59 -81.16
C VAL C 404 25.87 16.11 -81.45
N THR C 405 26.71 15.47 -80.63
CA THR C 405 26.91 14.03 -80.69
C THR C 405 26.19 13.37 -79.50
N TYR C 406 25.91 12.08 -79.65
CA TYR C 406 25.35 11.26 -78.57
C TYR C 406 26.13 9.97 -78.47
N THR C 407 26.62 9.65 -77.26
CA THR C 407 27.18 8.35 -76.89
C THR C 407 26.46 7.91 -75.61
N GLN C 408 26.16 6.61 -75.50
CA GLN C 408 25.29 6.18 -74.43
C GLN C 408 25.98 6.32 -73.08
N GLY C 409 27.12 5.68 -72.91
CA GLY C 409 27.93 5.87 -71.71
C GLY C 409 27.74 4.89 -70.59
N TYR C 410 26.49 4.65 -70.17
CA TYR C 410 26.19 3.72 -69.08
C TYR C 410 24.91 2.95 -69.40
N ASP C 411 24.51 2.09 -68.48
CA ASP C 411 23.42 1.12 -68.68
C ASP C 411 22.43 1.24 -67.54
N LEU C 412 21.27 1.85 -67.81
CA LEU C 412 20.31 2.12 -66.74
C LEU C 412 19.83 0.84 -66.07
N LYS C 413 19.90 -0.29 -66.75
CA LYS C 413 19.41 -1.54 -66.20
C LYS C 413 20.51 -2.32 -65.49
N SER C 414 21.61 -1.67 -65.14
CA SER C 414 22.72 -2.33 -64.49
C SER C 414 23.32 -1.39 -63.46
N ASP C 415 24.06 -1.98 -62.50
CA ASP C 415 24.89 -1.21 -61.60
C ASP C 415 26.38 -1.48 -61.84
N ASP C 416 26.71 -2.04 -63.00
CA ASP C 416 28.08 -2.38 -63.32
C ASP C 416 28.56 -1.53 -64.50
N ILE C 417 29.82 -1.11 -64.42
CA ILE C 417 30.43 -0.31 -65.46
C ILE C 417 30.45 -1.10 -66.77
N ASN C 418 30.48 -0.38 -67.88
CA ASN C 418 30.53 -0.96 -69.23
C ASN C 418 31.79 -0.47 -69.95
N ALA C 419 32.76 -1.35 -70.15
CA ALA C 419 34.04 -0.91 -70.68
C ALA C 419 33.93 -0.44 -72.11
N VAL C 420 32.93 -0.89 -72.84
CA VAL C 420 32.77 -0.46 -74.23
C VAL C 420 32.14 0.90 -74.30
N LEU C 421 31.03 1.09 -73.59
CA LEU C 421 30.39 2.40 -73.54
C LEU C 421 31.31 3.41 -72.89
N THR C 422 32.08 3.01 -71.87
CA THR C 422 32.92 3.96 -71.18
C THR C 422 34.05 4.45 -72.07
N GLU C 423 34.52 3.61 -72.98
CA GLU C 423 35.55 4.06 -73.90
C GLU C 423 34.96 4.95 -74.99
N GLU C 424 33.71 4.72 -75.34
CA GLU C 424 33.04 5.53 -76.35
C GLU C 424 32.74 6.93 -75.81
N ALA C 425 32.27 7.01 -74.56
CA ALA C 425 32.08 8.30 -73.92
C ALA C 425 33.38 9.08 -73.88
N LEU C 426 34.48 8.45 -73.42
CA LEU C 426 35.78 9.12 -73.35
C LEU C 426 36.20 9.69 -74.70
N GLN C 427 36.01 8.92 -75.78
CA GLN C 427 36.48 9.35 -77.09
C GLN C 427 35.65 10.52 -77.61
N ALA C 428 34.33 10.47 -77.43
CA ALA C 428 33.45 11.57 -77.83
C ALA C 428 33.77 12.83 -77.06
N ALA C 429 33.92 12.70 -75.74
CA ALA C 429 34.17 13.86 -74.89
C ALA C 429 35.50 14.51 -75.22
N LYS C 430 36.52 13.68 -75.53
CA LYS C 430 37.83 14.18 -75.93
C LYS C 430 37.77 15.05 -77.19
N GLU C 431 36.82 14.78 -78.09
CA GLU C 431 36.67 15.51 -79.35
C GLU C 431 35.80 16.77 -79.22
N ALA C 432 35.05 16.91 -78.15
CA ALA C 432 34.15 18.05 -78.01
C ALA C 432 34.85 19.18 -77.27
N SER C 433 34.24 20.37 -77.33
CA SER C 433 34.69 21.48 -76.52
C SER C 433 34.08 21.44 -75.15
N VAL C 434 32.87 20.90 -75.08
CA VAL C 434 32.08 20.86 -73.87
C VAL C 434 31.34 19.52 -73.83
N ALA C 435 31.03 19.04 -72.64
CA ALA C 435 30.35 17.76 -72.53
C ALA C 435 29.20 17.85 -71.54
N VAL C 436 28.00 17.44 -71.97
CA VAL C 436 26.81 17.45 -71.11
C VAL C 436 26.39 15.99 -70.85
N LEU C 437 26.49 15.57 -69.58
CA LEU C 437 26.20 14.21 -69.11
C LEU C 437 24.90 14.21 -68.31
N PHE C 438 23.93 13.43 -68.75
CA PHE C 438 22.66 13.26 -68.03
C PHE C 438 22.78 12.06 -67.08
N ALA C 439 22.63 12.30 -65.77
CA ALA C 439 22.56 11.25 -64.77
C ALA C 439 21.34 11.47 -63.88
N GLY C 440 21.14 10.58 -62.92
CA GLY C 440 19.97 10.74 -62.10
C GLY C 440 19.57 9.44 -61.46
N LEU C 441 18.27 9.19 -61.32
CA LEU C 441 17.79 8.04 -60.58
C LEU C 441 16.85 7.23 -61.49
N PRO C 442 17.10 5.95 -61.73
CA PRO C 442 16.23 5.20 -62.66
C PRO C 442 14.78 5.19 -62.18
N LYS C 443 13.87 4.91 -63.11
CA LYS C 443 12.44 4.86 -62.80
C LYS C 443 12.13 4.00 -61.56
N ARG C 444 12.93 2.97 -61.29
CA ARG C 444 12.50 2.04 -60.25
C ARG C 444 12.84 2.52 -58.83
N TYR C 445 13.56 3.62 -58.66
CA TYR C 445 13.97 4.01 -57.31
C TYR C 445 12.87 4.75 -56.54
N GLU C 446 12.06 5.57 -57.24
CA GLU C 446 11.07 6.45 -56.62
C GLU C 446 9.67 6.00 -57.01
N SER C 447 8.81 5.73 -56.03
CA SER C 447 7.47 5.21 -56.30
C SER C 447 6.55 5.38 -55.09
N GLU C 448 5.26 5.29 -55.34
CA GLU C 448 4.31 5.09 -54.25
C GLU C 448 4.43 3.66 -53.71
N GLY C 449 4.28 3.51 -52.40
CA GLY C 449 4.26 2.21 -51.76
C GLY C 449 5.57 1.77 -51.16
N PHE C 450 6.67 2.51 -51.42
CA PHE C 450 7.91 2.21 -50.74
C PHE C 450 8.85 3.41 -50.87
N ASP C 451 9.72 3.54 -49.88
CA ASP C 451 10.68 4.61 -49.80
C ASP C 451 12.04 4.14 -50.32
N ARG C 452 12.84 5.10 -50.79
CA ARG C 452 14.23 4.85 -51.12
C ARG C 452 14.92 4.27 -49.90
N LYS C 453 15.91 3.39 -50.12
CA LYS C 453 16.64 2.86 -48.99
C LYS C 453 17.96 3.56 -48.77
N HIS C 454 18.47 4.28 -49.77
CA HIS C 454 19.66 5.11 -49.62
C HIS C 454 19.52 6.31 -50.56
N MET C 455 20.48 7.22 -50.48
CA MET C 455 20.36 8.52 -51.12
C MET C 455 21.38 8.69 -52.23
N ARG C 456 21.93 7.60 -52.76
CA ARG C 456 23.03 7.71 -53.68
C ARG C 456 22.55 7.57 -55.12
N MET C 457 23.32 8.17 -56.05
CA MET C 457 23.18 7.88 -57.48
C MET C 457 23.76 6.51 -57.79
N PRO C 458 23.32 5.87 -58.89
CA PRO C 458 23.87 4.55 -59.22
C PRO C 458 25.38 4.60 -59.43
N ASP C 459 26.04 3.48 -59.20
CA ASP C 459 27.50 3.47 -59.15
C ASP C 459 28.11 3.76 -60.51
N ASN C 460 27.65 3.07 -61.56
CA ASN C 460 28.24 3.18 -62.88
C ASN C 460 28.05 4.55 -63.51
N GLN C 461 27.15 5.37 -62.97
CA GLN C 461 27.07 6.76 -63.38
C GLN C 461 28.16 7.60 -62.71
N ILE C 462 28.31 7.46 -61.39
CA ILE C 462 29.34 8.20 -60.67
C ILE C 462 30.71 7.95 -61.28
N ALA C 463 30.97 6.69 -61.67
CA ALA C 463 32.26 6.38 -62.27
C ALA C 463 32.40 7.07 -63.62
N LEU C 464 31.29 7.21 -64.39
CA LEU C 464 31.42 7.81 -65.71
C LEU C 464 31.66 9.32 -65.62
N ILE C 465 31.05 9.98 -64.65
CA ILE C 465 31.37 11.39 -64.42
C ILE C 465 32.85 11.55 -64.11
N GLU C 466 33.39 10.66 -63.24
CA GLU C 466 34.79 10.77 -62.82
C GLU C 466 35.78 10.56 -63.97
N ALA C 467 35.46 9.62 -64.88
CA ALA C 467 36.32 9.29 -66.02
C ALA C 467 36.25 10.36 -67.11
N VAL C 468 35.04 10.78 -67.46
CA VAL C 468 34.88 11.86 -68.42
C VAL C 468 35.59 13.11 -67.93
N ALA C 469 35.54 13.34 -66.61
CA ALA C 469 36.16 14.52 -66.02
C ALA C 469 37.66 14.57 -66.29
N ALA C 470 38.32 13.40 -66.30
CA ALA C 470 39.78 13.38 -66.43
C ALA C 470 40.28 13.73 -67.83
N VAL C 471 39.46 13.61 -68.87
CA VAL C 471 39.89 13.91 -70.22
C VAL C 471 39.13 15.07 -70.83
N GLN C 472 38.10 15.57 -70.15
CA GLN C 472 37.34 16.74 -70.61
C GLN C 472 36.86 17.47 -69.36
N PRO C 473 37.66 18.37 -68.84
CA PRO C 473 37.27 19.10 -67.60
C PRO C 473 36.05 19.99 -67.76
N ASN C 474 35.66 20.34 -69.00
CA ASN C 474 34.51 21.21 -69.26
C ASN C 474 33.25 20.38 -69.25
N LEU C 475 32.78 20.07 -68.06
CA LEU C 475 31.73 19.08 -67.86
C LEU C 475 30.52 19.68 -67.19
N VAL C 476 29.37 19.49 -67.81
CA VAL C 476 28.08 19.91 -67.27
C VAL C 476 27.32 18.64 -66.96
N VAL C 477 26.63 18.62 -65.81
CA VAL C 477 25.83 17.48 -65.40
C VAL C 477 24.38 17.94 -65.27
N VAL C 478 23.47 17.17 -65.85
CA VAL C 478 22.03 17.36 -65.68
C VAL C 478 21.54 16.18 -64.86
N LEU C 479 20.78 16.48 -63.80
CA LEU C 479 20.25 15.45 -62.90
C LEU C 479 18.73 15.34 -63.01
N CYS C 480 18.22 14.13 -63.19
CA CYS C 480 16.79 13.87 -63.24
C CYS C 480 16.43 12.91 -62.12
N ASN C 481 15.65 13.39 -61.16
CA ASN C 481 15.36 12.71 -59.90
C ASN C 481 14.21 13.45 -59.23
N GLY C 482 13.45 12.75 -58.39
CA GLY C 482 12.33 13.38 -57.71
C GLY C 482 12.64 13.91 -56.32
N ALA C 483 13.90 13.81 -55.85
CA ALA C 483 14.21 14.07 -54.44
C ALA C 483 15.75 14.08 -54.23
N PRO C 484 16.26 14.43 -53.03
CA PRO C 484 17.70 14.70 -52.93
C PRO C 484 18.57 13.45 -52.99
N ILE C 485 19.78 13.69 -53.51
CA ILE C 485 20.81 12.68 -53.73
C ILE C 485 22.16 13.24 -53.30
N GLU C 486 23.10 12.33 -52.98
CA GLU C 486 24.46 12.73 -52.66
C GLU C 486 25.28 12.93 -53.92
N MET C 487 26.29 13.81 -53.82
CA MET C 487 27.08 14.25 -54.98
C MET C 487 28.58 14.26 -54.62
N PRO C 488 29.16 13.11 -54.33
CA PRO C 488 30.60 13.10 -54.07
C PRO C 488 31.43 13.55 -55.27
N TRP C 489 30.89 13.50 -56.49
CA TRP C 489 31.59 13.85 -57.72
C TRP C 489 31.58 15.34 -58.00
N LEU C 490 30.84 16.10 -57.20
CA LEU C 490 30.53 17.51 -57.45
C LEU C 490 31.78 18.36 -57.69
N PRO C 491 32.93 18.07 -57.07
CA PRO C 491 34.13 18.84 -57.44
C PRO C 491 34.54 18.77 -58.90
N GLN C 492 34.24 17.69 -59.62
CA GLN C 492 34.70 17.58 -61.00
C GLN C 492 33.64 17.94 -62.06
N ALA C 493 32.46 18.38 -61.63
CA ALA C 493 31.49 19.00 -62.54
C ALA C 493 31.62 20.52 -62.43
N LYS C 494 31.79 21.18 -63.58
CA LYS C 494 31.82 22.63 -63.57
C LYS C 494 30.42 23.23 -63.43
N ALA C 495 29.38 22.51 -63.87
CA ALA C 495 28.02 22.99 -63.71
C ALA C 495 27.13 21.83 -63.38
N VAL C 496 26.05 22.13 -62.64
CA VAL C 496 25.05 21.15 -62.24
C VAL C 496 23.68 21.80 -62.39
N LEU C 497 22.85 21.26 -63.28
CA LEU C 497 21.46 21.71 -63.47
C LEU C 497 20.55 20.66 -62.83
N GLU C 498 19.86 21.04 -61.75
CA GLU C 498 18.90 20.14 -61.12
C GLU C 498 17.58 20.26 -61.87
N ALA C 499 17.23 19.24 -62.65
CA ALA C 499 16.06 19.30 -63.53
C ALA C 499 14.85 18.55 -63.00
N TYR C 500 14.99 17.80 -61.91
CA TYR C 500 13.86 17.10 -61.30
C TYR C 500 13.07 16.26 -62.33
N LEU C 501 11.77 16.23 -62.21
CA LEU C 501 10.92 15.48 -63.13
C LEU C 501 10.19 16.48 -64.03
N GLY C 502 10.82 16.79 -65.17
CA GLY C 502 10.42 17.91 -66.01
C GLY C 502 9.22 17.70 -66.89
N GLY C 503 8.58 16.53 -66.87
CA GLY C 503 7.35 16.39 -67.61
C GLY C 503 7.58 16.09 -69.08
N GLN C 504 6.46 16.06 -69.82
CA GLN C 504 6.52 15.55 -71.18
C GLN C 504 7.25 16.47 -72.13
N ALA C 505 7.58 17.70 -71.72
CA ALA C 505 8.25 18.66 -72.58
C ALA C 505 9.61 19.06 -72.01
N LEU C 506 10.18 18.22 -71.15
CA LEU C 506 11.46 18.52 -70.51
C LEU C 506 12.61 18.76 -71.48
N GLY C 507 12.48 18.36 -72.75
CA GLY C 507 13.56 18.51 -73.71
C GLY C 507 13.76 19.95 -74.10
N GLY C 508 12.69 20.57 -74.58
CA GLY C 508 12.77 21.97 -74.94
C GLY C 508 13.12 22.86 -73.76
N ALA C 509 12.56 22.55 -72.59
CA ALA C 509 12.89 23.31 -71.37
C ALA C 509 14.38 23.23 -71.06
N ILE C 510 14.96 22.03 -71.08
CA ILE C 510 16.38 21.94 -70.76
C ILE C 510 17.20 22.50 -71.90
N ALA C 511 16.72 22.37 -73.13
CA ALA C 511 17.42 22.94 -74.28
C ALA C 511 17.49 24.45 -74.17
N ASP C 512 16.37 25.07 -73.78
CA ASP C 512 16.36 26.52 -73.65
C ASP C 512 17.31 26.97 -72.54
N LEU C 513 17.20 26.34 -71.37
CA LEU C 513 18.03 26.70 -70.23
C LEU C 513 19.50 26.55 -70.55
N LEU C 514 19.86 25.50 -71.29
CA LEU C 514 21.29 25.24 -71.46
C LEU C 514 21.94 26.30 -72.34
N PHE C 515 21.17 26.87 -73.29
CA PHE C 515 21.72 27.83 -74.23
C PHE C 515 21.39 29.27 -73.89
N GLY C 516 20.55 29.50 -72.87
CA GLY C 516 20.20 30.83 -72.41
C GLY C 516 18.94 31.42 -73.00
N ASP C 517 18.23 30.69 -73.89
CA ASP C 517 16.96 31.17 -74.41
C ASP C 517 15.92 31.32 -73.31
N ALA C 518 16.03 30.56 -72.25
CA ALA C 518 15.34 30.88 -71.02
C ALA C 518 16.39 30.98 -69.93
N ASN C 519 16.20 31.89 -68.98
CA ASN C 519 17.16 32.07 -67.89
C ASN C 519 16.74 31.20 -66.71
N PRO C 520 17.64 30.39 -66.13
CA PRO C 520 17.24 29.65 -64.91
C PRO C 520 16.77 30.61 -63.82
N SER C 521 15.71 30.20 -63.12
CA SER C 521 15.16 31.03 -62.06
C SER C 521 14.51 30.18 -60.98
N GLY C 522 15.00 28.97 -60.77
CA GLY C 522 14.43 28.08 -59.80
C GLY C 522 15.30 28.06 -58.55
N LYS C 523 14.66 27.80 -57.43
CA LYS C 523 15.33 27.82 -56.15
C LYS C 523 14.84 26.64 -55.30
N LEU C 524 15.78 25.94 -54.65
CA LEU C 524 15.41 24.73 -53.93
C LEU C 524 14.25 24.99 -52.98
N ALA C 525 13.30 24.04 -52.95
CA ALA C 525 12.19 24.03 -52.02
C ALA C 525 12.31 22.94 -50.97
N GLU C 526 13.43 22.20 -50.96
CA GLU C 526 13.81 21.23 -49.93
C GLU C 526 15.31 21.35 -49.73
N THR C 527 15.81 20.91 -48.57
CA THR C 527 17.25 20.94 -48.29
C THR C 527 17.95 19.69 -48.84
N PHE C 528 19.17 19.86 -49.34
CA PHE C 528 19.99 18.76 -49.87
C PHE C 528 21.12 18.43 -48.89
N PRO C 529 20.93 17.49 -47.97
CA PRO C 529 21.99 17.21 -47.00
C PRO C 529 23.23 16.66 -47.68
N VAL C 530 24.37 16.80 -47.00
CA VAL C 530 25.61 16.25 -47.54
C VAL C 530 25.55 14.73 -47.58
N GLN C 531 25.13 14.10 -46.48
CA GLN C 531 24.95 12.66 -46.40
C GLN C 531 23.61 12.37 -45.75
N LEU C 532 23.08 11.17 -46.00
CA LEU C 532 21.76 10.84 -45.47
C LEU C 532 21.63 11.11 -43.97
N SER C 533 22.65 10.70 -43.20
CA SER C 533 22.60 10.74 -41.74
C SER C 533 22.56 12.16 -41.16
N ASP C 534 22.80 13.20 -41.96
CA ASP C 534 22.69 14.55 -41.41
C ASP C 534 21.23 14.94 -41.13
N ASN C 535 20.28 14.32 -41.82
CA ASN C 535 18.91 14.84 -41.88
C ASN C 535 18.17 14.63 -40.56
N PRO C 536 17.22 15.51 -40.23
CA PRO C 536 16.61 15.46 -38.89
C PRO C 536 15.82 14.21 -38.54
N SER C 537 15.32 13.43 -39.49
CA SER C 537 14.50 12.28 -39.14
C SER C 537 15.32 11.00 -38.91
N PHE C 538 16.65 11.06 -39.02
CA PHE C 538 17.44 9.85 -39.14
C PHE C 538 17.33 8.97 -37.88
N LEU C 539 17.32 9.59 -36.71
CA LEU C 539 17.22 8.83 -35.46
C LEU C 539 15.84 8.26 -35.24
N ASN C 540 14.80 8.67 -35.99
CA ASN C 540 13.45 8.11 -35.84
C ASN C 540 12.72 7.93 -37.17
N PHE C 541 13.33 7.18 -38.08
CA PHE C 541 12.74 6.94 -39.39
C PHE C 541 13.31 5.65 -39.95
N PRO C 542 12.45 4.68 -40.30
CA PRO C 542 10.99 4.73 -40.25
C PRO C 542 10.36 4.24 -38.96
N GLY C 543 11.09 4.18 -37.86
CA GLY C 543 10.48 3.85 -36.61
C GLY C 543 10.67 2.38 -36.25
N GLU C 544 9.79 1.93 -35.37
CA GLU C 544 9.78 0.57 -34.86
C GLU C 544 8.41 0.03 -35.20
N GLY C 545 8.32 -0.67 -36.32
CA GLY C 545 7.10 -1.35 -36.73
C GLY C 545 5.98 -0.41 -37.07
N ASP C 546 4.87 -0.50 -36.34
CA ASP C 546 3.70 0.34 -36.58
C ASP C 546 3.69 1.59 -35.72
N ARG C 547 4.86 2.18 -35.46
CA ARG C 547 4.95 3.33 -34.55
C ARG C 547 6.18 4.14 -34.90
N VAL C 548 5.99 5.45 -35.10
CA VAL C 548 7.09 6.37 -35.41
C VAL C 548 6.87 7.64 -34.60
N GLU C 549 7.90 8.07 -33.87
CA GLU C 549 7.81 9.21 -32.97
C GLU C 549 8.55 10.39 -33.58
N TYR C 550 7.81 11.46 -33.88
CA TYR C 550 8.37 12.65 -34.53
C TYR C 550 9.13 13.48 -33.51
N ARG C 551 10.28 12.95 -33.09
CA ARG C 551 10.94 13.49 -31.91
C ARG C 551 11.75 14.74 -32.20
N GLU C 552 12.12 14.96 -33.46
CA GLU C 552 12.82 16.18 -33.83
C GLU C 552 11.97 17.42 -33.57
N GLY C 553 10.65 17.25 -33.38
CA GLY C 553 9.79 18.37 -33.02
C GLY C 553 9.66 19.34 -34.18
N LEU C 554 9.88 20.62 -33.88
CA LEU C 554 9.79 21.70 -34.85
C LEU C 554 11.00 21.82 -35.76
N PHE C 555 12.02 20.98 -35.63
CA PHE C 555 13.27 21.21 -36.33
C PHE C 555 13.39 20.31 -37.57
N VAL C 556 12.58 20.64 -38.59
CA VAL C 556 12.45 19.90 -39.85
C VAL C 556 13.08 20.73 -40.96
N GLY C 557 13.74 20.07 -41.89
CA GLY C 557 14.37 20.80 -42.98
C GLY C 557 15.39 21.82 -42.48
N TYR C 558 15.41 22.97 -43.18
CA TYR C 558 16.36 24.04 -42.87
C TYR C 558 16.24 24.54 -41.44
N ARG C 559 15.08 24.38 -40.81
CA ARG C 559 14.93 24.66 -39.38
C ARG C 559 15.95 23.88 -38.55
N TYR C 560 16.35 22.69 -39.00
CA TYR C 560 17.33 21.91 -38.26
C TYR C 560 18.76 22.37 -38.56
N TYR C 561 19.12 22.40 -39.84
CA TYR C 561 20.47 22.76 -40.28
C TYR C 561 20.83 24.19 -39.87
N ASP C 562 19.83 25.07 -39.68
CA ASP C 562 20.10 26.39 -39.13
C ASP C 562 20.50 26.30 -37.66
N LYS C 563 19.66 25.64 -36.86
CA LYS C 563 19.86 25.52 -35.42
C LYS C 563 21.14 24.76 -35.10
N LYS C 564 21.34 23.59 -35.72
CA LYS C 564 22.50 22.74 -35.47
C LYS C 564 23.78 23.29 -36.08
N GLN C 565 23.71 24.34 -36.90
CA GLN C 565 24.86 24.80 -37.68
C GLN C 565 25.53 23.64 -38.42
N LEU C 566 24.69 22.80 -39.03
CA LEU C 566 25.15 21.66 -39.83
C LEU C 566 25.06 22.03 -41.32
N ARG C 567 26.21 22.23 -41.94
CA ARG C 567 26.21 22.80 -43.29
C ARG C 567 25.64 21.80 -44.28
N PRO C 568 24.64 22.19 -45.05
CA PRO C 568 24.12 21.31 -46.10
C PRO C 568 24.96 21.38 -47.39
N LEU C 569 24.71 20.40 -48.28
CA LEU C 569 25.32 20.44 -49.60
C LEU C 569 24.77 21.60 -50.41
N PHE C 570 23.45 21.80 -50.34
CA PHE C 570 22.77 22.95 -50.88
C PHE C 570 21.60 23.31 -49.95
N PRO C 571 21.46 24.61 -49.61
CA PRO C 571 20.46 25.04 -48.63
C PRO C 571 19.08 25.25 -49.22
N PHE C 572 18.10 25.25 -48.33
CA PHE C 572 16.73 25.57 -48.71
C PHE C 572 16.72 26.96 -49.32
N GLY C 573 16.16 27.05 -50.52
CA GLY C 573 16.08 28.32 -51.20
C GLY C 573 17.30 28.68 -52.01
N HIS C 574 18.15 27.72 -52.40
CA HIS C 574 19.35 28.05 -53.16
C HIS C 574 19.12 27.87 -54.66
N GLY C 575 19.57 28.86 -55.46
CA GLY C 575 19.56 28.77 -56.91
C GLY C 575 20.42 29.81 -57.63
N LEU C 576 20.92 29.51 -58.82
CA LEU C 576 21.80 30.43 -59.55
C LEU C 576 21.10 30.97 -60.80
N SER C 577 21.67 32.03 -61.39
CA SER C 577 21.11 32.64 -62.60
C SER C 577 22.23 33.06 -63.56
N TYR C 578 21.85 33.32 -64.81
CA TYR C 578 22.81 33.85 -65.77
C TYR C 578 23.02 35.36 -65.68
N THR C 579 22.29 36.06 -64.81
CA THR C 579 22.49 37.47 -64.52
C THR C 579 22.68 37.60 -63.02
N THR C 580 22.84 38.84 -62.51
CA THR C 580 23.02 39.18 -61.10
C THR C 580 21.93 40.11 -60.61
N PHE C 581 21.66 40.12 -59.31
CA PHE C 581 20.60 40.94 -58.74
C PHE C 581 21.07 41.63 -57.47
N ALA C 582 20.85 42.95 -57.38
CA ALA C 582 21.11 43.73 -56.18
C ALA C 582 19.83 44.05 -55.40
N TYR C 583 19.92 43.97 -54.07
CA TYR C 583 18.82 44.28 -53.14
C TYR C 583 19.07 45.59 -52.40
N SER C 584 18.00 46.33 -52.11
CA SER C 584 18.13 47.69 -51.58
C SER C 584 16.80 48.14 -51.00
N ASN C 585 16.84 48.91 -49.90
CA ASN C 585 15.70 49.62 -49.32
C ASN C 585 14.65 48.82 -48.57
N LEU C 586 15.04 47.92 -47.68
CA LEU C 586 14.06 47.36 -46.77
C LEU C 586 13.43 48.49 -45.96
N SER C 587 12.11 48.45 -45.82
CA SER C 587 11.41 49.46 -45.02
C SER C 587 10.04 48.93 -44.63
N VAL C 588 9.57 49.35 -43.44
CA VAL C 588 8.32 48.88 -42.87
C VAL C 588 7.46 50.10 -42.54
N ASP C 589 6.16 50.00 -42.79
CA ASP C 589 5.27 51.14 -42.63
C ASP C 589 5.09 51.52 -41.17
N LYS C 590 5.01 50.52 -40.28
CA LYS C 590 4.90 50.74 -38.85
C LYS C 590 6.06 50.03 -38.15
N LYS C 591 6.63 50.68 -37.15
CA LYS C 591 7.74 50.15 -36.37
C LYS C 591 7.29 49.44 -35.12
N GLU C 592 5.98 49.34 -34.91
CA GLU C 592 5.41 48.68 -33.75
C GLU C 592 3.91 48.47 -33.93
N ILE C 593 3.44 47.23 -33.77
CA ILE C 593 2.03 46.90 -33.99
C ILE C 593 1.52 46.02 -32.86
N LEU C 594 0.22 46.04 -32.67
CA LEU C 594 -0.44 45.08 -31.80
C LEU C 594 -0.66 43.76 -32.54
N ASP C 595 -0.85 42.69 -31.77
CA ASP C 595 -1.03 41.38 -32.38
C ASP C 595 -2.31 41.31 -33.22
N THR C 596 -3.24 42.24 -33.01
CA THR C 596 -4.45 42.30 -33.83
C THR C 596 -4.23 43.05 -35.15
N GLU C 597 -3.07 43.65 -35.35
CA GLU C 597 -2.84 44.51 -36.49
C GLU C 597 -2.01 43.82 -37.57
N THR C 598 -1.87 44.53 -38.70
CA THR C 598 -1.16 44.08 -39.88
C THR C 598 -0.09 45.10 -40.24
N LEU C 599 0.95 44.63 -40.95
CA LEU C 599 2.15 45.42 -41.17
C LEU C 599 2.64 45.21 -42.60
N LYS C 600 3.19 46.25 -43.22
CA LYS C 600 3.61 46.18 -44.62
C LYS C 600 5.13 46.23 -44.73
N VAL C 601 5.73 45.24 -45.43
CA VAL C 601 7.17 45.18 -45.70
C VAL C 601 7.43 45.46 -47.19
N CYS C 602 8.43 46.30 -47.47
CA CYS C 602 8.75 46.74 -48.84
C CYS C 602 10.27 46.69 -49.07
N VAL C 603 10.70 46.14 -50.22
CA VAL C 603 12.10 46.09 -50.63
C VAL C 603 12.17 46.21 -52.16
N ASN C 604 13.30 46.75 -52.65
CA ASN C 604 13.54 46.92 -54.08
C ASN C 604 14.64 45.98 -54.56
N VAL C 605 14.37 45.33 -55.69
CA VAL C 605 15.25 44.37 -56.33
C VAL C 605 15.55 44.92 -57.72
N LYS C 606 16.82 44.91 -58.11
CA LYS C 606 17.27 45.48 -59.37
C LYS C 606 18.19 44.51 -60.11
N ASN C 607 18.01 44.38 -61.42
CA ASN C 607 18.80 43.45 -62.22
C ASN C 607 20.11 44.12 -62.63
N THR C 608 21.19 43.85 -61.88
CA THR C 608 22.49 44.46 -62.14
C THR C 608 23.33 43.69 -63.13
N GLY C 609 22.73 42.80 -63.91
CA GLY C 609 23.43 42.01 -64.90
C GLY C 609 22.96 42.30 -66.31
N GLU C 610 23.55 41.60 -67.26
CA GLU C 610 23.37 41.96 -68.66
C GLU C 610 22.46 41.00 -69.40
N ARG C 611 21.72 40.19 -68.69
CA ARG C 611 20.70 39.36 -69.32
C ARG C 611 19.42 39.50 -68.50
N ALA C 612 18.27 39.52 -69.15
CA ALA C 612 17.05 39.59 -68.36
C ALA C 612 16.80 38.26 -67.62
N GLY C 613 16.07 38.32 -66.50
CA GLY C 613 15.68 37.12 -65.78
C GLY C 613 14.75 37.44 -64.64
N LYS C 614 14.23 36.39 -64.00
CA LYS C 614 13.33 36.54 -62.86
C LYS C 614 14.03 36.17 -61.55
N GLU C 615 13.82 36.96 -60.48
CA GLU C 615 14.49 36.68 -59.21
C GLU C 615 13.47 36.32 -58.14
N ILE C 616 13.83 35.35 -57.28
CA ILE C 616 12.95 34.82 -56.21
C ILE C 616 13.36 35.46 -54.89
N VAL C 617 12.39 36.04 -54.19
CA VAL C 617 12.65 36.79 -52.97
C VAL C 617 11.99 36.10 -51.78
N GLN C 618 12.77 35.81 -50.75
CA GLN C 618 12.30 35.11 -49.56
C GLN C 618 12.30 36.06 -48.36
N LEU C 619 11.21 36.03 -47.59
CA LEU C 619 11.07 36.82 -46.37
C LEU C 619 10.88 35.90 -45.18
N TYR C 620 11.81 36.00 -44.20
CA TYR C 620 11.85 35.21 -42.97
C TYR C 620 11.63 36.09 -41.74
N VAL C 621 11.08 35.49 -40.68
CA VAL C 621 10.88 36.18 -39.41
C VAL C 621 11.70 35.46 -38.35
N ARG C 622 12.31 36.25 -37.44
CA ARG C 622 13.16 35.74 -36.38
C ARG C 622 12.66 36.27 -35.04
N ASP C 623 12.02 35.44 -34.25
CA ASP C 623 11.66 35.83 -32.89
C ASP C 623 12.94 36.00 -32.08
N VAL C 624 13.17 37.17 -31.49
CA VAL C 624 14.47 37.35 -30.87
C VAL C 624 14.53 36.72 -29.47
N GLU C 625 13.41 36.74 -28.75
CA GLU C 625 13.34 36.25 -27.38
C GLU C 625 11.98 35.59 -27.18
N SER C 626 12.00 34.39 -26.60
CA SER C 626 10.78 33.61 -26.42
C SER C 626 10.98 32.76 -25.19
N SER C 627 9.90 32.56 -24.44
CA SER C 627 9.93 31.66 -23.30
C SER C 627 9.74 30.20 -23.71
N VAL C 628 9.63 29.93 -25.02
CA VAL C 628 9.44 28.60 -25.55
C VAL C 628 10.42 28.36 -26.68
N ILE C 629 10.57 27.09 -27.04
CA ILE C 629 11.53 26.66 -28.03
C ILE C 629 10.98 26.99 -29.41
N ARG C 630 11.80 27.63 -30.23
CA ARG C 630 11.43 28.07 -31.56
C ARG C 630 12.64 27.91 -32.45
N PRO C 631 12.44 27.70 -33.75
CA PRO C 631 13.56 27.78 -34.70
C PRO C 631 14.10 29.21 -34.76
N LEU C 632 15.28 29.37 -35.37
CA LEU C 632 15.89 30.68 -35.49
C LEU C 632 15.13 31.57 -36.49
N LYS C 633 14.81 31.04 -37.66
CA LYS C 633 14.05 31.72 -38.70
C LYS C 633 12.93 30.81 -39.16
N GLU C 634 11.86 31.42 -39.65
CA GLU C 634 10.77 30.72 -40.32
C GLU C 634 10.38 31.54 -41.55
N LEU C 635 10.25 30.87 -42.70
CA LEU C 635 9.86 31.56 -43.93
C LEU C 635 8.43 32.09 -43.78
N LYS C 636 8.23 33.37 -44.05
CA LYS C 636 6.91 33.92 -43.84
C LYS C 636 6.40 34.73 -45.01
N GLY C 637 7.05 34.64 -46.18
CA GLY C 637 6.54 35.25 -47.40
C GLY C 637 7.47 35.18 -48.59
N PHE C 638 6.94 35.35 -49.80
CA PHE C 638 7.82 35.26 -50.96
C PHE C 638 7.07 35.70 -52.21
N ASP C 639 7.83 36.13 -53.22
CA ASP C 639 7.30 36.50 -54.51
C ASP C 639 8.44 36.36 -55.53
N LYS C 640 8.06 36.29 -56.80
CA LYS C 640 8.98 36.21 -57.94
C LYS C 640 8.73 37.40 -58.85
N VAL C 641 9.78 37.87 -59.52
CA VAL C 641 9.65 39.15 -60.20
C VAL C 641 10.63 39.19 -61.39
N PHE C 642 10.12 39.62 -62.53
CA PHE C 642 10.84 39.66 -63.79
C PHE C 642 11.44 41.04 -64.04
N LEU C 643 12.74 41.06 -64.37
CA LEU C 643 13.47 42.31 -64.55
C LEU C 643 14.39 42.20 -65.75
N ALA C 644 14.32 43.19 -66.63
CA ALA C 644 15.25 43.39 -67.73
C ALA C 644 16.52 44.02 -67.18
N PRO C 645 17.64 43.89 -67.90
CA PRO C 645 18.89 44.52 -67.42
C PRO C 645 18.71 46.00 -67.10
N GLY C 646 19.27 46.39 -65.97
CA GLY C 646 19.14 47.71 -65.42
C GLY C 646 17.81 48.00 -64.77
N GLU C 647 16.81 47.17 -64.94
CA GLU C 647 15.49 47.44 -64.40
C GLU C 647 15.44 47.14 -62.91
N GLU C 648 14.68 47.97 -62.19
CA GLU C 648 14.44 47.78 -60.77
C GLU C 648 12.94 47.93 -60.51
N LYS C 649 12.44 47.24 -59.50
CA LYS C 649 11.04 47.40 -59.08
C LYS C 649 10.99 47.39 -57.55
N THR C 650 9.79 47.17 -57.03
CA THR C 650 9.56 47.15 -55.59
C THR C 650 8.57 46.08 -55.26
N LEU C 651 8.90 45.25 -54.29
CA LEU C 651 8.02 44.16 -53.93
C LEU C 651 7.42 44.43 -52.56
N THR C 652 6.23 43.87 -52.33
CA THR C 652 5.40 44.13 -51.15
C THR C 652 4.99 42.83 -50.46
N PHE C 653 5.23 42.77 -49.15
CA PHE C 653 4.81 41.67 -48.31
C PHE C 653 3.90 42.20 -47.20
N GLU C 654 3.06 41.33 -46.62
CA GLU C 654 2.18 41.71 -45.51
C GLU C 654 2.32 40.71 -44.38
N LEU C 655 2.76 41.16 -43.21
CA LEU C 655 2.89 40.29 -42.04
C LEU C 655 1.75 40.54 -41.06
N GLY C 656 1.48 39.53 -40.23
CA GLY C 656 0.37 39.56 -39.33
C GLY C 656 0.59 38.66 -38.16
N LYS C 657 -0.49 38.37 -37.43
CA LYS C 657 -0.37 37.58 -36.20
C LYS C 657 0.36 36.26 -36.46
N ARG C 658 -0.03 35.53 -37.51
CA ARG C 658 0.59 34.24 -37.84
C ARG C 658 2.00 34.37 -38.39
N SER C 659 2.45 35.57 -38.77
CA SER C 659 3.88 35.74 -39.04
C SER C 659 4.73 35.69 -37.77
N PHE C 660 4.15 35.90 -36.60
CA PHE C 660 4.96 35.93 -35.40
C PHE C 660 4.60 34.91 -34.34
N ALA C 661 3.43 34.27 -34.41
CA ALA C 661 2.88 33.54 -33.27
C ALA C 661 3.24 32.05 -33.30
N TYR C 662 3.43 31.47 -32.11
CA TYR C 662 3.57 30.04 -31.94
C TYR C 662 2.28 29.43 -31.39
N TYR C 663 2.18 28.11 -31.43
CA TYR C 663 0.97 27.48 -30.95
C TYR C 663 1.13 27.15 -29.48
N ASP C 664 0.10 27.45 -28.70
CA ASP C 664 0.16 27.38 -27.24
C ASP C 664 -0.90 26.40 -26.77
N PRO C 665 -0.55 25.14 -26.54
CA PRO C 665 -1.58 24.15 -26.20
C PRO C 665 -2.36 24.46 -24.93
N SER C 666 -1.79 25.27 -24.03
CA SER C 666 -2.44 25.53 -22.74
C SER C 666 -3.74 26.29 -22.92
N ILE C 667 -3.74 27.37 -23.72
CA ILE C 667 -4.97 28.08 -24.04
C ILE C 667 -5.60 27.54 -25.33
N LYS C 668 -4.99 26.56 -25.98
CA LYS C 668 -5.48 25.95 -27.20
C LYS C 668 -5.72 27.03 -28.27
N ASP C 669 -4.69 27.83 -28.53
CA ASP C 669 -4.79 28.89 -29.50
C ASP C 669 -3.39 29.38 -29.85
N TRP C 670 -3.32 30.34 -30.75
CA TRP C 670 -2.09 30.95 -31.21
C TRP C 670 -1.70 32.12 -30.32
N MET C 671 -0.40 32.28 -30.13
CA MET C 671 0.09 33.18 -29.10
C MET C 671 1.28 33.98 -29.59
N VAL C 672 1.21 35.29 -29.37
CA VAL C 672 2.32 36.20 -29.57
C VAL C 672 2.86 36.54 -28.19
N GLU C 673 4.19 36.57 -28.07
CA GLU C 673 4.88 37.01 -26.88
C GLU C 673 5.44 38.40 -27.15
N THR C 674 5.01 39.38 -26.36
CA THR C 674 5.43 40.76 -26.54
C THR C 674 6.95 40.88 -26.67
N GLY C 675 7.46 41.27 -27.83
CA GLY C 675 8.89 41.50 -27.94
C GLY C 675 9.29 41.98 -29.31
N ALA C 676 10.59 41.90 -29.60
CA ALA C 676 11.15 42.23 -30.90
C ALA C 676 11.31 41.00 -31.79
N PHE C 677 10.88 41.13 -33.07
CA PHE C 677 11.07 40.16 -34.16
C PHE C 677 11.83 40.81 -35.31
N GLU C 678 12.68 40.04 -35.98
CA GLU C 678 13.52 40.58 -37.06
C GLU C 678 13.02 40.13 -38.43
N ILE C 679 12.86 41.08 -39.36
CA ILE C 679 12.41 40.81 -40.72
C ILE C 679 13.65 40.64 -41.59
N LEU C 680 13.79 39.49 -42.25
CA LEU C 680 15.04 39.11 -42.91
C LEU C 680 14.78 38.77 -44.37
N ILE C 681 15.45 39.51 -45.27
CA ILE C 681 15.31 39.35 -46.73
C ILE C 681 16.56 38.68 -47.29
N GLY C 682 16.39 37.50 -47.89
CA GLY C 682 17.52 36.77 -48.42
C GLY C 682 17.28 36.19 -49.80
N ARG C 683 18.40 35.87 -50.47
CA ARG C 683 18.41 35.07 -51.70
C ARG C 683 18.27 33.59 -51.42
N SER C 684 18.50 33.15 -50.18
CA SER C 684 18.39 31.74 -49.82
C SER C 684 18.11 31.67 -48.33
N SER C 685 18.02 30.46 -47.81
CA SER C 685 17.93 30.35 -46.36
C SER C 685 19.27 30.60 -45.67
N GLN C 686 20.38 30.58 -46.42
CA GLN C 686 21.66 30.93 -45.85
C GLN C 686 22.00 32.40 -46.00
N ASP C 687 21.54 33.04 -47.06
CA ASP C 687 22.05 34.35 -47.44
C ASP C 687 20.99 35.43 -47.13
N ILE C 688 21.08 36.00 -45.93
CA ILE C 688 20.32 37.21 -45.62
C ILE C 688 21.09 38.41 -46.15
N VAL C 689 20.41 39.34 -46.82
CA VAL C 689 21.05 40.57 -47.28
C VAL C 689 20.58 41.83 -46.53
N LEU C 690 19.40 41.83 -45.91
CA LEU C 690 18.85 43.01 -45.27
C LEU C 690 17.92 42.65 -44.14
N ALA C 691 17.98 43.44 -43.07
CA ALA C 691 17.19 43.16 -41.90
C ALA C 691 16.60 44.47 -41.33
N GLU C 692 15.61 44.29 -40.46
CA GLU C 692 14.84 45.35 -39.84
C GLU C 692 14.14 44.76 -38.62
N THR C 693 14.08 45.51 -37.54
CA THR C 693 13.44 45.05 -36.31
C THR C 693 12.11 45.75 -36.14
N VAL C 694 11.12 45.01 -35.66
CA VAL C 694 9.82 45.57 -35.36
C VAL C 694 9.44 45.11 -33.97
N MET C 695 8.45 45.78 -33.40
CA MET C 695 8.01 45.46 -32.05
C MET C 695 6.56 45.02 -32.14
N VAL C 696 6.29 43.76 -31.80
CA VAL C 696 4.92 43.28 -31.77
C VAL C 696 4.54 43.12 -30.30
N ARG C 697 3.35 43.60 -29.94
CA ARG C 697 2.92 43.63 -28.54
C ARG C 697 1.59 42.91 -28.44
N SER C 698 1.57 41.86 -27.61
CA SER C 698 0.40 41.01 -27.42
C SER C 698 -0.74 41.75 -26.73
N THR C 699 -1.96 41.36 -27.06
CA THR C 699 -3.15 41.92 -26.45
C THR C 699 -3.76 40.98 -25.42
N VAL C 700 -3.01 39.97 -25.00
CA VAL C 700 -3.48 38.93 -24.09
C VAL C 700 -2.72 39.10 -22.78
N SER C 701 -3.46 39.27 -21.69
CA SER C 701 -2.90 39.42 -20.35
C SER C 701 -3.32 38.19 -19.54
N ARG C 702 -2.35 37.38 -19.13
CA ARG C 702 -2.63 36.17 -18.34
C ARG C 702 -2.33 36.45 -16.87
N LYS C 703 -3.30 36.11 -15.99
CA LYS C 703 -3.10 36.27 -14.55
C LYS C 703 -2.11 35.23 -14.06
N ILE C 704 -1.14 35.65 -13.26
CA ILE C 704 -0.18 34.72 -12.69
C ILE C 704 -0.78 34.11 -11.42
N VAL C 705 -0.67 32.79 -11.27
CA VAL C 705 -1.17 32.10 -10.07
C VAL C 705 0.01 31.47 -9.34
N TYR C 706 0.25 31.93 -8.11
CA TYR C 706 1.37 31.45 -7.28
C TYR C 706 1.02 30.12 -6.59
N HIS C 707 2.05 29.33 -6.28
CA HIS C 707 1.84 28.03 -5.65
C HIS C 707 3.08 27.63 -4.87
N ARG C 708 3.05 26.42 -4.30
CA ARG C 708 4.10 26.05 -3.35
C ARG C 708 5.47 25.89 -4.00
N ASN C 709 5.54 25.83 -5.33
CA ASN C 709 6.83 25.72 -5.99
C ASN C 709 7.07 26.86 -6.94
N SER C 710 6.41 27.98 -6.72
CA SER C 710 6.81 29.22 -7.37
C SER C 710 8.16 29.65 -6.82
N THR C 711 9.02 30.18 -7.69
CA THR C 711 10.35 30.56 -7.27
C THR C 711 10.33 31.95 -6.61
N VAL C 712 11.38 32.26 -5.84
CA VAL C 712 11.52 33.60 -5.27
C VAL C 712 11.56 34.66 -6.36
N ALA C 713 12.07 34.30 -7.55
CA ALA C 713 12.07 35.25 -8.66
C ALA C 713 10.67 35.46 -9.22
N ASP C 714 9.79 34.46 -9.15
CA ASP C 714 8.42 34.65 -9.64
C ASP C 714 7.65 35.68 -8.82
N LEU C 715 8.11 36.00 -7.61
CA LEU C 715 7.43 36.98 -6.79
C LEU C 715 7.47 38.37 -7.44
N MET C 716 8.50 38.65 -8.27
CA MET C 716 8.70 39.96 -8.87
C MET C 716 7.83 40.20 -10.12
N LEU C 717 6.71 39.48 -10.26
CA LEU C 717 5.74 39.76 -11.31
C LEU C 717 4.55 40.54 -10.82
N THR C 718 4.36 40.66 -9.52
CA THR C 718 3.29 41.43 -8.93
C THR C 718 3.89 42.30 -7.83
N GLU C 719 3.19 43.39 -7.49
CA GLU C 719 3.70 44.33 -6.48
C GLU C 719 3.45 43.80 -5.08
N LYS C 720 2.42 42.97 -4.90
CA LYS C 720 2.29 42.22 -3.66
C LYS C 720 3.48 41.29 -3.49
N GLY C 721 3.87 40.61 -4.57
CA GLY C 721 4.92 39.61 -4.49
C GLY C 721 6.29 40.18 -4.21
N ALA C 722 6.65 41.31 -4.83
CA ALA C 722 7.94 41.90 -4.52
C ALA C 722 7.97 42.52 -3.12
N ALA C 723 6.80 42.74 -2.51
CA ALA C 723 6.77 43.17 -1.12
C ALA C 723 7.41 42.13 -0.21
N PHE C 724 6.88 40.91 -0.21
CA PHE C 724 7.47 39.84 0.58
C PHE C 724 8.83 39.41 0.08
N ALA C 725 9.14 39.71 -1.18
CA ALA C 725 10.41 39.23 -1.76
C ALA C 725 11.61 39.74 -0.98
N GLN C 726 11.51 40.93 -0.38
CA GLN C 726 12.65 41.47 0.36
C GLN C 726 12.78 40.81 1.75
N LYS C 727 11.67 40.71 2.48
CA LYS C 727 11.69 40.07 3.78
C LYS C 727 12.22 38.65 3.69
N LEU C 728 11.84 37.93 2.61
CA LEU C 728 12.12 36.51 2.46
C LEU C 728 13.59 36.25 2.20
N ARG C 729 14.23 37.04 1.34
CA ARG C 729 15.66 36.86 1.09
C ARG C 729 16.51 37.27 2.30
N GLY C 730 15.98 38.11 3.18
CA GLY C 730 16.67 38.32 4.43
C GLY C 730 16.78 37.05 5.26
N MET C 731 15.79 36.17 5.16
CA MET C 731 15.66 35.03 6.05
C MET C 731 16.60 33.88 5.68
N ILE C 732 17.16 33.85 4.48
CA ILE C 732 18.19 32.86 4.17
C ILE C 732 19.41 33.25 5.01
N PRO C 733 19.86 32.43 5.96
CA PRO C 733 20.87 32.91 6.92
C PRO C 733 22.31 32.95 6.38
N PHE C 734 22.65 32.15 5.37
CA PHE C 734 23.96 32.27 4.74
C PHE C 734 23.98 33.28 3.60
N GLY C 735 22.87 33.97 3.36
CA GLY C 735 22.78 34.83 2.19
C GLY C 735 23.73 36.00 2.18
N GLU C 736 24.04 36.55 3.34
CA GLU C 736 24.73 37.84 3.38
C GLU C 736 26.23 37.75 3.66
N THR C 737 26.66 36.83 4.52
CA THR C 737 28.07 36.72 4.87
C THR C 737 28.79 36.01 3.71
N VAL C 738 29.36 36.79 2.79
CA VAL C 738 30.07 36.21 1.64
C VAL C 738 31.05 37.21 1.07
N GLY C 739 32.24 36.72 0.75
CA GLY C 739 33.13 37.40 -0.16
C GLY C 739 32.54 37.39 -1.56
N GLU C 740 33.37 37.40 -2.59
CA GLU C 740 32.88 37.61 -3.95
C GLU C 740 32.88 36.38 -4.84
N GLU C 741 33.83 35.45 -4.66
CA GLU C 741 33.93 34.35 -5.61
C GLU C 741 32.64 33.54 -5.66
N TYR C 742 32.01 33.33 -4.52
CA TYR C 742 30.76 32.57 -4.50
C TYR C 742 29.56 33.42 -4.87
N ALA C 743 29.77 34.64 -5.41
CA ALA C 743 28.65 35.52 -5.75
C ALA C 743 27.76 34.91 -6.82
N GLU C 744 28.38 34.33 -7.85
CA GLU C 744 27.61 33.76 -8.95
C GLU C 744 26.60 32.74 -8.46
N MET C 745 27.04 31.76 -7.65
CA MET C 745 26.12 30.69 -7.28
C MET C 745 25.20 31.09 -6.14
N LEU C 746 25.60 32.05 -5.31
CA LEU C 746 24.73 32.48 -4.22
C LEU C 746 23.52 33.22 -4.76
N GLU C 747 23.69 34.04 -5.79
CA GLU C 747 22.52 34.68 -6.38
C GLU C 747 21.62 33.65 -7.06
N ALA C 748 22.22 32.70 -7.77
CA ALA C 748 21.43 31.70 -8.46
C ALA C 748 20.54 30.93 -7.48
N PHE C 749 21.07 30.62 -6.29
CA PHE C 749 20.29 29.92 -5.27
C PHE C 749 19.05 30.73 -4.91
N LYS C 750 19.26 31.98 -4.46
CA LYS C 750 18.17 32.78 -3.90
C LYS C 750 17.07 33.03 -4.91
N GLU C 751 17.42 33.13 -6.20
CA GLU C 751 16.45 33.39 -7.28
C GLU C 751 15.59 32.17 -7.61
N SER C 752 16.15 30.94 -7.48
CA SER C 752 15.50 29.72 -7.92
C SER C 752 14.89 28.87 -6.80
N VAL C 753 15.06 29.23 -5.52
CA VAL C 753 14.44 28.43 -4.45
C VAL C 753 12.93 28.45 -4.61
N PRO C 754 12.23 27.33 -4.52
CA PRO C 754 10.77 27.40 -4.44
C PRO C 754 10.36 27.93 -3.07
N LEU C 755 9.16 28.50 -3.02
CA LEU C 755 8.65 29.00 -1.74
C LEU C 755 8.63 27.89 -0.69
N ARG C 756 8.25 26.67 -1.08
CA ARG C 756 8.26 25.57 -0.11
C ARG C 756 9.68 25.21 0.32
N GLY C 757 10.68 25.47 -0.53
CA GLY C 757 12.07 25.24 -0.17
C GLY C 757 12.60 26.19 0.88
N LEU C 758 11.99 27.38 1.02
CA LEU C 758 12.43 28.29 2.07
C LEU C 758 12.21 27.70 3.46
N ILE C 759 11.23 26.80 3.61
CA ILE C 759 10.98 26.16 4.89
C ILE C 759 12.26 25.49 5.40
N SER C 760 13.06 24.94 4.48
CA SER C 760 14.29 24.23 4.85
C SER C 760 15.49 25.15 5.11
N PHE C 761 15.41 26.44 4.78
CA PHE C 761 16.58 27.31 4.93
C PHE C 761 16.21 28.67 5.50
N SER C 762 15.27 28.71 6.45
CA SER C 762 14.86 29.98 7.06
C SER C 762 15.07 30.00 8.57
N ALA C 763 15.80 29.04 9.11
CA ALA C 763 16.05 28.93 10.56
C ALA C 763 14.73 28.83 11.33
N GLY C 764 13.85 27.96 10.85
CA GLY C 764 12.56 27.80 11.50
C GLY C 764 11.62 28.98 11.38
N ARG C 765 12.03 30.07 10.75
CA ARG C 765 11.20 31.27 10.79
C ARG C 765 10.15 31.33 9.69
N PHE C 766 10.11 30.37 8.77
CA PHE C 766 9.14 30.32 7.68
C PHE C 766 8.56 28.92 7.57
N THR C 767 7.27 28.78 7.83
CA THR C 767 6.66 27.47 7.94
C THR C 767 5.51 27.30 6.94
N GLU C 768 4.98 26.07 6.96
CA GLU C 768 3.91 25.68 6.06
C GLU C 768 2.67 26.53 6.28
N GLU C 769 2.44 26.98 7.53
CA GLU C 769 1.33 27.87 7.80
C GLU C 769 1.58 29.27 7.24
N ASP C 770 2.82 29.75 7.36
CA ASP C 770 3.16 31.06 6.83
C ASP C 770 2.99 31.09 5.32
N LEU C 771 3.57 30.10 4.63
CA LEU C 771 3.41 29.99 3.17
C LEU C 771 1.94 29.87 2.78
N SER C 772 1.13 29.18 3.59
CA SER C 772 -0.29 29.05 3.32
C SER C 772 -0.96 30.41 3.36
N LYS C 773 -0.69 31.18 4.41
CA LYS C 773 -1.18 32.55 4.46
C LYS C 773 -0.58 33.39 3.34
N LEU C 774 0.70 33.17 3.01
CA LEU C 774 1.29 33.92 1.91
C LEU C 774 0.57 33.62 0.60
N LEU C 775 0.15 32.37 0.39
CA LEU C 775 -0.44 32.04 -0.91
C LEU C 775 -1.84 32.64 -1.05
N GLU C 776 -2.60 32.78 0.04
CA GLU C 776 -3.88 33.48 -0.02
C GLU C 776 -3.70 34.93 -0.45
N TYR C 777 -2.82 35.66 0.23
CA TYR C 777 -2.59 37.06 -0.11
C TYR C 777 -2.21 37.21 -1.58
N LEU C 778 -1.29 36.37 -2.07
CA LEU C 778 -0.82 36.51 -3.45
C LEU C 778 -1.90 36.26 -4.50
N ASN C 779 -2.85 35.36 -4.22
CA ASN C 779 -3.81 34.95 -5.22
C ASN C 779 -5.19 35.57 -5.03
N GLY C 780 -5.31 36.56 -4.14
CA GLY C 780 -6.59 37.22 -3.94
C GLY C 780 -6.57 38.71 -4.16
N ARG D 32 22.81 -7.30 18.48
CA ARG D 32 21.81 -6.28 18.71
C ARG D 32 20.45 -6.70 18.15
N ASP D 33 19.39 -6.64 18.97
CA ASP D 33 18.04 -7.08 18.58
C ASP D 33 17.19 -5.84 18.30
N LEU D 34 17.15 -5.41 17.03
CA LEU D 34 16.61 -4.08 16.74
C LEU D 34 15.11 -4.02 17.00
N LYS D 35 14.38 -5.11 16.71
CA LYS D 35 12.93 -5.08 16.87
C LYS D 35 12.53 -4.94 18.34
N ALA D 36 13.38 -5.37 19.26
CA ALA D 36 13.20 -5.02 20.66
C ALA D 36 13.39 -3.52 20.88
N LEU D 37 14.44 -2.97 20.29
CA LEU D 37 14.77 -1.55 20.46
C LEU D 37 13.65 -0.64 19.95
N ILE D 38 13.14 -0.90 18.76
CA ILE D 38 12.12 -0.05 18.17
C ILE D 38 10.81 -0.14 18.96
N SER D 39 10.52 -1.32 19.52
CA SER D 39 9.29 -1.55 20.27
C SER D 39 9.23 -0.75 21.57
N GLN D 40 10.38 -0.31 22.07
CA GLN D 40 10.46 0.49 23.28
C GLN D 40 10.44 2.00 23.01
N MET D 41 10.36 2.42 21.74
CA MET D 41 10.43 3.83 21.36
C MET D 41 9.03 4.45 21.37
N THR D 42 8.93 5.69 21.83
CA THR D 42 7.67 6.43 21.77
C THR D 42 7.35 6.79 20.32
N LEU D 43 6.07 7.10 20.06
CA LEU D 43 5.72 7.49 18.70
C LEU D 43 6.52 8.70 18.26
N GLU D 44 6.79 9.63 19.18
CA GLU D 44 7.56 10.82 18.84
C GLU D 44 9.01 10.49 18.55
N GLU D 45 9.61 9.62 19.36
CA GLU D 45 11.02 9.25 19.16
C GLU D 45 11.24 8.54 17.82
N LYS D 46 10.37 7.58 17.47
CA LYS D 46 10.49 6.94 16.16
C LYS D 46 10.50 7.98 15.06
N ALA D 47 9.42 8.76 14.96
CA ALA D 47 9.31 9.79 13.93
C ALA D 47 10.48 10.78 13.98
N SER D 48 11.07 11.01 15.17
CA SER D 48 12.17 11.96 15.28
C SER D 48 13.46 11.45 14.63
N LEU D 49 13.63 10.13 14.51
CA LEU D 49 14.77 9.62 13.78
C LEU D 49 14.69 9.96 12.28
N CYS D 50 13.50 10.28 11.76
CA CYS D 50 13.29 10.43 10.34
C CYS D 50 13.81 11.74 9.76
N THR D 51 14.32 12.64 10.59
CA THR D 51 15.02 13.82 10.11
C THR D 51 16.33 13.98 10.87
N GLY D 52 17.15 14.89 10.37
CA GLY D 52 18.39 15.25 11.05
C GLY D 52 18.12 15.91 12.40
N ARG D 53 19.23 16.09 13.12
CA ARG D 53 19.27 16.92 14.33
C ARG D 53 19.66 18.33 13.94
N ASP D 54 20.60 18.46 13.01
CA ASP D 54 20.98 19.73 12.42
C ASP D 54 21.29 19.58 10.93
N THR D 55 22.38 20.20 10.47
CA THR D 55 22.78 20.17 9.07
C THR D 55 23.62 18.95 8.75
N TRP D 56 24.38 18.45 9.72
CA TRP D 56 25.30 17.36 9.43
C TRP D 56 25.22 16.18 10.38
N HIS D 57 24.34 16.16 11.36
CA HIS D 57 24.30 15.00 12.25
C HIS D 57 22.90 14.39 12.28
N THR D 58 22.84 13.11 12.70
CA THR D 58 21.57 12.41 12.85
C THR D 58 21.05 12.55 14.27
N GLN D 59 19.78 12.20 14.44
CA GLN D 59 19.11 12.36 15.73
C GLN D 59 19.57 11.28 16.68
N PRO D 60 20.11 11.64 17.85
CA PRO D 60 20.39 10.65 18.89
C PRO D 60 19.14 10.47 19.74
N ILE D 61 19.05 9.31 20.37
CA ILE D 61 18.06 9.07 21.41
C ILE D 61 18.83 8.57 22.61
N GLU D 62 19.19 9.49 23.52
CA GLU D 62 20.06 9.14 24.65
C GLU D 62 19.36 8.19 25.60
N ARG D 63 18.02 8.27 25.67
CA ARG D 63 17.26 7.42 26.58
C ARG D 63 17.44 5.93 26.27
N LEU D 64 17.67 5.57 25.00
CA LEU D 64 17.81 4.18 24.59
C LEU D 64 19.15 3.93 23.90
N GLY D 65 20.14 4.79 24.16
CA GLY D 65 21.50 4.54 23.72
C GLY D 65 21.69 4.49 22.22
N ILE D 66 20.84 5.18 21.47
CA ILE D 66 21.05 5.38 20.04
C ILE D 66 21.91 6.63 19.88
N PRO D 67 23.12 6.51 19.37
CA PRO D 67 24.03 7.66 19.29
C PRO D 67 23.70 8.52 18.08
N SER D 68 24.46 9.60 17.95
CA SER D 68 24.45 10.51 16.82
C SER D 68 25.66 10.21 15.91
N VAL D 69 25.48 10.39 14.59
CA VAL D 69 26.57 10.24 13.61
C VAL D 69 26.57 11.46 12.67
N MET D 70 27.66 11.60 11.92
CA MET D 70 27.92 12.79 11.10
C MET D 70 28.14 12.42 9.63
N MET D 71 27.38 13.09 8.74
CA MET D 71 27.58 13.05 7.29
C MET D 71 28.46 14.21 6.80
N THR D 72 29.21 13.98 5.74
CA THR D 72 30.11 15.01 5.26
C THR D 72 30.37 14.88 3.77
N ASP D 73 30.37 16.02 3.09
CA ASP D 73 30.53 16.07 1.64
C ASP D 73 31.95 15.69 1.24
N GLY D 74 32.07 15.43 -0.06
CA GLY D 74 33.34 15.24 -0.70
C GLY D 74 33.38 14.01 -1.57
N PRO D 75 32.94 14.17 -2.82
CA PRO D 75 33.16 13.10 -3.81
C PRO D 75 34.62 12.82 -4.06
N HIS D 76 35.52 13.77 -3.80
CA HIS D 76 36.95 13.55 -4.03
C HIS D 76 37.78 14.30 -3.00
N GLY D 77 37.30 14.37 -1.75
CA GLY D 77 38.02 14.95 -0.65
C GLY D 77 37.06 15.40 0.43
N LEU D 78 37.50 15.45 1.69
CA LEU D 78 36.60 15.75 2.79
C LEU D 78 36.34 17.25 2.97
N ARG D 79 35.07 17.60 3.16
CA ARG D 79 34.67 18.98 3.43
C ARG D 79 34.02 19.08 4.81
N LYS D 80 34.79 18.77 5.86
CA LYS D 80 34.25 18.73 7.22
C LYS D 80 34.17 20.15 7.79
N GLN D 81 32.98 20.57 8.18
CA GLN D 81 32.80 21.92 8.67
C GLN D 81 32.66 21.89 10.18
N LYS D 82 33.65 22.50 10.84
CA LYS D 82 33.74 22.70 12.28
C LYS D 82 32.45 23.28 12.88
N ALA D 83 32.07 24.50 12.44
CA ALA D 83 30.90 25.17 12.97
C ALA D 83 30.22 25.97 11.85
N ALA D 84 29.61 25.26 10.90
CA ALA D 84 29.05 25.91 9.71
C ALA D 84 27.89 25.10 9.14
N SER D 85 26.70 25.70 9.13
CA SER D 85 25.51 25.10 8.51
C SER D 85 25.43 25.53 7.04
N ASP D 86 26.37 25.01 6.25
CA ASP D 86 26.55 25.45 4.85
C ASP D 86 26.54 24.25 3.91
N HIS D 87 25.46 24.10 3.14
CA HIS D 87 25.36 23.02 2.16
C HIS D 87 25.86 23.41 0.78
N LEU D 88 26.56 24.55 0.64
CA LEU D 88 27.01 25.03 -0.66
C LEU D 88 28.51 25.23 -0.78
N GLY D 89 29.29 24.97 0.27
CA GLY D 89 30.72 25.21 0.17
C GLY D 89 31.14 26.67 0.17
N LEU D 90 30.46 27.50 0.95
CA LEU D 90 30.71 28.95 1.10
C LEU D 90 31.62 29.29 2.28
N PHE D 91 31.59 28.49 3.33
CA PHE D 91 32.34 28.73 4.55
C PHE D 91 33.57 27.82 4.59
N ASP D 92 34.64 28.35 5.12
CA ASP D 92 35.85 27.56 5.27
C ASP D 92 35.60 26.29 6.11
N SER D 93 36.46 25.28 5.91
CA SER D 93 36.27 23.95 6.50
C SER D 93 37.58 23.41 7.04
N VAL D 94 37.51 22.22 7.64
CA VAL D 94 38.72 21.58 8.14
C VAL D 94 39.56 21.11 6.95
N PRO D 95 40.85 21.44 6.90
CA PRO D 95 41.64 21.14 5.70
C PRO D 95 41.97 19.65 5.54
N SER D 96 41.81 19.17 4.29
CA SER D 96 41.85 17.75 3.97
C SER D 96 42.41 17.58 2.56
N THR D 97 42.77 16.33 2.19
CA THR D 97 43.38 16.12 0.87
C THR D 97 42.35 16.30 -0.23
N CYS D 98 42.71 17.11 -1.23
CA CYS D 98 41.87 17.37 -2.40
C CYS D 98 42.39 16.52 -3.54
N PHE D 99 41.76 15.38 -3.77
CA PHE D 99 42.09 14.48 -4.86
C PHE D 99 41.55 15.02 -6.20
N PRO D 100 42.05 14.49 -7.35
CA PRO D 100 41.51 14.93 -8.64
C PRO D 100 40.01 14.70 -8.74
N SER D 101 39.37 15.48 -9.60
CA SER D 101 37.92 15.44 -9.76
C SER D 101 37.50 14.31 -10.68
N ALA D 102 36.25 13.85 -10.50
CA ALA D 102 35.74 12.67 -11.21
C ALA D 102 36.09 12.70 -12.69
N VAL D 103 35.99 13.86 -13.34
CA VAL D 103 36.08 13.89 -14.80
C VAL D 103 37.42 13.32 -15.26
N GLY D 104 38.52 13.69 -14.58
CA GLY D 104 39.82 13.17 -14.95
C GLY D 104 40.15 11.81 -14.37
N VAL D 105 39.64 11.49 -13.18
CA VAL D 105 39.87 10.16 -12.62
C VAL D 105 39.19 9.10 -13.46
N ALA D 106 38.00 9.41 -13.99
CA ALA D 106 37.33 8.46 -14.88
C ALA D 106 38.14 8.24 -16.16
N SER D 107 38.85 9.27 -16.63
CA SER D 107 39.73 9.16 -17.79
C SER D 107 40.88 8.20 -17.57
N SER D 108 41.11 7.77 -16.33
CA SER D 108 42.14 6.78 -16.12
C SER D 108 41.66 5.44 -16.59
N TRP D 109 40.33 5.25 -16.62
CA TRP D 109 39.77 3.95 -16.97
C TRP D 109 40.41 2.87 -16.09
N ASN D 110 40.66 3.21 -14.84
CA ASN D 110 41.44 2.36 -13.96
C ASN D 110 40.61 2.03 -12.72
N ARG D 111 39.83 0.94 -12.81
CA ARG D 111 38.96 0.50 -11.72
C ARG D 111 39.74 0.29 -10.43
N ASP D 112 41.00 -0.17 -10.53
CA ASP D 112 41.80 -0.41 -9.33
C ASP D 112 42.39 0.87 -8.78
N LEU D 113 42.68 1.82 -9.66
CA LEU D 113 43.20 3.10 -9.21
C LEU D 113 42.18 3.81 -8.35
N ILE D 114 40.92 3.87 -8.80
CA ILE D 114 39.93 4.65 -8.04
C ILE D 114 39.52 3.92 -6.77
N GLU D 115 39.69 2.58 -6.72
CA GLU D 115 39.36 1.86 -5.50
C GLU D 115 40.35 2.16 -4.37
N ARG D 116 41.62 2.41 -4.72
CA ARG D 116 42.62 2.85 -3.73
C ARG D 116 42.35 4.26 -3.23
N MET D 117 41.88 5.16 -4.12
CA MET D 117 41.50 6.50 -3.70
C MET D 117 40.40 6.43 -2.66
N GLY D 118 39.42 5.58 -2.87
CA GLY D 118 38.33 5.46 -1.92
C GLY D 118 38.82 5.03 -0.57
N GLN D 119 39.94 4.28 -0.55
CA GLN D 119 40.52 3.81 0.70
C GLN D 119 41.12 4.97 1.47
N ALA D 120 41.83 5.85 0.78
CA ALA D 120 42.36 7.02 1.43
C ALA D 120 41.23 7.84 2.04
N LEU D 121 40.15 8.06 1.28
CA LEU D 121 39.03 8.83 1.82
C LEU D 121 38.46 8.19 3.08
N GLY D 122 38.41 6.85 3.11
CA GLY D 122 37.82 6.16 4.25
C GLY D 122 38.67 6.27 5.50
N LYS D 123 40.00 6.25 5.33
CA LYS D 123 40.97 6.48 6.41
C LYS D 123 40.94 7.93 6.91
N GLU D 124 40.66 8.87 6.01
CA GLU D 124 40.50 10.26 6.44
C GLU D 124 39.18 10.45 7.13
N CYS D 125 38.14 9.72 6.74
CA CYS D 125 36.87 9.82 7.47
C CYS D 125 36.97 9.22 8.86
N GLN D 126 37.77 8.16 9.04
CA GLN D 126 37.95 7.53 10.34
C GLN D 126 38.66 8.47 11.30
N ALA D 127 39.61 9.25 10.78
CA ALA D 127 40.36 10.16 11.62
C ALA D 127 39.53 11.41 11.98
N GLU D 128 38.56 11.79 11.16
CA GLU D 128 37.69 12.91 11.49
C GLU D 128 36.35 12.50 12.08
N ASN D 129 36.16 11.23 12.43
CA ASN D 129 34.90 10.74 13.00
C ASN D 129 33.73 11.06 12.09
N VAL D 130 33.92 10.80 10.79
CA VAL D 130 32.90 10.97 9.78
C VAL D 130 32.28 9.61 9.55
N ALA D 131 30.95 9.50 9.72
CA ALA D 131 30.26 8.24 9.57
C ALA D 131 30.09 7.88 8.11
N VAL D 132 29.50 8.77 7.34
CA VAL D 132 29.06 8.52 5.98
C VAL D 132 29.60 9.67 5.13
N LEU D 133 30.23 9.32 4.00
CA LEU D 133 30.83 10.29 3.09
C LEU D 133 29.88 10.53 1.92
N LEU D 134 29.46 11.78 1.72
CA LEU D 134 28.41 12.10 0.75
C LEU D 134 29.01 12.08 -0.65
N GLY D 135 28.80 10.97 -1.35
CA GLY D 135 29.43 10.69 -2.62
C GLY D 135 29.55 9.19 -2.76
N PRO D 136 30.05 8.72 -3.89
CA PRO D 136 30.39 9.46 -5.11
C PRO D 136 29.16 9.86 -5.86
N GLY D 137 29.29 10.72 -6.87
CA GLY D 137 28.19 11.05 -7.76
C GLY D 137 28.34 10.29 -9.07
N ALA D 138 27.21 9.90 -9.65
CA ALA D 138 27.28 9.08 -10.86
C ALA D 138 26.30 9.53 -11.95
N ASN D 139 25.85 10.78 -11.95
CA ASN D 139 24.89 11.23 -12.95
C ASN D 139 25.51 11.20 -14.36
N ILE D 140 24.64 11.02 -15.36
CA ILE D 140 25.07 10.84 -16.75
C ILE D 140 25.26 12.22 -17.37
N LYS D 141 26.33 12.37 -18.14
CA LYS D 141 26.66 13.67 -18.76
C LYS D 141 25.85 13.85 -20.05
N ARG D 142 24.64 14.40 -19.89
CA ARG D 142 23.75 14.61 -21.03
C ARG D 142 24.25 15.76 -21.90
N SER D 143 24.64 16.89 -21.29
CA SER D 143 25.13 18.05 -22.02
C SER D 143 26.55 18.43 -21.61
N PRO D 144 27.37 18.89 -22.57
CA PRO D 144 28.70 19.40 -22.19
C PRO D 144 28.62 20.61 -21.25
N LEU D 145 27.51 21.34 -21.26
CA LEU D 145 27.36 22.58 -20.53
C LEU D 145 26.91 22.38 -19.08
N CYS D 146 26.56 21.17 -18.65
CA CYS D 146 26.09 21.01 -17.27
C CYS D 146 27.14 21.52 -16.28
N GLY D 147 26.67 22.26 -15.27
CA GLY D 147 27.59 22.83 -14.31
C GLY D 147 28.44 21.78 -13.61
N ARG D 148 27.83 20.67 -13.18
CA ARG D 148 28.50 19.73 -12.28
C ARG D 148 29.18 18.56 -13.01
N ASN D 149 29.45 18.69 -14.31
CA ASN D 149 30.13 17.61 -15.04
C ASN D 149 31.51 17.31 -14.48
N PHE D 150 32.13 18.26 -13.77
CA PHE D 150 33.50 18.06 -13.32
C PHE D 150 33.58 17.00 -12.22
N GLU D 151 32.51 16.85 -11.44
CA GLU D 151 32.47 15.89 -10.35
C GLU D 151 31.60 14.69 -10.65
N TYR D 152 31.26 14.47 -11.92
CA TYR D 152 30.59 13.30 -12.44
C TYR D 152 31.57 12.55 -13.34
N PHE D 153 31.29 11.26 -13.61
CA PHE D 153 32.26 10.35 -14.24
C PHE D 153 32.20 10.33 -15.77
N SER D 154 31.05 10.05 -16.37
CA SER D 154 31.07 9.86 -17.82
C SER D 154 29.68 10.02 -18.44
N GLU D 155 29.66 10.08 -19.76
CA GLU D 155 28.42 10.02 -20.53
C GLU D 155 27.92 8.60 -20.79
N ASP D 156 28.72 7.55 -20.50
CA ASP D 156 28.40 6.17 -20.84
C ASP D 156 27.98 5.42 -19.61
N PRO D 157 26.83 4.74 -19.60
CA PRO D 157 26.36 4.17 -18.33
C PRO D 157 27.27 3.06 -17.78
N TYR D 158 28.03 2.35 -18.61
CA TYR D 158 28.89 1.26 -18.12
C TYR D 158 30.08 1.83 -17.36
N LEU D 159 30.95 2.58 -18.06
CA LEU D 159 32.16 3.14 -17.45
C LEU D 159 31.84 3.87 -16.15
N SER D 160 30.76 4.64 -16.14
CA SER D 160 30.33 5.35 -14.95
C SER D 160 30.03 4.37 -13.81
N SER D 161 29.22 3.36 -14.09
CA SER D 161 28.81 2.47 -13.01
C SER D 161 30.00 1.74 -12.41
N GLU D 162 30.97 1.37 -13.24
CA GLU D 162 32.14 0.64 -12.76
C GLU D 162 32.98 1.53 -11.83
N MET D 163 33.42 2.70 -12.33
CA MET D 163 34.18 3.61 -11.47
C MET D 163 33.41 3.96 -10.20
N ALA D 164 32.11 4.25 -10.30
CA ALA D 164 31.34 4.55 -9.10
C ALA D 164 31.42 3.42 -8.08
N ALA D 165 31.29 2.16 -8.54
CA ALA D 165 31.21 1.01 -7.63
C ALA D 165 32.50 0.80 -6.87
N HIS D 166 33.64 0.86 -7.56
CA HIS D 166 34.94 0.72 -6.92
C HIS D 166 35.29 1.93 -6.05
N HIS D 167 34.74 3.11 -6.34
CA HIS D 167 34.79 4.18 -5.37
C HIS D 167 34.21 3.69 -4.05
N ILE D 168 32.98 3.17 -4.08
CA ILE D 168 32.32 2.72 -2.86
C ILE D 168 33.13 1.64 -2.15
N MET D 169 33.67 0.68 -2.90
CA MET D 169 34.35 -0.44 -2.26
C MET D 169 35.52 0.03 -1.40
N GLY D 170 36.33 0.95 -1.92
CA GLY D 170 37.48 1.43 -1.17
C GLY D 170 37.11 2.19 0.10
N VAL D 171 36.19 3.16 -0.02
CA VAL D 171 35.71 3.82 1.18
C VAL D 171 35.20 2.77 2.16
N GLN D 172 34.29 1.88 1.70
CA GLN D 172 33.62 1.01 2.66
C GLN D 172 34.51 -0.12 3.18
N SER D 173 35.59 -0.45 2.46
CA SER D 173 36.54 -1.42 2.99
C SER D 173 37.06 -0.99 4.35
N GLN D 174 37.05 0.33 4.63
CA GLN D 174 37.47 0.94 5.90
C GLN D 174 36.35 1.08 6.93
N GLY D 175 35.18 0.52 6.69
CA GLY D 175 34.15 0.78 7.68
C GLY D 175 33.61 2.20 7.72
N VAL D 176 33.42 2.83 6.56
CA VAL D 176 32.86 4.17 6.41
C VAL D 176 31.77 4.13 5.35
N GLY D 177 30.63 4.77 5.59
CA GLY D 177 29.55 4.71 4.63
C GLY D 177 29.67 5.67 3.45
N THR D 178 28.83 5.45 2.43
CA THR D 178 28.81 6.27 1.21
C THR D 178 27.38 6.62 0.79
N SER D 179 27.26 7.56 -0.15
CA SER D 179 25.91 7.95 -0.64
C SER D 179 25.90 8.13 -2.15
N LEU D 180 25.24 7.24 -2.90
CA LEU D 180 25.10 7.46 -4.36
C LEU D 180 24.66 8.91 -4.52
N LYS D 181 25.19 9.63 -5.52
CA LYS D 181 24.89 11.09 -5.54
C LYS D 181 23.96 11.56 -6.66
N HIS D 182 22.65 11.68 -6.36
CA HIS D 182 21.68 12.37 -7.23
C HIS D 182 20.88 11.36 -8.06
N PHE D 183 20.11 10.53 -7.35
CA PHE D 183 19.36 9.43 -7.93
C PHE D 183 18.12 10.01 -8.59
N ALA D 184 18.16 10.02 -9.92
CA ALA D 184 17.22 10.54 -10.91
C ALA D 184 18.03 11.10 -12.09
N ALA D 185 17.47 12.07 -12.79
CA ALA D 185 18.15 12.65 -13.95
C ALA D 185 18.49 14.12 -13.63
N ASN D 186 19.42 14.29 -12.69
CA ASN D 186 19.91 15.61 -12.31
C ASN D 186 21.01 16.03 -13.30
N ASN D 187 20.58 16.24 -14.55
CA ASN D 187 21.49 16.43 -15.67
C ASN D 187 21.73 17.89 -16.03
N GLN D 188 21.10 18.82 -15.34
CA GLN D 188 21.37 20.23 -15.54
C GLN D 188 21.11 20.92 -14.20
N GLU D 189 21.80 22.03 -13.99
CA GLU D 189 21.60 22.72 -12.73
C GLU D 189 20.47 23.73 -12.79
N TYR D 190 20.18 24.27 -13.98
CA TYR D 190 19.16 25.30 -14.11
C TYR D 190 17.81 24.84 -13.56
N ARG D 191 17.31 25.53 -12.55
CA ARG D 191 15.99 25.28 -11.98
C ARG D 191 15.85 23.85 -11.46
N ARG D 192 16.95 23.32 -10.93
CA ARG D 192 16.99 21.92 -10.53
C ARG D 192 15.94 21.58 -9.49
N MET D 193 15.57 22.51 -8.62
CA MET D 193 14.60 22.15 -7.60
C MET D 193 13.16 22.19 -8.07
N THR D 194 12.92 22.59 -9.33
CA THR D 194 11.59 22.67 -9.91
C THR D 194 11.49 22.05 -11.29
N SER D 195 12.62 21.63 -11.88
CA SER D 195 12.64 21.09 -13.22
C SER D 195 12.05 19.68 -13.26
N ASP D 196 11.36 19.36 -14.36
CA ASP D 196 10.72 18.07 -14.59
C ASP D 196 11.48 17.36 -15.69
N SER D 197 12.22 16.32 -15.31
CA SER D 197 12.91 15.48 -16.28
C SER D 197 11.90 14.50 -16.87
N VAL D 198 11.62 14.69 -18.15
CA VAL D 198 10.65 13.91 -18.90
C VAL D 198 11.45 12.90 -19.73
N VAL D 199 11.49 11.64 -19.25
CA VAL D 199 12.29 10.59 -19.87
C VAL D 199 11.42 9.36 -20.10
N ASN D 200 11.42 8.85 -21.33
CA ASN D 200 10.70 7.63 -21.68
C ASN D 200 11.37 6.42 -21.04
N GLU D 201 10.59 5.33 -20.95
CA GLU D 201 11.00 4.19 -20.14
C GLU D 201 12.27 3.53 -20.68
N ARG D 202 12.34 3.33 -21.99
CA ARG D 202 13.51 2.66 -22.56
C ARG D 202 14.78 3.45 -22.28
N THR D 203 14.75 4.76 -22.58
CA THR D 203 15.91 5.64 -22.35
C THR D 203 16.31 5.68 -20.87
N LEU D 204 15.33 5.78 -19.97
CA LEU D 204 15.62 5.89 -18.54
C LEU D 204 16.29 4.65 -17.97
N ARG D 205 15.87 3.45 -18.41
CA ARG D 205 16.47 2.22 -17.89
C ARG D 205 17.87 2.02 -18.47
N GLU D 206 18.01 2.14 -19.79
CA GLU D 206 19.27 1.82 -20.45
C GLU D 206 20.34 2.84 -20.17
N ILE D 207 19.97 4.12 -20.07
CA ILE D 207 21.00 5.15 -20.00
C ILE D 207 21.16 5.63 -18.57
N TYR D 208 20.12 6.28 -18.03
CA TYR D 208 20.32 7.03 -16.80
C TYR D 208 20.37 6.11 -15.59
N LEU D 209 19.34 5.28 -15.40
CA LEU D 209 19.29 4.43 -14.22
C LEU D 209 20.36 3.34 -14.22
N THR D 210 20.96 3.04 -15.38
CA THR D 210 21.94 1.98 -15.51
C THR D 210 23.33 2.40 -15.01
N SER D 211 23.61 3.71 -15.00
CA SER D 211 24.80 4.21 -14.31
C SER D 211 24.73 3.96 -12.80
N PHE D 212 23.52 3.95 -12.24
CA PHE D 212 23.33 3.69 -10.82
C PHE D 212 23.23 2.21 -10.52
N GLU D 213 22.58 1.43 -11.40
CA GLU D 213 22.24 0.03 -11.14
C GLU D 213 23.50 -0.80 -10.78
N GLY D 214 24.50 -0.78 -11.66
CA GLY D 214 25.70 -1.57 -11.43
C GLY D 214 26.31 -1.31 -10.07
N ALA D 215 26.34 -0.04 -9.65
CA ALA D 215 26.99 0.27 -8.38
C ALA D 215 26.14 -0.15 -7.19
N VAL D 216 24.82 0.02 -7.26
CA VAL D 216 23.99 -0.34 -6.12
C VAL D 216 24.09 -1.83 -5.81
N LYS D 217 24.14 -2.67 -6.87
CA LYS D 217 24.09 -4.13 -6.73
C LYS D 217 25.44 -4.73 -6.33
N LYS D 218 26.55 -4.29 -6.94
CA LYS D 218 27.85 -4.88 -6.67
C LYS D 218 28.51 -4.29 -5.42
N ALA D 219 28.48 -2.96 -5.28
CA ALA D 219 29.20 -2.30 -4.19
C ALA D 219 28.39 -2.17 -2.91
N ARG D 220 27.05 -2.15 -3.01
CA ARG D 220 26.18 -2.10 -1.84
C ARG D 220 26.42 -0.85 -1.01
N PRO D 221 26.33 0.34 -1.60
CA PRO D 221 26.54 1.54 -0.82
C PRO D 221 25.49 1.65 0.27
N TRP D 222 25.93 2.01 1.48
CA TRP D 222 25.04 2.04 2.65
C TRP D 222 23.84 2.97 2.43
N THR D 223 24.04 4.09 1.73
CA THR D 223 22.95 5.00 1.42
C THR D 223 23.04 5.47 -0.03
N VAL D 224 21.87 5.85 -0.54
CA VAL D 224 21.70 6.50 -1.83
C VAL D 224 20.96 7.81 -1.60
N MET D 225 21.43 8.88 -2.25
CA MET D 225 20.84 10.22 -2.10
C MET D 225 19.93 10.52 -3.29
N CYS D 226 18.71 10.98 -3.01
CA CYS D 226 17.82 11.36 -4.11
C CYS D 226 18.13 12.77 -4.58
N SER D 227 17.64 13.12 -5.76
CA SER D 227 17.96 14.38 -6.42
C SER D 227 16.90 15.46 -6.15
N TYR D 228 17.18 16.68 -6.64
CA TYR D 228 16.23 17.79 -6.49
C TYR D 228 15.09 17.76 -7.51
N ASN D 229 15.26 17.07 -8.63
CA ASN D 229 14.34 17.24 -9.74
C ASN D 229 13.15 16.29 -9.66
N LYS D 230 12.18 16.52 -10.52
CA LYS D 230 11.12 15.56 -10.75
C LYS D 230 11.54 14.65 -11.91
N VAL D 231 11.07 13.40 -11.85
CA VAL D 231 11.19 12.47 -12.96
C VAL D 231 9.79 12.11 -13.39
N ASN D 232 9.44 12.47 -14.62
CA ASN D 232 8.12 12.26 -15.19
C ASN D 232 7.01 12.77 -14.28
N GLY D 233 7.21 14.00 -13.81
CA GLY D 233 6.20 14.70 -13.04
C GLY D 233 6.10 14.30 -11.60
N GLU D 234 7.14 13.68 -11.04
CA GLU D 234 7.09 13.38 -9.60
C GLU D 234 8.46 13.59 -8.98
N TYR D 235 8.47 14.37 -7.90
CA TYR D 235 9.70 14.63 -7.15
C TYR D 235 10.35 13.34 -6.67
N ALA D 236 11.66 13.20 -6.95
CA ALA D 236 12.38 11.98 -6.61
C ALA D 236 12.17 11.63 -5.14
N ALA D 237 12.28 12.62 -4.25
CA ALA D 237 12.14 12.38 -2.82
C ALA D 237 10.77 11.88 -2.41
N GLU D 238 9.83 11.74 -3.38
CA GLU D 238 8.52 11.13 -3.13
C GLU D 238 8.06 10.27 -4.31
N ASN D 239 8.97 9.79 -5.15
CA ASN D 239 8.63 8.95 -6.29
C ASN D 239 8.70 7.48 -5.87
N GLU D 240 7.54 6.95 -5.45
CA GLU D 240 7.49 5.60 -4.90
C GLU D 240 8.02 4.55 -5.86
N ARG D 241 7.66 4.63 -7.14
CA ARG D 241 8.13 3.64 -8.10
C ARG D 241 9.66 3.69 -8.24
N LEU D 242 10.25 4.88 -8.03
CA LEU D 242 11.69 5.06 -8.23
C LEU D 242 12.48 4.60 -7.00
N LEU D 243 12.06 5.03 -5.80
CA LEU D 243 12.82 4.70 -4.59
C LEU D 243 12.45 3.32 -4.03
N THR D 244 11.17 2.97 -4.04
CA THR D 244 10.75 1.67 -3.56
C THR D 244 10.69 0.65 -4.69
N GLY D 245 10.00 0.97 -5.79
CA GLY D 245 9.78 -0.02 -6.83
C GLY D 245 11.06 -0.53 -7.46
N ILE D 246 11.90 0.39 -7.96
CA ILE D 246 13.13 0.00 -8.65
C ILE D 246 14.29 -0.14 -7.69
N LEU D 247 14.53 0.86 -6.82
CA LEU D 247 15.74 0.81 -5.99
C LEU D 247 15.65 -0.28 -4.92
N LYS D 248 14.57 -0.29 -4.12
CA LYS D 248 14.52 -1.27 -3.02
C LYS D 248 14.08 -2.64 -3.52
N GLN D 249 12.96 -2.72 -4.24
CA GLN D 249 12.41 -4.03 -4.58
C GLN D 249 13.21 -4.71 -5.68
N GLU D 250 13.28 -4.09 -6.85
CA GLU D 250 13.99 -4.72 -7.98
C GLU D 250 15.46 -4.87 -7.67
N TRP D 251 16.14 -3.79 -7.35
CA TRP D 251 17.58 -3.93 -7.19
C TRP D 251 17.99 -4.51 -5.84
N GLY D 252 17.09 -4.57 -4.86
CA GLY D 252 17.45 -5.13 -3.58
C GLY D 252 18.41 -4.29 -2.76
N HIS D 253 18.26 -2.95 -2.79
CA HIS D 253 19.08 -2.08 -1.94
C HIS D 253 18.69 -2.31 -0.48
N GLU D 254 19.66 -2.66 0.36
CA GLU D 254 19.43 -2.99 1.76
C GLU D 254 19.48 -1.78 2.70
N GLY D 255 20.24 -0.73 2.36
CA GLY D 255 20.33 0.46 3.20
C GLY D 255 19.12 1.40 3.19
N PHE D 256 19.34 2.72 3.35
CA PHE D 256 18.25 3.69 3.32
C PHE D 256 18.57 4.83 2.36
N VAL D 257 17.51 5.58 2.03
CA VAL D 257 17.53 6.71 1.10
C VAL D 257 17.51 8.02 1.89
N VAL D 258 18.43 8.94 1.54
CA VAL D 258 18.48 10.29 2.11
C VAL D 258 18.29 11.33 1.00
N SER D 259 17.65 12.45 1.35
CA SER D 259 17.39 13.49 0.37
C SER D 259 18.60 14.36 0.14
N ASP D 260 18.67 14.97 -1.05
CA ASP D 260 19.58 16.10 -1.14
C ASP D 260 19.05 17.19 -0.19
N TRP D 261 19.89 18.17 0.09
CA TRP D 261 19.64 19.12 1.18
C TRP D 261 18.49 20.06 0.84
N GLY D 262 17.37 19.91 1.55
CA GLY D 262 16.20 20.72 1.29
C GLY D 262 15.28 20.17 0.22
N ALA D 263 15.55 18.96 -0.29
CA ALA D 263 14.80 18.43 -1.44
C ALA D 263 13.37 18.01 -1.13
N VAL D 264 13.04 17.68 0.13
CA VAL D 264 11.71 17.13 0.40
C VAL D 264 10.65 18.20 0.15
N ASN D 265 9.56 17.79 -0.49
CA ASN D 265 8.37 18.58 -0.78
C ASN D 265 7.28 18.36 0.24
N ASP D 266 7.04 17.11 0.63
CA ASP D 266 6.18 16.74 1.76
C ASP D 266 6.82 15.54 2.46
N ARG D 267 7.04 15.68 3.78
CA ARG D 267 7.73 14.59 4.49
C ARG D 267 6.90 13.32 4.48
N VAL D 268 5.60 13.42 4.75
CA VAL D 268 4.82 12.19 4.84
C VAL D 268 4.71 11.53 3.47
N LYS D 269 4.52 12.32 2.41
CA LYS D 269 4.58 11.74 1.07
C LYS D 269 5.90 11.04 0.83
N SER D 270 6.99 11.63 1.34
CA SER D 270 8.31 11.07 1.11
C SER D 270 8.52 9.78 1.90
N LEU D 271 8.03 9.73 3.14
CA LEU D 271 8.17 8.50 3.91
C LEU D 271 7.44 7.35 3.22
N ALA D 272 6.17 7.58 2.88
CA ALA D 272 5.37 6.57 2.19
C ALA D 272 6.03 6.09 0.90
N ALA D 273 6.88 6.91 0.26
CA ALA D 273 7.51 6.55 -1.01
C ALA D 273 8.87 5.84 -0.87
N GLY D 274 9.49 5.85 0.31
CA GLY D 274 10.78 5.20 0.48
C GLY D 274 12.00 6.05 0.85
N LEU D 275 11.77 7.28 1.33
CA LEU D 275 12.84 8.16 1.80
C LEU D 275 12.85 8.21 3.33
N GLU D 276 13.90 7.66 3.94
CA GLU D 276 13.94 7.44 5.38
C GLU D 276 14.42 8.67 6.13
N LEU D 277 15.41 9.39 5.58
CA LEU D 277 16.08 10.48 6.28
C LEU D 277 15.96 11.75 5.47
N GLU D 278 15.33 12.77 6.07
CA GLU D 278 15.29 14.12 5.52
C GLU D 278 16.50 14.88 6.04
N MET D 279 17.28 15.46 5.12
CA MET D 279 18.35 16.40 5.44
C MET D 279 18.12 17.72 4.74
N PRO D 280 18.46 18.84 5.37
CA PRO D 280 18.96 18.98 6.73
C PRO D 280 17.78 18.86 7.70
N HIS D 281 17.96 19.14 8.99
CA HIS D 281 16.90 18.95 9.99
C HIS D 281 15.73 19.86 9.70
N GLU D 282 14.53 19.28 9.64
CA GLU D 282 13.30 20.04 9.46
C GLU D 282 12.28 19.48 10.44
N GLY D 283 12.08 20.20 11.55
CA GLY D 283 11.30 19.68 12.67
C GLY D 283 9.81 19.55 12.42
N ALA D 284 9.25 20.36 11.50
CA ALA D 284 7.83 20.27 11.17
C ALA D 284 7.49 18.90 10.60
N GLY D 285 8.39 18.32 9.79
CA GLY D 285 8.19 16.97 9.26
C GLY D 285 7.97 15.92 10.35
N THR D 286 8.58 16.11 11.52
CA THR D 286 8.37 15.18 12.63
C THR D 286 6.95 15.31 13.19
N LYS D 287 6.45 16.54 13.33
CA LYS D 287 5.06 16.73 13.75
C LYS D 287 4.08 16.18 12.73
N GLN D 288 4.46 16.16 11.46
CA GLN D 288 3.59 15.61 10.43
C GLN D 288 3.54 14.09 10.49
N ILE D 289 4.69 13.43 10.65
CA ILE D 289 4.69 11.98 10.71
C ILE D 289 3.88 11.48 11.89
N ILE D 290 4.02 12.14 13.04
CA ILE D 290 3.25 11.76 14.21
C ILE D 290 1.75 11.86 13.91
N GLU D 291 1.33 13.00 13.35
CA GLU D 291 -0.09 13.20 13.09
C GLU D 291 -0.62 12.32 11.98
N ALA D 292 0.24 11.86 11.06
CA ALA D 292 -0.22 10.94 10.02
C ALA D 292 -0.50 9.56 10.62
N VAL D 293 0.31 9.16 11.58
CA VAL D 293 0.05 7.92 12.31
C VAL D 293 -1.23 8.07 13.13
N GLU D 294 -1.31 9.10 13.98
CA GLU D 294 -2.45 9.24 14.89
C GLU D 294 -3.77 9.50 14.15
N SER D 295 -3.73 10.17 13.00
CA SER D 295 -4.94 10.38 12.22
C SER D 295 -5.29 9.19 11.34
N GLY D 296 -4.54 8.10 11.42
CA GLY D 296 -4.83 6.91 10.64
C GLY D 296 -4.61 7.05 9.15
N GLN D 297 -3.71 7.94 8.72
CA GLN D 297 -3.35 8.09 7.32
C GLN D 297 -2.00 7.47 6.96
N LEU D 298 -1.17 7.15 7.95
CA LEU D 298 0.08 6.44 7.79
C LEU D 298 0.07 5.29 8.78
N ALA D 299 0.30 4.08 8.30
CA ALA D 299 0.42 2.91 9.17
C ALA D 299 1.71 3.01 9.97
N GLU D 300 1.63 2.74 11.28
CA GLU D 300 2.83 2.85 12.10
C GLU D 300 3.90 1.82 11.74
N GLU D 301 3.54 0.71 11.09
CA GLU D 301 4.53 -0.28 10.69
C GLU D 301 5.37 0.18 9.49
N LYS D 302 4.84 1.09 8.66
CA LYS D 302 5.67 1.77 7.67
C LYS D 302 6.78 2.53 8.35
N LEU D 303 6.45 3.19 9.46
CA LEU D 303 7.45 3.92 10.22
C LEU D 303 8.39 2.95 10.93
N ASP D 304 7.82 1.87 11.48
CA ASP D 304 8.64 0.84 12.11
C ASP D 304 9.67 0.27 11.15
N LEU D 305 9.24 -0.08 9.93
CA LEU D 305 10.17 -0.56 8.91
C LEU D 305 11.26 0.47 8.62
N ALA D 306 10.92 1.77 8.57
CA ALA D 306 11.87 2.83 8.23
C ALA D 306 12.90 3.04 9.33
N VAL D 307 12.47 3.02 10.60
CA VAL D 307 13.40 3.14 11.72
C VAL D 307 14.43 2.02 11.69
N GLU D 308 14.00 0.82 11.25
CA GLU D 308 14.90 -0.35 11.23
C GLU D 308 15.99 -0.19 10.18
N ARG D 309 15.63 0.32 9.00
CA ARG D 309 16.67 0.57 8.01
C ARG D 309 17.67 1.62 8.51
N LEU D 310 17.18 2.77 8.96
CA LEU D 310 18.04 3.81 9.53
C LEU D 310 18.92 3.28 10.66
N LEU D 311 18.30 2.71 11.71
CA LEU D 311 19.07 2.26 12.87
C LEU D 311 20.12 1.23 12.47
N THR D 312 19.86 0.48 11.40
CA THR D 312 20.82 -0.52 10.96
C THR D 312 22.11 0.12 10.44
N VAL D 313 22.00 1.19 9.65
CA VAL D 313 23.21 1.78 9.11
C VAL D 313 23.93 2.55 10.21
N ILE D 314 23.18 3.14 11.13
CA ILE D 314 23.85 3.97 12.13
C ILE D 314 24.68 3.08 13.06
N PHE D 315 24.08 2.02 13.58
CA PHE D 315 24.82 1.11 14.43
C PHE D 315 25.99 0.49 13.69
N ARG D 316 25.87 0.24 12.38
CA ARG D 316 27.02 -0.32 11.66
C ARG D 316 28.22 0.61 11.76
N SER D 317 28.07 1.88 11.41
CA SER D 317 29.23 2.75 11.34
C SER D 317 29.79 3.03 12.72
N VAL D 318 28.93 3.03 13.75
CA VAL D 318 29.44 3.08 15.11
C VAL D 318 30.39 1.91 15.33
N ASP D 319 29.87 0.69 15.17
CA ASP D 319 30.61 -0.54 15.44
C ASP D 319 31.87 -0.65 14.59
N GLN D 320 31.92 -0.02 13.42
CA GLN D 320 33.10 -0.13 12.56
C GLN D 320 34.05 1.05 12.73
N HIS D 321 33.67 2.04 13.55
CA HIS D 321 34.57 3.14 13.80
C HIS D 321 35.82 2.62 14.50
N LYS D 322 36.95 3.15 14.10
CA LYS D 322 38.24 2.81 14.69
C LYS D 322 38.70 4.00 15.53
N GLU D 323 38.56 3.88 16.86
CA GLU D 323 38.93 4.97 17.74
C GLU D 323 40.45 5.14 17.72
N GLY D 324 40.89 6.38 17.84
CA GLY D 324 42.30 6.68 17.73
C GLY D 324 42.80 6.79 16.31
N ALA D 325 41.93 6.69 15.31
CA ALA D 325 42.36 6.76 13.92
C ALA D 325 43.17 8.02 13.63
N VAL D 326 44.25 7.85 12.86
CA VAL D 326 45.07 8.93 12.35
C VAL D 326 45.33 8.68 10.87
N TYR D 327 46.06 9.59 10.24
CA TYR D 327 46.41 9.35 8.85
C TYR D 327 47.54 10.28 8.43
N ASP D 328 48.24 9.87 7.38
CA ASP D 328 49.46 10.54 6.98
C ASP D 328 49.19 11.61 5.91
N PRO D 329 49.06 12.89 6.25
CA PRO D 329 48.86 13.87 5.17
C PRO D 329 49.97 13.84 4.13
N GLU D 330 51.16 13.36 4.51
CA GLU D 330 52.28 13.30 3.56
C GLU D 330 52.06 12.26 2.49
N ALA D 331 51.51 11.13 2.87
CA ALA D 331 51.41 10.05 1.92
C ALA D 331 50.23 10.28 1.01
N HIS D 332 49.15 10.84 1.54
CA HIS D 332 48.01 11.05 0.67
C HIS D 332 48.36 12.08 -0.38
N HIS D 333 49.27 13.02 -0.07
CA HIS D 333 49.72 13.93 -1.12
C HIS D 333 50.48 13.19 -2.21
N LYS D 334 51.30 12.20 -1.84
CA LYS D 334 51.84 11.25 -2.81
C LYS D 334 50.72 10.52 -3.55
N LEU D 335 49.83 9.86 -2.81
CA LEU D 335 48.75 9.11 -3.44
C LEU D 335 47.99 10.00 -4.40
N ALA D 336 47.76 11.25 -4.00
CA ALA D 336 47.08 12.17 -4.88
C ALA D 336 47.96 12.59 -6.03
N ARG D 337 49.29 12.55 -5.83
CA ARG D 337 50.14 12.77 -7.01
C ARG D 337 50.10 11.58 -7.96
N GLU D 338 49.93 10.36 -7.45
CA GLU D 338 49.89 9.25 -8.40
C GLU D 338 48.59 9.25 -9.18
N ILE D 339 47.45 9.30 -8.48
CA ILE D 339 46.15 9.30 -9.15
C ILE D 339 46.13 10.31 -10.28
N ALA D 340 46.70 11.49 -10.02
CA ALA D 340 46.62 12.61 -10.96
C ALA D 340 47.25 12.26 -12.30
N ALA D 341 48.49 11.75 -12.27
CA ALA D 341 49.23 11.57 -13.50
C ALA D 341 48.65 10.47 -14.41
N GLU D 342 47.73 9.63 -13.88
CA GLU D 342 46.94 8.68 -14.66
C GLU D 342 45.61 9.27 -15.13
N SER D 343 45.32 10.52 -14.76
CA SER D 343 44.06 11.19 -14.99
C SER D 343 44.22 12.41 -15.88
N MET D 344 45.14 12.36 -16.85
CA MET D 344 45.37 13.47 -17.78
C MET D 344 45.49 12.90 -19.18
N VAL D 345 44.77 13.48 -20.15
CA VAL D 345 44.67 12.95 -21.50
C VAL D 345 45.63 13.72 -22.39
N LEU D 346 46.63 13.04 -22.94
CA LEU D 346 47.43 13.65 -24.00
C LEU D 346 46.62 13.60 -25.29
N LEU D 347 46.17 14.77 -25.77
CA LEU D 347 45.27 14.84 -26.91
C LEU D 347 45.99 14.98 -28.23
N LYS D 348 47.20 15.51 -28.24
CA LYS D 348 47.86 15.78 -29.50
C LYS D 348 49.33 15.94 -29.21
N ASN D 349 50.16 15.50 -30.15
CA ASN D 349 51.58 15.56 -29.92
C ASN D 349 52.32 15.28 -31.20
N GLU D 350 52.65 16.32 -31.96
CA GLU D 350 53.33 16.21 -33.24
C GLU D 350 54.84 16.41 -33.11
N ASP D 351 55.60 15.77 -34.00
CA ASP D 351 57.03 16.00 -34.16
C ASP D 351 57.83 15.66 -32.90
N ARG D 352 57.21 14.95 -31.95
CA ARG D 352 57.86 14.52 -30.73
C ARG D 352 58.26 15.70 -29.86
N ILE D 353 57.46 16.77 -29.88
CA ILE D 353 57.72 17.91 -29.00
C ILE D 353 57.65 17.47 -27.55
N LEU D 354 56.81 16.45 -27.25
CA LEU D 354 56.74 15.80 -25.95
C LEU D 354 57.30 14.38 -26.04
N PRO D 355 57.98 13.91 -25.01
CA PRO D 355 58.31 14.60 -23.78
C PRO D 355 59.53 15.52 -24.00
N LEU D 356 59.64 16.59 -23.23
CA LEU D 356 60.67 17.60 -23.44
C LEU D 356 62.06 17.07 -23.04
N LYS D 357 63.09 17.63 -23.68
CA LYS D 357 64.46 17.31 -23.33
C LYS D 357 64.92 18.17 -22.16
N ARG D 358 65.73 17.57 -21.28
CA ARG D 358 66.35 18.28 -20.17
C ARG D 358 67.60 19.00 -20.69
N GLU D 359 67.35 20.04 -21.46
CA GLU D 359 68.39 20.92 -22.00
C GLU D 359 67.71 22.18 -22.52
N GLY D 360 68.53 23.17 -22.84
CA GLY D 360 68.03 24.43 -23.35
C GLY D 360 67.14 25.16 -22.35
N THR D 361 66.34 26.08 -22.88
CA THR D 361 65.48 26.88 -22.03
C THR D 361 64.03 26.63 -22.41
N ILE D 362 63.20 26.43 -21.39
CA ILE D 362 61.78 26.14 -21.56
C ILE D 362 61.00 27.36 -21.07
N ALA D 363 60.16 27.91 -21.94
CA ALA D 363 59.35 29.07 -21.61
C ALA D 363 57.95 28.63 -21.16
N VAL D 364 57.61 28.87 -19.89
CA VAL D 364 56.28 28.61 -19.36
C VAL D 364 55.52 29.93 -19.34
N ILE D 365 54.30 29.94 -19.90
CA ILE D 365 53.57 31.17 -20.21
C ILE D 365 52.14 31.00 -19.72
N GLY D 366 51.61 32.02 -19.03
CA GLY D 366 50.16 31.91 -18.66
C GLY D 366 49.89 31.89 -17.16
N GLU D 367 48.93 32.71 -16.73
CA GLU D 367 48.75 32.93 -15.30
C GLU D 367 48.28 31.67 -14.59
N LEU D 368 47.65 30.74 -15.31
CA LEU D 368 47.20 29.50 -14.70
C LEU D 368 48.33 28.62 -14.22
N ALA D 369 49.58 28.91 -14.60
CA ALA D 369 50.74 28.25 -14.05
C ALA D 369 51.13 28.81 -12.69
N LYS D 370 50.60 29.98 -12.32
CA LYS D 370 50.84 30.53 -10.99
C LYS D 370 49.59 30.52 -10.14
N VAL D 371 48.42 30.52 -10.76
CA VAL D 371 47.16 30.43 -10.05
C VAL D 371 46.51 29.13 -10.49
N PRO D 372 46.88 27.99 -9.89
CA PRO D 372 46.48 26.71 -10.47
C PRO D 372 44.99 26.50 -10.35
N ARG D 373 44.40 25.93 -11.40
CA ARG D 373 43.02 25.48 -11.33
C ARG D 373 43.05 23.96 -11.26
N TYR D 374 42.61 23.41 -10.12
CA TYR D 374 42.74 22.00 -9.81
C TYR D 374 41.50 21.37 -9.18
N GLN D 375 40.43 22.13 -8.93
CA GLN D 375 39.17 21.57 -8.42
C GLN D 375 38.00 22.43 -8.90
N GLY D 376 36.80 22.11 -8.39
CA GLY D 376 35.58 22.81 -8.73
C GLY D 376 35.09 23.70 -7.61
N SER D 377 33.83 24.13 -7.74
CA SER D 377 33.21 24.98 -6.74
C SER D 377 31.82 24.46 -6.42
N GLY D 378 31.37 24.76 -5.21
CA GLY D 378 30.16 24.21 -4.64
C GLY D 378 30.51 23.20 -3.56
N SER D 379 29.50 22.40 -3.17
CA SER D 379 29.57 21.50 -2.02
C SER D 379 30.60 20.38 -2.16
N SER D 380 31.44 20.44 -3.17
CA SER D 380 32.55 19.50 -3.30
C SER D 380 33.91 20.17 -3.13
N GLN D 381 33.96 21.39 -2.61
CA GLN D 381 35.21 22.15 -2.62
C GLN D 381 36.02 21.85 -1.37
N ILE D 382 37.28 21.51 -1.57
CA ILE D 382 38.14 21.04 -0.50
C ILE D 382 39.06 22.18 -0.09
N LYS D 383 39.43 22.23 1.18
CA LYS D 383 40.54 23.09 1.58
C LYS D 383 41.81 22.25 1.65
N PRO D 384 42.79 22.46 0.77
CA PRO D 384 43.90 21.49 0.66
C PRO D 384 44.80 21.50 1.88
N THR D 385 45.65 20.48 1.96
CA THR D 385 46.64 20.38 3.03
C THR D 385 48.02 20.80 2.56
N ARG D 386 48.30 20.68 1.27
CA ARG D 386 49.43 21.31 0.61
C ARG D 386 48.91 21.69 -0.77
N LEU D 387 49.73 22.39 -1.55
CA LEU D 387 49.36 22.71 -2.92
C LEU D 387 50.65 23.00 -3.69
N ASP D 388 50.76 22.45 -4.88
CA ASP D 388 52.00 22.54 -5.62
C ASP D 388 52.16 23.90 -6.28
N ASP D 389 53.41 24.28 -6.51
CA ASP D 389 53.78 25.42 -7.35
C ASP D 389 54.18 24.83 -8.70
N ILE D 390 53.31 25.01 -9.69
CA ILE D 390 53.55 24.40 -10.98
C ILE D 390 54.92 24.79 -11.53
N VAL D 391 55.32 26.05 -11.41
CA VAL D 391 56.62 26.44 -11.95
C VAL D 391 57.76 25.80 -11.14
N PHE D 392 57.64 25.76 -9.81
CA PHE D 392 58.68 25.13 -8.99
C PHE D 392 58.91 23.67 -9.39
N GLU D 393 57.84 22.89 -9.55
CA GLU D 393 58.02 21.48 -9.87
C GLU D 393 58.59 21.29 -11.27
N LEU D 394 58.17 22.12 -12.24
CA LEU D 394 58.74 22.04 -13.58
C LEU D 394 60.21 22.47 -13.57
N ALA D 395 60.51 23.61 -12.93
CA ALA D 395 61.89 24.02 -12.77
C ALA D 395 62.72 22.89 -12.20
N ALA D 396 62.23 22.26 -11.12
CA ALA D 396 62.92 21.14 -10.49
C ALA D 396 63.17 20.02 -11.48
N SER D 397 62.09 19.53 -12.12
CA SER D 397 62.25 18.36 -12.99
C SER D 397 63.23 18.64 -14.11
N ALA D 398 63.31 19.90 -14.56
CA ALA D 398 64.19 20.23 -15.66
C ALA D 398 65.66 19.98 -15.30
N GLY D 399 66.02 20.23 -14.05
CA GLY D 399 67.37 20.03 -13.59
C GLY D 399 68.28 21.22 -13.89
N GLU D 400 69.51 21.05 -13.45
CA GLU D 400 70.51 22.08 -13.57
C GLU D 400 71.04 22.21 -14.99
N HIS D 401 70.58 21.37 -15.90
CA HIS D 401 70.98 21.45 -17.30
C HIS D 401 69.92 22.12 -18.18
N ALA D 402 68.88 22.67 -17.58
CA ALA D 402 67.86 23.37 -18.33
C ALA D 402 67.39 24.55 -17.50
N ARG D 403 67.09 25.65 -18.18
CA ARG D 403 66.54 26.82 -17.55
C ARG D 403 65.05 26.84 -17.80
N VAL D 404 64.27 27.02 -16.73
CA VAL D 404 62.83 27.26 -16.85
C VAL D 404 62.60 28.74 -16.56
N THR D 405 62.00 29.46 -17.53
CA THR D 405 61.57 30.85 -17.31
C THR D 405 60.04 30.92 -17.16
N TYR D 406 59.57 32.03 -16.58
CA TYR D 406 58.14 32.25 -16.42
C TYR D 406 57.80 33.69 -16.81
N THR D 407 56.76 33.84 -17.64
CA THR D 407 56.10 35.11 -17.92
C THR D 407 54.59 34.95 -17.71
N GLN D 408 53.90 35.96 -17.16
CA GLN D 408 52.49 35.76 -16.83
C GLN D 408 51.65 35.61 -18.10
N GLY D 409 51.73 36.55 -19.00
CA GLY D 409 51.11 36.35 -20.32
C GLY D 409 49.72 36.87 -20.54
N TYR D 410 48.78 36.56 -19.64
CA TYR D 410 47.42 37.05 -19.73
C TYR D 410 46.91 37.34 -18.32
N ASP D 411 45.64 37.74 -18.23
CA ASP D 411 45.03 38.25 -17.01
C ASP D 411 43.73 37.49 -16.73
N LEU D 412 43.78 36.53 -15.79
CA LEU D 412 42.65 35.64 -15.58
C LEU D 412 41.37 36.37 -15.17
N LYS D 413 41.47 37.55 -14.56
CA LYS D 413 40.25 38.17 -14.07
C LYS D 413 39.67 39.15 -15.08
N SER D 414 40.16 39.10 -16.32
CA SER D 414 39.73 40.00 -17.37
C SER D 414 39.61 39.20 -18.66
N ASP D 415 38.88 39.78 -19.62
CA ASP D 415 38.77 39.24 -20.98
C ASP D 415 39.47 40.11 -22.02
N ASP D 416 40.30 41.05 -21.61
CA ASP D 416 40.95 41.96 -22.54
C ASP D 416 42.44 41.69 -22.56
N ILE D 417 43.01 41.76 -23.76
CA ILE D 417 44.44 41.57 -23.91
C ILE D 417 45.23 42.64 -23.13
N ASN D 418 46.46 42.27 -22.74
CA ASN D 418 47.39 43.13 -22.02
C ASN D 418 48.63 43.29 -22.89
N ALA D 419 48.88 44.50 -23.39
CA ALA D 419 49.98 44.65 -24.34
C ALA D 419 51.32 44.44 -23.68
N VAL D 420 51.40 44.58 -22.35
CA VAL D 420 52.68 44.41 -21.68
C VAL D 420 52.95 42.93 -21.46
N LEU D 421 51.98 42.21 -20.92
CA LEU D 421 52.16 40.77 -20.75
C LEU D 421 52.35 40.08 -22.08
N THR D 422 51.70 40.59 -23.14
CA THR D 422 51.83 39.96 -24.45
C THR D 422 53.21 40.18 -25.06
N GLU D 423 53.85 41.32 -24.78
CA GLU D 423 55.21 41.54 -25.28
C GLU D 423 56.24 40.78 -24.45
N GLU D 424 55.97 40.59 -23.16
CA GLU D 424 56.87 39.86 -22.28
C GLU D 424 56.86 38.37 -22.62
N ALA D 425 55.66 37.81 -22.86
CA ALA D 425 55.55 36.42 -23.30
C ALA D 425 56.30 36.19 -24.60
N LEU D 426 56.00 36.98 -25.64
CA LEU D 426 56.65 36.81 -26.95
C LEU D 426 58.16 36.84 -26.83
N GLN D 427 58.66 37.76 -26.01
CA GLN D 427 60.09 37.95 -25.91
C GLN D 427 60.74 36.73 -25.27
N ALA D 428 60.14 36.23 -24.20
CA ALA D 428 60.62 35.01 -23.57
C ALA D 428 60.50 33.84 -24.52
N ALA D 429 59.35 33.74 -25.21
CA ALA D 429 59.11 32.61 -26.10
C ALA D 429 60.11 32.59 -27.25
N LYS D 430 60.45 33.77 -27.80
CA LYS D 430 61.50 33.83 -28.81
C LYS D 430 62.84 33.32 -28.29
N GLU D 431 63.11 33.51 -27.01
CA GLU D 431 64.40 33.13 -26.46
C GLU D 431 64.50 31.64 -26.09
N ALA D 432 63.39 30.95 -25.97
CA ALA D 432 63.43 29.56 -25.53
C ALA D 432 63.49 28.62 -26.74
N SER D 433 63.81 27.34 -26.46
CA SER D 433 63.71 26.34 -27.52
C SER D 433 62.29 25.85 -27.63
N VAL D 434 61.59 25.80 -26.51
CA VAL D 434 60.22 25.29 -26.45
C VAL D 434 59.47 26.20 -25.49
N ALA D 435 58.15 26.24 -25.64
CA ALA D 435 57.31 27.09 -24.81
C ALA D 435 56.11 26.29 -24.34
N VAL D 436 55.81 26.33 -23.05
CA VAL D 436 54.67 25.60 -22.47
C VAL D 436 53.70 26.64 -21.93
N LEU D 437 52.49 26.69 -22.51
CA LEU D 437 51.46 27.66 -22.16
C LEU D 437 50.30 26.99 -21.45
N PHE D 438 50.02 27.41 -20.21
CA PHE D 438 48.91 26.89 -19.40
C PHE D 438 47.65 27.73 -19.65
N ALA D 439 46.61 27.12 -20.21
CA ALA D 439 45.34 27.80 -20.40
C ALA D 439 44.19 26.99 -19.85
N GLY D 440 42.99 27.51 -19.93
CA GLY D 440 41.91 26.72 -19.35
C GLY D 440 40.73 27.60 -19.01
N LEU D 441 40.06 27.26 -17.92
CA LEU D 441 38.82 27.93 -17.59
C LEU D 441 38.87 28.48 -16.16
N PRO D 442 38.64 29.77 -15.95
CA PRO D 442 38.70 30.30 -14.58
C PRO D 442 37.71 29.63 -13.64
N LYS D 443 38.01 29.76 -12.34
CA LYS D 443 37.15 29.25 -11.27
C LYS D 443 35.71 29.72 -11.43
N ARG D 444 35.47 30.88 -11.99
CA ARG D 444 34.09 31.33 -11.92
C ARG D 444 33.21 30.70 -12.99
N TYR D 445 33.74 29.88 -13.90
CA TYR D 445 32.92 29.34 -14.99
C TYR D 445 32.15 28.07 -14.61
N GLU D 446 32.73 27.21 -13.77
CA GLU D 446 32.18 25.90 -13.45
C GLU D 446 31.83 25.85 -11.97
N SER D 447 30.58 25.51 -11.66
CA SER D 447 30.16 25.52 -10.25
C SER D 447 28.88 24.70 -10.13
N GLU D 448 28.57 24.32 -8.90
CA GLU D 448 27.23 23.87 -8.59
C GLU D 448 26.29 25.06 -8.65
N GLY D 449 25.07 24.82 -9.09
CA GLY D 449 24.05 25.86 -9.03
C GLY D 449 23.83 26.64 -10.31
N PHE D 450 24.68 26.45 -11.32
CA PHE D 450 24.43 27.06 -12.61
C PHE D 450 25.28 26.38 -13.65
N ASP D 451 24.80 26.41 -14.88
CA ASP D 451 25.48 25.84 -16.02
C ASP D 451 26.19 26.92 -16.85
N ARG D 452 27.23 26.48 -17.53
CA ARG D 452 27.95 27.29 -18.49
C ARG D 452 27.01 27.81 -19.56
N LYS D 453 27.34 28.98 -20.11
CA LYS D 453 26.56 29.62 -21.15
C LYS D 453 27.11 29.31 -22.53
N HIS D 454 28.41 29.02 -22.63
CA HIS D 454 29.06 28.65 -23.87
C HIS D 454 30.25 27.74 -23.55
N MET D 455 30.90 27.26 -24.60
CA MET D 455 31.90 26.22 -24.47
C MET D 455 33.28 26.75 -24.84
N ARG D 456 33.45 28.07 -24.84
CA ARG D 456 34.68 28.64 -25.36
C ARG D 456 35.60 28.99 -24.20
N MET D 457 36.89 28.96 -24.48
CA MET D 457 37.90 29.48 -23.59
C MET D 457 37.85 31.00 -23.59
N PRO D 458 38.32 31.64 -22.53
CA PRO D 458 38.32 33.12 -22.51
C PRO D 458 39.06 33.69 -23.71
N ASP D 459 38.68 34.91 -24.12
CA ASP D 459 39.20 35.44 -25.37
C ASP D 459 40.68 35.75 -25.29
N ASN D 460 41.12 36.41 -24.21
CA ASN D 460 42.53 36.86 -24.17
C ASN D 460 43.51 35.70 -24.05
N GLN D 461 43.05 34.50 -23.71
CA GLN D 461 43.90 33.32 -23.79
C GLN D 461 44.02 32.83 -25.23
N ILE D 462 42.88 32.68 -25.94
CA ILE D 462 42.95 32.25 -27.32
C ILE D 462 43.87 33.18 -28.09
N ALA D 463 43.81 34.48 -27.78
CA ALA D 463 44.63 35.43 -28.51
C ALA D 463 46.11 35.19 -28.22
N LEU D 464 46.45 34.90 -26.96
CA LEU D 464 47.87 34.76 -26.64
C LEU D 464 48.48 33.52 -27.26
N ILE D 465 47.70 32.45 -27.40
CA ILE D 465 48.17 31.27 -28.11
C ILE D 465 48.58 31.63 -29.53
N GLU D 466 47.76 32.44 -30.22
CA GLU D 466 47.99 32.74 -31.63
C GLU D 466 49.27 33.51 -31.86
N ALA D 467 49.55 34.51 -31.02
CA ALA D 467 50.73 35.35 -31.22
C ALA D 467 52.01 34.61 -30.89
N VAL D 468 52.03 33.93 -29.73
CA VAL D 468 53.20 33.17 -29.36
C VAL D 468 53.51 32.14 -30.43
N ALA D 469 52.48 31.58 -31.04
CA ALA D 469 52.71 30.62 -32.11
C ALA D 469 53.47 31.24 -33.27
N ALA D 470 53.18 32.50 -33.60
CA ALA D 470 53.78 33.14 -34.75
C ALA D 470 55.28 33.42 -34.58
N VAL D 471 55.79 33.38 -33.36
CA VAL D 471 57.20 33.66 -33.11
C VAL D 471 57.92 32.48 -32.50
N GLN D 472 57.19 31.43 -32.12
CA GLN D 472 57.77 30.20 -31.58
C GLN D 472 56.83 29.05 -31.94
N PRO D 473 57.03 28.44 -33.09
CA PRO D 473 56.14 27.34 -33.50
C PRO D 473 56.21 26.12 -32.60
N ASN D 474 57.27 25.94 -31.80
CA ASN D 474 57.41 24.78 -30.95
C ASN D 474 56.66 25.00 -29.64
N LEU D 475 55.34 24.84 -29.70
CA LEU D 475 54.41 25.25 -28.64
C LEU D 475 53.63 24.08 -28.09
N VAL D 476 53.62 23.96 -26.76
CA VAL D 476 52.85 22.98 -26.01
C VAL D 476 51.78 23.72 -25.21
N VAL D 477 50.57 23.18 -25.18
CA VAL D 477 49.46 23.77 -24.44
C VAL D 477 48.95 22.77 -23.42
N VAL D 478 48.81 23.22 -22.19
CA VAL D 478 48.18 22.43 -21.13
C VAL D 478 46.84 23.08 -20.83
N LEU D 479 45.77 22.30 -20.83
CA LEU D 479 44.45 22.85 -20.52
C LEU D 479 43.94 22.33 -19.17
N CYS D 480 43.51 23.27 -18.32
CA CYS D 480 42.94 22.98 -17.01
C CYS D 480 41.49 23.45 -17.03
N ASN D 481 40.56 22.51 -16.95
CA ASN D 481 39.13 22.71 -17.17
C ASN D 481 38.40 21.49 -16.66
N GLY D 482 37.13 21.65 -16.27
CA GLY D 482 36.35 20.53 -15.79
C GLY D 482 35.44 19.83 -16.80
N ALA D 483 35.44 20.24 -18.09
CA ALA D 483 34.45 19.83 -19.09
C ALA D 483 34.89 20.30 -20.48
N PRO D 484 34.22 19.90 -21.57
CA PRO D 484 34.81 20.16 -22.90
C PRO D 484 34.74 21.61 -23.31
N ILE D 485 35.68 21.98 -24.19
CA ILE D 485 35.81 23.33 -24.73
C ILE D 485 36.09 23.23 -26.23
N GLU D 486 35.82 24.32 -26.93
CA GLU D 486 36.19 24.43 -28.32
C GLU D 486 37.64 24.87 -28.46
N MET D 487 38.28 24.45 -29.55
CA MET D 487 39.72 24.66 -29.75
C MET D 487 40.02 25.16 -31.17
N PRO D 488 39.51 26.33 -31.53
CA PRO D 488 39.82 26.89 -32.85
C PRO D 488 41.30 27.14 -33.07
N TRP D 489 42.10 27.25 -32.00
CA TRP D 489 43.54 27.52 -32.06
C TRP D 489 44.35 26.27 -32.33
N LEU D 490 43.73 25.09 -32.36
CA LEU D 490 44.39 23.79 -32.33
C LEU D 490 45.46 23.60 -33.39
N PRO D 491 45.31 24.13 -34.60
CA PRO D 491 46.41 24.00 -35.58
C PRO D 491 47.76 24.63 -35.16
N GLN D 492 47.78 25.65 -34.32
CA GLN D 492 49.05 26.28 -34.01
C GLN D 492 49.69 25.78 -32.71
N ALA D 493 49.07 24.80 -32.06
CA ALA D 493 49.69 24.05 -30.96
C ALA D 493 50.26 22.73 -31.51
N LYS D 494 51.55 22.47 -31.24
CA LYS D 494 52.10 21.18 -31.63
C LYS D 494 51.66 20.06 -30.68
N ALA D 495 51.30 20.39 -29.44
CA ALA D 495 50.85 19.40 -28.48
C ALA D 495 49.77 19.99 -27.60
N VAL D 496 48.87 19.13 -27.09
CA VAL D 496 47.84 19.53 -26.15
C VAL D 496 47.71 18.46 -25.06
N LEU D 497 47.97 18.84 -23.80
CA LEU D 497 47.74 17.96 -22.65
C LEU D 497 46.45 18.42 -21.98
N GLU D 498 45.44 17.57 -22.00
CA GLU D 498 44.21 17.84 -21.27
C GLU D 498 44.42 17.43 -19.83
N ALA D 499 44.51 18.41 -18.90
CA ALA D 499 44.84 18.09 -17.50
C ALA D 499 43.65 18.06 -16.56
N TYR D 500 42.46 18.46 -17.00
CA TYR D 500 41.25 18.40 -16.18
C TYR D 500 41.51 19.07 -14.83
N LEU D 501 40.93 18.57 -13.74
CA LEU D 501 41.14 19.15 -12.41
C LEU D 501 42.01 18.16 -11.62
N GLY D 502 43.31 18.33 -11.76
CA GLY D 502 44.26 17.33 -11.28
C GLY D 502 44.50 17.33 -9.80
N GLY D 503 43.90 18.22 -9.02
CA GLY D 503 44.00 18.12 -7.57
C GLY D 503 45.24 18.75 -6.95
N GLN D 504 45.35 18.57 -5.63
CA GLN D 504 46.31 19.40 -4.88
C GLN D 504 47.75 19.09 -5.24
N ALA D 505 47.98 18.05 -6.04
CA ALA D 505 49.32 17.64 -6.45
C ALA D 505 49.48 17.67 -7.96
N LEU D 506 48.67 18.45 -8.66
CA LEU D 506 48.77 18.52 -10.12
C LEU D 506 50.14 19.02 -10.61
N GLY D 507 50.96 19.63 -9.76
CA GLY D 507 52.24 20.15 -10.21
C GLY D 507 53.20 19.03 -10.54
N GLY D 508 53.49 18.20 -9.54
CA GLY D 508 54.38 17.08 -9.78
C GLY D 508 53.87 16.16 -10.87
N ALA D 509 52.54 16.00 -10.96
CA ALA D 509 51.93 15.21 -12.02
C ALA D 509 52.29 15.76 -13.41
N ILE D 510 52.13 17.07 -13.62
CA ILE D 510 52.42 17.63 -14.94
C ILE D 510 53.91 17.66 -15.22
N ALA D 511 54.73 17.84 -14.18
CA ALA D 511 56.17 17.76 -14.37
C ALA D 511 56.57 16.40 -14.89
N ASP D 512 55.96 15.35 -14.33
CA ASP D 512 56.30 13.99 -14.74
C ASP D 512 55.89 13.74 -16.19
N LEU D 513 54.65 14.07 -16.54
CA LEU D 513 54.17 13.78 -17.88
C LEU D 513 54.96 14.55 -18.92
N LEU D 514 55.25 15.82 -18.65
CA LEU D 514 55.84 16.67 -19.70
C LEU D 514 57.28 16.28 -19.98
N PHE D 515 57.99 15.79 -18.95
CA PHE D 515 59.38 15.42 -19.08
C PHE D 515 59.57 13.92 -19.26
N GLY D 516 58.50 13.13 -19.12
CA GLY D 516 58.53 11.69 -19.39
C GLY D 516 58.79 10.76 -18.21
N ASP D 517 58.98 11.30 -16.98
CA ASP D 517 59.15 10.45 -15.81
C ASP D 517 57.95 9.57 -15.61
N ALA D 518 56.79 10.01 -16.04
CA ALA D 518 55.64 9.15 -16.24
C ALA D 518 55.19 9.28 -17.68
N ASN D 519 54.63 8.18 -18.23
CA ASN D 519 54.06 8.13 -19.57
C ASN D 519 52.56 8.38 -19.50
N PRO D 520 52.03 9.33 -20.27
CA PRO D 520 50.56 9.52 -20.31
C PRO D 520 49.83 8.24 -20.72
N SER D 521 48.67 8.01 -20.09
CA SER D 521 47.87 6.83 -20.38
C SER D 521 46.38 7.05 -20.15
N GLY D 522 45.90 8.27 -20.30
CA GLY D 522 44.50 8.58 -20.03
C GLY D 522 43.71 8.68 -21.32
N LYS D 523 42.44 8.37 -21.23
CA LYS D 523 41.61 8.37 -22.42
C LYS D 523 40.26 9.02 -22.13
N LEU D 524 39.83 9.91 -23.02
CA LEU D 524 38.61 10.66 -22.80
C LEU D 524 37.45 9.74 -22.46
N ALA D 525 36.67 10.13 -21.45
CA ALA D 525 35.44 9.44 -21.05
C ALA D 525 34.18 10.25 -21.39
N GLU D 526 34.34 11.36 -22.12
CA GLU D 526 33.23 12.14 -22.65
C GLU D 526 33.65 12.56 -24.07
N THR D 527 32.67 12.83 -24.94
CA THR D 527 33.00 13.26 -26.30
C THR D 527 33.33 14.76 -26.33
N PHE D 528 34.32 15.14 -27.13
CA PHE D 528 34.66 16.56 -27.24
C PHE D 528 34.10 17.12 -28.57
N PRO D 529 32.93 17.73 -28.57
CA PRO D 529 32.39 18.22 -29.84
C PRO D 529 33.27 19.33 -30.42
N VAL D 530 33.11 19.58 -31.72
CA VAL D 530 33.78 20.71 -32.36
C VAL D 530 33.15 22.04 -31.91
N GLN D 531 31.83 22.12 -31.97
CA GLN D 531 31.07 23.30 -31.57
C GLN D 531 29.91 22.88 -30.68
N LEU D 532 29.41 23.83 -29.88
CA LEU D 532 28.36 23.52 -28.91
C LEU D 532 27.14 22.87 -29.55
N SER D 533 26.69 23.40 -30.68
CA SER D 533 25.45 22.97 -31.32
C SER D 533 25.52 21.56 -31.91
N ASP D 534 26.70 20.92 -31.98
CA ASP D 534 26.77 19.56 -32.50
C ASP D 534 26.10 18.56 -31.56
N ASN D 535 26.04 18.87 -30.22
CA ASN D 535 25.76 17.84 -29.22
C ASN D 535 24.27 17.45 -29.20
N PRO D 536 23.97 16.22 -28.81
CA PRO D 536 22.60 15.72 -28.91
C PRO D 536 21.56 16.46 -28.06
N SER D 537 21.96 17.17 -27.02
CA SER D 537 20.96 17.84 -26.17
C SER D 537 20.55 19.22 -26.68
N PHE D 538 21.11 19.67 -27.82
CA PHE D 538 21.05 21.11 -28.14
C PHE D 538 19.63 21.58 -28.40
N LEU D 539 18.82 20.78 -29.10
CA LEU D 539 17.46 21.15 -29.38
C LEU D 539 16.55 21.10 -28.15
N ASN D 540 16.98 20.48 -27.05
CA ASN D 540 16.13 20.42 -25.85
C ASN D 540 16.94 20.62 -24.57
N PHE D 541 17.65 21.74 -24.50
CA PHE D 541 18.45 22.02 -23.31
C PHE D 541 18.60 23.53 -23.21
N PRO D 542 18.18 24.15 -22.08
CA PRO D 542 17.61 23.50 -20.87
C PRO D 542 16.09 23.33 -20.85
N GLY D 543 15.37 23.38 -21.95
CA GLY D 543 13.93 23.12 -21.93
C GLY D 543 13.09 24.39 -21.97
N GLU D 544 11.85 24.23 -21.48
CA GLU D 544 10.90 25.35 -21.40
C GLU D 544 10.47 25.48 -19.95
N GLY D 545 11.17 26.33 -19.21
CA GLY D 545 10.84 26.58 -17.82
C GLY D 545 11.10 25.39 -16.92
N ASP D 546 10.04 24.85 -16.32
CA ASP D 546 10.11 23.69 -15.43
C ASP D 546 9.88 22.38 -16.18
N ARG D 547 10.35 22.26 -17.42
CA ARG D 547 10.05 21.07 -18.20
C ARG D 547 11.14 20.87 -19.25
N VAL D 548 11.76 19.69 -19.25
CA VAL D 548 12.81 19.33 -20.19
C VAL D 548 12.54 17.91 -20.69
N GLU D 549 12.50 17.75 -22.00
CA GLU D 549 12.10 16.50 -22.64
C GLU D 549 13.34 15.87 -23.23
N TYR D 550 13.76 14.71 -22.68
CA TYR D 550 14.97 14.03 -23.12
C TYR D 550 14.66 13.35 -24.46
N ARG D 551 14.55 14.19 -25.49
CA ARG D 551 14.01 13.74 -26.76
C ARG D 551 15.02 12.98 -27.58
N GLU D 552 16.32 13.19 -27.33
CA GLU D 552 17.35 12.46 -28.07
C GLU D 552 17.25 10.96 -27.89
N GLY D 553 16.54 10.50 -26.86
CA GLY D 553 16.37 9.07 -26.63
C GLY D 553 17.68 8.46 -26.20
N LEU D 554 18.05 7.33 -26.80
CA LEU D 554 19.28 6.63 -26.42
C LEU D 554 20.54 7.28 -26.97
N PHE D 555 20.46 8.38 -27.72
CA PHE D 555 21.62 8.83 -28.47
C PHE D 555 22.36 9.94 -27.74
N VAL D 556 23.05 9.55 -26.65
CA VAL D 556 23.84 10.43 -25.78
C VAL D 556 25.32 10.14 -25.97
N GLY D 557 26.12 11.20 -26.00
CA GLY D 557 27.55 11.07 -26.21
C GLY D 557 27.84 10.39 -27.54
N TYR D 558 28.89 9.57 -27.54
CA TYR D 558 29.36 8.89 -28.77
C TYR D 558 28.24 8.08 -29.43
N ARG D 559 27.24 7.63 -28.66
CA ARG D 559 26.09 6.97 -29.25
C ARG D 559 25.42 7.83 -30.30
N TYR D 560 25.48 9.16 -30.15
CA TYR D 560 24.87 10.07 -31.10
C TYR D 560 25.76 10.31 -32.32
N TYR D 561 27.03 10.63 -32.09
CA TYR D 561 27.98 10.94 -33.14
C TYR D 561 28.28 9.73 -34.02
N ASP D 562 28.17 8.53 -33.49
CA ASP D 562 28.36 7.35 -34.33
C ASP D 562 27.24 7.25 -35.34
N LYS D 563 25.99 7.27 -34.85
CA LYS D 563 24.82 7.11 -35.69
C LYS D 563 24.71 8.23 -36.71
N LYS D 564 24.89 9.48 -36.27
CA LYS D 564 24.76 10.62 -37.16
C LYS D 564 25.92 10.76 -38.11
N GLN D 565 27.03 10.05 -37.87
CA GLN D 565 28.30 10.28 -38.58
C GLN D 565 28.68 11.75 -38.51
N LEU D 566 28.55 12.32 -37.31
CA LEU D 566 28.89 13.71 -37.03
C LEU D 566 30.26 13.74 -36.35
N ARG D 567 31.27 14.20 -37.07
CA ARG D 567 32.65 14.08 -36.59
C ARG D 567 32.90 14.91 -35.35
N PRO D 568 33.43 14.33 -34.28
CA PRO D 568 33.84 15.12 -33.11
C PRO D 568 35.24 15.72 -33.29
N LEU D 569 35.56 16.66 -32.38
CA LEU D 569 36.93 17.21 -32.29
C LEU D 569 37.90 16.14 -31.79
N PHE D 570 37.49 15.38 -30.77
CA PHE D 570 38.19 14.22 -30.27
C PHE D 570 37.09 13.27 -29.81
N PRO D 571 37.18 11.97 -30.14
CA PRO D 571 36.11 11.02 -29.77
C PRO D 571 36.24 10.46 -28.35
N PHE D 572 35.13 9.91 -27.89
CA PHE D 572 35.11 9.18 -26.64
C PHE D 572 36.11 8.04 -26.69
N GLY D 573 36.99 8.00 -25.71
CA GLY D 573 37.99 6.96 -25.66
C GLY D 573 39.24 7.23 -26.45
N HIS D 574 39.53 8.50 -26.78
CA HIS D 574 40.75 8.84 -27.50
C HIS D 574 41.85 9.25 -26.52
N GLY D 575 43.06 8.72 -26.71
CA GLY D 575 44.21 9.11 -25.90
C GLY D 575 45.52 8.68 -26.51
N LEU D 576 46.58 9.43 -26.22
CA LEU D 576 47.91 9.16 -26.74
C LEU D 576 48.89 8.78 -25.64
N SER D 577 50.01 8.20 -26.07
CA SER D 577 51.10 7.73 -25.24
C SER D 577 52.45 8.03 -25.90
N TYR D 578 53.49 7.98 -25.09
CA TYR D 578 54.82 8.12 -25.66
C TYR D 578 55.40 6.81 -26.22
N THR D 579 54.64 5.70 -26.17
CA THR D 579 55.04 4.46 -26.83
C THR D 579 53.90 3.97 -27.73
N THR D 580 54.03 2.79 -28.33
CA THR D 580 53.04 2.23 -29.25
C THR D 580 52.52 0.92 -28.71
N PHE D 581 51.41 0.44 -29.28
CA PHE D 581 50.83 -0.84 -28.86
C PHE D 581 50.31 -1.66 -30.05
N ALA D 582 50.67 -2.94 -30.12
CA ALA D 582 50.08 -3.82 -31.13
C ALA D 582 49.01 -4.71 -30.50
N TYR D 583 47.92 -4.95 -31.23
CA TYR D 583 46.83 -5.82 -30.80
C TYR D 583 46.77 -7.13 -31.60
N SER D 584 46.37 -8.23 -30.94
CA SER D 584 46.49 -9.53 -31.63
C SER D 584 45.66 -10.57 -30.90
N ASN D 585 45.05 -11.49 -31.66
CA ASN D 585 44.44 -12.72 -31.12
C ASN D 585 43.12 -12.51 -30.36
N LEU D 586 42.17 -11.80 -30.96
CA LEU D 586 40.82 -11.85 -30.43
C LEU D 586 40.34 -13.29 -30.51
N SER D 587 39.66 -13.76 -29.47
CA SER D 587 39.13 -15.12 -29.48
C SER D 587 38.05 -15.28 -28.41
N VAL D 588 37.06 -16.13 -28.70
CA VAL D 588 35.92 -16.37 -27.82
C VAL D 588 35.81 -17.87 -27.58
N ASP D 589 35.50 -18.25 -26.34
CA ASP D 589 35.49 -19.65 -25.97
C ASP D 589 34.34 -20.40 -26.61
N LYS D 590 33.20 -19.75 -26.76
CA LYS D 590 32.03 -20.32 -27.42
C LYS D 590 31.64 -19.43 -28.60
N LYS D 591 31.25 -20.03 -29.72
CA LYS D 591 30.79 -19.31 -30.90
C LYS D 591 29.29 -19.11 -30.92
N GLU D 592 28.58 -19.55 -29.88
CA GLU D 592 27.12 -19.39 -29.80
C GLU D 592 26.62 -19.72 -28.40
N ILE D 593 25.82 -18.85 -27.78
CA ILE D 593 25.34 -19.08 -26.43
C ILE D 593 23.85 -18.78 -26.39
N LEU D 594 23.18 -19.33 -25.38
CA LEU D 594 21.83 -18.89 -25.06
C LEU D 594 21.89 -17.63 -24.20
N ASP D 595 20.77 -16.90 -24.17
CA ASP D 595 20.78 -15.67 -23.40
C ASP D 595 20.99 -15.97 -21.92
N THR D 596 20.80 -17.21 -21.50
CA THR D 596 21.07 -17.51 -20.10
C THR D 596 22.54 -17.81 -19.81
N GLU D 597 23.38 -17.91 -20.84
CA GLU D 597 24.77 -18.32 -20.69
C GLU D 597 25.69 -17.11 -20.66
N THR D 598 26.96 -17.38 -20.47
CA THR D 598 27.99 -16.37 -20.33
C THR D 598 29.12 -16.69 -21.29
N LEU D 599 29.91 -15.67 -21.64
CA LEU D 599 30.91 -15.84 -22.69
C LEU D 599 32.23 -15.15 -22.31
N LYS D 600 33.36 -15.76 -22.71
CA LYS D 600 34.69 -15.30 -22.32
C LYS D 600 35.41 -14.74 -23.55
N VAL D 601 35.91 -13.50 -23.44
CA VAL D 601 36.67 -12.84 -24.53
C VAL D 601 38.13 -12.67 -24.11
N CYS D 602 39.06 -12.98 -25.03
CA CYS D 602 40.50 -12.89 -24.78
C CYS D 602 41.20 -12.20 -25.95
N VAL D 603 42.09 -11.23 -25.66
CA VAL D 603 42.87 -10.49 -26.66
C VAL D 603 44.26 -10.20 -26.11
N ASN D 604 45.23 -10.05 -27.02
CA ASN D 604 46.64 -9.79 -26.70
C ASN D 604 47.04 -8.35 -27.02
N VAL D 605 47.74 -7.72 -26.08
CA VAL D 605 48.25 -6.36 -26.20
C VAL D 605 49.77 -6.42 -26.02
N LYS D 606 50.51 -5.78 -26.91
CA LYS D 606 51.97 -5.79 -26.85
C LYS D 606 52.49 -4.37 -27.03
N ASN D 607 53.51 -3.99 -26.27
CA ASN D 607 54.12 -2.66 -26.38
C ASN D 607 55.24 -2.68 -27.42
N THR D 608 54.98 -2.22 -28.64
CA THR D 608 56.02 -2.27 -29.66
C THR D 608 56.92 -1.03 -29.70
N GLY D 609 57.01 -0.27 -28.60
CA GLY D 609 57.81 0.93 -28.55
C GLY D 609 58.98 0.86 -27.57
N GLU D 610 59.68 1.98 -27.47
CA GLU D 610 60.95 1.98 -26.75
C GLU D 610 60.79 2.57 -25.36
N ARG D 611 59.59 2.74 -24.89
CA ARG D 611 59.36 3.18 -23.54
C ARG D 611 58.26 2.32 -22.92
N ALA D 612 58.38 2.04 -21.61
CA ALA D 612 57.31 1.33 -20.93
C ALA D 612 56.10 2.26 -20.79
N GLY D 613 54.90 1.67 -20.68
CA GLY D 613 53.70 2.45 -20.45
C GLY D 613 52.50 1.56 -20.21
N LYS D 614 51.37 2.20 -19.88
CA LYS D 614 50.09 1.52 -19.64
C LYS D 614 49.10 1.81 -20.77
N GLU D 615 48.41 0.77 -21.24
CA GLU D 615 47.46 0.89 -22.35
C GLU D 615 46.04 0.50 -21.93
N ILE D 616 45.06 1.22 -22.48
CA ILE D 616 43.64 1.02 -22.16
C ILE D 616 42.94 0.27 -23.29
N VAL D 617 42.23 -0.80 -22.96
CA VAL D 617 41.56 -1.65 -23.95
C VAL D 617 40.04 -1.50 -23.80
N GLN D 618 39.35 -1.18 -24.91
CA GLN D 618 37.90 -0.98 -24.90
C GLN D 618 37.21 -2.05 -25.74
N LEU D 619 36.15 -2.65 -25.18
CA LEU D 619 35.39 -3.70 -25.84
C LEU D 619 33.97 -3.20 -26.04
N TYR D 620 33.54 -3.16 -27.31
CA TYR D 620 32.20 -2.74 -27.70
C TYR D 620 31.44 -3.91 -28.33
N VAL D 621 30.12 -3.86 -28.19
CA VAL D 621 29.20 -4.85 -28.74
C VAL D 621 28.32 -4.16 -29.76
N ARG D 622 28.03 -4.85 -30.87
CA ARG D 622 27.23 -4.32 -31.97
C ARG D 622 26.08 -5.27 -32.29
N ASP D 623 24.85 -4.90 -31.94
CA ASP D 623 23.69 -5.68 -32.39
C ASP D 623 23.52 -5.43 -33.89
N VAL D 624 23.56 -6.50 -34.71
CA VAL D 624 23.56 -6.32 -36.17
C VAL D 624 22.16 -6.10 -36.74
N GLU D 625 21.13 -6.71 -36.16
CA GLU D 625 19.75 -6.60 -36.62
C GLU D 625 18.85 -6.66 -35.41
N SER D 626 17.89 -5.74 -35.33
CA SER D 626 16.95 -5.70 -34.21
C SER D 626 15.65 -5.09 -34.68
N SER D 627 14.55 -5.54 -34.06
CA SER D 627 13.25 -4.95 -34.37
C SER D 627 12.98 -3.63 -33.65
N VAL D 628 13.96 -3.12 -32.90
CA VAL D 628 13.85 -1.87 -32.17
C VAL D 628 15.07 -1.01 -32.47
N ILE D 629 14.98 0.26 -32.11
CA ILE D 629 16.04 1.25 -32.34
C ILE D 629 17.11 1.07 -31.27
N ARG D 630 18.37 0.96 -31.70
CA ARG D 630 19.54 0.77 -30.82
C ARG D 630 20.70 1.52 -31.44
N PRO D 631 21.62 2.04 -30.63
CA PRO D 631 22.84 2.63 -31.20
C PRO D 631 23.65 1.59 -31.96
N LEU D 632 24.63 2.05 -32.72
CA LEU D 632 25.39 1.10 -33.54
C LEU D 632 26.22 0.15 -32.68
N LYS D 633 27.02 0.70 -31.77
CA LYS D 633 27.80 -0.06 -30.80
C LYS D 633 27.65 0.56 -29.41
N GLU D 634 27.83 -0.25 -28.39
CA GLU D 634 27.81 0.20 -27.01
C GLU D 634 28.98 -0.43 -26.23
N LEU D 635 29.67 0.39 -25.42
CA LEU D 635 30.77 -0.10 -24.60
C LEU D 635 30.29 -1.07 -23.52
N LYS D 636 30.92 -2.24 -23.46
CA LYS D 636 30.47 -3.30 -22.58
C LYS D 636 31.62 -3.96 -21.83
N GLY D 637 32.81 -3.36 -21.80
CA GLY D 637 33.92 -3.82 -21.00
C GLY D 637 35.23 -3.09 -21.25
N PHE D 638 36.14 -3.11 -20.29
CA PHE D 638 37.41 -2.43 -20.44
C PHE D 638 38.37 -2.85 -19.33
N ASP D 639 39.68 -2.66 -19.60
CA ASP D 639 40.77 -2.93 -18.67
C ASP D 639 41.97 -2.07 -19.07
N LYS D 640 42.89 -1.87 -18.13
CA LYS D 640 44.17 -1.16 -18.31
C LYS D 640 45.30 -2.12 -17.94
N VAL D 641 46.46 -1.94 -18.59
CA VAL D 641 47.51 -2.97 -18.53
C VAL D 641 48.87 -2.30 -18.74
N PHE D 642 49.84 -2.67 -17.88
CA PHE D 642 51.20 -2.11 -17.88
C PHE D 642 52.16 -3.04 -18.61
N LEU D 643 52.95 -2.49 -19.54
CA LEU D 643 53.82 -3.31 -20.36
C LEU D 643 55.17 -2.63 -20.54
N ALA D 644 56.23 -3.41 -20.34
CA ALA D 644 57.60 -3.01 -20.62
C ALA D 644 57.81 -3.07 -22.11
N PRO D 645 58.80 -2.36 -22.64
CA PRO D 645 59.07 -2.48 -24.08
C PRO D 645 59.25 -3.95 -24.44
N GLY D 646 58.64 -4.34 -25.56
CA GLY D 646 58.64 -5.73 -25.99
C GLY D 646 57.73 -6.67 -25.23
N GLU D 647 57.13 -6.23 -24.13
CA GLU D 647 56.27 -7.08 -23.32
C GLU D 647 54.87 -7.23 -23.91
N GLU D 648 54.31 -8.43 -23.77
CA GLU D 648 52.96 -8.70 -24.20
C GLU D 648 52.21 -9.45 -23.09
N LYS D 649 50.91 -9.21 -22.99
CA LYS D 649 50.09 -9.92 -22.00
C LYS D 649 48.75 -10.27 -22.63
N THR D 650 47.81 -10.70 -21.81
CA THR D 650 46.53 -11.14 -22.36
C THR D 650 45.42 -10.73 -21.42
N LEU D 651 44.40 -10.13 -21.99
CA LEU D 651 43.32 -9.58 -21.20
C LEU D 651 42.06 -10.41 -21.40
N THR D 652 41.21 -10.39 -20.39
CA THR D 652 40.07 -11.29 -20.28
C THR D 652 38.83 -10.48 -20.00
N PHE D 653 37.80 -10.64 -20.81
CA PHE D 653 36.51 -10.02 -20.58
C PHE D 653 35.42 -11.07 -20.49
N GLU D 654 34.32 -10.73 -19.83
CA GLU D 654 33.16 -11.61 -19.70
C GLU D 654 31.92 -10.89 -20.21
N LEU D 655 31.25 -11.46 -21.22
CA LEU D 655 29.97 -10.92 -21.68
C LEU D 655 28.82 -11.79 -21.20
N GLY D 656 27.63 -11.21 -21.18
CA GLY D 656 26.47 -11.89 -20.65
C GLY D 656 25.21 -11.29 -21.21
N LYS D 657 24.07 -11.62 -20.59
CA LYS D 657 22.79 -11.16 -21.11
C LYS D 657 22.78 -9.65 -21.28
N ARG D 658 23.21 -8.93 -20.27
CA ARG D 658 23.19 -7.48 -20.34
C ARG D 658 24.19 -6.94 -21.36
N SER D 659 25.15 -7.74 -21.83
CA SER D 659 25.97 -7.28 -22.95
C SER D 659 25.17 -7.22 -24.26
N PHE D 660 24.06 -7.92 -24.37
CA PHE D 660 23.35 -7.95 -25.63
C PHE D 660 21.93 -7.38 -25.57
N ALA D 661 21.34 -7.21 -24.39
CA ALA D 661 19.90 -6.99 -24.21
C ALA D 661 19.51 -5.52 -24.18
N TYR D 662 18.34 -5.22 -24.72
CA TYR D 662 17.68 -3.93 -24.61
C TYR D 662 16.53 -4.03 -23.61
N TYR D 663 15.99 -2.87 -23.24
CA TYR D 663 14.86 -2.88 -22.30
C TYR D 663 13.56 -2.84 -23.07
N ASP D 664 12.60 -3.65 -22.63
CA ASP D 664 11.35 -3.88 -23.33
C ASP D 664 10.21 -3.52 -22.37
N PRO D 665 9.66 -2.31 -22.43
CA PRO D 665 8.62 -1.94 -21.45
C PRO D 665 7.41 -2.85 -21.46
N SER D 666 7.11 -3.52 -22.58
CA SER D 666 5.89 -4.31 -22.67
C SER D 666 5.92 -5.49 -21.70
N ILE D 667 7.02 -6.24 -21.67
CA ILE D 667 7.17 -7.31 -20.69
C ILE D 667 7.85 -6.82 -19.41
N LYS D 668 8.20 -5.54 -19.35
CA LYS D 668 8.86 -4.92 -18.19
C LYS D 668 10.12 -5.68 -17.76
N ASP D 669 10.98 -5.97 -18.73
CA ASP D 669 12.18 -6.74 -18.45
C ASP D 669 13.16 -6.57 -19.61
N TRP D 670 14.33 -7.19 -19.47
CA TRP D 670 15.38 -7.13 -20.46
C TRP D 670 15.24 -8.24 -21.49
N MET D 671 15.64 -7.94 -22.73
CA MET D 671 15.29 -8.84 -23.82
C MET D 671 16.44 -8.98 -24.82
N VAL D 672 16.74 -10.23 -25.19
CA VAL D 672 17.64 -10.52 -26.29
C VAL D 672 16.82 -10.94 -27.49
N GLU D 673 17.22 -10.48 -28.67
CA GLU D 673 16.65 -10.91 -29.95
C GLU D 673 17.65 -11.81 -30.65
N THR D 674 17.22 -13.04 -30.94
CA THR D 674 18.08 -14.03 -31.59
C THR D 674 18.81 -13.45 -32.79
N GLY D 675 20.14 -13.41 -32.73
CA GLY D 675 20.88 -12.99 -33.90
C GLY D 675 22.37 -12.96 -33.72
N ALA D 676 23.03 -12.27 -34.63
CA ALA D 676 24.46 -12.03 -34.57
C ALA D 676 24.74 -10.70 -33.86
N PHE D 677 25.69 -10.72 -32.92
CA PHE D 677 26.20 -9.51 -32.28
C PHE D 677 27.70 -9.46 -32.52
N GLU D 678 28.24 -8.27 -32.74
CA GLU D 678 29.64 -8.16 -33.11
C GLU D 678 30.46 -7.61 -31.94
N ILE D 679 31.57 -8.31 -31.61
CA ILE D 679 32.51 -7.94 -30.54
C ILE D 679 33.66 -7.15 -31.14
N LEU D 680 33.92 -5.96 -30.60
CA LEU D 680 34.83 -5.00 -31.22
C LEU D 680 35.87 -4.52 -30.20
N ILE D 681 37.15 -4.74 -30.52
CA ILE D 681 38.27 -4.33 -29.66
C ILE D 681 38.98 -3.14 -30.31
N GLY D 682 38.93 -1.97 -29.65
CA GLY D 682 39.56 -0.77 -30.18
C GLY D 682 40.30 0.02 -29.12
N ARG D 683 41.25 0.85 -29.60
CA ARG D 683 41.94 1.84 -28.78
C ARG D 683 41.14 3.11 -28.61
N SER D 684 40.02 3.25 -29.32
CA SER D 684 39.12 4.38 -29.16
C SER D 684 37.72 3.96 -29.59
N SER D 685 36.78 4.90 -29.54
CA SER D 685 35.48 4.69 -30.15
C SER D 685 35.49 4.89 -31.67
N GLN D 686 36.54 5.53 -32.21
CA GLN D 686 36.73 5.65 -33.65
C GLN D 686 37.62 4.55 -34.21
N ASP D 687 38.60 4.08 -33.44
CA ASP D 687 39.67 3.21 -33.95
C ASP D 687 39.46 1.79 -33.44
N ILE D 688 38.72 0.98 -34.22
CA ILE D 688 38.57 -0.44 -33.98
C ILE D 688 39.71 -1.19 -34.65
N VAL D 689 40.31 -2.18 -33.97
CA VAL D 689 41.36 -2.99 -34.57
C VAL D 689 40.97 -4.44 -34.79
N LEU D 690 39.98 -4.96 -34.06
CA LEU D 690 39.69 -6.38 -34.14
C LEU D 690 38.23 -6.62 -33.84
N ALA D 691 37.65 -7.58 -34.56
CA ALA D 691 36.26 -7.93 -34.39
C ALA D 691 36.09 -9.44 -34.53
N GLU D 692 34.92 -9.92 -34.06
CA GLU D 692 34.48 -11.30 -34.08
C GLU D 692 32.98 -11.32 -33.87
N THR D 693 32.30 -12.25 -34.56
CA THR D 693 30.85 -12.37 -34.49
C THR D 693 30.46 -13.59 -33.67
N VAL D 694 29.41 -13.45 -32.86
CA VAL D 694 28.87 -14.55 -32.08
C VAL D 694 27.37 -14.60 -32.30
N MET D 695 26.78 -15.72 -31.89
CA MET D 695 25.36 -15.96 -32.04
C MET D 695 24.75 -16.11 -30.67
N VAL D 696 23.85 -15.22 -30.31
CA VAL D 696 23.12 -15.33 -29.06
C VAL D 696 21.69 -15.73 -29.40
N ARG D 697 21.11 -16.64 -28.62
CA ARG D 697 19.78 -17.17 -28.92
C ARG D 697 18.89 -16.97 -27.71
N SER D 698 17.78 -16.27 -27.91
CA SER D 698 16.86 -16.00 -26.80
C SER D 698 16.15 -17.27 -26.37
N THR D 699 15.86 -17.35 -25.08
CA THR D 699 15.09 -18.46 -24.53
C THR D 699 13.65 -18.09 -24.22
N VAL D 700 13.20 -16.92 -24.64
CA VAL D 700 11.86 -16.44 -24.32
C VAL D 700 11.07 -16.48 -25.62
N SER D 701 9.95 -17.19 -25.62
CA SER D 701 9.10 -17.35 -26.80
C SER D 701 7.80 -16.58 -26.58
N ARG D 702 7.56 -15.59 -27.41
CA ARG D 702 6.35 -14.79 -27.32
C ARG D 702 5.35 -15.34 -28.35
N LYS D 703 4.13 -15.59 -27.89
CA LYS D 703 3.05 -16.04 -28.75
C LYS D 703 2.57 -14.89 -29.62
N ILE D 704 2.42 -15.13 -30.92
CA ILE D 704 1.88 -14.12 -31.84
C ILE D 704 0.36 -14.13 -31.76
N VAL D 705 -0.25 -12.95 -31.68
CA VAL D 705 -1.70 -12.85 -31.61
C VAL D 705 -2.20 -12.04 -32.80
N TYR D 706 -3.01 -12.67 -33.66
CA TYR D 706 -3.51 -11.99 -34.84
C TYR D 706 -4.72 -11.12 -34.50
N HIS D 707 -4.92 -10.07 -35.29
CA HIS D 707 -6.06 -9.17 -35.10
C HIS D 707 -6.38 -8.53 -36.45
N ARG D 708 -7.41 -7.67 -36.45
CA ARG D 708 -8.00 -7.14 -37.68
C ARG D 708 -7.05 -6.26 -38.49
N ASN D 709 -5.92 -5.85 -37.91
CA ASN D 709 -4.98 -4.99 -38.63
C ASN D 709 -3.60 -5.61 -38.72
N SER D 710 -3.51 -6.94 -38.57
CA SER D 710 -2.31 -7.69 -38.94
C SER D 710 -2.11 -7.72 -40.46
N THR D 711 -0.85 -7.66 -40.89
CA THR D 711 -0.57 -7.66 -42.31
C THR D 711 -0.55 -9.07 -42.89
N VAL D 712 -0.72 -9.16 -44.22
CA VAL D 712 -0.65 -10.44 -44.93
C VAL D 712 0.70 -11.12 -44.72
N ALA D 713 1.76 -10.32 -44.50
CA ALA D 713 3.06 -10.88 -44.16
C ALA D 713 3.09 -11.45 -42.75
N ASP D 714 2.28 -10.90 -41.83
CA ASP D 714 2.26 -11.42 -40.47
C ASP D 714 1.74 -12.87 -40.41
N LEU D 715 1.05 -13.33 -41.45
CA LEU D 715 0.51 -14.69 -41.47
C LEU D 715 1.63 -15.74 -41.51
N MET D 716 2.78 -15.39 -42.08
CA MET D 716 3.88 -16.32 -42.28
C MET D 716 4.74 -16.54 -41.03
N LEU D 717 4.21 -16.28 -39.85
CA LEU D 717 4.92 -16.60 -38.62
C LEU D 717 4.47 -17.93 -38.03
N THR D 718 3.33 -18.44 -38.49
CA THR D 718 2.77 -19.70 -38.02
C THR D 718 2.36 -20.50 -39.25
N GLU D 719 2.28 -21.82 -39.10
CA GLU D 719 1.96 -22.66 -40.24
C GLU D 719 0.47 -22.69 -40.54
N LYS D 720 -0.38 -22.44 -39.54
CA LYS D 720 -1.78 -22.17 -39.84
C LYS D 720 -1.89 -20.93 -40.70
N GLY D 721 -1.14 -19.89 -40.34
CA GLY D 721 -1.28 -18.61 -41.01
C GLY D 721 -0.83 -18.62 -42.46
N ALA D 722 0.31 -19.25 -42.75
CA ALA D 722 0.78 -19.27 -44.14
C ALA D 722 -0.08 -20.16 -45.05
N ALA D 723 -0.93 -21.01 -44.47
CA ALA D 723 -1.91 -21.76 -45.26
C ALA D 723 -2.91 -20.83 -45.93
N PHE D 724 -3.62 -20.02 -45.12
CA PHE D 724 -4.55 -19.02 -45.67
C PHE D 724 -3.83 -17.91 -46.42
N ALA D 725 -2.53 -17.71 -46.20
CA ALA D 725 -1.83 -16.62 -46.86
C ALA D 725 -1.86 -16.74 -48.38
N GLN D 726 -1.88 -17.97 -48.91
CA GLN D 726 -1.91 -18.19 -50.36
C GLN D 726 -3.29 -17.91 -50.96
N LYS D 727 -4.33 -18.43 -50.32
CA LYS D 727 -5.69 -18.22 -50.82
C LYS D 727 -6.03 -16.74 -50.93
N LEU D 728 -5.52 -15.93 -49.98
CA LEU D 728 -5.80 -14.50 -49.92
C LEU D 728 -5.04 -13.68 -50.96
N ARG D 729 -3.77 -13.98 -51.19
CA ARG D 729 -3.05 -13.22 -52.21
C ARG D 729 -3.59 -13.48 -53.62
N GLY D 730 -4.25 -14.62 -53.83
CA GLY D 730 -5.03 -14.80 -55.04
C GLY D 730 -6.17 -13.81 -55.15
N MET D 731 -6.90 -13.60 -54.04
CA MET D 731 -8.13 -12.80 -54.06
C MET D 731 -7.91 -11.33 -54.46
N ILE D 732 -6.70 -10.79 -54.34
CA ILE D 732 -6.43 -9.45 -54.83
C ILE D 732 -6.50 -9.50 -56.35
N PRO D 733 -7.45 -8.79 -56.97
CA PRO D 733 -7.75 -9.01 -58.40
C PRO D 733 -6.75 -8.45 -59.40
N PHE D 734 -5.89 -7.51 -59.01
CA PHE D 734 -4.80 -7.04 -59.86
C PHE D 734 -3.48 -7.77 -59.60
N GLY D 735 -3.52 -8.93 -58.94
CA GLY D 735 -2.31 -9.63 -58.54
C GLY D 735 -1.40 -10.01 -59.69
N GLU D 736 -1.91 -9.95 -60.90
CA GLU D 736 -1.18 -10.39 -62.08
C GLU D 736 -0.67 -9.19 -62.86
N THR D 737 0.55 -8.77 -62.55
CA THR D 737 1.13 -7.63 -63.27
C THR D 737 1.66 -8.04 -64.64
N VAL D 738 2.07 -9.30 -64.80
CA VAL D 738 2.86 -9.75 -65.94
C VAL D 738 4.05 -8.81 -66.09
N GLY D 739 3.78 -7.56 -66.47
CA GLY D 739 4.80 -6.51 -66.53
C GLY D 739 5.72 -6.47 -65.32
N GLU D 740 6.99 -6.16 -65.58
CA GLU D 740 8.03 -6.17 -64.56
C GLU D 740 8.23 -4.82 -63.90
N GLU D 741 7.84 -3.73 -64.58
CA GLU D 741 8.07 -2.38 -64.08
C GLU D 741 7.50 -2.19 -62.68
N TYR D 742 6.23 -2.51 -62.51
CA TYR D 742 5.52 -2.31 -61.25
C TYR D 742 5.65 -3.49 -60.29
N ALA D 743 6.58 -4.41 -60.53
CA ALA D 743 6.78 -5.53 -59.62
C ALA D 743 7.11 -5.05 -58.22
N GLU D 744 7.91 -3.99 -58.14
CA GLU D 744 8.37 -3.49 -56.85
C GLU D 744 7.22 -3.18 -55.91
N MET D 745 6.25 -2.37 -56.39
CA MET D 745 5.18 -1.86 -55.55
C MET D 745 4.01 -2.84 -55.41
N LEU D 746 3.84 -3.79 -56.36
CA LEU D 746 2.78 -4.79 -56.22
C LEU D 746 3.09 -5.78 -55.10
N GLU D 747 4.36 -6.13 -54.91
CA GLU D 747 4.70 -6.91 -53.73
C GLU D 747 4.53 -6.07 -52.47
N ALA D 748 4.97 -4.81 -52.51
CA ALA D 748 4.84 -3.94 -51.35
C ALA D 748 3.38 -3.76 -50.95
N PHE D 749 2.47 -3.64 -51.92
CA PHE D 749 1.05 -3.59 -51.57
C PHE D 749 0.63 -4.86 -50.87
N LYS D 750 0.79 -6.01 -51.55
CA LYS D 750 0.27 -7.28 -51.06
C LYS D 750 0.89 -7.69 -49.73
N GLU D 751 2.13 -7.31 -49.46
CA GLU D 751 2.77 -7.76 -48.22
C GLU D 751 2.14 -7.08 -47.00
N SER D 752 1.78 -5.80 -47.14
CA SER D 752 1.45 -4.92 -46.02
C SER D 752 -0.03 -4.60 -45.83
N VAL D 753 -0.91 -5.06 -46.71
CA VAL D 753 -2.35 -4.82 -46.51
C VAL D 753 -2.75 -5.42 -45.18
N PRO D 754 -3.53 -4.74 -44.35
CA PRO D 754 -4.11 -5.40 -43.18
C PRO D 754 -5.19 -6.40 -43.59
N LEU D 755 -5.48 -7.34 -42.68
CA LEU D 755 -6.51 -8.33 -42.95
C LEU D 755 -7.84 -7.67 -43.29
N ARG D 756 -8.23 -6.60 -42.56
CA ARG D 756 -9.43 -5.86 -42.88
C ARG D 756 -9.32 -5.08 -44.18
N GLY D 757 -8.11 -4.76 -44.64
CA GLY D 757 -7.99 -4.12 -45.93
C GLY D 757 -8.38 -5.02 -47.10
N LEU D 758 -8.29 -6.34 -46.94
CA LEU D 758 -8.71 -7.21 -48.03
C LEU D 758 -10.21 -7.10 -48.28
N ILE D 759 -11.00 -6.77 -47.24
CA ILE D 759 -12.43 -6.55 -47.43
C ILE D 759 -12.65 -5.55 -48.55
N SER D 760 -11.75 -4.58 -48.69
CA SER D 760 -11.87 -3.54 -49.71
C SER D 760 -11.38 -3.95 -51.09
N PHE D 761 -10.61 -5.04 -51.21
CA PHE D 761 -10.01 -5.38 -52.51
C PHE D 761 -10.12 -6.87 -52.80
N SER D 762 -11.26 -7.48 -52.48
CA SER D 762 -11.49 -8.88 -52.79
C SER D 762 -12.71 -9.08 -53.66
N ALA D 763 -13.29 -8.00 -54.19
CA ALA D 763 -14.48 -8.05 -55.03
C ALA D 763 -15.66 -8.72 -54.30
N GLY D 764 -15.88 -8.29 -53.05
CA GLY D 764 -16.95 -8.85 -52.24
C GLY D 764 -16.72 -10.25 -51.73
N ARG D 765 -15.57 -10.86 -52.00
CA ARG D 765 -15.31 -12.25 -51.69
C ARG D 765 -14.78 -12.48 -50.28
N PHE D 766 -14.42 -11.41 -49.56
CA PHE D 766 -13.89 -11.52 -48.21
C PHE D 766 -14.59 -10.47 -47.35
N THR D 767 -15.33 -10.93 -46.35
CA THR D 767 -16.21 -10.08 -45.56
C THR D 767 -15.75 -10.06 -44.11
N GLU D 768 -16.41 -9.19 -43.33
CA GLU D 768 -16.06 -9.06 -41.92
C GLU D 768 -16.31 -10.36 -41.18
N GLU D 769 -17.28 -11.17 -41.62
CA GLU D 769 -17.53 -12.45 -40.97
C GLU D 769 -16.42 -13.46 -41.28
N ASP D 770 -15.93 -13.46 -42.52
CA ASP D 770 -14.84 -14.37 -42.86
C ASP D 770 -13.61 -14.07 -42.03
N LEU D 771 -13.21 -12.79 -41.99
CA LEU D 771 -12.09 -12.34 -41.16
C LEU D 771 -12.30 -12.66 -39.69
N SER D 772 -13.54 -12.56 -39.19
CA SER D 772 -13.81 -12.92 -37.80
C SER D 772 -13.55 -14.41 -37.57
N LYS D 773 -14.10 -15.25 -38.45
CA LYS D 773 -13.81 -16.67 -38.37
C LYS D 773 -12.33 -16.95 -38.60
N LEU D 774 -11.66 -16.18 -39.48
CA LEU D 774 -10.22 -16.38 -39.68
C LEU D 774 -9.45 -16.10 -38.39
N LEU D 775 -9.87 -15.10 -37.63
CA LEU D 775 -9.16 -14.76 -36.40
C LEU D 775 -9.33 -15.82 -35.34
N GLU D 776 -10.48 -16.52 -35.34
CA GLU D 776 -10.65 -17.65 -34.44
C GLU D 776 -9.64 -18.75 -34.73
N TYR D 777 -9.51 -19.14 -35.99
CA TYR D 777 -8.55 -20.18 -36.36
C TYR D 777 -7.13 -19.81 -35.95
N LEU D 778 -6.70 -18.60 -36.30
CA LEU D 778 -5.32 -18.20 -36.07
C LEU D 778 -4.96 -18.14 -34.57
N ASN D 779 -5.94 -17.86 -33.71
CA ASN D 779 -5.69 -17.65 -32.29
C ASN D 779 -6.05 -18.87 -31.46
N GLY D 780 -6.39 -19.99 -32.11
CA GLY D 780 -6.68 -21.25 -31.43
C GLY D 780 -5.79 -22.37 -31.94
#